data_2MYI
#
_entry.id   2MYI
#
_entity_poly.entity_id   1
_entity_poly.type   'polypeptide(L)'
_entity_poly.pdbx_seq_one_letter_code
;MRIISVNVNGIQTAVERGLLSWLQAQNADVICLQDTRASAFELDDPAYQLDGYFLYACEAEVPAQGGVALYSRLQPKAVI
TGLGFETADRYGRYLQADFDKVSIATLLLPSGQNGDEDLNQKFKLMDDFARYLDKQRRKRREYIYCGSLYVAQQKLDIKN
WRDSQQSPGFLAPERAWMDEIVGNMGYVDALREVSREGDQYSWWPDNEQAEMLNLGWRFDYQLLTPGLRRFVRSARLPRQ
PRFSQHAPLIVDYDWTLTI
;
_entity_poly.pdbx_strand_id   A
#
# COMPACT_ATOMS: atom_id res chain seq x y z
N MET A 1 -4.42 15.08 3.81
CA MET A 1 -3.20 15.93 3.70
C MET A 1 -2.06 15.10 3.11
N ARG A 2 -2.29 13.79 2.98
CA ARG A 2 -1.27 12.90 2.44
C ARG A 2 -1.78 11.46 2.29
N ILE A 3 -0.96 10.63 1.65
CA ILE A 3 -1.30 9.21 1.44
C ILE A 3 -0.42 8.34 2.30
N ILE A 4 -1.01 7.71 3.32
CA ILE A 4 -0.26 6.84 4.23
C ILE A 4 -0.44 5.38 3.86
N SER A 5 0.64 4.60 3.96
CA SER A 5 0.57 3.18 3.63
C SER A 5 1.36 2.34 4.63
N VAL A 6 0.66 1.41 5.28
CA VAL A 6 1.27 0.51 6.27
C VAL A 6 0.50 -0.80 6.34
N ASN A 7 1.17 -1.91 6.02
CA ASN A 7 0.53 -3.21 6.06
C ASN A 7 0.88 -3.96 7.35
N VAL A 8 -0.13 -4.23 8.17
CA VAL A 8 0.09 -4.95 9.43
C VAL A 8 -0.87 -6.14 9.53
N ASN A 9 -0.63 -7.00 10.50
CA ASN A 9 -1.47 -8.16 10.73
C ASN A 9 -2.22 -7.93 12.03
N GLY A 10 -3.03 -6.89 11.99
CA GLY A 10 -3.78 -6.46 13.15
C GLY A 10 -3.68 -4.95 13.27
N ILE A 11 -4.60 -4.25 12.62
CA ILE A 11 -4.60 -2.79 12.65
C ILE A 11 -4.57 -2.36 14.09
N GLN A 12 -5.12 -3.24 14.88
CA GLN A 12 -5.27 -3.08 16.31
C GLN A 12 -3.92 -2.92 16.86
N THR A 13 -3.03 -3.61 16.22
CA THR A 13 -1.65 -3.56 16.62
C THR A 13 -1.07 -2.28 16.05
N ALA A 14 -1.65 -1.83 14.94
CA ALA A 14 -1.11 -0.59 14.33
C ALA A 14 -1.32 0.58 15.27
N VAL A 15 -2.52 0.64 15.83
CA VAL A 15 -2.85 1.71 16.75
C VAL A 15 -1.94 1.60 17.96
N GLU A 16 -1.62 0.36 18.35
CA GLU A 16 -0.74 0.15 19.50
C GLU A 16 0.66 0.54 19.13
N ARG A 17 0.86 0.73 17.83
CA ARG A 17 2.18 1.12 17.32
C ARG A 17 2.22 2.63 17.09
N GLY A 18 1.08 3.28 17.26
CA GLY A 18 1.01 4.72 17.10
C GLY A 18 0.41 5.15 15.77
N LEU A 19 0.22 4.21 14.85
CA LEU A 19 -0.33 4.54 13.54
C LEU A 19 -1.49 5.53 13.69
N LEU A 20 -2.41 5.22 14.58
CA LEU A 20 -3.57 6.08 14.80
C LEU A 20 -3.08 7.48 15.13
N SER A 21 -1.99 7.55 15.88
CA SER A 21 -1.41 8.82 16.22
C SER A 21 -0.97 9.55 14.96
N TRP A 22 -0.78 8.79 13.88
CA TRP A 22 -0.33 9.41 12.62
C TRP A 22 -1.51 9.91 11.77
N LEU A 23 -2.67 9.26 11.91
CA LEU A 23 -3.84 9.64 11.13
C LEU A 23 -4.51 10.86 11.73
N GLN A 24 -4.12 11.16 12.93
CA GLN A 24 -4.63 12.34 13.62
C GLN A 24 -3.57 13.41 13.52
N ALA A 25 -2.34 12.94 13.30
CA ALA A 25 -1.20 13.83 13.16
C ALA A 25 -1.34 14.74 11.96
N GLN A 26 -1.85 14.19 10.87
CA GLN A 26 -2.00 14.99 9.64
C GLN A 26 -3.33 14.78 8.96
N ASN A 27 -4.23 14.05 9.60
CA ASN A 27 -5.53 13.82 8.99
C ASN A 27 -5.32 13.36 7.55
N ALA A 28 -4.37 12.44 7.37
CA ALA A 28 -4.01 11.90 6.05
C ALA A 28 -5.21 11.86 5.13
N ASP A 29 -4.96 11.89 3.83
CA ASP A 29 -6.04 11.83 2.85
C ASP A 29 -6.63 10.44 2.82
N VAL A 30 -5.82 9.49 2.39
CA VAL A 30 -6.27 8.10 2.34
C VAL A 30 -5.23 7.16 2.90
N ILE A 31 -5.59 6.44 3.96
CA ILE A 31 -4.67 5.48 4.57
C ILE A 31 -5.00 4.10 4.07
N CYS A 32 -4.09 3.51 3.31
CA CYS A 32 -4.32 2.19 2.73
C CYS A 32 -3.45 1.10 3.35
N LEU A 33 -3.94 -0.13 3.22
CA LEU A 33 -3.26 -1.35 3.71
C LEU A 33 -3.73 -1.73 5.11
N GLN A 34 -2.75 -1.95 5.99
CA GLN A 34 -3.02 -2.35 7.36
C GLN A 34 -3.64 -3.75 7.40
N ASP A 35 -4.75 -3.84 8.11
CA ASP A 35 -5.50 -5.09 8.26
C ASP A 35 -6.65 -4.87 9.22
N THR A 36 -7.85 -4.77 8.67
CA THR A 36 -9.01 -4.50 9.48
C THR A 36 -9.02 -5.29 10.78
N ARG A 37 -8.71 -6.60 10.73
CA ARG A 37 -8.71 -7.41 11.94
C ARG A 37 -10.11 -7.48 12.54
N ALA A 38 -10.64 -6.31 12.88
CA ALA A 38 -11.98 -6.19 13.46
C ALA A 38 -13.01 -6.49 12.38
N SER A 39 -14.28 -6.50 12.77
CA SER A 39 -15.34 -6.77 11.83
C SER A 39 -15.43 -5.66 10.81
N ALA A 40 -16.48 -5.72 10.01
CA ALA A 40 -16.72 -4.74 8.98
C ALA A 40 -17.63 -3.63 9.49
N PHE A 41 -18.16 -3.79 10.71
CA PHE A 41 -19.06 -2.79 11.26
C PHE A 41 -18.75 -2.52 12.73
N GLU A 42 -17.60 -3.00 13.21
CA GLU A 42 -17.24 -2.76 14.61
C GLU A 42 -16.09 -1.77 14.66
N LEU A 43 -15.47 -1.64 13.51
CA LEU A 43 -14.32 -0.79 13.32
C LEU A 43 -14.67 0.70 13.37
N ASP A 44 -15.67 1.11 12.62
CA ASP A 44 -16.08 2.51 12.61
C ASP A 44 -16.52 2.95 14.00
N ASP A 45 -16.55 2.01 14.92
CA ASP A 45 -16.95 2.34 16.28
C ASP A 45 -16.24 3.61 16.73
N PRO A 46 -16.82 4.38 17.62
CA PRO A 46 -16.20 5.66 18.10
C PRO A 46 -14.81 5.41 18.70
N ALA A 47 -14.54 4.15 19.02
CA ALA A 47 -13.25 3.79 19.58
C ALA A 47 -12.13 4.12 18.61
N TYR A 48 -12.38 3.87 17.33
CA TYR A 48 -11.38 4.14 16.30
C TYR A 48 -11.41 5.62 15.89
N GLN A 49 -12.31 6.38 16.49
CA GLN A 49 -12.41 7.80 16.17
C GLN A 49 -11.06 8.50 16.34
N LEU A 50 -10.83 9.55 15.56
CA LEU A 50 -9.57 10.29 15.64
C LEU A 50 -9.85 11.78 15.76
N ASP A 51 -9.15 12.55 14.95
CA ASP A 51 -9.34 13.99 14.93
C ASP A 51 -10.65 14.29 14.22
N GLY A 52 -10.81 13.65 13.06
CA GLY A 52 -12.02 13.81 12.27
C GLY A 52 -11.85 13.14 10.91
N TYR A 53 -12.21 11.86 10.81
CA TYR A 53 -12.08 11.16 9.54
C TYR A 53 -13.12 10.05 9.39
N PHE A 54 -13.41 9.70 8.12
CA PHE A 54 -14.38 8.65 7.80
C PHE A 54 -13.67 7.31 7.69
N LEU A 55 -14.42 6.22 7.63
CA LEU A 55 -13.80 4.90 7.53
C LEU A 55 -14.56 4.01 6.55
N TYR A 56 -13.88 3.64 5.46
CA TYR A 56 -14.43 2.76 4.46
C TYR A 56 -13.48 1.58 4.27
N ALA A 57 -14.02 0.37 4.23
CA ALA A 57 -13.16 -0.80 4.10
C ALA A 57 -13.90 -2.10 4.33
N CYS A 58 -13.36 -3.16 3.76
CA CYS A 58 -14.00 -4.47 3.87
C CYS A 58 -13.10 -5.52 4.50
N GLU A 59 -13.71 -6.66 4.82
CA GLU A 59 -13.01 -7.76 5.45
C GLU A 59 -13.39 -9.07 4.77
N ALA A 60 -12.46 -10.02 4.72
CA ALA A 60 -12.73 -11.30 4.09
C ALA A 60 -12.66 -12.43 5.11
N GLU A 61 -11.49 -13.03 5.24
CA GLU A 61 -11.28 -14.08 6.22
C GLU A 61 -10.50 -13.49 7.38
N VAL A 62 -11.08 -12.45 7.95
CA VAL A 62 -10.47 -11.75 9.04
C VAL A 62 -9.99 -12.69 10.15
N PRO A 63 -10.79 -13.64 10.61
CA PRO A 63 -10.30 -14.61 11.63
C PRO A 63 -9.15 -15.44 11.05
N ALA A 64 -8.63 -14.96 9.92
CA ALA A 64 -7.51 -15.61 9.23
C ALA A 64 -6.36 -14.62 9.05
N GLN A 65 -6.60 -13.54 8.26
CA GLN A 65 -5.56 -12.53 8.00
C GLN A 65 -6.02 -11.63 6.83
N GLY A 66 -7.29 -11.22 6.88
CA GLY A 66 -7.83 -10.38 5.82
C GLY A 66 -8.25 -9.03 6.36
N GLY A 67 -8.45 -8.09 5.47
CA GLY A 67 -8.87 -6.75 5.88
C GLY A 67 -8.21 -5.67 5.07
N VAL A 68 -9.00 -5.06 4.17
CA VAL A 68 -8.49 -3.97 3.38
C VAL A 68 -8.96 -2.68 4.02
N ALA A 69 -7.99 -1.92 4.53
CA ALA A 69 -8.28 -0.68 5.25
C ALA A 69 -8.12 0.54 4.36
N LEU A 70 -9.13 1.43 4.41
CA LEU A 70 -9.12 2.66 3.64
C LEU A 70 -9.88 3.76 4.41
N TYR A 71 -9.14 4.66 5.06
CA TYR A 71 -9.77 5.76 5.80
C TYR A 71 -9.82 6.99 4.90
N SER A 72 -11.01 7.59 4.76
CA SER A 72 -11.16 8.76 3.89
C SER A 72 -11.89 9.91 4.59
N ARG A 73 -11.54 11.14 4.22
CA ARG A 73 -12.18 12.32 4.81
C ARG A 73 -13.60 12.42 4.28
N LEU A 74 -13.72 12.25 2.97
CA LEU A 74 -15.01 12.29 2.29
C LEU A 74 -15.67 10.93 2.32
N GLN A 75 -16.80 10.81 1.62
CA GLN A 75 -17.54 9.56 1.59
C GLN A 75 -17.53 8.91 0.20
N PRO A 76 -16.52 8.13 -0.10
CA PRO A 76 -16.43 7.41 -1.41
C PRO A 76 -17.72 6.65 -1.70
N LYS A 77 -17.97 6.37 -2.97
CA LYS A 77 -19.18 5.66 -3.36
C LYS A 77 -18.85 4.28 -3.91
N ALA A 78 -17.71 4.17 -4.57
CA ALA A 78 -17.31 2.90 -5.16
C ALA A 78 -16.43 2.09 -4.21
N VAL A 79 -17.05 1.19 -3.45
CA VAL A 79 -16.30 0.36 -2.51
C VAL A 79 -16.26 -1.07 -3.01
N ILE A 80 -15.13 -1.49 -3.59
CA ILE A 80 -15.02 -2.86 -4.09
C ILE A 80 -13.98 -3.68 -3.38
N THR A 81 -14.43 -4.78 -2.78
CA THR A 81 -13.53 -5.71 -2.09
C THR A 81 -13.25 -6.89 -2.98
N GLY A 82 -12.76 -6.59 -4.17
CA GLY A 82 -12.45 -7.64 -5.14
C GLY A 82 -13.68 -7.97 -5.99
N LEU A 83 -13.44 -8.55 -7.15
CA LEU A 83 -14.54 -8.90 -8.05
C LEU A 83 -14.65 -10.42 -8.20
N GLY A 84 -15.24 -11.07 -7.20
CA GLY A 84 -15.41 -12.52 -7.24
C GLY A 84 -16.56 -12.96 -6.34
N PHE A 85 -17.45 -12.03 -6.02
CA PHE A 85 -18.58 -12.35 -5.15
C PHE A 85 -18.09 -12.92 -3.83
N GLU A 86 -18.13 -14.25 -3.69
CA GLU A 86 -17.66 -14.87 -2.46
C GLU A 86 -16.17 -14.61 -2.27
N THR A 87 -15.42 -14.77 -3.36
CA THR A 87 -13.98 -14.55 -3.32
C THR A 87 -13.65 -13.20 -2.67
N ALA A 88 -14.42 -12.17 -3.01
CA ALA A 88 -14.20 -10.84 -2.44
C ALA A 88 -14.30 -10.92 -0.93
N ASP A 89 -15.29 -11.69 -0.49
CA ASP A 89 -15.55 -11.92 0.92
C ASP A 89 -14.45 -12.81 1.52
N ARG A 90 -13.46 -13.14 0.70
CA ARG A 90 -12.39 -14.03 1.13
C ARG A 90 -11.02 -13.48 0.71
N TYR A 91 -11.02 -12.43 -0.12
CA TYR A 91 -9.77 -11.84 -0.56
C TYR A 91 -9.34 -10.77 0.43
N GLY A 92 -10.17 -9.74 0.59
CA GLY A 92 -9.83 -8.65 1.49
C GLY A 92 -8.54 -8.00 1.07
N ARG A 93 -8.07 -8.34 -0.13
CA ARG A 93 -6.85 -7.78 -0.64
C ARG A 93 -7.08 -7.01 -1.93
N TYR A 94 -8.31 -6.59 -2.22
CA TYR A 94 -8.51 -5.81 -3.43
C TYR A 94 -9.66 -4.83 -3.24
N LEU A 95 -9.35 -3.55 -3.01
CA LEU A 95 -10.43 -2.59 -2.86
C LEU A 95 -10.08 -1.19 -3.33
N GLN A 96 -10.93 -0.73 -4.23
CA GLN A 96 -10.77 0.58 -4.83
C GLN A 96 -11.88 1.53 -4.38
N ALA A 97 -11.49 2.80 -4.22
CA ALA A 97 -12.41 3.86 -3.81
C ALA A 97 -12.57 4.84 -4.97
N ASP A 98 -13.79 4.98 -5.47
CA ASP A 98 -14.01 5.88 -6.60
C ASP A 98 -15.47 6.31 -6.72
N PHE A 99 -15.73 7.20 -7.67
CA PHE A 99 -17.08 7.68 -7.91
C PHE A 99 -17.21 8.13 -9.37
N ASP A 100 -16.52 9.21 -9.72
CA ASP A 100 -16.56 9.72 -11.09
C ASP A 100 -15.15 10.13 -11.53
N LYS A 101 -14.37 10.64 -10.59
CA LYS A 101 -13.00 11.08 -10.90
C LYS A 101 -12.01 10.54 -9.88
N VAL A 102 -10.78 10.30 -10.35
CA VAL A 102 -9.72 9.80 -9.49
C VAL A 102 -10.07 8.44 -8.89
N SER A 103 -9.70 7.37 -9.60
CA SER A 103 -9.96 6.02 -9.13
C SER A 103 -8.71 5.44 -8.46
N ILE A 104 -8.81 5.16 -7.16
CA ILE A 104 -7.66 4.61 -6.43
C ILE A 104 -7.87 3.13 -6.15
N ALA A 105 -6.78 2.37 -6.19
CA ALA A 105 -6.84 0.94 -5.94
C ALA A 105 -5.90 0.54 -4.81
N THR A 106 -6.46 0.06 -3.71
CA THR A 106 -5.65 -0.36 -2.57
C THR A 106 -5.54 -1.88 -2.52
N LEU A 107 -4.33 -2.38 -2.78
CA LEU A 107 -4.12 -3.82 -2.79
C LEU A 107 -3.04 -4.26 -1.80
N LEU A 108 -3.45 -4.94 -0.73
CA LEU A 108 -2.48 -5.45 0.24
C LEU A 108 -2.31 -6.95 0.07
N LEU A 109 -1.06 -7.39 -0.10
CA LEU A 109 -0.76 -8.81 -0.29
C LEU A 109 0.70 -9.10 0.05
N PRO A 110 1.02 -9.30 1.31
CA PRO A 110 2.42 -9.60 1.75
C PRO A 110 2.96 -10.85 1.05
N SER A 111 4.20 -10.79 0.59
CA SER A 111 4.81 -11.92 -0.09
C SER A 111 5.87 -12.59 0.79
N GLY A 112 6.56 -11.79 1.59
CA GLY A 112 7.58 -12.32 2.47
C GLY A 112 6.98 -13.30 3.47
N GLN A 113 5.79 -12.99 3.97
CA GLN A 113 5.12 -13.84 4.93
C GLN A 113 4.37 -14.98 4.22
N ASN A 114 4.28 -14.89 2.89
CA ASN A 114 3.57 -15.91 2.12
C ASN A 114 4.53 -16.71 1.24
N GLY A 115 4.96 -16.11 0.14
CA GLY A 115 5.88 -16.80 -0.78
C GLY A 115 5.11 -17.42 -1.94
N ASP A 116 5.69 -18.45 -2.54
CA ASP A 116 5.10 -19.15 -3.69
C ASP A 116 3.58 -19.00 -3.77
N GLU A 117 2.91 -19.04 -2.61
CA GLU A 117 1.46 -18.92 -2.59
C GLU A 117 1.02 -17.63 -3.28
N ASP A 118 1.78 -16.56 -3.05
CA ASP A 118 1.46 -15.27 -3.65
C ASP A 118 1.75 -15.28 -5.15
N LEU A 119 2.83 -15.94 -5.55
CA LEU A 119 3.23 -16.01 -6.95
C LEU A 119 2.18 -16.72 -7.79
N ASN A 120 1.33 -17.45 -7.12
CA ASN A 120 0.25 -18.18 -7.79
C ASN A 120 -1.00 -17.32 -7.87
N GLN A 121 -1.43 -16.85 -6.72
CA GLN A 121 -2.63 -16.03 -6.64
C GLN A 121 -2.39 -14.70 -7.30
N LYS A 122 -1.14 -14.24 -7.23
CA LYS A 122 -0.76 -13.00 -7.85
C LYS A 122 -0.66 -13.22 -9.35
N PHE A 123 -0.24 -14.42 -9.77
CA PHE A 123 -0.13 -14.66 -11.20
C PHE A 123 -1.46 -14.36 -11.86
N LYS A 124 -2.48 -15.13 -11.54
CA LYS A 124 -3.79 -14.92 -12.15
C LYS A 124 -4.12 -13.44 -12.08
N LEU A 125 -3.89 -12.85 -10.93
CA LEU A 125 -4.15 -11.43 -10.75
C LEU A 125 -3.23 -10.64 -11.66
N MET A 126 -2.06 -11.22 -11.99
CA MET A 126 -1.11 -10.52 -12.87
C MET A 126 -1.72 -10.30 -14.25
N ASP A 127 -2.28 -11.36 -14.81
CA ASP A 127 -2.89 -11.27 -16.13
C ASP A 127 -3.94 -10.17 -16.14
N ASP A 128 -4.80 -10.17 -15.14
CA ASP A 128 -5.85 -9.16 -15.04
C ASP A 128 -5.23 -7.79 -14.78
N PHE A 129 -4.18 -7.76 -13.96
CA PHE A 129 -3.51 -6.53 -13.58
C PHE A 129 -2.93 -5.82 -14.79
N ALA A 130 -2.25 -6.58 -15.63
CA ALA A 130 -1.69 -6.02 -16.84
C ALA A 130 -2.83 -5.51 -17.68
N ARG A 131 -3.92 -6.28 -17.70
CA ARG A 131 -5.09 -5.87 -18.46
C ARG A 131 -5.71 -4.62 -17.86
N TYR A 132 -5.55 -4.47 -16.55
CA TYR A 132 -6.08 -3.31 -15.86
C TYR A 132 -5.26 -2.11 -16.22
N LEU A 133 -3.93 -2.24 -16.09
CA LEU A 133 -3.05 -1.14 -16.45
C LEU A 133 -3.50 -0.65 -17.81
N ASP A 134 -3.80 -1.62 -18.68
CA ASP A 134 -4.28 -1.33 -20.00
C ASP A 134 -5.69 -0.77 -19.88
N LYS A 135 -6.49 -1.34 -18.97
CA LYS A 135 -7.85 -0.84 -18.79
C LYS A 135 -7.82 0.56 -18.17
N GLN A 136 -6.68 0.92 -17.61
CA GLN A 136 -6.51 2.21 -16.98
C GLN A 136 -6.16 3.26 -18.02
N ARG A 137 -5.45 2.84 -19.07
CA ARG A 137 -5.09 3.76 -20.13
C ARG A 137 -6.34 4.22 -20.85
N ARG A 138 -7.28 3.30 -21.07
CA ARG A 138 -8.52 3.65 -21.75
C ARG A 138 -9.22 4.79 -21.04
N LYS A 139 -9.18 4.79 -19.71
CA LYS A 139 -9.81 5.85 -18.95
C LYS A 139 -9.00 7.14 -19.10
N ARG A 140 -9.69 8.25 -19.32
CA ARG A 140 -9.02 9.54 -19.48
C ARG A 140 -8.87 10.25 -18.14
N ARG A 141 -9.37 9.62 -17.08
CA ARG A 141 -9.28 10.20 -15.75
C ARG A 141 -7.94 9.87 -15.09
N GLU A 142 -7.82 10.20 -13.82
CA GLU A 142 -6.60 9.94 -13.06
C GLU A 142 -6.81 8.75 -12.12
N TYR A 143 -5.72 8.13 -11.67
CA TYR A 143 -5.84 6.98 -10.78
C TYR A 143 -4.60 6.82 -9.91
N ILE A 144 -4.76 6.10 -8.79
CA ILE A 144 -3.64 5.85 -7.87
C ILE A 144 -3.57 4.38 -7.50
N TYR A 145 -2.40 3.78 -7.75
CA TYR A 145 -2.18 2.38 -7.43
C TYR A 145 -1.29 2.25 -6.22
N CYS A 146 -1.91 2.13 -5.05
CA CYS A 146 -1.15 2.00 -3.80
C CYS A 146 -1.36 0.60 -3.22
N GLY A 147 -0.39 -0.27 -3.45
CA GLY A 147 -0.50 -1.65 -2.96
C GLY A 147 0.80 -2.14 -2.34
N SER A 148 0.74 -3.35 -1.80
CA SER A 148 1.91 -3.97 -1.18
C SER A 148 2.24 -5.26 -1.92
N LEU A 149 3.14 -5.15 -2.89
CA LEU A 149 3.56 -6.31 -3.67
C LEU A 149 5.07 -6.46 -3.60
N TYR A 150 5.62 -7.36 -4.41
CA TYR A 150 7.05 -7.57 -4.41
C TYR A 150 7.70 -6.78 -5.54
N VAL A 151 7.39 -5.49 -5.62
CA VAL A 151 7.97 -4.65 -6.65
C VAL A 151 9.17 -3.89 -6.09
N ALA A 152 10.32 -4.09 -6.72
CA ALA A 152 11.52 -3.41 -6.28
C ALA A 152 12.34 -2.97 -7.48
N GLN A 153 12.54 -1.66 -7.60
CA GLN A 153 13.33 -1.14 -8.71
C GLN A 153 14.63 -1.91 -8.82
N GLN A 154 15.16 -2.31 -7.66
CA GLN A 154 16.39 -3.08 -7.63
C GLN A 154 17.61 -2.19 -7.84
N LYS A 155 17.36 -0.96 -8.28
CA LYS A 155 18.45 -0.02 -8.52
C LYS A 155 18.66 0.91 -7.33
N LEU A 156 17.70 0.90 -6.40
CA LEU A 156 17.78 1.77 -5.22
C LEU A 156 17.86 0.96 -3.92
N ASP A 157 17.52 -0.32 -3.99
CA ASP A 157 17.55 -1.18 -2.82
C ASP A 157 18.56 -2.31 -3.02
N ILE A 158 19.56 -2.05 -3.83
CA ILE A 158 20.59 -3.03 -4.11
C ILE A 158 21.17 -3.57 -2.81
N LYS A 159 20.87 -2.88 -1.71
CA LYS A 159 21.40 -3.32 -0.42
C LYS A 159 20.70 -4.61 0.04
N ASN A 160 19.37 -4.60 0.02
CA ASN A 160 18.60 -5.75 0.45
C ASN A 160 18.68 -6.88 -0.57
N TRP A 161 19.84 -7.01 -1.20
CA TRP A 161 20.05 -8.05 -2.20
C TRP A 161 19.35 -9.35 -1.78
N ARG A 162 19.37 -9.64 -0.48
CA ARG A 162 18.76 -10.86 0.04
C ARG A 162 17.34 -11.08 -0.50
N ASP A 163 16.39 -10.26 -0.04
CA ASP A 163 15.00 -10.38 -0.47
C ASP A 163 14.59 -9.18 -1.31
N SER A 164 15.58 -8.35 -1.61
CA SER A 164 15.35 -7.13 -2.40
C SER A 164 14.28 -7.36 -3.46
N GLN A 165 14.12 -8.61 -3.87
CA GLN A 165 13.13 -8.95 -4.89
C GLN A 165 11.90 -9.62 -4.26
N GLN A 166 12.15 -10.59 -3.38
CA GLN A 166 11.05 -11.31 -2.72
C GLN A 166 11.60 -12.41 -1.81
N SER A 167 12.69 -13.03 -2.24
CA SER A 167 13.30 -14.11 -1.46
C SER A 167 14.82 -13.99 -1.48
N PRO A 168 15.50 -14.73 -0.64
CA PRO A 168 16.98 -14.70 -0.58
C PRO A 168 17.60 -14.62 -1.96
N GLY A 169 16.88 -15.12 -2.96
CA GLY A 169 17.35 -15.09 -4.33
C GLY A 169 16.79 -13.88 -5.07
N PHE A 170 16.40 -14.09 -6.32
CA PHE A 170 15.84 -13.01 -7.12
C PHE A 170 14.80 -13.56 -8.09
N LEU A 171 13.89 -12.69 -8.54
CA LEU A 171 12.85 -13.12 -9.49
C LEU A 171 13.13 -12.55 -10.87
N ALA A 172 12.97 -13.40 -11.86
CA ALA A 172 13.21 -12.99 -13.24
C ALA A 172 12.10 -12.05 -13.72
N PRO A 173 10.86 -12.39 -13.44
CA PRO A 173 9.68 -11.56 -13.85
C PRO A 173 9.64 -10.19 -13.18
N GLU A 174 10.46 -10.01 -12.13
CA GLU A 174 10.50 -8.74 -11.43
C GLU A 174 11.05 -7.63 -12.31
N ARG A 175 12.21 -7.88 -12.90
CA ARG A 175 12.84 -6.89 -13.76
C ARG A 175 11.84 -6.36 -14.78
N ALA A 176 11.11 -7.27 -15.42
CA ALA A 176 10.11 -6.87 -16.42
C ALA A 176 8.88 -6.29 -15.75
N TRP A 177 8.64 -6.63 -14.49
CA TRP A 177 7.47 -6.13 -13.78
C TRP A 177 7.56 -4.63 -13.56
N MET A 178 8.63 -4.21 -12.89
CA MET A 178 8.82 -2.79 -12.62
C MET A 178 9.15 -2.03 -13.90
N ASP A 179 9.92 -2.66 -14.78
CA ASP A 179 10.29 -2.01 -16.03
C ASP A 179 9.07 -1.80 -16.92
N GLU A 180 8.29 -2.85 -17.09
CA GLU A 180 7.10 -2.78 -17.93
C GLU A 180 6.10 -1.77 -17.38
N ILE A 181 6.20 -1.44 -16.09
CA ILE A 181 5.25 -0.50 -15.50
C ILE A 181 5.75 0.95 -15.52
N VAL A 182 6.97 1.17 -15.04
CA VAL A 182 7.54 2.52 -14.99
C VAL A 182 8.32 2.84 -16.23
N GLY A 183 8.78 1.79 -16.88
CA GLY A 183 9.48 1.97 -18.13
C GLY A 183 8.39 2.41 -19.08
N ASN A 184 7.16 2.31 -18.56
CA ASN A 184 6.01 2.74 -19.32
C ASN A 184 5.98 4.25 -19.33
N MET A 185 6.88 4.82 -18.52
CA MET A 185 6.98 6.27 -18.40
C MET A 185 5.63 6.82 -17.98
N GLY A 186 4.76 5.92 -17.54
CA GLY A 186 3.43 6.29 -17.11
C GLY A 186 3.29 6.14 -15.60
N TYR A 187 3.99 5.16 -15.04
CA TYR A 187 3.93 4.95 -13.59
C TYR A 187 5.13 5.57 -12.91
N VAL A 188 4.88 6.56 -12.05
CA VAL A 188 5.95 7.24 -11.35
C VAL A 188 6.20 6.56 -10.00
N ASP A 189 7.43 6.67 -9.52
CA ASP A 189 7.80 6.09 -8.24
C ASP A 189 7.96 7.19 -7.20
N ALA A 190 6.85 7.84 -6.88
CA ALA A 190 6.85 8.92 -5.90
C ALA A 190 7.58 8.50 -4.63
N LEU A 191 7.84 7.21 -4.50
CA LEU A 191 8.54 6.70 -3.34
C LEU A 191 10.04 6.97 -3.45
N ARG A 192 10.65 6.49 -4.53
CA ARG A 192 12.08 6.67 -4.74
C ARG A 192 12.39 7.77 -5.76
N GLU A 193 11.36 8.41 -6.30
CA GLU A 193 11.56 9.45 -7.31
C GLU A 193 11.89 10.79 -6.66
N VAL A 194 11.11 11.15 -5.66
CA VAL A 194 11.30 12.41 -4.95
C VAL A 194 12.31 12.26 -3.82
N SER A 195 12.36 11.06 -3.24
CA SER A 195 13.29 10.78 -2.14
C SER A 195 14.29 9.71 -2.55
N ARG A 196 15.56 9.92 -2.21
CA ARG A 196 16.60 8.96 -2.55
C ARG A 196 17.11 8.23 -1.30
N GLU A 197 17.04 6.90 -1.34
CA GLU A 197 17.49 6.09 -0.22
C GLU A 197 18.69 5.23 -0.61
N GLY A 198 19.26 5.52 -1.78
CA GLY A 198 20.42 4.77 -2.26
C GLY A 198 21.58 4.91 -1.30
N ASP A 199 21.77 6.11 -0.77
CA ASP A 199 22.86 6.38 0.17
C ASP A 199 22.31 6.69 1.55
N GLN A 200 22.07 5.64 2.33
CA GLN A 200 21.53 5.81 3.68
C GLN A 200 22.17 4.81 4.65
N TYR A 201 22.05 5.09 5.93
CA TYR A 201 22.60 4.22 6.97
C TYR A 201 21.69 3.03 7.19
N SER A 202 22.02 2.19 8.16
CA SER A 202 21.22 1.03 8.47
C SER A 202 21.35 0.65 9.94
N TRP A 203 20.29 0.88 10.69
CA TRP A 203 20.28 0.55 12.11
C TRP A 203 20.21 -0.97 12.31
N TRP A 204 20.70 -1.43 13.45
CA TRP A 204 20.71 -2.85 13.74
C TRP A 204 19.37 -3.48 13.33
N PRO A 205 19.34 -4.29 12.29
CA PRO A 205 18.08 -4.93 11.82
C PRO A 205 17.67 -6.13 12.66
N ASP A 206 16.38 -6.48 12.60
CA ASP A 206 15.85 -7.61 13.35
C ASP A 206 15.01 -8.51 12.44
N ASN A 207 13.71 -8.58 12.73
CA ASN A 207 12.81 -9.42 11.94
C ASN A 207 12.53 -8.78 10.58
N GLU A 208 11.39 -9.12 9.99
CA GLU A 208 11.00 -8.59 8.69
C GLU A 208 11.13 -7.06 8.69
N GLN A 209 11.27 -6.49 9.88
CA GLN A 209 11.41 -5.04 10.01
C GLN A 209 12.70 -4.58 9.36
N ALA A 210 13.63 -5.52 9.21
CA ALA A 210 14.93 -5.20 8.62
C ALA A 210 14.75 -4.55 7.25
N GLU A 211 13.79 -5.06 6.49
CA GLU A 211 13.53 -4.49 5.17
C GLU A 211 13.13 -3.02 5.32
N MET A 212 11.94 -2.81 5.85
CA MET A 212 11.42 -1.45 6.03
C MET A 212 12.47 -0.53 6.65
N LEU A 213 13.38 -1.11 7.45
CA LEU A 213 14.42 -0.33 8.12
C LEU A 213 15.36 0.36 7.13
N ASN A 214 14.79 1.21 6.26
CA ASN A 214 15.58 1.95 5.28
C ASN A 214 16.78 1.14 4.77
N LEU A 215 16.56 -0.15 4.57
CA LEU A 215 17.61 -1.02 4.07
C LEU A 215 17.03 -1.91 2.98
N GLY A 216 15.71 -2.11 3.03
CA GLY A 216 15.02 -2.92 2.04
C GLY A 216 13.55 -2.53 1.95
N TRP A 217 12.79 -3.28 1.15
CA TRP A 217 11.38 -3.00 0.97
C TRP A 217 10.53 -4.12 1.57
N ARG A 218 9.49 -3.73 2.30
CA ARG A 218 8.59 -4.69 2.92
C ARG A 218 7.28 -4.75 2.16
N PHE A 219 7.33 -4.31 0.90
CA PHE A 219 6.15 -4.28 0.03
C PHE A 219 5.28 -3.07 0.33
N ASP A 220 5.57 -1.98 -0.37
CA ASP A 220 4.82 -0.74 -0.20
C ASP A 220 5.10 0.20 -1.37
N TYR A 221 4.27 0.14 -2.41
CA TYR A 221 4.47 0.99 -3.58
C TYR A 221 3.39 2.06 -3.71
N GLN A 222 3.83 3.31 -3.86
CA GLN A 222 2.92 4.44 -4.01
C GLN A 222 3.01 4.96 -5.45
N LEU A 223 2.04 4.56 -6.26
CA LEU A 223 2.02 4.93 -7.67
C LEU A 223 0.95 5.97 -7.98
N LEU A 224 1.34 6.95 -8.80
CA LEU A 224 0.42 8.01 -9.22
C LEU A 224 0.22 7.93 -10.72
N THR A 225 -0.78 8.65 -11.22
CA THR A 225 -1.06 8.68 -12.64
C THR A 225 -0.35 9.90 -13.25
N PRO A 226 0.02 9.89 -14.52
CA PRO A 226 0.70 11.06 -15.17
C PRO A 226 -0.05 12.39 -14.98
N GLY A 227 -1.03 12.41 -14.08
CA GLY A 227 -1.80 13.63 -13.83
C GLY A 227 -1.19 14.43 -12.69
N LEU A 228 -0.42 13.75 -11.85
CA LEU A 228 0.24 14.40 -10.73
C LEU A 228 1.73 14.11 -10.73
N ARG A 229 2.17 13.25 -11.65
CA ARG A 229 3.59 12.86 -11.71
C ARG A 229 4.50 13.99 -11.26
N ARG A 230 4.33 15.17 -11.84
CA ARG A 230 5.18 16.31 -11.49
C ARG A 230 4.56 17.16 -10.39
N PHE A 231 3.82 16.52 -9.49
CA PHE A 231 3.17 17.21 -8.40
C PHE A 231 3.35 16.46 -7.09
N VAL A 232 4.60 16.12 -6.77
CA VAL A 232 4.89 15.40 -5.54
C VAL A 232 5.62 16.34 -4.56
N ARG A 233 4.91 16.79 -3.52
CA ARG A 233 5.52 17.72 -2.57
C ARG A 233 6.65 17.08 -1.76
N SER A 234 6.47 15.83 -1.35
CA SER A 234 7.49 15.13 -0.56
C SER A 234 7.13 13.65 -0.39
N ALA A 235 7.99 12.91 0.29
CA ALA A 235 7.76 11.49 0.53
C ALA A 235 8.55 11.03 1.74
N ARG A 236 7.85 10.86 2.86
CA ARG A 236 8.51 10.41 4.08
C ARG A 236 8.41 8.90 4.20
N LEU A 237 9.56 8.24 4.18
CA LEU A 237 9.59 6.78 4.28
C LEU A 237 10.07 6.36 5.67
N PRO A 238 9.59 5.25 6.18
CA PRO A 238 9.99 4.76 7.53
C PRO A 238 11.46 4.32 7.57
N ARG A 239 12.13 4.66 8.67
CA ARG A 239 13.53 4.30 8.84
C ARG A 239 13.73 3.60 10.19
N GLN A 240 12.64 3.52 10.96
CA GLN A 240 12.69 2.88 12.28
C GLN A 240 11.54 1.88 12.41
N PRO A 241 11.69 0.85 13.21
CA PRO A 241 10.60 -0.16 13.39
C PRO A 241 9.33 0.49 13.91
N ARG A 242 8.18 -0.04 13.48
CA ARG A 242 6.90 0.51 13.88
C ARG A 242 6.57 0.12 15.31
N PHE A 243 7.25 0.75 16.25
CA PHE A 243 7.02 0.48 17.66
C PHE A 243 7.28 1.74 18.49
N SER A 244 6.32 2.67 18.41
CA SER A 244 6.37 3.95 19.16
C SER A 244 5.81 5.09 18.30
N GLN A 245 6.63 6.11 18.04
CA GLN A 245 6.20 7.26 17.25
C GLN A 245 6.81 7.25 15.86
N HIS A 246 7.04 6.06 15.31
CA HIS A 246 7.62 5.95 13.97
C HIS A 246 6.63 6.42 12.92
N ALA A 247 7.16 6.86 11.78
CA ALA A 247 6.31 7.37 10.71
C ALA A 247 6.06 6.32 9.60
N PRO A 248 4.82 6.13 9.18
CA PRO A 248 4.48 5.17 8.09
C PRO A 248 4.82 5.76 6.72
N LEU A 249 4.68 4.98 5.66
CA LEU A 249 4.99 5.51 4.33
C LEU A 249 3.97 6.58 3.96
N ILE A 250 4.36 7.86 4.12
CA ILE A 250 3.45 8.96 3.81
C ILE A 250 3.94 9.76 2.61
N VAL A 251 3.01 10.35 1.86
CA VAL A 251 3.35 11.16 0.70
C VAL A 251 2.67 12.53 0.79
N ASP A 252 3.47 13.59 0.67
CA ASP A 252 2.92 14.94 0.74
C ASP A 252 2.64 15.47 -0.66
N TYR A 253 1.43 15.96 -0.88
CA TYR A 253 1.02 16.51 -2.17
C TYR A 253 -0.49 16.63 -2.25
N ASP A 254 -1.06 15.93 -3.21
CA ASP A 254 -2.50 15.93 -3.42
C ASP A 254 -3.19 15.12 -2.33
N TRP A 255 -4.21 15.72 -1.72
CA TRP A 255 -4.95 15.05 -0.65
C TRP A 255 -6.46 15.23 -0.80
N THR A 256 -7.22 14.47 0.01
CA THR A 256 -8.68 14.54 -0.02
C THR A 256 -9.21 14.12 -1.38
N LEU A 257 -10.13 13.16 -1.36
CA LEU A 257 -10.73 12.66 -2.59
C LEU A 257 -12.09 13.30 -2.81
N THR A 258 -12.26 13.92 -3.98
CA THR A 258 -13.52 14.57 -4.31
C THR A 258 -14.39 13.70 -5.19
N ILE A 259 -15.68 13.67 -4.90
CA ILE A 259 -16.62 12.86 -5.67
C ILE A 259 -17.93 13.60 -5.87
N MET A 1 -5.98 13.45 3.74
CA MET A 1 -5.39 14.57 2.97
C MET A 1 -4.03 14.15 2.43
N ARG A 2 -3.57 12.99 2.89
CA ARG A 2 -2.28 12.46 2.46
C ARG A 2 -2.40 10.97 2.17
N ILE A 3 -1.36 10.40 1.55
CA ILE A 3 -1.37 8.97 1.24
C ILE A 3 -0.50 8.20 2.23
N ILE A 4 -1.13 7.35 3.05
CA ILE A 4 -0.41 6.58 4.06
C ILE A 4 -0.40 5.10 3.67
N SER A 5 0.72 4.41 3.91
CA SER A 5 0.81 2.99 3.59
C SER A 5 1.62 2.24 4.64
N VAL A 6 1.26 0.98 4.88
CA VAL A 6 1.97 0.17 5.87
C VAL A 6 1.46 -1.27 5.87
N ASN A 7 2.37 -2.20 6.16
CA ASN A 7 2.03 -3.62 6.22
C ASN A 7 1.96 -4.07 7.67
N VAL A 8 0.77 -4.41 8.13
CA VAL A 8 0.59 -4.83 9.51
C VAL A 8 -0.31 -6.06 9.62
N ASN A 9 0.11 -7.02 10.45
CA ASN A 9 -0.67 -8.23 10.67
C ASN A 9 -1.54 -8.04 11.91
N GLY A 10 -2.27 -6.94 11.91
CA GLY A 10 -3.13 -6.57 13.01
C GLY A 10 -3.07 -5.06 13.21
N ILE A 11 -3.99 -4.38 12.56
CA ILE A 11 -4.05 -2.93 12.60
C ILE A 11 -4.07 -2.48 14.04
N GLN A 12 -4.54 -3.36 14.87
CA GLN A 12 -4.64 -3.13 16.29
C GLN A 12 -3.25 -2.86 16.76
N THR A 13 -2.35 -3.51 16.05
CA THR A 13 -0.94 -3.34 16.34
C THR A 13 -0.50 -2.06 15.69
N ALA A 14 -1.20 -1.68 14.61
CA ALA A 14 -0.81 -0.43 13.93
C ALA A 14 -1.04 0.76 14.85
N VAL A 15 -2.16 0.71 15.54
CA VAL A 15 -2.52 1.77 16.48
C VAL A 15 -1.68 1.66 17.74
N GLU A 16 -1.36 0.42 18.14
CA GLU A 16 -0.55 0.23 19.34
C GLU A 16 0.86 0.70 19.04
N ARG A 17 1.08 0.99 17.77
CA ARG A 17 2.38 1.46 17.31
C ARG A 17 2.42 2.99 17.33
N GLY A 18 1.26 3.60 17.09
CA GLY A 18 1.17 5.06 17.09
C GLY A 18 0.74 5.57 15.72
N LEU A 19 0.66 4.68 14.74
CA LEU A 19 0.25 5.06 13.40
C LEU A 19 -1.03 5.90 13.43
N LEU A 20 -1.98 5.46 14.24
CA LEU A 20 -3.25 6.16 14.37
C LEU A 20 -3.00 7.62 14.72
N SER A 21 -1.96 7.84 15.50
CA SER A 21 -1.60 9.19 15.88
C SER A 21 -0.96 9.90 14.70
N TRP A 22 -0.37 9.12 13.79
CA TRP A 22 0.29 9.74 12.63
C TRP A 22 -0.69 10.03 11.49
N LEU A 23 -1.79 9.29 11.43
CA LEU A 23 -2.76 9.48 10.36
C LEU A 23 -3.70 10.64 10.67
N GLN A 24 -4.01 10.84 11.94
CA GLN A 24 -4.88 11.93 12.34
C GLN A 24 -4.11 13.21 12.23
N ALA A 25 -2.85 13.11 12.59
CA ALA A 25 -1.96 14.26 12.52
C ALA A 25 -1.86 14.76 11.09
N GLN A 26 -1.82 13.83 10.15
CA GLN A 26 -1.71 14.19 8.74
C GLN A 26 -3.09 14.20 8.09
N ASN A 27 -4.09 13.82 8.86
CA ASN A 27 -5.45 13.79 8.35
C ASN A 27 -5.48 13.00 7.04
N ALA A 28 -4.70 11.93 6.99
CA ALA A 28 -4.62 11.10 5.78
C ALA A 28 -6.00 10.93 5.15
N ASP A 29 -6.03 10.86 3.82
CA ASP A 29 -7.28 10.69 3.10
C ASP A 29 -7.40 9.27 2.59
N VAL A 30 -6.27 8.59 2.50
CA VAL A 30 -6.26 7.22 2.01
C VAL A 30 -5.20 6.40 2.75
N ILE A 31 -5.62 5.70 3.79
CA ILE A 31 -4.70 4.87 4.55
C ILE A 31 -4.77 3.45 4.05
N CYS A 32 -3.64 3.01 3.50
CA CYS A 32 -3.51 1.66 2.95
C CYS A 32 -2.98 0.72 4.02
N LEU A 33 -3.84 -0.20 4.47
CA LEU A 33 -3.44 -1.15 5.50
C LEU A 33 -3.57 -2.58 4.98
N GLN A 34 -2.45 -3.33 5.07
CA GLN A 34 -2.42 -4.71 4.62
C GLN A 34 -2.69 -5.65 5.79
N ASP A 35 -3.48 -6.69 5.55
CA ASP A 35 -3.80 -7.63 6.61
C ASP A 35 -4.28 -6.87 7.84
N THR A 36 -5.48 -6.32 7.74
CA THR A 36 -6.06 -5.58 8.84
C THR A 36 -6.53 -6.52 9.93
N ARG A 37 -6.87 -7.73 9.53
CA ARG A 37 -7.33 -8.75 10.48
C ARG A 37 -8.51 -8.25 11.31
N ALA A 38 -8.95 -7.01 11.06
CA ALA A 38 -10.07 -6.46 11.81
C ALA A 38 -11.37 -6.63 11.05
N SER A 39 -12.48 -6.21 11.66
CA SER A 39 -13.78 -6.35 11.02
C SER A 39 -13.99 -5.26 9.99
N ALA A 40 -15.17 -5.27 9.39
CA ALA A 40 -15.53 -4.30 8.37
C ALA A 40 -16.05 -3.02 8.99
N PHE A 41 -16.27 -3.02 10.31
CA PHE A 41 -16.79 -1.82 10.95
C PHE A 41 -16.28 -1.69 12.39
N GLU A 42 -15.31 -2.52 12.77
CA GLU A 42 -14.78 -2.45 14.14
C GLU A 42 -13.90 -1.20 14.31
N LEU A 43 -13.23 -0.82 13.23
CA LEU A 43 -12.32 0.34 13.25
C LEU A 43 -13.09 1.61 12.95
N ASP A 44 -14.31 1.44 12.50
CA ASP A 44 -15.18 2.59 12.23
C ASP A 44 -15.84 3.03 13.52
N ASP A 45 -15.81 2.14 14.51
CA ASP A 45 -16.42 2.42 15.81
C ASP A 45 -15.73 3.61 16.50
N PRO A 46 -16.41 4.26 17.41
CA PRO A 46 -15.84 5.42 18.15
C PRO A 46 -14.57 5.06 18.90
N ALA A 47 -14.36 3.78 19.12
CA ALA A 47 -13.17 3.30 19.83
C ALA A 47 -11.90 3.67 19.08
N TYR A 48 -11.94 3.55 17.75
CA TYR A 48 -10.77 3.88 16.93
C TYR A 48 -10.91 5.24 16.28
N GLN A 49 -11.95 5.98 16.64
CA GLN A 49 -12.15 7.31 16.06
C GLN A 49 -11.05 8.27 16.49
N LEU A 50 -10.58 9.06 15.54
CA LEU A 50 -9.52 10.02 15.79
C LEU A 50 -10.07 11.45 15.73
N ASP A 51 -9.44 12.27 14.88
CA ASP A 51 -9.88 13.65 14.71
C ASP A 51 -11.21 13.68 13.97
N GLY A 52 -11.33 12.86 12.93
CA GLY A 52 -12.57 12.80 12.17
C GLY A 52 -12.39 12.07 10.84
N TYR A 53 -12.66 10.76 10.85
CA TYR A 53 -12.54 9.97 9.62
C TYR A 53 -13.53 8.81 9.61
N PHE A 54 -13.86 8.33 8.41
CA PHE A 54 -14.78 7.22 8.25
C PHE A 54 -14.05 6.01 7.68
N LEU A 55 -14.49 4.81 8.06
CA LEU A 55 -13.84 3.59 7.57
C LEU A 55 -14.65 2.96 6.44
N TYR A 56 -13.98 2.74 5.32
CA TYR A 56 -14.61 2.10 4.20
C TYR A 56 -13.62 1.08 3.63
N ALA A 57 -14.07 -0.16 3.53
CA ALA A 57 -13.19 -1.22 3.06
C ALA A 57 -13.74 -2.60 3.33
N CYS A 58 -13.04 -3.60 2.78
CA CYS A 58 -13.45 -4.98 2.96
C CYS A 58 -12.39 -5.81 3.67
N GLU A 59 -12.84 -6.93 4.19
CA GLU A 59 -12.01 -7.88 4.91
C GLU A 59 -12.51 -9.26 4.54
N ALA A 60 -11.62 -10.23 4.35
CA ALA A 60 -12.09 -11.56 3.96
C ALA A 60 -11.80 -12.58 5.02
N GLU A 61 -10.83 -13.43 4.74
CA GLU A 61 -10.43 -14.45 5.68
C GLU A 61 -9.44 -13.80 6.63
N VAL A 62 -9.81 -12.60 7.01
CA VAL A 62 -9.01 -11.77 7.88
C VAL A 62 -8.28 -12.58 8.96
N PRO A 63 -8.92 -13.43 9.72
CA PRO A 63 -8.19 -14.26 10.72
C PRO A 63 -7.20 -15.19 10.02
N ALA A 64 -6.85 -14.84 8.79
CA ALA A 64 -5.91 -15.60 8.00
C ALA A 64 -4.76 -14.70 7.55
N GLN A 65 -5.09 -13.59 6.86
CA GLN A 65 -4.09 -12.62 6.38
C GLN A 65 -4.58 -11.93 5.11
N GLY A 66 -5.87 -11.65 5.07
CA GLY A 66 -6.46 -10.99 3.92
C GLY A 66 -7.36 -9.86 4.38
N GLY A 67 -7.19 -8.69 3.79
CA GLY A 67 -7.98 -7.54 4.14
C GLY A 67 -7.41 -6.28 3.50
N VAL A 68 -8.30 -5.38 3.12
CA VAL A 68 -7.91 -4.13 2.50
C VAL A 68 -8.64 -2.98 3.18
N ALA A 69 -7.92 -2.29 4.07
CA ALA A 69 -8.53 -1.19 4.82
C ALA A 69 -8.17 0.17 4.23
N LEU A 70 -9.18 0.98 3.92
CA LEU A 70 -8.94 2.31 3.39
C LEU A 70 -9.66 3.34 4.25
N TYR A 71 -8.88 4.14 4.98
CA TYR A 71 -9.47 5.16 5.85
C TYR A 71 -9.41 6.54 5.19
N SER A 72 -10.57 7.16 4.99
CA SER A 72 -10.63 8.48 4.37
C SER A 72 -11.49 9.45 5.17
N ARG A 73 -11.16 10.74 5.07
CA ARG A 73 -11.92 11.77 5.77
C ARG A 73 -13.34 11.84 5.24
N LEU A 74 -13.47 11.70 3.92
CA LEU A 74 -14.78 11.72 3.28
C LEU A 74 -15.31 10.31 3.12
N GLN A 75 -16.52 10.20 2.62
CA GLN A 75 -17.15 8.90 2.42
C GLN A 75 -17.18 8.56 0.92
N PRO A 76 -16.28 7.72 0.45
CA PRO A 76 -16.24 7.35 -1.00
C PRO A 76 -17.59 6.93 -1.53
N LYS A 77 -17.70 6.84 -2.85
CA LYS A 77 -18.94 6.43 -3.49
C LYS A 77 -18.70 5.21 -4.34
N ALA A 78 -17.48 4.70 -4.28
CA ALA A 78 -17.13 3.52 -5.05
C ALA A 78 -16.26 2.59 -4.23
N VAL A 79 -16.86 1.57 -3.61
CA VAL A 79 -16.09 0.64 -2.77
C VAL A 79 -16.15 -0.78 -3.35
N ILE A 80 -15.09 -1.18 -4.04
CA ILE A 80 -15.04 -2.54 -4.64
C ILE A 80 -14.32 -3.49 -3.74
N THR A 81 -15.08 -4.35 -3.10
CA THR A 81 -14.51 -5.36 -2.23
C THR A 81 -14.23 -6.61 -3.02
N GLY A 82 -13.48 -6.44 -4.09
CA GLY A 82 -13.12 -7.59 -4.94
C GLY A 82 -13.41 -7.32 -6.41
N LEU A 83 -12.70 -8.04 -7.28
CA LEU A 83 -12.89 -7.89 -8.72
C LEU A 83 -14.04 -8.77 -9.20
N GLY A 84 -14.82 -9.29 -8.26
CA GLY A 84 -15.94 -10.15 -8.59
C GLY A 84 -15.56 -11.63 -8.47
N PHE A 85 -14.27 -11.88 -8.27
CA PHE A 85 -13.79 -13.25 -8.13
C PHE A 85 -13.85 -13.69 -6.68
N GLU A 86 -14.02 -15.00 -6.47
CA GLU A 86 -14.11 -15.56 -5.12
C GLU A 86 -12.83 -15.31 -4.34
N THR A 87 -11.69 -15.39 -5.01
CA THR A 87 -10.40 -15.18 -4.35
C THR A 87 -10.35 -13.79 -3.71
N ALA A 88 -10.75 -12.78 -4.47
CA ALA A 88 -10.74 -11.41 -3.98
C ALA A 88 -11.66 -11.26 -2.76
N ASP A 89 -12.80 -11.93 -2.81
CA ASP A 89 -13.77 -11.89 -1.71
C ASP A 89 -13.34 -12.82 -0.59
N ARG A 90 -12.24 -13.53 -0.81
CA ARG A 90 -11.70 -14.46 0.16
C ARG A 90 -10.36 -13.93 0.63
N TYR A 91 -9.99 -12.75 0.13
CA TYR A 91 -8.74 -12.13 0.50
C TYR A 91 -8.89 -10.68 0.97
N GLY A 92 -9.68 -9.83 0.27
CA GLY A 92 -9.76 -8.46 0.69
C GLY A 92 -8.49 -7.79 0.24
N ARG A 93 -8.05 -8.25 -0.93
CA ARG A 93 -6.85 -7.76 -1.53
C ARG A 93 -7.18 -6.94 -2.76
N TYR A 94 -8.44 -6.47 -2.92
CA TYR A 94 -8.74 -5.66 -4.09
C TYR A 94 -9.83 -4.65 -3.77
N LEU A 95 -9.45 -3.38 -3.58
CA LEU A 95 -10.44 -2.37 -3.27
C LEU A 95 -10.28 -1.13 -4.14
N GLN A 96 -11.16 -1.03 -5.12
CA GLN A 96 -11.15 0.14 -6.00
C GLN A 96 -11.93 1.27 -5.36
N ALA A 97 -11.23 2.35 -5.02
CA ALA A 97 -11.87 3.49 -4.37
C ALA A 97 -12.06 4.65 -5.33
N ASP A 98 -13.24 5.26 -5.31
CA ASP A 98 -13.51 6.41 -6.18
C ASP A 98 -14.46 7.38 -5.49
N PHE A 99 -14.16 8.67 -5.64
CA PHE A 99 -14.97 9.71 -5.04
C PHE A 99 -15.97 10.27 -6.05
N ASP A 100 -15.48 10.53 -7.27
CA ASP A 100 -16.34 11.07 -8.32
C ASP A 100 -15.62 11.05 -9.67
N LYS A 101 -14.33 11.36 -9.66
CA LYS A 101 -13.55 11.38 -10.89
C LYS A 101 -12.26 10.58 -10.74
N VAL A 102 -11.22 11.23 -10.22
CA VAL A 102 -9.93 10.57 -10.05
C VAL A 102 -10.07 9.32 -9.18
N SER A 103 -9.81 8.17 -9.80
CA SER A 103 -9.93 6.89 -9.12
C SER A 103 -8.66 6.51 -8.39
N ILE A 104 -8.82 5.93 -7.21
CA ILE A 104 -7.69 5.49 -6.42
C ILE A 104 -7.97 4.10 -5.87
N ALA A 105 -7.16 3.13 -6.28
CA ALA A 105 -7.36 1.75 -5.85
C ALA A 105 -6.19 1.27 -5.00
N THR A 106 -6.50 0.43 -4.01
CA THR A 106 -5.47 -0.11 -3.13
C THR A 106 -5.55 -1.63 -3.12
N LEU A 107 -4.49 -2.27 -3.62
CA LEU A 107 -4.45 -3.73 -3.67
C LEU A 107 -3.25 -4.26 -2.88
N LEU A 108 -3.52 -4.91 -1.75
CA LEU A 108 -2.45 -5.46 -0.93
C LEU A 108 -2.29 -6.94 -1.22
N LEU A 109 -1.04 -7.34 -1.49
CA LEU A 109 -0.72 -8.72 -1.81
C LEU A 109 0.50 -9.18 -0.99
N PRO A 110 0.28 -9.76 0.18
CA PRO A 110 1.41 -10.24 1.03
C PRO A 110 1.92 -11.60 0.59
N SER A 111 3.12 -11.61 0.00
CA SER A 111 3.73 -12.85 -0.48
C SER A 111 4.88 -13.28 0.42
N GLY A 112 5.60 -12.30 0.97
CA GLY A 112 6.73 -12.60 1.84
C GLY A 112 6.27 -13.40 3.05
N GLN A 113 5.10 -13.04 3.57
CA GLN A 113 4.55 -13.72 4.73
C GLN A 113 3.94 -15.05 4.31
N ASN A 114 3.76 -15.23 3.00
CA ASN A 114 3.18 -16.47 2.49
C ASN A 114 4.20 -17.25 1.66
N GLY A 115 4.11 -17.13 0.34
CA GLY A 115 5.02 -17.83 -0.56
C GLY A 115 4.26 -18.38 -1.78
N ASP A 116 4.80 -19.40 -2.41
CA ASP A 116 4.20 -20.01 -3.61
C ASP A 116 2.68 -19.86 -3.63
N GLU A 117 2.04 -19.92 -2.47
CA GLU A 117 0.60 -19.80 -2.39
C GLU A 117 0.15 -18.44 -2.92
N ASP A 118 0.91 -17.41 -2.58
CA ASP A 118 0.61 -16.06 -3.04
C ASP A 118 1.17 -15.83 -4.44
N LEU A 119 2.37 -16.35 -4.66
CA LEU A 119 3.03 -16.22 -5.97
C LEU A 119 2.18 -16.87 -7.06
N ASN A 120 1.22 -17.68 -6.64
CA ASN A 120 0.33 -18.36 -7.58
C ASN A 120 -0.96 -17.54 -7.81
N GLN A 121 -1.57 -17.12 -6.71
CA GLN A 121 -2.79 -16.33 -6.77
C GLN A 121 -2.45 -14.93 -7.23
N LYS A 122 -1.21 -14.54 -6.98
CA LYS A 122 -0.72 -13.24 -7.37
C LYS A 122 -0.34 -13.27 -8.83
N PHE A 123 0.20 -14.41 -9.27
CA PHE A 123 0.62 -14.52 -10.66
C PHE A 123 -0.54 -14.24 -11.61
N LYS A 124 -1.62 -15.01 -11.50
CA LYS A 124 -2.76 -14.82 -12.39
C LYS A 124 -3.40 -13.46 -12.18
N LEU A 125 -3.57 -13.10 -10.92
CA LEU A 125 -4.16 -11.82 -10.60
C LEU A 125 -3.28 -10.71 -11.16
N MET A 126 -1.97 -10.95 -11.15
CA MET A 126 -1.04 -9.94 -11.65
C MET A 126 -1.30 -9.64 -13.12
N ASP A 127 -1.51 -10.68 -13.91
CA ASP A 127 -1.77 -10.50 -15.33
C ASP A 127 -2.99 -9.60 -15.52
N ASP A 128 -4.06 -9.89 -14.76
CA ASP A 128 -5.26 -9.09 -14.84
C ASP A 128 -5.00 -7.67 -14.34
N PHE A 129 -4.18 -7.55 -13.30
CA PHE A 129 -3.85 -6.25 -12.72
C PHE A 129 -3.20 -5.35 -13.76
N ALA A 130 -2.24 -5.91 -14.47
CA ALA A 130 -1.55 -5.16 -15.51
C ALA A 130 -2.57 -4.74 -16.56
N ARG A 131 -3.55 -5.62 -16.77
CA ARG A 131 -4.60 -5.34 -17.74
C ARG A 131 -5.63 -4.36 -17.17
N TYR A 132 -5.69 -4.31 -15.84
CA TYR A 132 -6.61 -3.43 -15.13
C TYR A 132 -6.06 -2.01 -15.13
N LEU A 133 -4.83 -1.87 -14.65
CA LEU A 133 -4.18 -0.57 -14.63
C LEU A 133 -4.19 -0.05 -16.05
N ASP A 134 -3.81 -0.93 -16.97
CA ASP A 134 -3.80 -0.60 -18.37
C ASP A 134 -5.22 -0.30 -18.84
N LYS A 135 -6.18 -1.15 -18.45
CA LYS A 135 -7.56 -0.90 -18.88
C LYS A 135 -8.09 0.41 -18.29
N GLN A 136 -7.56 0.78 -17.13
CA GLN A 136 -7.98 2.01 -16.48
C GLN A 136 -7.07 3.17 -16.91
N ARG A 137 -5.93 2.81 -17.47
CA ARG A 137 -4.98 3.81 -17.96
C ARG A 137 -5.59 4.54 -19.14
N ARG A 138 -6.45 3.84 -19.86
CA ARG A 138 -7.12 4.42 -21.03
C ARG A 138 -7.94 5.64 -20.63
N LYS A 139 -8.60 5.56 -19.47
CA LYS A 139 -9.42 6.66 -18.99
C LYS A 139 -8.62 7.95 -18.91
N ARG A 140 -9.23 9.05 -19.32
CA ARG A 140 -8.57 10.36 -19.31
C ARG A 140 -8.36 10.84 -17.87
N ARG A 141 -9.30 10.47 -16.99
CA ARG A 141 -9.21 10.88 -15.59
C ARG A 141 -7.86 10.50 -15.01
N GLU A 142 -7.65 10.78 -13.72
CA GLU A 142 -6.39 10.43 -13.06
C GLU A 142 -6.59 9.19 -12.22
N TYR A 143 -5.62 8.29 -12.25
CA TYR A 143 -5.72 7.04 -11.49
C TYR A 143 -4.53 6.88 -10.55
N ILE A 144 -4.81 6.59 -9.27
CA ILE A 144 -3.73 6.39 -8.31
C ILE A 144 -3.71 4.95 -7.82
N TYR A 145 -2.63 4.25 -8.17
CA TYR A 145 -2.49 2.86 -7.79
C TYR A 145 -1.53 2.70 -6.61
N CYS A 146 -2.08 2.37 -5.46
CA CYS A 146 -1.28 2.15 -4.26
C CYS A 146 -1.28 0.66 -3.97
N GLY A 147 -0.20 -0.02 -4.35
CA GLY A 147 -0.13 -1.47 -4.13
C GLY A 147 1.09 -1.88 -3.32
N SER A 148 0.91 -2.91 -2.51
CA SER A 148 1.98 -3.42 -1.69
C SER A 148 2.48 -4.74 -2.26
N LEU A 149 3.58 -4.68 -3.01
CA LEU A 149 4.15 -5.86 -3.62
C LEU A 149 5.62 -5.95 -3.26
N TYR A 150 6.15 -7.16 -3.18
CA TYR A 150 7.55 -7.32 -2.86
C TYR A 150 8.40 -6.96 -4.07
N VAL A 151 8.15 -5.77 -4.61
CA VAL A 151 8.90 -5.31 -5.77
C VAL A 151 9.94 -4.27 -5.37
N ALA A 152 11.15 -4.45 -5.87
CA ALA A 152 12.22 -3.52 -5.57
C ALA A 152 13.21 -3.47 -6.72
N GLN A 153 13.44 -2.27 -7.22
CA GLN A 153 14.36 -2.08 -8.34
C GLN A 153 15.74 -2.66 -7.98
N GLN A 154 16.01 -2.78 -6.69
CA GLN A 154 17.28 -3.34 -6.21
C GLN A 154 18.37 -2.26 -6.23
N LYS A 155 18.11 -1.15 -6.91
CA LYS A 155 19.08 -0.07 -6.99
C LYS A 155 18.89 0.91 -5.84
N LEU A 156 17.76 0.80 -5.15
CA LEU A 156 17.46 1.70 -4.02
C LEU A 156 17.33 0.89 -2.73
N ASP A 157 17.35 -0.42 -2.85
CA ASP A 157 17.24 -1.31 -1.69
C ASP A 157 18.11 -2.53 -1.92
N ILE A 158 19.27 -2.31 -2.53
CA ILE A 158 20.19 -3.38 -2.84
C ILE A 158 20.50 -4.20 -1.58
N LYS A 159 20.24 -3.63 -0.42
CA LYS A 159 20.48 -4.34 0.82
C LYS A 159 19.39 -5.39 1.01
N ASN A 160 18.15 -4.97 0.76
CA ASN A 160 16.99 -5.86 0.88
C ASN A 160 17.10 -7.04 -0.07
N TRP A 161 18.25 -7.19 -0.71
CA TRP A 161 18.48 -8.28 -1.66
C TRP A 161 17.76 -9.55 -1.18
N ARG A 162 17.74 -9.75 0.12
CA ARG A 162 17.10 -10.92 0.71
C ARG A 162 15.70 -11.15 0.15
N ASP A 163 14.77 -10.23 0.46
CA ASP A 163 13.40 -10.35 -0.01
C ASP A 163 13.07 -9.27 -1.03
N SER A 164 14.08 -8.52 -1.44
CA SER A 164 13.86 -7.44 -2.41
C SER A 164 13.05 -7.96 -3.57
N GLN A 165 13.24 -9.23 -3.90
CA GLN A 165 12.51 -9.83 -5.01
C GLN A 165 11.36 -10.70 -4.52
N GLN A 166 11.21 -10.78 -3.18
CA GLN A 166 10.14 -11.54 -2.52
C GLN A 166 10.66 -12.88 -1.98
N SER A 167 11.64 -13.47 -2.66
CA SER A 167 12.20 -14.75 -2.21
C SER A 167 13.72 -14.73 -2.28
N PRO A 168 14.38 -15.77 -1.81
CA PRO A 168 15.87 -15.84 -1.82
C PRO A 168 16.44 -15.63 -3.23
N GLY A 169 15.76 -16.20 -4.23
CA GLY A 169 16.21 -16.06 -5.60
C GLY A 169 15.49 -14.91 -6.29
N PHE A 170 16.19 -14.24 -7.20
CA PHE A 170 15.60 -13.10 -7.91
C PHE A 170 14.37 -13.55 -8.69
N LEU A 171 13.21 -13.05 -8.30
CA LEU A 171 11.96 -13.41 -8.98
C LEU A 171 12.09 -13.15 -10.47
N ALA A 172 11.70 -14.15 -11.23
CA ALA A 172 11.78 -14.06 -12.69
C ALA A 172 10.77 -13.07 -13.29
N PRO A 173 9.50 -13.20 -12.97
CA PRO A 173 8.44 -12.29 -13.51
C PRO A 173 8.37 -10.93 -12.83
N GLU A 174 9.17 -10.75 -11.78
CA GLU A 174 9.18 -9.48 -11.06
C GLU A 174 9.99 -8.43 -11.79
N ARG A 175 11.18 -8.82 -12.24
CA ARG A 175 12.05 -7.89 -12.95
C ARG A 175 11.33 -7.28 -14.14
N ALA A 176 10.70 -8.11 -14.96
CA ALA A 176 9.98 -7.64 -16.12
C ALA A 176 8.74 -6.84 -15.71
N TRP A 177 8.21 -7.13 -14.53
CA TRP A 177 7.01 -6.43 -14.05
C TRP A 177 7.33 -4.98 -13.74
N MET A 178 8.40 -4.78 -12.99
CA MET A 178 8.80 -3.43 -12.66
C MET A 178 9.25 -2.69 -13.91
N ASP A 179 9.91 -3.40 -14.81
CA ASP A 179 10.41 -2.82 -16.05
C ASP A 179 9.27 -2.42 -16.97
N GLU A 180 8.36 -3.36 -17.19
CA GLU A 180 7.23 -3.14 -18.05
C GLU A 180 6.33 -2.03 -17.56
N ILE A 181 6.50 -1.59 -16.30
CA ILE A 181 5.67 -0.51 -15.79
C ILE A 181 6.50 0.74 -15.68
N VAL A 182 7.76 0.52 -15.39
CA VAL A 182 8.73 1.58 -15.24
C VAL A 182 9.20 2.10 -16.57
N GLY A 183 9.92 1.21 -17.21
CA GLY A 183 10.54 1.48 -18.49
C GLY A 183 9.52 1.95 -19.48
N ASN A 184 8.28 1.62 -19.18
CA ASN A 184 7.18 2.05 -20.03
C ASN A 184 6.94 3.52 -19.77
N MET A 185 7.62 4.01 -18.75
CA MET A 185 7.50 5.41 -18.36
C MET A 185 6.12 5.67 -17.82
N GLY A 186 5.49 4.62 -17.33
CA GLY A 186 4.14 4.72 -16.78
C GLY A 186 4.14 4.68 -15.26
N TYR A 187 5.21 4.18 -14.65
CA TYR A 187 5.25 4.11 -13.19
C TYR A 187 5.84 5.37 -12.57
N VAL A 188 5.45 5.62 -11.32
CA VAL A 188 5.97 6.75 -10.58
C VAL A 188 6.00 6.41 -9.10
N ASP A 189 7.18 6.48 -8.53
CA ASP A 189 7.35 6.16 -7.12
C ASP A 189 7.50 7.43 -6.31
N ALA A 190 6.41 8.18 -6.22
CA ALA A 190 6.40 9.44 -5.48
C ALA A 190 7.02 9.26 -4.10
N LEU A 191 7.10 8.01 -3.66
CA LEU A 191 7.66 7.71 -2.35
C LEU A 191 9.18 7.97 -2.32
N ARG A 192 9.89 7.41 -3.29
CA ARG A 192 11.35 7.60 -3.39
C ARG A 192 11.73 8.57 -4.52
N GLU A 193 10.77 8.99 -5.33
CA GLU A 193 11.07 9.88 -6.45
C GLU A 193 11.32 11.31 -5.97
N VAL A 194 11.00 11.56 -4.70
CA VAL A 194 11.17 12.88 -4.13
C VAL A 194 11.94 12.80 -2.81
N SER A 195 11.83 11.67 -2.14
CA SER A 195 12.53 11.47 -0.86
C SER A 195 13.63 10.43 -1.02
N ARG A 196 14.76 10.67 -0.35
CA ARG A 196 15.89 9.75 -0.42
C ARG A 196 15.76 8.63 0.61
N GLU A 197 15.84 7.39 0.15
CA GLU A 197 15.75 6.24 1.05
C GLU A 197 17.12 5.58 1.21
N GLY A 198 17.87 5.54 0.12
CA GLY A 198 19.20 4.93 0.14
C GLY A 198 20.20 5.85 0.82
N ASP A 199 21.43 5.35 1.00
CA ASP A 199 22.47 6.14 1.64
C ASP A 199 22.02 6.65 3.01
N GLN A 200 21.47 5.73 3.82
CA GLN A 200 20.99 6.09 5.15
C GLN A 200 21.60 5.17 6.20
N TYR A 201 21.51 5.59 7.46
CA TYR A 201 22.07 4.81 8.56
C TYR A 201 21.21 3.56 8.81
N SER A 202 21.79 2.57 9.48
CA SER A 202 21.07 1.35 9.78
C SER A 202 21.50 0.79 11.13
N TRP A 203 20.62 0.90 12.09
CA TRP A 203 20.87 0.42 13.44
C TRP A 203 20.83 -1.12 13.46
N TRP A 204 21.64 -1.71 14.33
CA TRP A 204 21.70 -3.17 14.43
C TRP A 204 20.29 -3.76 14.59
N PRO A 205 20.09 -4.99 14.15
CA PRO A 205 18.75 -5.66 14.26
C PRO A 205 18.39 -6.05 15.69
N ASP A 206 17.09 -6.02 15.98
CA ASP A 206 16.61 -6.38 17.31
C ASP A 206 15.60 -7.51 17.21
N ASN A 207 14.72 -7.44 16.21
CA ASN A 207 13.70 -8.46 16.01
C ASN A 207 13.18 -8.43 14.58
N GLU A 208 11.91 -8.76 14.41
CA GLU A 208 11.30 -8.79 13.08
C GLU A 208 11.61 -7.50 12.32
N GLN A 209 11.79 -6.41 13.07
CA GLN A 209 12.10 -5.13 12.46
C GLN A 209 13.24 -5.29 11.47
N ALA A 210 13.99 -6.37 11.62
CA ALA A 210 15.11 -6.64 10.72
C ALA A 210 14.69 -6.34 9.29
N GLU A 211 13.39 -6.45 9.01
CA GLU A 211 12.90 -6.16 7.68
C GLU A 211 13.05 -4.66 7.39
N MET A 212 12.13 -3.85 7.91
CA MET A 212 12.19 -2.40 7.70
C MET A 212 13.57 -1.86 8.08
N LEU A 213 14.41 -2.71 8.66
CA LEU A 213 15.75 -2.30 9.04
C LEU A 213 16.60 -2.12 7.79
N ASN A 214 16.05 -1.43 6.80
CA ASN A 214 16.76 -1.20 5.55
C ASN A 214 17.00 -2.53 4.82
N LEU A 215 16.12 -3.50 5.05
CA LEU A 215 16.26 -4.80 4.40
C LEU A 215 14.92 -5.28 3.85
N GLY A 216 13.85 -4.66 4.31
CA GLY A 216 12.52 -5.01 3.86
C GLY A 216 11.49 -4.02 4.38
N TRP A 217 11.01 -3.15 3.51
CA TRP A 217 10.04 -2.15 3.92
C TRP A 217 8.64 -2.74 3.91
N ARG A 218 7.66 -1.89 4.19
CA ARG A 218 6.27 -2.32 4.23
C ARG A 218 5.74 -2.53 2.81
N PHE A 219 6.66 -2.70 1.87
CA PHE A 219 6.29 -2.91 0.48
C PHE A 219 5.12 -2.00 0.11
N ASP A 220 5.45 -0.83 -0.45
CA ASP A 220 4.42 0.12 -0.83
C ASP A 220 4.87 0.99 -1.99
N TYR A 221 4.04 1.04 -3.03
CA TYR A 221 4.33 1.85 -4.20
C TYR A 221 3.20 2.84 -4.45
N GLN A 222 3.55 4.13 -4.46
CA GLN A 222 2.57 5.17 -4.70
C GLN A 222 2.61 5.55 -6.18
N LEU A 223 1.78 4.90 -6.96
CA LEU A 223 1.75 5.13 -8.39
C LEU A 223 0.61 6.05 -8.78
N LEU A 224 0.96 7.11 -9.50
CA LEU A 224 -0.02 8.08 -9.96
C LEU A 224 0.14 8.32 -11.46
N THR A 225 -0.73 9.14 -12.03
CA THR A 225 -0.66 9.43 -13.45
C THR A 225 0.08 10.75 -13.70
N PRO A 226 0.64 10.96 -14.89
CA PRO A 226 1.36 12.22 -15.21
C PRO A 226 0.51 13.48 -14.96
N GLY A 227 -0.62 13.31 -14.28
CA GLY A 227 -1.49 14.44 -13.99
C GLY A 227 -1.13 15.08 -12.66
N LEU A 228 -0.56 14.27 -11.79
CA LEU A 228 -0.16 14.74 -10.47
C LEU A 228 1.35 14.57 -10.27
N ARG A 229 1.97 13.78 -11.15
CA ARG A 229 3.41 13.51 -11.04
C ARG A 229 4.17 14.74 -10.52
N ARG A 230 3.94 15.89 -11.13
CA ARG A 230 4.63 17.11 -10.71
C ARG A 230 3.87 17.81 -9.60
N PHE A 231 3.20 17.03 -8.75
CA PHE A 231 2.42 17.61 -7.66
C PHE A 231 2.60 16.80 -6.36
N VAL A 232 3.85 16.49 -6.03
CA VAL A 232 4.15 15.75 -4.81
C VAL A 232 5.01 16.61 -3.88
N ARG A 233 4.40 17.08 -2.79
CA ARG A 233 5.10 17.96 -1.85
C ARG A 233 6.29 17.28 -1.16
N SER A 234 6.14 16.01 -0.78
CA SER A 234 7.22 15.29 -0.11
C SER A 234 6.88 13.83 0.09
N ALA A 235 7.78 13.09 0.74
CA ALA A 235 7.58 11.68 0.99
C ALA A 235 8.36 11.26 2.23
N ARG A 236 7.64 11.09 3.34
CA ARG A 236 8.31 10.70 4.59
C ARG A 236 8.21 9.19 4.81
N LEU A 237 9.37 8.53 4.78
CA LEU A 237 9.43 7.09 4.97
C LEU A 237 9.98 6.76 6.37
N PRO A 238 9.66 5.61 6.92
CA PRO A 238 10.17 5.21 8.27
C PRO A 238 11.67 5.46 8.39
N ARG A 239 12.06 6.10 9.50
CA ARG A 239 13.47 6.40 9.75
C ARG A 239 13.94 5.75 11.03
N GLN A 240 13.23 6.05 12.13
CA GLN A 240 13.58 5.50 13.44
C GLN A 240 12.52 4.47 13.87
N PRO A 241 12.84 3.18 13.92
CA PRO A 241 11.85 2.16 14.33
C PRO A 241 11.62 2.15 15.84
N ARG A 242 10.35 2.03 16.23
CA ARG A 242 9.98 2.01 17.59
C ARG A 242 8.54 1.53 17.64
N PHE A 243 7.98 1.66 18.79
CA PHE A 243 6.61 1.28 19.03
C PHE A 243 5.91 2.40 19.80
N SER A 244 5.62 3.47 19.07
CA SER A 244 4.96 4.64 19.65
C SER A 244 5.19 5.85 18.76
N GLN A 245 6.46 6.11 18.46
CA GLN A 245 6.83 7.25 17.62
C GLN A 245 7.25 6.77 16.22
N HIS A 246 6.66 5.66 15.79
CA HIS A 246 6.99 5.10 14.47
C HIS A 246 6.45 5.99 13.36
N ALA A 247 7.23 6.14 12.30
CA ALA A 247 6.84 6.97 11.18
C ALA A 247 6.35 6.10 10.00
N PRO A 248 5.10 6.15 9.62
CA PRO A 248 4.56 5.33 8.48
C PRO A 248 4.95 5.93 7.13
N LEU A 249 4.69 5.19 6.05
CA LEU A 249 5.01 5.68 4.73
C LEU A 249 3.95 6.69 4.31
N ILE A 250 4.28 7.97 4.46
CA ILE A 250 3.33 9.03 4.15
C ILE A 250 3.83 9.87 2.99
N VAL A 251 2.89 10.38 2.20
CA VAL A 251 3.24 11.24 1.08
C VAL A 251 2.46 12.54 1.19
N ASP A 252 3.19 13.65 1.14
CA ASP A 252 2.57 14.95 1.24
C ASP A 252 2.06 15.40 -0.12
N TYR A 253 0.84 15.89 -0.15
CA TYR A 253 0.22 16.35 -1.38
C TYR A 253 -1.07 17.07 -1.07
N ASP A 254 -1.43 18.04 -1.90
CA ASP A 254 -2.65 18.79 -1.67
C ASP A 254 -3.78 17.85 -1.27
N TRP A 255 -4.43 18.15 -0.15
CA TRP A 255 -5.51 17.32 0.36
C TRP A 255 -6.35 16.75 -0.78
N THR A 256 -6.89 15.54 -0.59
CA THR A 256 -7.70 14.93 -1.63
C THR A 256 -9.03 15.65 -1.80
N LEU A 257 -9.63 15.51 -2.98
CA LEU A 257 -10.90 16.15 -3.27
C LEU A 257 -12.03 15.50 -2.47
N THR A 258 -13.00 16.32 -2.06
CA THR A 258 -14.12 15.82 -1.29
C THR A 258 -15.33 15.58 -2.18
N ILE A 259 -16.26 14.76 -1.69
CA ILE A 259 -17.47 14.46 -2.44
C ILE A 259 -18.57 15.48 -2.13
N MET A 1 -1.96 15.81 6.20
CA MET A 1 -3.30 15.69 5.56
C MET A 1 -3.11 15.41 4.07
N ARG A 2 -3.03 14.12 3.71
CA ARG A 2 -2.85 13.71 2.31
C ARG A 2 -3.10 12.18 2.22
N ILE A 3 -2.05 11.42 1.86
CA ILE A 3 -2.20 9.96 1.71
C ILE A 3 -1.23 9.22 2.65
N ILE A 4 -1.73 8.20 3.34
CA ILE A 4 -0.91 7.41 4.27
C ILE A 4 -0.96 5.91 3.94
N SER A 5 0.18 5.24 4.07
CA SER A 5 0.24 3.80 3.80
C SER A 5 1.16 3.11 4.81
N VAL A 6 0.71 1.99 5.36
CA VAL A 6 1.50 1.25 6.34
C VAL A 6 1.03 -0.19 6.47
N ASN A 7 1.95 -1.07 6.87
CA ASN A 7 1.62 -2.48 7.04
C ASN A 7 1.63 -2.86 8.53
N VAL A 8 0.88 -3.89 8.88
CA VAL A 8 0.82 -4.33 10.28
C VAL A 8 0.35 -5.78 10.38
N ASN A 9 0.97 -6.54 11.27
CA ASN A 9 0.61 -7.94 11.48
C ASN A 9 -0.47 -8.02 12.55
N GLY A 10 -1.48 -7.20 12.40
CA GLY A 10 -2.59 -7.13 13.35
C GLY A 10 -2.86 -5.67 13.66
N ILE A 11 -3.94 -5.14 13.10
CA ILE A 11 -4.31 -3.74 13.28
C ILE A 11 -4.13 -3.34 14.73
N GLN A 12 -4.51 -4.26 15.55
CA GLN A 12 -4.49 -4.10 17.00
C GLN A 12 -3.08 -3.78 17.35
N THR A 13 -2.21 -4.41 16.61
CA THR A 13 -0.80 -4.21 16.79
C THR A 13 -0.44 -2.88 16.17
N ALA A 14 -1.21 -2.48 15.15
CA ALA A 14 -0.87 -1.19 14.50
C ALA A 14 -1.03 -0.06 15.48
N VAL A 15 -2.11 -0.13 16.22
CA VAL A 15 -2.41 0.87 17.22
C VAL A 15 -1.43 0.77 18.36
N GLU A 16 -1.02 -0.46 18.69
CA GLU A 16 -0.08 -0.66 19.79
C GLU A 16 1.19 0.08 19.48
N ARG A 17 1.36 0.38 18.20
CA ARG A 17 2.55 1.10 17.75
C ARG A 17 2.36 2.61 17.84
N GLY A 18 1.11 3.06 17.67
CA GLY A 18 0.82 4.50 17.75
C GLY A 18 0.38 5.04 16.39
N LEU A 19 -0.06 4.15 15.53
CA LEU A 19 -0.52 4.57 14.22
C LEU A 19 -1.77 5.43 14.35
N LEU A 20 -2.64 5.12 15.29
CA LEU A 20 -3.84 5.93 15.46
C LEU A 20 -3.46 7.38 15.52
N SER A 21 -2.33 7.63 16.15
CA SER A 21 -1.84 8.98 16.27
C SER A 21 -1.29 9.46 14.93
N TRP A 22 -0.80 8.54 14.09
CA TRP A 22 -0.27 9.00 12.80
C TRP A 22 -1.34 9.09 11.72
N LEU A 23 -2.15 8.04 11.60
CA LEU A 23 -3.20 8.00 10.61
C LEU A 23 -4.17 9.16 10.82
N GLN A 24 -4.39 9.50 12.07
CA GLN A 24 -5.28 10.62 12.38
C GLN A 24 -4.59 11.90 11.99
N ALA A 25 -3.28 11.92 12.18
CA ALA A 25 -2.51 13.11 11.83
C ALA A 25 -2.62 13.40 10.34
N GLN A 26 -3.01 12.39 9.56
CA GLN A 26 -3.14 12.58 8.13
C GLN A 26 -4.25 11.70 7.57
N ASN A 27 -5.36 11.61 8.31
CA ASN A 27 -6.49 10.81 7.85
C ASN A 27 -7.27 11.61 6.81
N ALA A 28 -6.54 12.40 6.05
CA ALA A 28 -7.16 13.26 5.04
C ALA A 28 -7.57 12.53 3.76
N ASP A 29 -6.81 12.72 2.67
CA ASP A 29 -7.17 12.12 1.39
C ASP A 29 -7.67 10.69 1.59
N VAL A 30 -6.75 9.76 1.71
CA VAL A 30 -7.10 8.36 1.91
C VAL A 30 -5.90 7.65 2.52
N ILE A 31 -6.18 6.85 3.54
CA ILE A 31 -5.12 6.11 4.21
C ILE A 31 -5.39 4.62 4.10
N CYS A 32 -4.33 3.84 3.85
CA CYS A 32 -4.48 2.41 3.68
C CYS A 32 -3.70 1.60 4.71
N LEU A 33 -4.35 0.54 5.20
CA LEU A 33 -3.74 -0.35 6.18
C LEU A 33 -3.79 -1.77 5.65
N GLN A 34 -2.64 -2.45 5.64
CA GLN A 34 -2.58 -3.82 5.14
C GLN A 34 -2.52 -4.82 6.29
N ASP A 35 -3.07 -6.01 6.06
CA ASP A 35 -3.06 -7.03 7.09
C ASP A 35 -3.64 -6.46 8.38
N THR A 36 -4.94 -6.25 8.40
CA THR A 36 -5.58 -5.68 9.58
C THR A 36 -6.00 -6.79 10.56
N ARG A 37 -6.18 -8.00 10.03
CA ARG A 37 -6.57 -9.12 10.88
C ARG A 37 -7.89 -8.81 11.60
N ALA A 38 -8.47 -7.65 11.31
CA ALA A 38 -9.73 -7.26 11.94
C ALA A 38 -10.89 -7.93 11.22
N SER A 39 -12.09 -7.77 11.77
CA SER A 39 -13.28 -8.38 11.17
C SER A 39 -13.74 -7.60 9.93
N ALA A 40 -14.99 -7.85 9.54
CA ALA A 40 -15.57 -7.21 8.37
C ALA A 40 -16.31 -5.95 8.78
N PHE A 41 -16.53 -5.81 10.07
CA PHE A 41 -17.25 -4.64 10.58
C PHE A 41 -17.07 -4.48 12.08
N GLU A 42 -15.88 -4.83 12.58
CA GLU A 42 -15.61 -4.66 14.02
C GLU A 42 -14.70 -3.48 14.20
N LEU A 43 -13.99 -3.19 13.14
CA LEU A 43 -13.02 -2.12 13.11
C LEU A 43 -13.68 -0.77 13.28
N ASP A 44 -14.68 -0.47 12.45
CA ASP A 44 -15.36 0.80 12.54
C ASP A 44 -15.80 1.06 13.97
N ASP A 45 -15.71 0.04 14.81
CA ASP A 45 -16.10 0.20 16.21
C ASP A 45 -15.36 1.41 16.82
N PRO A 46 -16.02 2.25 17.57
CA PRO A 46 -15.36 3.45 18.19
C PRO A 46 -13.98 3.12 18.76
N ALA A 47 -13.70 1.83 18.93
CA ALA A 47 -12.43 1.40 19.47
C ALA A 47 -11.26 1.85 18.59
N TYR A 48 -11.46 1.78 17.28
CA TYR A 48 -10.41 2.17 16.34
C TYR A 48 -10.65 3.56 15.76
N GLN A 49 -11.73 4.21 16.17
CA GLN A 49 -12.02 5.56 15.66
C GLN A 49 -10.86 6.49 15.96
N LEU A 50 -10.66 7.49 15.09
CA LEU A 50 -9.57 8.43 15.26
C LEU A 50 -10.11 9.78 15.70
N ASP A 51 -9.59 10.82 15.06
CA ASP A 51 -10.01 12.18 15.35
C ASP A 51 -11.45 12.39 14.92
N GLY A 52 -11.74 12.02 13.68
CA GLY A 52 -13.10 12.16 13.15
C GLY A 52 -13.15 11.96 11.64
N TYR A 53 -12.98 10.71 11.21
CA TYR A 53 -12.99 10.40 9.78
C TYR A 53 -13.85 9.15 9.51
N PHE A 54 -14.36 9.03 8.29
CA PHE A 54 -15.21 7.90 7.93
C PHE A 54 -14.36 6.70 7.51
N LEU A 55 -14.90 5.50 7.73
CA LEU A 55 -14.18 4.28 7.39
C LEU A 55 -14.89 3.48 6.31
N TYR A 56 -14.23 3.34 5.18
CA TYR A 56 -14.75 2.57 4.07
C TYR A 56 -13.75 1.48 3.72
N ALA A 57 -14.20 0.24 3.72
CA ALA A 57 -13.30 -0.86 3.43
C ALA A 57 -13.91 -2.21 3.75
N CYS A 58 -13.22 -3.25 3.30
CA CYS A 58 -13.69 -4.60 3.53
C CYS A 58 -12.56 -5.50 4.01
N GLU A 59 -12.92 -6.68 4.45
CA GLU A 59 -11.93 -7.63 4.92
C GLU A 59 -12.31 -9.01 4.37
N ALA A 60 -11.32 -9.88 4.16
CA ALA A 60 -11.61 -11.19 3.59
C ALA A 60 -11.48 -12.27 4.65
N GLU A 61 -10.46 -13.10 4.52
CA GLU A 61 -10.20 -14.15 5.49
C GLU A 61 -9.16 -13.61 6.44
N VAL A 62 -9.40 -12.37 6.82
CA VAL A 62 -8.54 -11.59 7.68
C VAL A 62 -7.75 -12.41 8.70
N PRO A 63 -8.36 -13.24 9.53
CA PRO A 63 -7.57 -14.04 10.49
C PRO A 63 -6.50 -14.84 9.77
N ALA A 64 -6.54 -14.75 8.43
CA ALA A 64 -5.58 -15.43 7.59
C ALA A 64 -4.51 -14.46 7.08
N GLN A 65 -4.91 -13.40 6.35
CA GLN A 65 -3.91 -12.43 5.85
C GLN A 65 -4.55 -11.39 4.91
N GLY A 66 -5.83 -11.12 5.10
CA GLY A 66 -6.51 -10.14 4.25
C GLY A 66 -6.61 -8.79 4.96
N GLY A 67 -7.75 -8.15 4.79
CA GLY A 67 -8.00 -6.86 5.44
C GLY A 67 -7.49 -5.69 4.62
N VAL A 68 -8.41 -4.95 3.98
CA VAL A 68 -8.03 -3.78 3.21
C VAL A 68 -8.80 -2.59 3.78
N ALA A 69 -8.09 -1.75 4.54
CA ALA A 69 -8.71 -0.61 5.21
C ALA A 69 -8.51 0.69 4.44
N LEU A 70 -9.57 1.50 4.36
CA LEU A 70 -9.49 2.78 3.65
C LEU A 70 -10.37 3.84 4.32
N TYR A 71 -9.75 4.81 5.02
CA TYR A 71 -10.52 5.86 5.68
C TYR A 71 -10.46 7.14 4.83
N SER A 72 -11.61 7.79 4.64
CA SER A 72 -11.67 9.02 3.85
C SER A 72 -12.45 10.11 4.58
N ARG A 73 -12.05 11.36 4.36
CA ARG A 73 -12.74 12.49 4.98
C ARG A 73 -14.14 12.65 4.39
N LEU A 74 -14.34 12.08 3.21
CA LEU A 74 -15.63 12.14 2.54
C LEU A 74 -16.21 10.74 2.37
N GLN A 75 -17.36 10.67 1.71
CA GLN A 75 -18.01 9.39 1.49
C GLN A 75 -17.67 8.84 0.10
N PRO A 76 -16.88 7.79 -0.01
CA PRO A 76 -16.53 7.21 -1.33
C PRO A 76 -17.78 6.95 -2.17
N LYS A 77 -17.65 7.06 -3.48
CA LYS A 77 -18.78 6.84 -4.36
C LYS A 77 -18.64 5.49 -5.04
N ALA A 78 -17.46 4.91 -4.90
CA ALA A 78 -17.18 3.64 -5.53
C ALA A 78 -16.30 2.75 -4.65
N VAL A 79 -16.91 1.84 -3.91
CA VAL A 79 -16.16 0.94 -3.06
C VAL A 79 -16.27 -0.50 -3.52
N ILE A 80 -15.23 -1.00 -4.16
CA ILE A 80 -15.24 -2.40 -4.61
C ILE A 80 -14.06 -3.11 -3.95
N THR A 81 -14.38 -4.19 -3.24
CA THR A 81 -13.39 -4.98 -2.53
C THR A 81 -13.16 -6.28 -3.24
N GLY A 82 -12.66 -6.16 -4.44
CA GLY A 82 -12.41 -7.33 -5.28
C GLY A 82 -13.62 -7.62 -6.16
N LEU A 83 -13.39 -8.19 -7.33
CA LEU A 83 -14.47 -8.50 -8.26
C LEU A 83 -14.50 -10.01 -8.55
N GLY A 84 -15.09 -10.76 -7.64
CA GLY A 84 -15.19 -12.21 -7.80
C GLY A 84 -16.20 -12.80 -6.84
N PHE A 85 -17.15 -11.98 -6.38
CA PHE A 85 -18.16 -12.44 -5.44
C PHE A 85 -17.51 -12.97 -4.18
N GLU A 86 -17.51 -14.29 -4.02
CA GLU A 86 -16.90 -14.89 -2.85
C GLU A 86 -15.42 -14.53 -2.82
N THR A 87 -14.75 -14.73 -3.96
CA THR A 87 -13.33 -14.44 -4.06
C THR A 87 -13.00 -13.09 -3.42
N ALA A 88 -13.86 -12.10 -3.65
CA ALA A 88 -13.65 -10.77 -3.08
C ALA A 88 -13.66 -10.84 -1.55
N ASP A 89 -14.56 -11.65 -1.04
CA ASP A 89 -14.71 -11.85 0.40
C ASP A 89 -13.62 -12.78 0.93
N ARG A 90 -12.77 -13.25 0.01
CA ARG A 90 -11.69 -14.17 0.37
C ARG A 90 -10.37 -13.56 -0.03
N TYR A 91 -10.45 -12.42 -0.71
CA TYR A 91 -9.27 -11.72 -1.14
C TYR A 91 -8.99 -10.60 -0.14
N GLY A 92 -9.92 -9.65 -0.05
CA GLY A 92 -9.75 -8.53 0.85
C GLY A 92 -8.44 -7.85 0.51
N ARG A 93 -7.92 -8.23 -0.66
CA ARG A 93 -6.68 -7.70 -1.13
C ARG A 93 -6.87 -6.82 -2.36
N TYR A 94 -8.09 -6.33 -2.64
CA TYR A 94 -8.25 -5.46 -3.81
C TYR A 94 -9.34 -4.44 -3.54
N LEU A 95 -8.96 -3.18 -3.29
CA LEU A 95 -9.99 -2.16 -3.03
C LEU A 95 -9.77 -0.91 -3.86
N GLN A 96 -10.63 -0.73 -4.85
CA GLN A 96 -10.56 0.45 -5.70
C GLN A 96 -11.56 1.49 -5.21
N ALA A 97 -11.09 2.72 -5.13
CA ALA A 97 -11.93 3.82 -4.66
C ALA A 97 -12.10 4.86 -5.77
N ASP A 98 -13.34 5.32 -5.97
CA ASP A 98 -13.58 6.32 -7.02
C ASP A 98 -14.62 7.33 -6.58
N PHE A 99 -14.56 8.52 -7.18
CA PHE A 99 -15.51 9.58 -6.85
C PHE A 99 -15.98 10.29 -8.11
N ASP A 100 -15.09 10.39 -9.10
CA ASP A 100 -15.46 11.06 -10.35
C ASP A 100 -14.36 10.88 -11.41
N LYS A 101 -13.28 11.65 -11.29
CA LYS A 101 -12.18 11.58 -12.26
C LYS A 101 -10.92 10.98 -11.63
N VAL A 102 -10.35 11.67 -10.64
CA VAL A 102 -9.13 11.19 -10.01
C VAL A 102 -9.43 10.10 -9.00
N SER A 103 -9.53 8.86 -9.48
CA SER A 103 -9.83 7.73 -8.63
C SER A 103 -8.62 7.33 -7.79
N ILE A 104 -8.87 6.64 -6.68
CA ILE A 104 -7.80 6.19 -5.81
C ILE A 104 -8.03 4.73 -5.44
N ALA A 105 -6.98 3.90 -5.54
CA ALA A 105 -7.12 2.47 -5.23
C ALA A 105 -5.95 1.99 -4.41
N THR A 106 -6.14 0.88 -3.70
CA THR A 106 -5.06 0.34 -2.89
C THR A 106 -5.05 -1.19 -2.96
N LEU A 107 -3.95 -1.73 -3.48
CA LEU A 107 -3.82 -3.19 -3.60
C LEU A 107 -2.75 -3.72 -2.67
N LEU A 108 -3.18 -4.43 -1.63
CA LEU A 108 -2.24 -5.03 -0.69
C LEU A 108 -2.15 -6.54 -0.94
N LEU A 109 -0.90 -7.02 -1.07
CA LEU A 109 -0.67 -8.45 -1.32
C LEU A 109 0.80 -8.81 -1.01
N PRO A 110 1.11 -9.15 0.22
CA PRO A 110 2.50 -9.51 0.62
C PRO A 110 2.86 -10.96 0.29
N SER A 111 4.00 -11.15 -0.36
CA SER A 111 4.45 -12.49 -0.73
C SER A 111 5.64 -12.90 0.13
N GLY A 112 6.43 -11.91 0.56
CA GLY A 112 7.60 -12.18 1.38
C GLY A 112 7.20 -12.87 2.68
N GLN A 113 6.09 -12.41 3.25
CA GLN A 113 5.60 -13.00 4.49
C GLN A 113 5.00 -14.37 4.20
N ASN A 114 4.68 -14.62 2.93
CA ASN A 114 4.09 -15.89 2.54
C ASN A 114 5.08 -16.77 1.77
N GLY A 115 4.95 -16.76 0.45
CA GLY A 115 5.84 -17.57 -0.41
C GLY A 115 5.25 -17.70 -1.81
N ASP A 116 5.67 -18.74 -2.54
CA ASP A 116 5.18 -18.96 -3.90
C ASP A 116 3.65 -18.99 -3.93
N GLU A 117 3.06 -19.72 -3.01
CA GLU A 117 1.60 -19.83 -2.95
C GLU A 117 1.00 -18.45 -3.17
N ASP A 118 1.67 -17.43 -2.65
CA ASP A 118 1.22 -16.06 -2.81
C ASP A 118 1.56 -15.53 -4.19
N LEU A 119 2.70 -15.98 -4.73
CA LEU A 119 3.12 -15.54 -6.06
C LEU A 119 2.08 -15.96 -7.10
N ASN A 120 1.87 -17.25 -7.21
CA ASN A 120 0.93 -17.78 -8.21
C ASN A 120 -0.43 -17.15 -8.01
N GLN A 121 -0.82 -17.02 -6.75
CA GLN A 121 -2.09 -16.39 -6.46
C GLN A 121 -1.99 -14.97 -6.96
N LYS A 122 -0.82 -14.38 -6.73
CA LYS A 122 -0.58 -13.00 -7.15
C LYS A 122 -0.60 -12.91 -8.67
N PHE A 123 -0.15 -13.96 -9.35
CA PHE A 123 -0.11 -13.97 -10.80
C PHE A 123 -1.52 -13.83 -11.39
N LYS A 124 -2.42 -14.66 -10.91
CA LYS A 124 -3.80 -14.65 -11.41
C LYS A 124 -4.42 -13.28 -11.22
N LEU A 125 -4.21 -12.71 -10.04
CA LEU A 125 -4.73 -11.39 -9.77
C LEU A 125 -3.98 -10.39 -10.63
N MET A 126 -2.68 -10.64 -10.81
CA MET A 126 -1.85 -9.74 -11.58
C MET A 126 -2.36 -9.64 -13.03
N ASP A 127 -2.63 -10.80 -13.64
CA ASP A 127 -3.11 -10.81 -15.02
C ASP A 127 -4.37 -9.96 -15.14
N ASP A 128 -5.28 -10.13 -14.19
CA ASP A 128 -6.52 -9.35 -14.20
C ASP A 128 -6.21 -7.88 -13.97
N PHE A 129 -5.28 -7.63 -13.05
CA PHE A 129 -4.89 -6.26 -12.70
C PHE A 129 -4.30 -5.56 -13.90
N ALA A 130 -3.40 -6.24 -14.59
CA ALA A 130 -2.78 -5.67 -15.76
C ALA A 130 -3.87 -5.40 -16.78
N ARG A 131 -4.82 -6.32 -16.85
CA ARG A 131 -5.93 -6.20 -17.79
C ARG A 131 -6.91 -5.12 -17.33
N TYR A 132 -6.97 -4.91 -16.02
CA TYR A 132 -7.86 -3.92 -15.43
C TYR A 132 -7.29 -2.54 -15.61
N LEU A 133 -6.04 -2.37 -15.19
CA LEU A 133 -5.36 -1.10 -15.34
C LEU A 133 -5.42 -0.75 -16.81
N ASP A 134 -5.09 -1.74 -17.63
CA ASP A 134 -5.14 -1.58 -19.06
C ASP A 134 -6.57 -1.31 -19.49
N LYS A 135 -7.54 -2.02 -18.90
CA LYS A 135 -8.94 -1.77 -19.27
C LYS A 135 -9.35 -0.33 -18.93
N GLN A 136 -8.90 0.13 -17.78
CA GLN A 136 -9.21 1.48 -17.31
C GLN A 136 -8.30 2.51 -17.97
N ARG A 137 -7.17 2.04 -18.50
CA ARG A 137 -6.25 2.94 -19.17
C ARG A 137 -6.87 3.50 -20.43
N ARG A 138 -7.69 2.68 -21.09
CA ARG A 138 -8.35 3.09 -22.32
C ARG A 138 -9.27 4.29 -22.08
N LYS A 139 -9.94 4.29 -20.93
CA LYS A 139 -10.86 5.39 -20.58
C LYS A 139 -10.44 6.06 -19.27
N ARG A 140 -11.31 6.93 -18.76
CA ARG A 140 -11.03 7.65 -17.52
C ARG A 140 -9.89 8.65 -17.71
N ARG A 141 -9.74 9.55 -16.74
CA ARG A 141 -8.69 10.56 -16.83
C ARG A 141 -7.43 10.10 -16.08
N GLU A 142 -7.40 10.31 -14.77
CA GLU A 142 -6.24 9.92 -13.96
C GLU A 142 -6.67 9.13 -12.73
N TYR A 143 -5.72 8.42 -12.13
CA TYR A 143 -6.02 7.62 -10.94
C TYR A 143 -4.76 7.43 -10.09
N ILE A 144 -4.96 7.06 -8.84
CA ILE A 144 -3.85 6.83 -7.92
C ILE A 144 -3.84 5.38 -7.44
N TYR A 145 -2.75 4.69 -7.75
CA TYR A 145 -2.62 3.29 -7.37
C TYR A 145 -1.44 3.13 -6.40
N CYS A 146 -1.75 2.79 -5.16
CA CYS A 146 -0.72 2.58 -4.14
C CYS A 146 -0.85 1.18 -3.57
N GLY A 147 0.16 0.35 -3.78
CA GLY A 147 0.06 -1.03 -3.29
C GLY A 147 1.38 -1.66 -2.93
N SER A 148 1.29 -2.89 -2.46
CA SER A 148 2.46 -3.67 -2.07
C SER A 148 2.49 -4.98 -2.85
N LEU A 149 3.59 -5.20 -3.57
CA LEU A 149 3.76 -6.41 -4.35
C LEU A 149 5.15 -6.99 -4.12
N TYR A 150 5.55 -7.95 -4.95
CA TYR A 150 6.85 -8.58 -4.79
C TYR A 150 7.89 -7.99 -5.74
N VAL A 151 8.03 -6.66 -5.74
CA VAL A 151 9.01 -6.01 -6.63
C VAL A 151 10.10 -5.32 -5.82
N ALA A 152 11.35 -5.61 -6.18
CA ALA A 152 12.50 -5.01 -5.51
C ALA A 152 13.38 -4.32 -6.55
N GLN A 153 13.55 -3.02 -6.40
CA GLN A 153 14.37 -2.25 -7.33
C GLN A 153 15.81 -2.76 -7.32
N GLN A 154 16.31 -3.05 -6.13
CA GLN A 154 17.68 -3.56 -6.00
C GLN A 154 18.70 -2.44 -6.25
N LYS A 155 18.35 -1.52 -7.13
CA LYS A 155 19.24 -0.42 -7.47
C LYS A 155 19.39 0.57 -6.31
N LEU A 156 18.40 0.59 -5.42
CA LEU A 156 18.42 1.50 -4.28
C LEU A 156 18.47 0.72 -2.96
N ASP A 157 18.15 -0.57 -3.05
CA ASP A 157 18.15 -1.43 -1.88
C ASP A 157 18.99 -2.67 -2.16
N ILE A 158 20.08 -2.45 -2.89
CA ILE A 158 20.99 -3.54 -3.24
C ILE A 158 21.41 -4.30 -1.98
N LYS A 159 21.06 -3.78 -0.81
CA LYS A 159 21.40 -4.44 0.43
C LYS A 159 20.42 -5.56 0.71
N ASN A 160 19.15 -5.30 0.43
CA ASN A 160 18.09 -6.26 0.66
C ASN A 160 18.34 -7.58 -0.07
N TRP A 161 19.50 -7.70 -0.72
CA TRP A 161 19.83 -8.90 -1.47
C TRP A 161 19.20 -10.14 -0.85
N ARG A 162 19.27 -10.26 0.47
CA ARG A 162 18.72 -11.42 1.15
C ARG A 162 17.23 -11.61 0.82
N ASP A 163 16.41 -10.57 0.97
CA ASP A 163 14.98 -10.68 0.69
C ASP A 163 14.63 -9.91 -0.59
N SER A 164 15.64 -9.39 -1.26
CA SER A 164 15.44 -8.65 -2.50
C SER A 164 14.58 -9.44 -3.47
N GLN A 165 14.31 -10.69 -3.11
CA GLN A 165 13.52 -11.56 -3.94
C GLN A 165 12.06 -11.50 -3.51
N GLN A 166 11.86 -11.36 -2.21
CA GLN A 166 10.53 -11.30 -1.62
C GLN A 166 9.88 -12.65 -1.75
N SER A 167 10.68 -13.64 -2.17
CA SER A 167 10.18 -15.01 -2.31
C SER A 167 11.36 -15.99 -2.43
N PRO A 168 11.08 -17.27 -2.44
CA PRO A 168 12.16 -18.30 -2.56
C PRO A 168 13.06 -18.07 -3.76
N GLY A 169 14.38 -18.15 -3.54
CA GLY A 169 15.34 -17.96 -4.62
C GLY A 169 15.22 -16.56 -5.23
N PHE A 170 15.67 -16.42 -6.47
CA PHE A 170 15.59 -15.14 -7.17
C PHE A 170 14.31 -15.08 -8.00
N LEU A 171 13.58 -13.97 -7.88
CA LEU A 171 12.34 -13.84 -8.64
C LEU A 171 12.65 -13.68 -10.12
N ALA A 172 11.98 -14.49 -10.90
CA ALA A 172 12.17 -14.48 -12.34
C ALA A 172 11.45 -13.30 -13.01
N PRO A 173 10.16 -13.16 -12.82
CA PRO A 173 9.36 -12.06 -13.44
C PRO A 173 9.54 -10.71 -12.75
N GLU A 174 10.19 -10.70 -11.59
CA GLU A 174 10.40 -9.45 -10.86
C GLU A 174 11.05 -8.40 -11.77
N ARG A 175 12.25 -8.68 -12.23
CA ARG A 175 12.95 -7.74 -13.09
C ARG A 175 12.06 -7.28 -14.24
N ALA A 176 11.36 -8.23 -14.84
CA ALA A 176 10.47 -7.91 -15.96
C ALA A 176 9.22 -7.18 -15.47
N TRP A 177 8.90 -7.32 -14.19
CA TRP A 177 7.71 -6.67 -13.65
C TRP A 177 7.92 -5.17 -13.53
N MET A 178 9.01 -4.78 -12.88
CA MET A 178 9.31 -3.36 -12.71
C MET A 178 9.67 -2.74 -14.04
N ASP A 179 10.41 -3.46 -14.85
CA ASP A 179 10.83 -2.95 -16.15
C ASP A 179 9.60 -2.67 -16.99
N GLU A 180 8.67 -3.60 -16.99
CA GLU A 180 7.46 -3.45 -17.77
C GLU A 180 6.57 -2.35 -17.20
N ILE A 181 6.79 -1.92 -15.95
CA ILE A 181 5.92 -0.90 -15.36
C ILE A 181 6.58 0.50 -15.36
N VAL A 182 7.79 0.59 -14.83
CA VAL A 182 8.50 1.87 -14.72
C VAL A 182 9.50 2.03 -15.83
N GLY A 183 9.96 0.90 -16.32
CA GLY A 183 10.87 0.92 -17.44
C GLY A 183 10.08 1.49 -18.57
N ASN A 184 8.78 1.56 -18.33
CA ASN A 184 7.87 2.15 -19.32
C ASN A 184 8.02 3.66 -19.25
N MET A 185 8.80 4.08 -18.27
CA MET A 185 9.04 5.49 -18.04
C MET A 185 7.70 6.20 -17.99
N GLY A 186 6.66 5.41 -17.76
CA GLY A 186 5.31 5.92 -17.67
C GLY A 186 4.82 5.87 -16.23
N TYR A 187 5.34 4.93 -15.45
CA TYR A 187 4.93 4.83 -14.05
C TYR A 187 5.97 5.50 -13.17
N VAL A 188 5.51 6.39 -12.30
CA VAL A 188 6.41 7.09 -11.40
C VAL A 188 6.55 6.32 -10.09
N ASP A 189 7.73 6.39 -9.51
CA ASP A 189 8.00 5.71 -8.25
C ASP A 189 8.30 6.73 -7.17
N ALA A 190 7.25 7.29 -6.58
CA ALA A 190 7.42 8.30 -5.53
C ALA A 190 8.50 7.87 -4.56
N LEU A 191 8.83 6.59 -4.57
CA LEU A 191 9.86 6.04 -3.70
C LEU A 191 11.21 6.70 -3.97
N ARG A 192 11.74 6.46 -5.17
CA ARG A 192 13.05 6.99 -5.56
C ARG A 192 12.91 8.21 -6.49
N GLU A 193 11.69 8.70 -6.68
CA GLU A 193 11.48 9.84 -7.56
C GLU A 193 11.57 11.15 -6.78
N VAL A 194 11.25 11.09 -5.50
CA VAL A 194 11.26 12.30 -4.67
C VAL A 194 11.97 12.05 -3.33
N SER A 195 11.88 10.82 -2.84
CA SER A 195 12.51 10.45 -1.58
C SER A 195 13.61 9.42 -1.82
N ARG A 196 14.51 9.27 -0.85
CA ARG A 196 15.61 8.32 -1.00
C ARG A 196 15.75 7.45 0.25
N GLU A 197 15.90 6.14 0.04
CA GLU A 197 16.05 5.22 1.16
C GLU A 197 17.54 4.92 1.40
N GLY A 198 18.39 5.47 0.56
CA GLY A 198 19.83 5.26 0.69
C GLY A 198 20.33 5.73 2.06
N ASP A 199 19.79 6.84 2.53
CA ASP A 199 20.19 7.38 3.82
C ASP A 199 19.76 6.44 4.94
N GLN A 200 20.44 5.30 5.03
CA GLN A 200 20.13 4.30 6.05
C GLN A 200 20.45 4.82 7.44
N TYR A 201 19.54 4.54 8.38
CA TYR A 201 19.71 4.95 9.77
C TYR A 201 18.67 4.26 10.64
N SER A 202 19.12 3.59 11.69
CA SER A 202 18.21 2.88 12.57
C SER A 202 18.85 2.62 13.93
N TRP A 203 18.35 3.29 14.95
CA TRP A 203 18.86 3.12 16.30
C TRP A 203 18.44 1.76 16.86
N TRP A 204 19.45 0.92 17.13
CA TRP A 204 19.24 -0.44 17.67
C TRP A 204 17.81 -0.67 18.15
N PRO A 205 16.89 -0.93 17.24
CA PRO A 205 15.46 -1.18 17.58
C PRO A 205 15.24 -2.62 18.03
N ASP A 206 13.99 -2.93 18.40
CA ASP A 206 13.65 -4.28 18.85
C ASP A 206 14.39 -5.35 18.06
N ASN A 207 13.75 -5.87 17.01
CA ASN A 207 14.39 -6.90 16.19
C ASN A 207 13.69 -7.04 14.84
N GLU A 208 12.37 -7.21 14.87
CA GLU A 208 11.59 -7.39 13.64
C GLU A 208 12.04 -6.40 12.57
N GLN A 209 12.46 -5.22 13.00
CA GLN A 209 12.91 -4.19 12.06
C GLN A 209 13.71 -4.79 10.92
N ALA A 210 14.27 -5.98 11.15
CA ALA A 210 15.06 -6.67 10.13
C ALA A 210 14.46 -6.43 8.77
N GLU A 211 13.14 -6.22 8.75
CA GLU A 211 12.46 -5.92 7.50
C GLU A 211 12.72 -4.47 7.14
N MET A 212 11.87 -3.57 7.62
CA MET A 212 12.01 -2.15 7.33
C MET A 212 13.43 -1.63 7.51
N LEU A 213 14.32 -2.47 8.04
CA LEU A 213 15.72 -2.05 8.23
C LEU A 213 16.38 -1.72 6.89
N ASN A 214 15.57 -1.55 5.85
CA ASN A 214 16.09 -1.26 4.52
C ASN A 214 16.78 -2.51 3.99
N LEU A 215 16.28 -3.66 4.44
CA LEU A 215 16.82 -4.95 4.02
C LEU A 215 15.72 -5.84 3.45
N GLY A 216 14.48 -5.55 3.86
CA GLY A 216 13.35 -6.32 3.37
C GLY A 216 12.04 -5.73 3.84
N TRP A 217 11.61 -4.63 3.22
CA TRP A 217 10.36 -4.00 3.61
C TRP A 217 9.20 -4.65 2.88
N ARG A 218 7.98 -4.24 3.21
CA ARG A 218 6.81 -4.80 2.57
C ARG A 218 6.86 -4.56 1.06
N PHE A 219 7.81 -3.74 0.62
CA PHE A 219 7.94 -3.43 -0.80
C PHE A 219 6.65 -2.83 -1.33
N ASP A 220 6.57 -1.51 -1.34
CA ASP A 220 5.38 -0.83 -1.83
C ASP A 220 5.75 0.52 -2.42
N TYR A 221 4.82 1.11 -3.17
CA TYR A 221 5.08 2.40 -3.79
C TYR A 221 3.78 3.12 -4.15
N GLN A 222 3.93 4.40 -4.50
CA GLN A 222 2.81 5.23 -4.88
C GLN A 222 2.86 5.49 -6.38
N LEU A 223 1.96 4.87 -7.12
CA LEU A 223 1.92 5.04 -8.56
C LEU A 223 0.86 6.06 -8.93
N LEU A 224 1.27 7.06 -9.69
CA LEU A 224 0.37 8.12 -10.12
C LEU A 224 0.18 8.11 -11.61
N THR A 225 -0.77 8.91 -12.08
CA THR A 225 -1.05 9.00 -13.50
C THR A 225 -0.43 10.28 -14.05
N PRO A 226 -0.18 10.34 -15.33
CA PRO A 226 0.41 11.54 -15.97
C PRO A 226 -0.49 12.76 -15.80
N GLY A 227 -1.53 12.63 -14.98
CA GLY A 227 -2.45 13.74 -14.75
C GLY A 227 -1.97 14.61 -13.59
N LEU A 228 -1.37 13.96 -12.60
CA LEU A 228 -0.85 14.66 -11.44
C LEU A 228 0.61 14.30 -11.18
N ARG A 229 1.09 13.23 -11.83
CA ARG A 229 2.46 12.77 -11.65
C ARG A 229 3.44 13.92 -11.42
N ARG A 230 3.34 14.96 -12.23
CA ARG A 230 4.24 16.10 -12.09
C ARG A 230 3.73 17.06 -11.01
N PHE A 231 3.07 16.50 -10.01
CA PHE A 231 2.53 17.31 -8.92
C PHE A 231 2.73 16.61 -7.58
N VAL A 232 3.94 16.13 -7.32
CA VAL A 232 4.23 15.46 -6.05
C VAL A 232 4.96 16.43 -5.12
N ARG A 233 4.28 16.82 -4.05
CA ARG A 233 4.85 17.77 -3.09
C ARG A 233 5.98 17.14 -2.26
N SER A 234 5.83 15.87 -1.89
CA SER A 234 6.85 15.22 -1.08
C SER A 234 6.50 13.75 -0.86
N ALA A 235 7.36 13.05 -0.13
CA ALA A 235 7.16 11.64 0.19
C ALA A 235 7.98 11.29 1.42
N ARG A 236 7.32 11.14 2.56
CA ARG A 236 8.04 10.81 3.77
C ARG A 236 8.04 9.30 4.01
N LEU A 237 9.23 8.71 3.97
CA LEU A 237 9.38 7.28 4.17
C LEU A 237 10.43 7.01 5.25
N PRO A 238 10.16 7.41 6.47
CA PRO A 238 11.10 7.21 7.60
C PRO A 238 11.16 5.74 8.04
N ARG A 239 12.30 5.37 8.62
CA ARG A 239 12.50 3.99 9.09
C ARG A 239 12.77 3.99 10.59
N GLN A 240 12.47 5.11 11.24
CA GLN A 240 12.67 5.23 12.67
C GLN A 240 11.87 4.16 13.42
N PRO A 241 12.23 3.85 14.63
CA PRO A 241 11.51 2.82 15.43
C PRO A 241 10.04 3.21 15.61
N ARG A 242 9.17 2.21 15.54
CA ARG A 242 7.74 2.45 15.67
C ARG A 242 7.38 2.73 17.12
N PHE A 243 7.74 3.92 17.57
CA PHE A 243 7.44 4.33 18.94
C PHE A 243 7.19 5.84 18.98
N SER A 244 6.02 6.24 18.50
CA SER A 244 5.64 7.65 18.48
C SER A 244 6.74 8.53 17.90
N GLN A 245 7.78 7.91 17.35
CA GLN A 245 8.89 8.66 16.76
C GLN A 245 8.85 8.60 15.24
N HIS A 246 8.64 7.41 14.70
CA HIS A 246 8.59 7.24 13.26
C HIS A 246 7.20 7.53 12.72
N ALA A 247 7.09 7.64 11.40
CA ALA A 247 5.80 7.91 10.76
C ALA A 247 5.53 6.90 9.65
N PRO A 248 4.28 6.68 9.31
CA PRO A 248 3.88 5.73 8.23
C PRO A 248 4.21 6.28 6.84
N LEU A 249 4.02 5.44 5.83
CA LEU A 249 4.30 5.87 4.46
C LEU A 249 3.37 7.04 4.10
N ILE A 250 3.91 8.26 4.14
CA ILE A 250 3.11 9.45 3.80
C ILE A 250 3.52 10.00 2.45
N VAL A 251 2.53 10.40 1.67
CA VAL A 251 2.78 10.98 0.36
C VAL A 251 2.05 12.31 0.26
N ASP A 252 2.82 13.37 0.00
CA ASP A 252 2.26 14.71 -0.11
C ASP A 252 1.95 15.03 -1.57
N TYR A 253 0.72 15.42 -1.82
CA TYR A 253 0.27 15.76 -3.17
C TYR A 253 -1.14 16.31 -3.09
N ASP A 254 -1.58 17.02 -4.13
CA ASP A 254 -2.92 17.60 -4.12
C ASP A 254 -3.91 16.62 -3.49
N TRP A 255 -4.51 17.02 -2.37
CA TRP A 255 -5.45 16.16 -1.65
C TRP A 255 -6.81 16.82 -1.49
N THR A 256 -7.66 16.23 -0.66
CA THR A 256 -8.99 16.78 -0.43
C THR A 256 -9.84 16.63 -1.69
N LEU A 257 -10.76 15.66 -1.66
CA LEU A 257 -11.64 15.43 -2.80
C LEU A 257 -13.06 15.89 -2.49
N THR A 258 -13.89 15.94 -3.52
CA THR A 258 -15.28 16.37 -3.36
C THR A 258 -16.23 15.40 -4.07
N ILE A 259 -17.47 15.34 -3.57
CA ILE A 259 -18.48 14.47 -4.17
C ILE A 259 -19.83 15.17 -4.19
N MET A 1 -2.07 15.31 -2.75
CA MET A 1 -2.74 14.08 -2.22
C MET A 1 -1.95 13.56 -1.03
N ARG A 2 -2.64 13.38 0.10
CA ARG A 2 -1.98 12.86 1.30
C ARG A 2 -2.27 11.37 1.45
N ILE A 3 -1.34 10.54 0.99
CA ILE A 3 -1.52 9.08 1.06
C ILE A 3 -0.50 8.43 1.98
N ILE A 4 -0.96 7.46 2.76
CA ILE A 4 -0.10 6.75 3.70
C ILE A 4 -0.19 5.25 3.45
N SER A 5 0.94 4.54 3.60
CA SER A 5 0.94 3.10 3.36
C SER A 5 1.79 2.38 4.41
N VAL A 6 1.40 1.15 4.72
CA VAL A 6 2.10 0.34 5.70
C VAL A 6 1.40 -1.00 5.92
N ASN A 7 2.17 -2.00 6.32
CA ASN A 7 1.62 -3.34 6.56
C ASN A 7 1.85 -3.73 8.02
N VAL A 8 0.82 -4.26 8.67
CA VAL A 8 0.95 -4.67 10.07
C VAL A 8 0.35 -6.06 10.32
N ASN A 9 0.79 -6.70 11.40
CA ASN A 9 0.27 -8.01 11.75
C ASN A 9 -1.03 -7.81 12.53
N GLY A 10 -1.89 -6.98 11.96
CA GLY A 10 -3.17 -6.66 12.59
C GLY A 10 -3.29 -5.16 12.76
N ILE A 11 -4.34 -4.60 12.18
CA ILE A 11 -4.61 -3.17 12.22
C ILE A 11 -4.49 -2.66 13.64
N GLN A 12 -4.74 -3.58 14.52
CA GLN A 12 -4.72 -3.37 15.95
C GLN A 12 -3.32 -3.06 16.33
N THR A 13 -2.45 -3.74 15.63
CA THR A 13 -1.03 -3.58 15.87
C THR A 13 -0.63 -2.24 15.30
N ALA A 14 -1.36 -1.82 14.28
CA ALA A 14 -1.02 -0.53 13.65
C ALA A 14 -1.26 0.61 14.62
N VAL A 15 -2.40 0.54 15.26
CA VAL A 15 -2.80 1.55 16.23
C VAL A 15 -1.88 1.48 17.44
N GLU A 16 -1.43 0.28 17.80
CA GLU A 16 -0.54 0.14 18.95
C GLU A 16 0.84 0.62 18.57
N ARG A 17 1.00 0.87 17.28
CA ARG A 17 2.28 1.34 16.77
C ARG A 17 2.34 2.87 16.80
N GLY A 18 1.16 3.48 16.77
CA GLY A 18 1.07 4.94 16.80
C GLY A 18 0.52 5.48 15.49
N LEU A 19 0.19 4.59 14.58
CA LEU A 19 -0.35 4.98 13.28
C LEU A 19 -1.63 5.78 13.46
N LEU A 20 -2.44 5.37 14.44
CA LEU A 20 -3.69 6.05 14.73
C LEU A 20 -3.41 7.47 15.16
N SER A 21 -2.46 7.61 16.07
CA SER A 21 -2.09 8.92 16.56
C SER A 21 -1.46 9.74 15.44
N TRP A 22 -0.70 9.07 14.57
CA TRP A 22 -0.04 9.79 13.47
C TRP A 22 -1.02 10.06 12.33
N LEU A 23 -2.07 9.25 12.27
CA LEU A 23 -3.08 9.38 11.23
C LEU A 23 -3.85 10.70 11.37
N GLN A 24 -4.39 10.94 12.55
CA GLN A 24 -5.16 12.13 12.81
C GLN A 24 -4.26 13.33 12.75
N ALA A 25 -3.04 13.08 13.17
CA ALA A 25 -2.02 14.10 13.16
C ALA A 25 -1.79 14.60 11.75
N GLN A 26 -2.05 13.73 10.77
CA GLN A 26 -1.84 14.08 9.37
C GLN A 26 -3.14 14.10 8.58
N ASN A 27 -4.18 13.49 9.14
CA ASN A 27 -5.47 13.44 8.46
C ASN A 27 -5.28 13.29 6.96
N ALA A 28 -4.65 12.17 6.57
CA ALA A 28 -4.38 11.92 5.15
C ALA A 28 -5.66 11.72 4.35
N ASP A 29 -5.52 11.66 3.03
CA ASP A 29 -6.69 11.48 2.17
C ASP A 29 -7.04 10.01 2.03
N VAL A 30 -6.05 9.14 2.17
CA VAL A 30 -6.28 7.71 2.03
C VAL A 30 -5.20 6.89 2.76
N ILE A 31 -5.65 6.03 3.68
CA ILE A 31 -4.71 5.17 4.41
C ILE A 31 -4.89 3.74 3.95
N CYS A 32 -3.81 3.15 3.43
CA CYS A 32 -3.85 1.76 2.97
C CYS A 32 -3.11 0.86 3.95
N LEU A 33 -3.87 -0.01 4.62
CA LEU A 33 -3.28 -0.95 5.58
C LEU A 33 -3.48 -2.39 5.13
N GLN A 34 -2.39 -3.15 5.22
CA GLN A 34 -2.39 -4.56 4.82
C GLN A 34 -2.45 -5.47 6.05
N ASP A 35 -3.02 -6.66 5.87
CA ASP A 35 -3.13 -7.61 6.98
C ASP A 35 -3.77 -6.93 8.18
N THR A 36 -5.00 -6.50 8.00
CA THR A 36 -5.74 -5.83 9.06
C THR A 36 -6.16 -6.83 10.14
N ARG A 37 -6.44 -8.06 9.72
CA ARG A 37 -6.86 -9.11 10.65
C ARG A 37 -8.06 -8.66 11.51
N ALA A 38 -8.54 -7.44 11.27
CA ALA A 38 -9.69 -6.91 12.00
C ALA A 38 -10.97 -7.45 11.39
N SER A 39 -12.12 -7.11 11.98
CA SER A 39 -13.37 -7.59 11.43
C SER A 39 -13.77 -6.73 10.26
N ALA A 40 -14.85 -7.10 9.60
CA ALA A 40 -15.35 -6.36 8.46
C ALA A 40 -16.24 -5.23 8.92
N PHE A 41 -16.55 -5.21 10.22
CA PHE A 41 -17.42 -4.18 10.75
C PHE A 41 -17.19 -3.94 12.25
N GLU A 42 -16.02 -4.34 12.75
CA GLU A 42 -15.71 -4.11 14.17
C GLU A 42 -14.74 -2.96 14.25
N LEU A 43 -14.11 -2.73 13.13
CA LEU A 43 -13.11 -1.70 12.98
C LEU A 43 -13.70 -0.30 13.13
N ASP A 44 -14.76 -0.03 12.39
CA ASP A 44 -15.39 1.28 12.46
C ASP A 44 -15.90 1.56 13.86
N ASP A 45 -15.75 0.60 14.76
CA ASP A 45 -16.22 0.80 16.13
C ASP A 45 -15.65 2.11 16.68
N PRO A 46 -16.41 2.84 17.49
CA PRO A 46 -15.93 4.15 18.07
C PRO A 46 -14.52 4.04 18.64
N ALA A 47 -14.09 2.82 18.92
CA ALA A 47 -12.76 2.60 19.49
C ALA A 47 -11.67 3.10 18.55
N TYR A 48 -11.88 2.88 17.25
CA TYR A 48 -10.90 3.30 16.26
C TYR A 48 -11.11 4.76 15.86
N GLN A 49 -12.17 5.38 16.38
CA GLN A 49 -12.45 6.77 16.08
C GLN A 49 -11.31 7.65 16.59
N LEU A 50 -10.94 8.67 15.81
CA LEU A 50 -9.86 9.58 16.19
C LEU A 50 -10.37 11.00 16.32
N ASP A 51 -9.74 11.90 15.57
CA ASP A 51 -10.14 13.31 15.58
C ASP A 51 -11.45 13.47 14.85
N GLY A 52 -11.56 12.80 13.71
CA GLY A 52 -12.78 12.88 12.92
C GLY A 52 -12.58 12.35 11.51
N TYR A 53 -12.91 11.07 11.32
CA TYR A 53 -12.77 10.46 10.00
C TYR A 53 -13.82 9.38 9.75
N PHE A 54 -14.08 9.11 8.47
CA PHE A 54 -15.04 8.08 8.08
C PHE A 54 -14.28 6.86 7.58
N LEU A 55 -14.74 5.66 7.94
CA LEU A 55 -14.05 4.44 7.53
C LEU A 55 -14.69 3.80 6.31
N TYR A 56 -13.86 3.53 5.30
CA TYR A 56 -14.33 2.89 4.09
C TYR A 56 -13.37 1.77 3.69
N ALA A 57 -13.83 0.54 3.76
CA ALA A 57 -12.96 -0.58 3.41
C ALA A 57 -13.65 -1.91 3.68
N CYS A 58 -13.12 -2.96 3.07
CA CYS A 58 -13.72 -4.28 3.24
C CYS A 58 -12.71 -5.30 3.69
N GLU A 59 -13.22 -6.45 4.13
CA GLU A 59 -12.35 -7.51 4.60
C GLU A 59 -12.89 -8.87 4.20
N ALA A 60 -11.98 -9.87 4.09
CA ALA A 60 -12.39 -11.20 3.69
C ALA A 60 -12.18 -12.21 4.80
N GLU A 61 -11.05 -12.92 4.72
CA GLU A 61 -10.72 -13.93 5.72
C GLU A 61 -9.65 -13.37 6.62
N VAL A 62 -9.82 -12.09 6.90
CA VAL A 62 -8.89 -11.31 7.70
C VAL A 62 -8.04 -12.15 8.66
N PRO A 63 -8.61 -12.89 9.58
CA PRO A 63 -7.80 -13.72 10.52
C PRO A 63 -6.79 -14.58 9.76
N ALA A 64 -6.87 -14.54 8.44
CA ALA A 64 -5.97 -15.31 7.59
C ALA A 64 -4.99 -14.39 6.86
N GLN A 65 -5.51 -13.40 6.10
CA GLN A 65 -4.65 -12.45 5.36
C GLN A 65 -5.45 -11.72 4.26
N GLY A 66 -6.74 -11.52 4.48
CA GLY A 66 -7.58 -10.82 3.52
C GLY A 66 -8.23 -9.63 4.21
N GLY A 67 -7.74 -8.43 3.91
CA GLY A 67 -8.27 -7.23 4.53
C GLY A 67 -7.67 -5.99 3.88
N VAL A 68 -8.53 -5.10 3.39
CA VAL A 68 -8.07 -3.88 2.76
C VAL A 68 -8.70 -2.68 3.47
N ALA A 69 -7.85 -1.93 4.18
CA ALA A 69 -8.31 -0.78 4.96
C ALA A 69 -8.08 0.54 4.23
N LEU A 70 -9.16 1.33 4.06
CA LEU A 70 -9.03 2.62 3.39
C LEU A 70 -9.76 3.71 4.16
N TYR A 71 -9.01 4.51 4.91
CA TYR A 71 -9.65 5.59 5.66
C TYR A 71 -9.72 6.85 4.82
N SER A 72 -10.82 7.58 4.91
CA SER A 72 -10.96 8.81 4.15
C SER A 72 -11.48 9.96 5.01
N ARG A 73 -11.02 11.17 4.72
CA ARG A 73 -11.48 12.35 5.45
C ARG A 73 -12.74 12.84 4.78
N LEU A 74 -13.07 12.19 3.67
CA LEU A 74 -14.25 12.50 2.89
C LEU A 74 -15.17 11.28 2.87
N GLN A 75 -16.26 11.38 2.11
CA GLN A 75 -17.21 10.27 2.03
C GLN A 75 -17.16 9.61 0.65
N PRO A 76 -16.17 8.77 0.38
CA PRO A 76 -16.07 8.08 -0.93
C PRO A 76 -17.42 7.57 -1.40
N LYS A 77 -17.50 7.24 -2.68
CA LYS A 77 -18.75 6.75 -3.26
C LYS A 77 -18.53 5.38 -3.87
N ALA A 78 -17.41 5.25 -4.57
CA ALA A 78 -17.06 3.99 -5.22
C ALA A 78 -16.26 3.10 -4.29
N VAL A 79 -16.93 2.12 -3.66
CA VAL A 79 -16.25 1.22 -2.74
C VAL A 79 -16.32 -0.21 -3.28
N ILE A 80 -15.23 -0.67 -3.89
CA ILE A 80 -15.18 -2.03 -4.44
C ILE A 80 -14.50 -2.94 -3.48
N THR A 81 -15.30 -3.81 -2.88
CA THR A 81 -14.78 -4.76 -1.93
C THR A 81 -14.30 -5.98 -2.67
N GLY A 82 -13.44 -5.75 -3.65
CA GLY A 82 -12.90 -6.85 -4.43
C GLY A 82 -13.60 -6.95 -5.79
N LEU A 83 -14.15 -8.12 -6.08
CA LEU A 83 -14.85 -8.33 -7.34
C LEU A 83 -16.36 -8.34 -7.11
N GLY A 84 -16.80 -9.02 -6.06
CA GLY A 84 -18.23 -9.08 -5.76
C GLY A 84 -18.53 -10.16 -4.71
N PHE A 85 -18.65 -9.74 -3.46
CA PHE A 85 -18.96 -10.66 -2.36
C PHE A 85 -18.07 -11.91 -2.40
N GLU A 86 -18.48 -12.89 -3.21
CA GLU A 86 -17.74 -14.14 -3.31
C GLU A 86 -16.24 -13.90 -3.32
N THR A 87 -15.82 -12.75 -3.85
CA THR A 87 -14.41 -12.40 -3.86
C THR A 87 -14.07 -11.55 -2.64
N ALA A 88 -14.99 -10.68 -2.27
CA ALA A 88 -14.81 -9.79 -1.12
C ALA A 88 -14.65 -10.60 0.15
N ASP A 89 -15.15 -11.82 0.13
CA ASP A 89 -15.11 -12.71 1.29
C ASP A 89 -13.83 -13.54 1.33
N ARG A 90 -12.96 -13.41 0.32
CA ARG A 90 -11.73 -14.22 0.30
C ARG A 90 -10.50 -13.36 0.05
N TYR A 91 -10.62 -12.37 -0.82
CA TYR A 91 -9.50 -11.51 -1.14
C TYR A 91 -9.27 -10.47 -0.05
N GLY A 92 -10.20 -9.55 0.10
CA GLY A 92 -10.05 -8.49 1.08
C GLY A 92 -8.79 -7.71 0.75
N ARG A 93 -8.26 -8.02 -0.43
CA ARG A 93 -7.04 -7.42 -0.90
C ARG A 93 -7.25 -6.60 -2.17
N TYR A 94 -8.48 -6.17 -2.48
CA TYR A 94 -8.66 -5.38 -3.69
C TYR A 94 -9.81 -4.41 -3.49
N LEU A 95 -9.48 -3.12 -3.32
CA LEU A 95 -10.53 -2.13 -3.13
C LEU A 95 -10.35 -0.91 -4.00
N GLN A 96 -11.20 -0.81 -5.00
CA GLN A 96 -11.15 0.34 -5.91
C GLN A 96 -11.91 1.51 -5.29
N ALA A 97 -11.21 2.65 -5.13
CA ALA A 97 -11.82 3.82 -4.52
C ALA A 97 -11.98 4.95 -5.54
N ASP A 98 -13.13 5.61 -5.53
CA ASP A 98 -13.35 6.72 -6.45
C ASP A 98 -14.27 7.77 -5.85
N PHE A 99 -13.96 9.04 -6.13
CA PHE A 99 -14.77 10.14 -5.61
C PHE A 99 -15.62 10.72 -6.73
N ASP A 100 -14.99 11.04 -7.85
CA ASP A 100 -15.72 11.61 -8.98
C ASP A 100 -15.02 11.29 -10.30
N LYS A 101 -14.01 12.10 -10.64
CA LYS A 101 -13.27 11.90 -11.87
C LYS A 101 -11.90 11.27 -11.61
N VAL A 102 -11.46 11.31 -10.36
CA VAL A 102 -10.16 10.73 -10.00
C VAL A 102 -10.35 9.37 -9.37
N SER A 103 -9.79 8.34 -10.01
CA SER A 103 -9.92 6.98 -9.49
C SER A 103 -8.65 6.55 -8.76
N ILE A 104 -8.81 6.08 -7.53
CA ILE A 104 -7.69 5.63 -6.73
C ILE A 104 -7.95 4.21 -6.24
N ALA A 105 -7.09 3.29 -6.64
CA ALA A 105 -7.24 1.90 -6.24
C ALA A 105 -6.13 1.48 -5.29
N THR A 106 -6.49 0.66 -4.31
CA THR A 106 -5.51 0.20 -3.33
C THR A 106 -5.40 -1.32 -3.36
N LEU A 107 -4.23 -1.80 -3.74
CA LEU A 107 -4.01 -3.25 -3.82
C LEU A 107 -2.89 -3.67 -2.88
N LEU A 108 -3.26 -4.35 -1.81
CA LEU A 108 -2.27 -4.85 -0.85
C LEU A 108 -2.44 -6.36 -0.65
N LEU A 109 -1.31 -7.03 -0.42
CA LEU A 109 -1.31 -8.48 -0.22
C LEU A 109 0.11 -8.99 0.07
N PRO A 110 0.34 -9.70 1.16
CA PRO A 110 1.69 -10.24 1.49
C PRO A 110 1.97 -11.55 0.74
N SER A 111 3.08 -11.60 0.02
CA SER A 111 3.45 -12.79 -0.73
C SER A 111 4.63 -13.51 -0.08
N GLY A 112 5.52 -12.74 0.53
CA GLY A 112 6.70 -13.31 1.18
C GLY A 112 6.29 -14.23 2.31
N GLN A 113 5.30 -13.82 3.09
CA GLN A 113 4.81 -14.62 4.19
C GLN A 113 4.05 -15.84 3.66
N ASN A 114 3.56 -15.72 2.43
CA ASN A 114 2.81 -16.82 1.82
C ASN A 114 3.68 -17.69 0.91
N GLY A 115 4.98 -17.39 0.87
CA GLY A 115 5.90 -18.16 0.04
C GLY A 115 5.84 -17.73 -1.43
N ASP A 116 6.75 -18.27 -2.24
CA ASP A 116 6.78 -17.93 -3.66
C ASP A 116 5.58 -18.53 -4.40
N GLU A 117 5.26 -19.78 -4.09
CA GLU A 117 4.14 -20.45 -4.75
C GLU A 117 2.94 -19.52 -4.81
N ASP A 118 2.87 -18.62 -3.84
CA ASP A 118 1.78 -17.64 -3.80
C ASP A 118 1.97 -16.60 -4.90
N LEU A 119 3.22 -16.25 -5.16
CA LEU A 119 3.53 -15.26 -6.18
C LEU A 119 2.98 -15.70 -7.53
N ASN A 120 3.29 -16.92 -7.94
CA ASN A 120 2.84 -17.44 -9.23
C ASN A 120 1.33 -17.44 -9.29
N GLN A 121 0.69 -17.92 -8.24
CA GLN A 121 -0.75 -17.91 -8.23
C GLN A 121 -1.20 -16.47 -8.38
N LYS A 122 -0.45 -15.58 -7.73
CA LYS A 122 -0.76 -14.16 -7.80
C LYS A 122 -0.34 -13.58 -9.15
N PHE A 123 0.55 -14.27 -9.85
CA PHE A 123 0.99 -13.80 -11.15
C PHE A 123 -0.18 -13.85 -12.13
N LYS A 124 -0.92 -14.96 -12.09
CA LYS A 124 -2.07 -15.13 -12.96
C LYS A 124 -3.11 -14.08 -12.63
N LEU A 125 -3.38 -13.93 -11.34
CA LEU A 125 -4.33 -12.93 -10.91
C LEU A 125 -3.82 -11.56 -11.34
N MET A 126 -2.52 -11.37 -11.17
CA MET A 126 -1.88 -10.11 -11.54
C MET A 126 -2.08 -9.81 -13.01
N ASP A 127 -1.96 -10.84 -13.85
CA ASP A 127 -2.13 -10.66 -15.28
C ASP A 127 -3.47 -10.01 -15.57
N ASP A 128 -4.52 -10.52 -14.94
CA ASP A 128 -5.86 -9.95 -15.12
C ASP A 128 -5.90 -8.53 -14.59
N PHE A 129 -5.24 -8.30 -13.46
CA PHE A 129 -5.21 -7.00 -12.83
C PHE A 129 -4.56 -5.99 -13.76
N ALA A 130 -3.44 -6.39 -14.35
CA ALA A 130 -2.72 -5.53 -15.26
C ALA A 130 -3.63 -5.19 -16.43
N ARG A 131 -4.51 -6.13 -16.76
CA ARG A 131 -5.46 -5.93 -17.84
C ARG A 131 -6.54 -4.96 -17.38
N TYR A 132 -6.77 -4.92 -16.07
CA TYR A 132 -7.77 -4.04 -15.47
C TYR A 132 -7.23 -2.63 -15.39
N LEU A 133 -6.06 -2.49 -14.78
CA LEU A 133 -5.42 -1.19 -14.67
C LEU A 133 -5.24 -0.67 -16.08
N ASP A 134 -4.74 -1.55 -16.94
CA ASP A 134 -4.54 -1.21 -18.33
C ASP A 134 -5.89 -0.92 -18.98
N LYS A 135 -6.90 -1.74 -18.68
CA LYS A 135 -8.22 -1.49 -19.29
C LYS A 135 -8.77 -0.13 -18.85
N GLN A 136 -8.59 0.21 -17.58
CA GLN A 136 -9.08 1.46 -17.04
C GLN A 136 -8.13 2.61 -17.38
N ARG A 137 -6.93 2.28 -17.80
CA ARG A 137 -5.95 3.29 -18.19
C ARG A 137 -6.39 3.94 -19.49
N ARG A 138 -7.05 3.16 -20.32
CA ARG A 138 -7.53 3.65 -21.61
C ARG A 138 -8.49 4.82 -21.41
N LYS A 139 -9.35 4.73 -20.39
CA LYS A 139 -10.30 5.79 -20.11
C LYS A 139 -9.89 6.59 -18.88
N ARG A 140 -10.81 7.40 -18.36
CA ARG A 140 -10.54 8.21 -17.18
C ARG A 140 -9.39 9.18 -17.44
N ARG A 141 -9.24 10.18 -16.57
CA ARG A 141 -8.18 11.17 -16.73
C ARG A 141 -6.98 10.81 -15.88
N GLU A 142 -7.06 11.13 -14.59
CA GLU A 142 -5.95 10.84 -13.67
C GLU A 142 -6.31 9.64 -12.79
N TYR A 143 -5.30 8.88 -12.37
CA TYR A 143 -5.55 7.71 -11.53
C TYR A 143 -4.33 7.40 -10.67
N ILE A 144 -4.56 6.85 -9.49
CA ILE A 144 -3.47 6.51 -8.58
C ILE A 144 -3.62 5.09 -8.03
N TYR A 145 -2.68 4.24 -8.38
CA TYR A 145 -2.68 2.88 -7.91
C TYR A 145 -1.73 2.74 -6.74
N CYS A 146 -2.26 2.36 -5.59
CA CYS A 146 -1.43 2.20 -4.42
C CYS A 146 -0.76 0.84 -4.48
N GLY A 147 0.48 0.81 -4.94
CA GLY A 147 1.19 -0.43 -5.04
C GLY A 147 1.64 -0.89 -3.67
N SER A 148 1.10 -2.01 -3.22
CA SER A 148 1.44 -2.56 -1.93
C SER A 148 1.58 -4.08 -2.08
N LEU A 149 2.30 -4.47 -3.11
CA LEU A 149 2.53 -5.86 -3.41
C LEU A 149 3.98 -6.21 -3.13
N TYR A 150 4.43 -7.37 -3.58
CA TYR A 150 5.80 -7.78 -3.35
C TYR A 150 6.68 -7.40 -4.55
N VAL A 151 6.62 -6.12 -4.93
CA VAL A 151 7.42 -5.64 -6.06
C VAL A 151 8.41 -4.58 -5.58
N ALA A 152 9.70 -4.86 -5.78
CA ALA A 152 10.76 -3.94 -5.41
C ALA A 152 11.47 -3.48 -6.67
N GLN A 153 11.42 -2.18 -6.94
CA GLN A 153 12.05 -1.64 -8.15
C GLN A 153 13.44 -2.23 -8.37
N GLN A 154 14.31 -2.11 -7.37
CA GLN A 154 15.67 -2.63 -7.49
C GLN A 154 16.43 -2.45 -6.19
N LYS A 155 17.74 -2.23 -6.29
CA LYS A 155 18.57 -2.02 -5.11
C LYS A 155 18.03 -0.87 -4.29
N LEU A 156 17.09 -0.13 -4.87
CA LEU A 156 16.49 1.00 -4.18
C LEU A 156 15.33 0.53 -3.32
N ASP A 157 15.16 -0.79 -3.22
CA ASP A 157 14.08 -1.35 -2.44
C ASP A 157 14.48 -2.69 -1.81
N ILE A 158 15.32 -3.45 -2.51
CA ILE A 158 15.76 -4.75 -2.01
C ILE A 158 17.20 -4.71 -1.51
N LYS A 159 17.41 -4.07 -0.36
CA LYS A 159 18.76 -4.00 0.22
C LYS A 159 18.95 -5.14 1.21
N ASN A 160 17.84 -5.66 1.72
CA ASN A 160 17.87 -6.76 2.67
C ASN A 160 17.00 -7.91 2.17
N TRP A 161 15.89 -7.55 1.52
CA TRP A 161 14.96 -8.54 0.99
C TRP A 161 15.65 -9.40 -0.08
N ARG A 162 16.95 -9.17 -0.25
CA ARG A 162 17.77 -9.92 -1.20
C ARG A 162 17.95 -11.35 -0.69
N ASP A 163 17.07 -11.79 0.21
CA ASP A 163 17.15 -13.13 0.77
C ASP A 163 16.41 -14.12 -0.14
N SER A 164 16.29 -13.79 -1.42
CA SER A 164 15.61 -14.65 -2.39
C SER A 164 14.11 -14.37 -2.42
N GLN A 165 13.62 -13.64 -1.44
CA GLN A 165 12.20 -13.32 -1.38
C GLN A 165 11.81 -12.34 -2.48
N GLN A 166 12.64 -11.33 -2.68
CA GLN A 166 12.40 -10.33 -3.72
C GLN A 166 13.70 -9.95 -4.40
N SER A 167 14.57 -10.94 -4.57
CA SER A 167 15.87 -10.68 -5.21
C SER A 167 15.78 -10.85 -6.73
N PRO A 168 16.68 -10.23 -7.47
CA PRO A 168 16.70 -10.33 -8.96
C PRO A 168 17.16 -11.70 -9.44
N GLY A 169 16.77 -12.07 -10.66
CA GLY A 169 17.15 -13.35 -11.21
C GLY A 169 16.37 -14.48 -10.56
N PHE A 170 16.35 -14.48 -9.23
CA PHE A 170 15.62 -15.50 -8.49
C PHE A 170 14.12 -15.38 -8.76
N LEU A 171 13.65 -14.14 -8.88
CA LEU A 171 12.24 -13.90 -9.13
C LEU A 171 11.98 -13.89 -10.62
N ALA A 172 10.97 -14.64 -11.03
CA ALA A 172 10.60 -14.76 -12.42
C ALA A 172 9.85 -13.52 -12.93
N PRO A 173 8.79 -13.12 -12.26
CA PRO A 173 7.97 -11.93 -12.68
C PRO A 173 8.58 -10.60 -12.28
N GLU A 174 9.62 -10.64 -11.47
CA GLU A 174 10.27 -9.40 -11.02
C GLU A 174 10.67 -8.54 -12.21
N ARG A 175 11.57 -9.07 -13.03
CA ARG A 175 12.03 -8.33 -14.20
C ARG A 175 10.86 -7.89 -15.06
N ALA A 176 10.05 -8.85 -15.49
CA ALA A 176 8.92 -8.56 -16.36
C ALA A 176 7.91 -7.59 -15.75
N TRP A 177 7.61 -7.72 -14.46
CA TRP A 177 6.62 -6.82 -13.86
C TRP A 177 7.17 -5.39 -13.77
N MET A 178 8.34 -5.26 -13.17
CA MET A 178 8.98 -3.95 -13.01
C MET A 178 9.36 -3.38 -14.36
N ASP A 179 9.70 -4.24 -15.29
CA ASP A 179 10.09 -3.78 -16.60
C ASP A 179 8.88 -3.42 -17.44
N GLU A 180 7.95 -4.37 -17.52
CA GLU A 180 6.76 -4.19 -18.32
C GLU A 180 5.99 -2.94 -17.93
N ILE A 181 6.27 -2.36 -16.75
CA ILE A 181 5.57 -1.15 -16.40
C ILE A 181 6.40 -0.02 -16.92
N VAL A 182 7.74 -0.17 -16.87
CA VAL A 182 8.59 0.89 -17.41
C VAL A 182 9.87 0.39 -18.07
N GLY A 183 10.58 -0.48 -17.41
CA GLY A 183 11.86 -0.95 -17.96
C GLY A 183 13.00 -0.14 -17.35
N ASN A 184 12.90 1.18 -17.46
CA ASN A 184 13.94 2.03 -16.89
C ASN A 184 13.80 2.11 -15.38
N MET A 185 12.54 2.29 -14.98
CA MET A 185 12.11 2.45 -13.57
C MET A 185 11.59 3.87 -13.39
N GLY A 186 11.27 4.50 -14.51
CA GLY A 186 10.79 5.87 -14.53
C GLY A 186 9.40 6.02 -13.90
N TYR A 187 8.65 4.93 -13.75
CA TYR A 187 7.31 5.07 -13.17
C TYR A 187 7.43 5.77 -11.82
N VAL A 188 6.38 6.49 -11.42
CA VAL A 188 6.44 7.20 -10.16
C VAL A 188 6.40 6.23 -9.00
N ASP A 189 7.24 6.52 -8.02
CA ASP A 189 7.33 5.71 -6.83
C ASP A 189 7.52 6.60 -5.61
N ALA A 190 6.41 7.01 -5.01
CA ALA A 190 6.46 7.91 -3.85
C ALA A 190 7.62 7.56 -2.94
N LEU A 191 8.07 6.32 -3.01
CA LEU A 191 9.20 5.87 -2.20
C LEU A 191 10.49 6.53 -2.65
N ARG A 192 10.88 6.26 -3.89
CA ARG A 192 12.10 6.82 -4.45
C ARG A 192 11.82 7.98 -5.42
N GLU A 193 10.59 8.48 -5.41
CA GLU A 193 10.24 9.57 -6.32
C GLU A 193 10.60 10.92 -5.73
N VAL A 194 10.57 11.00 -4.41
CA VAL A 194 10.87 12.25 -3.72
C VAL A 194 11.93 12.04 -2.64
N SER A 195 11.96 10.84 -2.08
CA SER A 195 12.95 10.52 -1.05
C SER A 195 14.34 10.48 -1.65
N ARG A 196 15.15 9.54 -1.20
CA ARG A 196 16.51 9.40 -1.72
C ARG A 196 16.53 8.49 -2.94
N GLU A 197 17.14 8.96 -4.01
CA GLU A 197 17.24 8.18 -5.23
C GLU A 197 18.52 7.35 -5.23
N GLY A 198 18.84 6.79 -4.07
CA GLY A 198 20.04 5.99 -3.91
C GLY A 198 20.63 6.18 -2.51
N ASP A 199 21.95 6.23 -2.43
CA ASP A 199 22.62 6.41 -1.14
C ASP A 199 22.26 5.27 -0.19
N GLN A 200 23.14 4.29 -0.11
CA GLN A 200 22.90 3.14 0.77
C GLN A 200 23.02 3.55 2.24
N TYR A 201 22.10 3.06 3.05
CA TYR A 201 22.11 3.36 4.48
C TYR A 201 23.01 2.40 5.24
N SER A 202 22.99 2.49 6.56
CA SER A 202 23.80 1.63 7.39
C SER A 202 23.13 1.41 8.74
N TRP A 203 22.63 0.21 8.95
CA TRP A 203 21.96 -0.13 10.20
C TRP A 203 22.25 -1.58 10.58
N TRP A 204 22.22 -1.88 11.87
CA TRP A 204 22.49 -3.23 12.34
C TRP A 204 21.22 -4.08 12.31
N PRO A 205 21.36 -5.39 12.30
CA PRO A 205 20.20 -6.32 12.26
C PRO A 205 19.39 -6.32 13.55
N ASP A 206 18.09 -6.54 13.44
CA ASP A 206 17.21 -6.56 14.59
C ASP A 206 16.02 -7.48 14.33
N ASN A 207 14.81 -6.92 14.39
CA ASN A 207 13.60 -7.70 14.15
C ASN A 207 13.30 -7.73 12.66
N GLU A 208 12.13 -8.24 12.29
CA GLU A 208 11.74 -8.29 10.90
C GLU A 208 11.58 -6.87 10.35
N GLN A 209 11.37 -5.93 11.27
CA GLN A 209 11.20 -4.53 10.91
C GLN A 209 12.52 -3.92 10.48
N ALA A 210 13.63 -4.54 10.87
CA ALA A 210 14.95 -4.03 10.53
C ALA A 210 15.00 -3.63 9.06
N GLU A 211 14.18 -4.29 8.24
CA GLU A 211 14.14 -3.97 6.82
C GLU A 211 13.59 -2.56 6.62
N MET A 212 12.29 -2.40 6.83
CA MET A 212 11.65 -1.10 6.66
C MET A 212 12.36 -0.04 7.48
N LEU A 213 13.12 -0.46 8.48
CA LEU A 213 13.84 0.48 9.34
C LEU A 213 14.99 1.14 8.58
N ASN A 214 14.66 1.79 7.47
CA ASN A 214 15.66 2.48 6.66
C ASN A 214 16.77 1.52 6.24
N LEU A 215 16.40 0.33 5.80
CA LEU A 215 17.37 -0.66 5.36
C LEU A 215 16.90 -1.35 4.09
N GLY A 216 15.58 -1.36 3.89
CA GLY A 216 15.02 -1.97 2.70
C GLY A 216 13.52 -1.71 2.63
N TRP A 217 12.91 -2.02 1.50
CA TRP A 217 11.49 -1.81 1.34
C TRP A 217 10.87 -2.92 0.49
N ARG A 218 10.00 -3.71 1.12
CA ARG A 218 9.31 -4.79 0.42
C ARG A 218 7.92 -4.33 0.03
N PHE A 219 7.44 -3.33 0.74
CA PHE A 219 6.12 -2.80 0.49
C PHE A 219 6.16 -1.75 -0.62
N ASP A 220 5.39 -2.03 -1.66
CA ASP A 220 5.30 -1.16 -2.83
C ASP A 220 4.84 0.25 -2.44
N TYR A 221 4.54 1.06 -3.45
CA TYR A 221 4.18 2.46 -3.19
C TYR A 221 3.13 3.04 -4.14
N GLN A 222 2.91 4.35 -3.98
CA GLN A 222 1.91 5.09 -4.75
C GLN A 222 2.31 5.28 -6.22
N LEU A 223 1.68 4.48 -7.08
CA LEU A 223 1.93 4.55 -8.51
C LEU A 223 0.89 5.46 -9.15
N LEU A 224 1.38 6.52 -9.82
CA LEU A 224 0.49 7.46 -10.50
C LEU A 224 0.96 7.72 -11.92
N THR A 225 0.21 8.57 -12.63
CA THR A 225 0.58 8.91 -13.99
C THR A 225 1.41 10.18 -13.97
N PRO A 226 2.14 10.45 -15.01
CA PRO A 226 2.98 11.69 -15.10
C PRO A 226 2.11 12.94 -15.16
N GLY A 227 0.83 12.77 -14.84
CA GLY A 227 -0.11 13.89 -14.87
C GLY A 227 -0.23 14.53 -13.50
N LEU A 228 0.03 13.71 -12.48
CA LEU A 228 -0.08 14.17 -11.11
C LEU A 228 1.28 14.15 -10.43
N ARG A 229 2.28 13.55 -11.09
CA ARG A 229 3.64 13.44 -10.52
C ARG A 229 4.00 14.57 -9.54
N ARG A 230 3.42 15.75 -9.73
CA ARG A 230 3.74 16.89 -8.85
C ARG A 230 2.97 16.82 -7.52
N PHE A 231 2.12 15.81 -7.37
CA PHE A 231 1.31 15.67 -6.16
C PHE A 231 2.06 14.88 -5.10
N VAL A 232 3.32 15.23 -4.91
CA VAL A 232 4.14 14.57 -3.89
C VAL A 232 5.27 15.49 -3.45
N ARG A 233 4.90 16.53 -2.71
CA ARG A 233 5.89 17.50 -2.23
C ARG A 233 6.89 16.86 -1.26
N SER A 234 6.41 15.94 -0.43
CA SER A 234 7.29 15.29 0.56
C SER A 234 6.92 13.83 0.74
N ALA A 235 7.78 13.10 1.46
CA ALA A 235 7.56 11.68 1.74
C ALA A 235 8.29 11.29 3.01
N ARG A 236 7.53 11.04 4.07
CA ARG A 236 8.12 10.66 5.35
C ARG A 236 8.24 9.16 5.45
N LEU A 237 9.48 8.66 5.42
CA LEU A 237 9.72 7.23 5.52
C LEU A 237 10.13 6.85 6.96
N PRO A 238 9.86 5.63 7.36
CA PRO A 238 10.21 5.18 8.75
C PRO A 238 11.72 5.05 8.94
N ARG A 239 12.20 5.48 10.11
CA ARG A 239 13.63 5.41 10.39
C ARG A 239 13.86 5.02 11.86
N GLN A 240 13.07 5.59 12.76
CA GLN A 240 13.20 5.28 14.17
C GLN A 240 12.15 4.24 14.60
N PRO A 241 12.33 3.54 15.70
CA PRO A 241 11.33 2.52 16.14
C PRO A 241 9.95 3.13 16.34
N ARG A 242 8.91 2.34 16.06
CA ARG A 242 7.55 2.81 16.19
C ARG A 242 7.25 3.19 17.63
N PHE A 243 7.80 4.31 18.04
CA PHE A 243 7.58 4.82 19.37
C PHE A 243 7.60 6.34 19.37
N SER A 244 6.52 6.91 18.87
CA SER A 244 6.39 8.36 18.80
C SER A 244 7.65 9.00 18.21
N GLN A 245 8.41 8.24 17.42
CA GLN A 245 9.63 8.77 16.81
C GLN A 245 9.40 9.02 15.31
N HIS A 246 9.30 7.94 14.54
CA HIS A 246 9.08 8.04 13.11
C HIS A 246 7.64 7.65 12.77
N ALA A 247 7.24 7.88 11.52
CA ALA A 247 5.89 7.57 11.10
C ALA A 247 5.83 6.74 9.81
N PRO A 248 4.66 6.23 9.45
CA PRO A 248 4.46 5.42 8.21
C PRO A 248 4.88 6.14 6.93
N LEU A 249 4.80 5.43 5.81
CA LEU A 249 5.19 6.02 4.53
C LEU A 249 4.08 6.96 4.08
N ILE A 250 4.24 8.27 4.35
CA ILE A 250 3.22 9.25 3.98
C ILE A 250 3.73 10.31 3.02
N VAL A 251 2.99 10.48 1.92
CA VAL A 251 3.32 11.52 0.96
C VAL A 251 2.46 12.72 1.28
N ASP A 252 3.09 13.87 1.49
CA ASP A 252 2.36 15.09 1.86
C ASP A 252 2.43 16.14 0.74
N TYR A 253 1.41 16.99 0.67
CA TYR A 253 1.31 18.06 -0.33
C TYR A 253 -0.13 18.56 -0.38
N ASP A 254 -0.92 17.93 -1.25
CA ASP A 254 -2.33 18.30 -1.38
C ASP A 254 -3.21 17.28 -0.69
N TRP A 255 -4.34 17.75 -0.16
CA TRP A 255 -5.27 16.89 0.56
C TRP A 255 -6.27 16.20 -0.37
N THR A 256 -7.07 15.29 0.18
CA THR A 256 -8.07 14.55 -0.59
C THR A 256 -8.85 15.47 -1.53
N LEU A 257 -9.74 14.86 -2.31
CA LEU A 257 -10.56 15.60 -3.26
C LEU A 257 -12.03 15.57 -2.82
N THR A 258 -12.83 16.50 -3.34
CA THR A 258 -14.24 16.57 -2.98
C THR A 258 -15.10 15.92 -4.06
N ILE A 259 -16.10 15.15 -3.62
CA ILE A 259 -17.00 14.48 -4.56
C ILE A 259 -17.92 15.49 -5.24
N MET A 1 -5.81 14.71 2.95
CA MET A 1 -4.94 15.82 2.50
C MET A 1 -3.73 15.25 1.75
N ARG A 2 -3.54 13.94 1.83
CA ARG A 2 -2.41 13.30 1.16
C ARG A 2 -2.58 11.77 1.07
N ILE A 3 -1.51 11.08 0.68
CA ILE A 3 -1.53 9.62 0.54
C ILE A 3 -0.61 8.97 1.56
N ILE A 4 -1.10 7.98 2.30
CA ILE A 4 -0.28 7.29 3.32
C ILE A 4 -0.23 5.78 3.06
N SER A 5 0.93 5.16 3.29
CA SER A 5 1.07 3.73 3.09
C SER A 5 2.01 3.13 4.14
N VAL A 6 1.61 2.02 4.73
CA VAL A 6 2.44 1.37 5.74
C VAL A 6 1.85 0.04 6.19
N ASN A 7 2.71 -0.85 6.67
CA ASN A 7 2.26 -2.15 7.15
C ASN A 7 2.01 -2.09 8.65
N VAL A 8 0.90 -2.65 9.10
CA VAL A 8 0.55 -2.62 10.51
C VAL A 8 0.73 -4.00 11.16
N ASN A 9 0.40 -5.05 10.42
CA ASN A 9 0.54 -6.41 10.94
C ASN A 9 -0.08 -6.51 12.34
N GLY A 10 -1.35 -6.16 12.43
CA GLY A 10 -2.07 -6.20 13.72
C GLY A 10 -2.44 -4.78 14.14
N ILE A 11 -3.44 -4.24 13.46
CA ILE A 11 -3.92 -2.87 13.71
C ILE A 11 -4.13 -2.73 15.19
N GLN A 12 -4.62 -3.80 15.72
CA GLN A 12 -4.93 -3.89 17.14
C GLN A 12 -3.67 -3.58 17.86
N THR A 13 -2.61 -4.09 17.31
CA THR A 13 -1.32 -3.88 17.90
C THR A 13 -0.76 -2.57 17.40
N ALA A 14 -1.20 -2.18 16.20
CA ALA A 14 -0.68 -0.93 15.63
C ALA A 14 -1.13 0.25 16.46
N VAL A 15 -2.36 0.20 16.89
CA VAL A 15 -2.90 1.25 17.73
C VAL A 15 -2.29 1.16 19.11
N GLU A 16 -2.06 -0.05 19.60
CA GLU A 16 -1.47 -0.19 20.92
C GLU A 16 -0.04 0.31 20.87
N ARG A 17 0.39 0.60 19.64
CA ARG A 17 1.75 1.10 19.42
C ARG A 17 1.76 2.61 19.22
N GLY A 18 0.73 3.15 18.58
CA GLY A 18 0.65 4.59 18.35
C GLY A 18 0.18 4.94 16.94
N LEU A 19 0.06 3.93 16.07
CA LEU A 19 -0.38 4.19 14.71
C LEU A 19 -1.68 4.98 14.69
N LEU A 20 -2.62 4.57 15.53
CA LEU A 20 -3.90 5.25 15.61
C LEU A 20 -3.68 6.74 15.79
N SER A 21 -2.70 7.06 16.59
CA SER A 21 -2.37 8.45 16.83
C SER A 21 -1.84 9.07 15.55
N TRP A 22 -1.28 8.25 14.66
CA TRP A 22 -0.77 8.81 13.42
C TRP A 22 -1.89 9.10 12.44
N LEU A 23 -2.84 8.17 12.30
CA LEU A 23 -3.95 8.39 11.38
C LEU A 23 -4.68 9.65 11.77
N GLN A 24 -4.61 9.95 13.06
CA GLN A 24 -5.21 11.18 13.56
C GLN A 24 -4.54 12.31 12.84
N ALA A 25 -3.22 12.18 12.81
CA ALA A 25 -2.38 13.16 12.13
C ALA A 25 -2.25 12.88 10.64
N GLN A 26 -2.87 11.79 10.19
CA GLN A 26 -2.80 11.42 8.79
C GLN A 26 -4.20 11.45 8.18
N ASN A 27 -4.91 12.56 8.44
CA ASN A 27 -6.25 12.73 7.88
C ASN A 27 -6.15 12.86 6.37
N ALA A 28 -5.13 12.22 5.81
CA ALA A 28 -4.85 12.22 4.39
C ALA A 28 -6.11 11.98 3.56
N ASP A 29 -5.91 11.85 2.26
CA ASP A 29 -7.02 11.59 1.35
C ASP A 29 -7.44 10.14 1.54
N VAL A 30 -6.43 9.28 1.68
CA VAL A 30 -6.68 7.87 1.88
C VAL A 30 -5.59 7.26 2.74
N ILE A 31 -5.98 6.50 3.76
CA ILE A 31 -5.02 5.86 4.63
C ILE A 31 -4.92 4.38 4.26
N CYS A 32 -3.81 4.00 3.63
CA CYS A 32 -3.64 2.62 3.21
C CYS A 32 -2.89 1.82 4.26
N LEU A 33 -3.60 0.86 4.86
CA LEU A 33 -3.01 0.00 5.87
C LEU A 33 -3.05 -1.45 5.40
N GLN A 34 -1.92 -2.13 5.53
CA GLN A 34 -1.82 -3.51 5.07
C GLN A 34 -1.94 -4.49 6.25
N ASP A 35 -2.79 -5.50 6.06
CA ASP A 35 -3.00 -6.52 7.09
C ASP A 35 -3.49 -5.90 8.39
N THR A 36 -4.77 -5.53 8.45
CA THR A 36 -5.33 -4.93 9.65
C THR A 36 -6.17 -5.94 10.41
N ARG A 37 -6.61 -6.98 9.71
CA ARG A 37 -7.42 -8.02 10.33
C ARG A 37 -8.75 -7.44 10.84
N ALA A 38 -8.98 -6.15 10.60
CA ALA A 38 -10.19 -5.50 11.06
C ALA A 38 -11.43 -5.95 10.31
N SER A 39 -12.57 -5.47 10.78
CA SER A 39 -13.85 -5.78 10.17
C SER A 39 -14.12 -4.82 9.01
N ALA A 40 -15.37 -4.75 8.58
CA ALA A 40 -15.75 -3.87 7.48
C ALA A 40 -15.87 -2.42 7.97
N PHE A 41 -16.13 -2.26 9.26
CA PHE A 41 -16.27 -0.92 9.82
C PHE A 41 -16.34 -0.96 11.35
N GLU A 42 -15.62 -1.90 11.96
CA GLU A 42 -15.62 -1.99 13.42
C GLU A 42 -14.75 -0.90 14.02
N LEU A 43 -13.67 -0.59 13.33
CA LEU A 43 -12.71 0.40 13.79
C LEU A 43 -13.39 1.73 13.90
N ASP A 44 -14.14 2.07 12.87
CA ASP A 44 -14.86 3.33 12.87
C ASP A 44 -15.61 3.51 14.18
N ASP A 45 -15.70 2.45 14.97
CA ASP A 45 -16.40 2.55 16.25
C ASP A 45 -15.83 3.71 17.06
N PRO A 46 -16.60 4.32 17.92
CA PRO A 46 -16.12 5.47 18.75
C PRO A 46 -14.88 5.12 19.57
N ALA A 47 -14.63 3.82 19.71
CA ALA A 47 -13.47 3.35 20.47
C ALA A 47 -12.17 3.76 19.79
N TYR A 48 -12.14 3.68 18.46
CA TYR A 48 -10.93 4.02 17.71
C TYR A 48 -11.11 5.27 16.84
N GLN A 49 -12.24 5.95 17.00
CA GLN A 49 -12.49 7.17 16.21
C GLN A 49 -11.42 8.22 16.49
N LEU A 50 -11.12 9.08 15.50
CA LEU A 50 -10.09 10.09 15.68
C LEU A 50 -10.64 11.48 15.39
N ASP A 51 -9.90 12.22 14.60
CA ASP A 51 -10.30 13.57 14.22
C ASP A 51 -11.57 13.52 13.39
N GLY A 52 -11.66 12.50 12.55
CA GLY A 52 -12.83 12.34 11.70
C GLY A 52 -12.47 11.57 10.44
N TYR A 53 -12.78 10.29 10.45
CA TYR A 53 -12.51 9.46 9.27
C TYR A 53 -13.57 8.38 9.08
N PHE A 54 -13.70 7.92 7.84
CA PHE A 54 -14.65 6.87 7.50
C PHE A 54 -13.87 5.61 7.14
N LEU A 55 -14.35 4.46 7.57
CA LEU A 55 -13.65 3.21 7.29
C LEU A 55 -14.34 2.39 6.22
N TYR A 56 -13.69 2.31 5.07
CA TYR A 56 -14.19 1.52 3.97
C TYR A 56 -13.10 0.56 3.54
N ALA A 57 -13.49 -0.69 3.31
CA ALA A 57 -12.50 -1.70 2.96
C ALA A 57 -13.07 -3.11 3.06
N CYS A 58 -12.28 -4.08 2.61
CA CYS A 58 -12.70 -5.47 2.67
C CYS A 58 -11.86 -6.23 3.68
N GLU A 59 -12.47 -7.24 4.28
CA GLU A 59 -11.80 -8.07 5.27
C GLU A 59 -11.59 -9.46 4.69
N ALA A 60 -10.36 -9.98 4.74
CA ALA A 60 -10.10 -11.30 4.21
C ALA A 60 -9.75 -12.21 5.37
N GLU A 61 -9.83 -13.53 5.13
CA GLU A 61 -9.59 -14.58 6.14
C GLU A 61 -8.95 -14.01 7.37
N VAL A 62 -9.77 -13.18 7.92
CA VAL A 62 -9.49 -12.40 9.08
C VAL A 62 -8.92 -13.21 10.26
N PRO A 63 -9.44 -14.36 10.62
CA PRO A 63 -8.81 -15.15 11.72
C PRO A 63 -7.40 -15.58 11.32
N ALA A 64 -6.91 -14.99 10.22
CA ALA A 64 -5.58 -15.30 9.71
C ALA A 64 -4.74 -14.04 9.63
N GLN A 65 -5.15 -13.07 8.78
CA GLN A 65 -4.40 -11.81 8.63
C GLN A 65 -4.69 -11.20 7.26
N GLY A 66 -5.93 -11.36 6.79
CA GLY A 66 -6.32 -10.81 5.51
C GLY A 66 -7.25 -9.64 5.72
N GLY A 67 -7.30 -8.75 4.74
CA GLY A 67 -8.17 -7.59 4.84
C GLY A 67 -7.42 -6.32 4.48
N VAL A 68 -7.77 -5.78 3.33
CA VAL A 68 -7.17 -4.55 2.84
C VAL A 68 -7.94 -3.39 3.45
N ALA A 69 -7.28 -2.61 4.31
CA ALA A 69 -7.95 -1.51 5.01
C ALA A 69 -7.70 -0.15 4.37
N LEU A 70 -8.78 0.63 4.25
CA LEU A 70 -8.69 1.97 3.68
C LEU A 70 -9.59 2.95 4.43
N TYR A 71 -9.04 4.11 4.79
CA TYR A 71 -9.81 5.13 5.50
C TYR A 71 -9.65 6.49 4.82
N SER A 72 -10.76 7.16 4.55
CA SER A 72 -10.70 8.48 3.92
C SER A 72 -11.56 9.47 4.68
N ARG A 73 -11.14 10.72 4.67
CA ARG A 73 -11.88 11.77 5.36
C ARG A 73 -13.33 11.76 4.88
N LEU A 74 -13.52 11.29 3.65
CA LEU A 74 -14.86 11.20 3.05
C LEU A 74 -15.21 9.75 2.76
N GLN A 75 -16.37 9.54 2.15
CA GLN A 75 -16.84 8.21 1.81
C GLN A 75 -16.86 8.02 0.28
N PRO A 76 -15.93 7.29 -0.28
CA PRO A 76 -15.89 7.07 -1.76
C PRO A 76 -17.25 6.65 -2.31
N LYS A 77 -17.36 6.64 -3.64
CA LYS A 77 -18.60 6.24 -4.29
C LYS A 77 -18.37 5.00 -5.12
N ALA A 78 -17.14 4.51 -5.06
CA ALA A 78 -16.74 3.32 -5.81
C ALA A 78 -16.01 2.38 -4.87
N VAL A 79 -16.72 1.40 -4.32
CA VAL A 79 -16.10 0.47 -3.38
C VAL A 79 -16.07 -0.97 -3.87
N ILE A 80 -14.90 -1.41 -4.34
CA ILE A 80 -14.74 -2.81 -4.76
C ILE A 80 -13.88 -3.50 -3.72
N THR A 81 -14.47 -4.49 -3.10
CA THR A 81 -13.86 -5.25 -2.04
C THR A 81 -13.20 -6.50 -2.60
N GLY A 82 -12.28 -6.26 -3.51
CA GLY A 82 -11.56 -7.36 -4.14
C GLY A 82 -12.20 -7.77 -5.46
N LEU A 83 -12.28 -6.83 -6.39
CA LEU A 83 -12.87 -7.12 -7.70
C LEU A 83 -14.37 -7.30 -7.60
N GLY A 84 -14.81 -8.01 -6.56
CA GLY A 84 -16.24 -8.25 -6.36
C GLY A 84 -16.54 -9.75 -6.26
N PHE A 85 -15.51 -10.57 -6.40
CA PHE A 85 -15.70 -12.02 -6.31
C PHE A 85 -16.16 -12.41 -4.91
N GLU A 86 -16.89 -13.52 -4.82
CA GLU A 86 -17.39 -13.98 -3.53
C GLU A 86 -16.25 -14.28 -2.57
N THR A 87 -15.23 -15.00 -3.05
CA THR A 87 -14.10 -15.34 -2.21
C THR A 87 -13.23 -14.12 -1.95
N ALA A 88 -13.05 -13.31 -2.99
CA ALA A 88 -12.22 -12.12 -2.89
C ALA A 88 -12.72 -11.19 -1.78
N ASP A 89 -14.04 -11.09 -1.65
CA ASP A 89 -14.63 -10.26 -0.61
C ASP A 89 -14.24 -10.78 0.77
N ARG A 90 -13.55 -11.92 0.77
CA ARG A 90 -13.12 -12.56 2.00
C ARG A 90 -11.70 -13.10 1.81
N TYR A 91 -11.12 -12.82 0.65
CA TYR A 91 -9.80 -13.30 0.34
C TYR A 91 -9.26 -12.61 -0.91
N GLY A 92 -9.41 -11.27 -0.99
CA GLY A 92 -8.87 -10.56 -2.13
C GLY A 92 -7.62 -9.90 -1.64
N ARG A 93 -7.81 -9.11 -0.61
CA ARG A 93 -6.76 -8.36 0.02
C ARG A 93 -6.50 -7.14 -0.81
N TYR A 94 -7.54 -6.66 -1.50
CA TYR A 94 -7.37 -5.43 -2.29
C TYR A 94 -8.69 -4.76 -2.56
N LEU A 95 -8.65 -3.43 -2.65
CA LEU A 95 -9.88 -2.69 -2.88
C LEU A 95 -9.61 -1.36 -3.55
N GLN A 96 -10.36 -1.09 -4.60
CA GLN A 96 -10.19 0.14 -5.33
C GLN A 96 -11.22 1.17 -4.87
N ALA A 97 -10.82 2.45 -4.92
CA ALA A 97 -11.69 3.54 -4.49
C ALA A 97 -11.79 4.59 -5.60
N ASP A 98 -13.01 5.00 -5.96
CA ASP A 98 -13.17 6.00 -7.01
C ASP A 98 -14.42 6.85 -6.83
N PHE A 99 -14.56 7.86 -7.70
CA PHE A 99 -15.71 8.77 -7.65
C PHE A 99 -15.89 9.45 -9.01
N ASP A 100 -15.82 8.65 -10.08
CA ASP A 100 -15.97 9.18 -11.44
C ASP A 100 -14.83 10.11 -11.82
N LYS A 101 -14.34 10.90 -10.87
CA LYS A 101 -13.25 11.83 -11.13
C LYS A 101 -11.91 11.21 -10.76
N VAL A 102 -11.24 11.79 -9.76
CA VAL A 102 -9.96 11.26 -9.33
C VAL A 102 -10.15 9.90 -8.67
N SER A 103 -9.39 8.92 -9.14
CA SER A 103 -9.51 7.56 -8.63
C SER A 103 -8.27 7.15 -7.83
N ILE A 104 -8.51 6.44 -6.72
CA ILE A 104 -7.42 5.97 -5.87
C ILE A 104 -7.66 4.50 -5.52
N ALA A 105 -6.60 3.71 -5.53
CA ALA A 105 -6.73 2.28 -5.25
C ALA A 105 -5.58 1.74 -4.42
N THR A 106 -5.81 0.58 -3.78
CA THR A 106 -4.76 -0.03 -2.98
C THR A 106 -4.59 -1.50 -3.37
N LEU A 107 -3.43 -1.79 -3.96
CA LEU A 107 -3.13 -3.15 -4.36
C LEU A 107 -2.27 -3.80 -3.29
N LEU A 108 -2.87 -4.72 -2.58
CA LEU A 108 -2.20 -5.43 -1.49
C LEU A 108 -2.32 -6.94 -1.66
N LEU A 109 -1.16 -7.59 -1.72
CA LEU A 109 -1.11 -9.05 -1.86
C LEU A 109 0.26 -9.56 -1.38
N PRO A 110 0.44 -9.81 -0.10
CA PRO A 110 1.74 -10.28 0.45
C PRO A 110 2.00 -11.76 0.19
N SER A 111 3.20 -12.06 -0.30
CA SER A 111 3.58 -13.43 -0.58
C SER A 111 4.61 -13.92 0.43
N GLY A 112 5.38 -12.99 0.99
CA GLY A 112 6.41 -13.33 1.97
C GLY A 112 5.79 -14.03 3.16
N GLN A 113 4.65 -13.49 3.61
CA GLN A 113 3.95 -14.08 4.74
C GLN A 113 3.32 -15.41 4.32
N ASN A 114 3.08 -15.58 3.02
CA ASN A 114 2.48 -16.81 2.52
C ASN A 114 3.54 -17.73 1.91
N GLY A 115 3.93 -17.44 0.67
CA GLY A 115 4.94 -18.26 -0.01
C GLY A 115 4.84 -18.09 -1.52
N ASP A 116 5.57 -18.91 -2.28
CA ASP A 116 5.52 -18.82 -3.74
C ASP A 116 4.11 -19.07 -4.24
N GLU A 117 3.46 -20.09 -3.69
CA GLU A 117 2.11 -20.42 -4.11
C GLU A 117 1.28 -19.15 -4.24
N ASP A 118 1.65 -18.15 -3.43
CA ASP A 118 0.95 -16.87 -3.46
C ASP A 118 1.24 -16.12 -4.76
N LEU A 119 2.49 -16.22 -5.23
CA LEU A 119 2.88 -15.55 -6.46
C LEU A 119 2.06 -16.05 -7.65
N ASN A 120 2.02 -17.35 -7.84
CA ASN A 120 1.30 -17.93 -8.97
C ASN A 120 -0.14 -17.51 -8.93
N GLN A 121 -0.74 -17.53 -7.75
CA GLN A 121 -2.10 -17.09 -7.61
C GLN A 121 -2.12 -15.63 -7.97
N LYS A 122 -1.10 -14.93 -7.49
CA LYS A 122 -0.99 -13.49 -7.75
C LYS A 122 -0.85 -13.24 -9.24
N PHE A 123 -0.20 -14.15 -9.94
CA PHE A 123 0.00 -13.99 -11.38
C PHE A 123 -1.33 -13.92 -12.13
N LYS A 124 -2.21 -14.87 -11.82
CA LYS A 124 -3.50 -14.95 -12.50
C LYS A 124 -4.30 -13.68 -12.25
N LEU A 125 -4.40 -13.29 -10.99
CA LEU A 125 -5.12 -12.07 -10.65
C LEU A 125 -4.39 -10.90 -11.27
N MET A 126 -3.08 -10.94 -11.19
CA MET A 126 -2.26 -9.85 -11.72
C MET A 126 -2.54 -9.64 -13.20
N ASP A 127 -2.58 -10.73 -13.96
CA ASP A 127 -2.83 -10.61 -15.38
C ASP A 127 -4.15 -9.90 -15.63
N ASP A 128 -5.17 -10.25 -14.85
CA ASP A 128 -6.47 -9.62 -14.98
C ASP A 128 -6.38 -8.15 -14.60
N PHE A 129 -5.65 -7.86 -13.53
CA PHE A 129 -5.50 -6.49 -13.06
C PHE A 129 -4.68 -5.69 -14.05
N ALA A 130 -3.67 -6.33 -14.61
CA ALA A 130 -2.85 -5.67 -15.59
C ALA A 130 -3.74 -5.28 -16.76
N ARG A 131 -4.69 -6.15 -17.06
CA ARG A 131 -5.62 -5.90 -18.16
C ARG A 131 -6.66 -4.86 -17.76
N TYR A 132 -6.90 -4.74 -16.47
CA TYR A 132 -7.88 -3.79 -15.93
C TYR A 132 -7.28 -2.40 -15.93
N LEU A 133 -6.11 -2.28 -15.32
CA LEU A 133 -5.42 -1.00 -15.26
C LEU A 133 -5.16 -0.57 -16.69
N ASP A 134 -4.75 -1.54 -17.50
CA ASP A 134 -4.49 -1.26 -18.90
C ASP A 134 -5.81 -0.95 -19.58
N LYS A 135 -6.86 -1.71 -19.25
CA LYS A 135 -8.16 -1.44 -19.86
C LYS A 135 -8.78 -0.16 -19.27
N GLN A 136 -8.28 0.24 -18.11
CA GLN A 136 -8.77 1.45 -17.44
C GLN A 136 -7.95 2.65 -17.83
N ARG A 137 -6.67 2.43 -18.15
CA ARG A 137 -5.78 3.50 -18.55
C ARG A 137 -6.16 4.03 -19.92
N ARG A 138 -6.77 3.20 -20.74
CA ARG A 138 -7.18 3.65 -22.07
C ARG A 138 -8.04 4.89 -21.91
N LYS A 139 -8.56 5.09 -20.71
CA LYS A 139 -9.38 6.25 -20.41
C LYS A 139 -8.48 7.40 -19.96
N ARG A 140 -9.07 8.57 -19.69
CA ARG A 140 -8.30 9.73 -19.25
C ARG A 140 -8.81 10.25 -17.91
N ARG A 141 -8.23 9.75 -16.82
CA ARG A 141 -8.61 10.19 -15.49
C ARG A 141 -7.50 9.93 -14.49
N GLU A 142 -7.39 10.80 -13.49
CA GLU A 142 -6.35 10.67 -12.49
C GLU A 142 -6.53 9.37 -11.71
N TYR A 143 -5.50 8.52 -11.75
CA TYR A 143 -5.55 7.24 -11.05
C TYR A 143 -4.28 7.05 -10.24
N ILE A 144 -4.46 6.69 -8.96
CA ILE A 144 -3.32 6.48 -8.07
C ILE A 144 -3.47 5.16 -7.33
N TYR A 145 -2.47 4.28 -7.50
CA TYR A 145 -2.52 2.98 -6.86
C TYR A 145 -1.36 2.78 -5.91
N CYS A 146 -1.68 2.35 -4.69
CA CYS A 146 -0.65 2.08 -3.70
C CYS A 146 -0.04 0.72 -3.99
N GLY A 147 1.09 0.74 -4.66
CA GLY A 147 1.76 -0.49 -5.04
C GLY A 147 2.31 -1.27 -3.86
N SER A 148 1.44 -2.00 -3.16
CA SER A 148 1.88 -2.81 -2.03
C SER A 148 1.95 -4.27 -2.46
N LEU A 149 2.94 -4.57 -3.31
CA LEU A 149 3.14 -5.93 -3.82
C LEU A 149 4.54 -6.41 -3.50
N TYR A 150 4.74 -7.72 -3.58
CA TYR A 150 6.06 -8.29 -3.30
C TYR A 150 7.02 -7.99 -4.44
N VAL A 151 7.14 -6.71 -4.79
CA VAL A 151 8.04 -6.30 -5.86
C VAL A 151 9.29 -5.65 -5.30
N ALA A 152 10.44 -6.14 -5.75
CA ALA A 152 11.71 -5.58 -5.28
C ALA A 152 12.27 -4.61 -6.30
N GLN A 153 12.38 -3.34 -5.91
CA GLN A 153 12.91 -2.31 -6.79
C GLN A 153 14.35 -2.63 -7.19
N GLN A 154 15.11 -3.16 -6.24
CA GLN A 154 16.50 -3.50 -6.51
C GLN A 154 17.38 -2.26 -6.42
N LYS A 155 17.06 -1.26 -7.25
CA LYS A 155 17.83 -0.03 -7.26
C LYS A 155 17.73 0.66 -5.91
N LEU A 156 16.55 0.60 -5.31
CA LEU A 156 16.32 1.22 -4.01
C LEU A 156 16.32 0.15 -2.91
N ASP A 157 16.24 -1.11 -3.31
CA ASP A 157 16.25 -2.22 -2.36
C ASP A 157 17.56 -2.96 -2.45
N ILE A 158 18.55 -2.32 -3.08
CA ILE A 158 19.87 -2.93 -3.26
C ILE A 158 20.43 -3.43 -1.93
N LYS A 159 19.73 -3.15 -0.83
CA LYS A 159 20.20 -3.60 0.46
C LYS A 159 19.60 -4.97 0.80
N ASN A 160 18.30 -5.13 0.56
CA ASN A 160 17.63 -6.40 0.84
C ASN A 160 17.28 -7.14 -0.45
N TRP A 161 17.69 -6.57 -1.58
CA TRP A 161 17.40 -7.18 -2.87
C TRP A 161 17.86 -8.63 -2.89
N ARG A 162 18.60 -9.03 -1.86
CA ARG A 162 19.09 -10.40 -1.78
C ARG A 162 18.07 -11.32 -1.11
N ASP A 163 17.44 -10.85 -0.04
CA ASP A 163 16.45 -11.66 0.68
C ASP A 163 15.03 -11.18 0.39
N SER A 164 14.89 -10.18 -0.46
CA SER A 164 13.58 -9.65 -0.81
C SER A 164 12.99 -10.44 -1.98
N GLN A 165 13.80 -11.34 -2.53
CA GLN A 165 13.40 -12.16 -3.65
C GLN A 165 12.72 -13.43 -3.14
N GLN A 166 12.32 -13.40 -1.88
CA GLN A 166 11.69 -14.55 -1.24
C GLN A 166 12.69 -15.71 -1.14
N SER A 167 13.63 -15.78 -2.08
CA SER A 167 14.62 -16.84 -2.06
C SER A 167 15.72 -16.57 -3.11
N PRO A 168 16.92 -17.08 -2.92
CA PRO A 168 18.03 -16.88 -3.90
C PRO A 168 17.60 -17.26 -5.32
N GLY A 169 16.57 -18.09 -5.43
CA GLY A 169 16.08 -18.54 -6.72
C GLY A 169 15.65 -17.36 -7.59
N PHE A 170 15.45 -16.21 -6.96
CA PHE A 170 15.04 -15.00 -7.68
C PHE A 170 13.59 -15.12 -8.14
N LEU A 171 12.88 -14.01 -8.14
CA LEU A 171 11.48 -13.99 -8.56
C LEU A 171 11.40 -13.73 -10.06
N ALA A 172 10.62 -14.54 -10.76
CA ALA A 172 10.48 -14.42 -12.22
C ALA A 172 9.61 -13.22 -12.65
N PRO A 173 8.36 -13.17 -12.25
CA PRO A 173 7.43 -12.07 -12.66
C PRO A 173 7.84 -10.68 -12.19
N GLU A 174 8.76 -10.61 -11.23
CA GLU A 174 9.20 -9.32 -10.72
C GLU A 174 9.73 -8.43 -11.84
N ARG A 175 10.84 -8.84 -12.44
CA ARG A 175 11.43 -8.06 -13.51
C ARG A 175 10.40 -7.75 -14.60
N ALA A 176 9.78 -8.79 -15.15
CA ALA A 176 8.80 -8.62 -16.21
C ALA A 176 7.66 -7.70 -15.79
N TRP A 177 7.27 -7.74 -14.52
CA TRP A 177 6.17 -6.90 -14.05
C TRP A 177 6.62 -5.46 -13.82
N MET A 178 7.62 -5.32 -12.96
CA MET A 178 8.17 -4.03 -12.62
C MET A 178 8.73 -3.32 -13.86
N ASP A 179 9.42 -4.08 -14.69
CA ASP A 179 10.05 -3.55 -15.90
C ASP A 179 9.01 -3.08 -16.90
N GLU A 180 8.02 -3.93 -17.13
CA GLU A 180 6.97 -3.62 -18.08
C GLU A 180 6.14 -2.42 -17.65
N ILE A 181 6.24 -1.99 -16.38
CA ILE A 181 5.44 -0.83 -15.95
C ILE A 181 6.34 0.36 -15.76
N VAL A 182 7.62 0.06 -15.68
CA VAL A 182 8.65 1.04 -15.49
C VAL A 182 9.24 1.45 -16.82
N GLY A 183 9.87 0.46 -17.39
CA GLY A 183 10.58 0.61 -18.66
C GLY A 183 9.64 1.14 -19.70
N ASN A 184 8.36 0.87 -19.48
CA ASN A 184 7.34 1.34 -20.39
C ASN A 184 7.13 2.82 -20.15
N MET A 185 7.65 3.30 -19.02
CA MET A 185 7.54 4.69 -18.65
C MET A 185 6.14 4.97 -18.11
N GLY A 186 5.59 3.98 -17.41
CA GLY A 186 4.26 4.11 -16.84
C GLY A 186 4.30 4.20 -15.32
N TYR A 187 5.38 3.70 -14.71
CA TYR A 187 5.47 3.75 -13.26
C TYR A 187 6.04 5.07 -12.78
N VAL A 188 5.81 5.38 -11.51
CA VAL A 188 6.32 6.59 -10.90
C VAL A 188 7.10 6.24 -9.65
N ASP A 189 8.18 6.97 -9.45
CA ASP A 189 9.06 6.73 -8.30
C ASP A 189 8.86 7.80 -7.22
N ALA A 190 7.63 8.25 -7.06
CA ALA A 190 7.32 9.27 -6.06
C ALA A 190 7.99 8.92 -4.74
N LEU A 191 8.23 7.65 -4.54
CA LEU A 191 8.87 7.18 -3.32
C LEU A 191 10.27 7.74 -3.17
N ARG A 192 11.14 7.42 -4.12
CA ARG A 192 12.51 7.90 -4.09
C ARG A 192 12.77 9.03 -5.08
N GLU A 193 11.72 9.50 -5.76
CA GLU A 193 11.89 10.58 -6.73
C GLU A 193 12.00 11.91 -6.03
N VAL A 194 11.41 11.98 -4.84
CA VAL A 194 11.43 13.21 -4.06
C VAL A 194 12.20 13.00 -2.75
N SER A 195 12.15 11.78 -2.24
CA SER A 195 12.86 11.46 -1.01
C SER A 195 14.31 11.08 -1.31
N ARG A 196 14.93 10.36 -0.39
CA ARG A 196 16.32 9.96 -0.56
C ARG A 196 16.42 8.82 -1.57
N GLU A 197 17.40 8.94 -2.45
CA GLU A 197 17.64 7.92 -3.48
C GLU A 197 18.48 6.78 -2.91
N GLY A 198 18.18 6.39 -1.69
CA GLY A 198 18.91 5.33 -1.02
C GLY A 198 19.15 5.67 0.44
N ASP A 199 18.92 4.70 1.32
CA ASP A 199 19.09 4.91 2.76
C ASP A 199 19.98 3.82 3.35
N GLN A 200 21.28 4.05 3.33
CA GLN A 200 22.23 3.07 3.89
C GLN A 200 22.00 2.92 5.38
N TYR A 201 22.09 1.69 5.86
CA TYR A 201 21.89 1.42 7.28
C TYR A 201 22.40 0.02 7.63
N SER A 202 22.23 -0.37 8.90
CA SER A 202 22.66 -1.67 9.35
C SER A 202 21.87 -2.09 10.59
N TRP A 203 21.00 -3.07 10.42
CA TRP A 203 20.19 -3.57 11.52
C TRP A 203 20.57 -5.00 11.85
N TRP A 204 20.64 -5.30 13.14
CA TRP A 204 21.01 -6.64 13.59
C TRP A 204 19.90 -7.65 13.25
N PRO A 205 20.23 -8.90 13.03
CA PRO A 205 19.20 -9.93 12.70
C PRO A 205 17.97 -9.83 13.59
N ASP A 206 16.79 -9.89 12.98
CA ASP A 206 15.54 -9.79 13.73
C ASP A 206 14.40 -10.45 12.95
N ASN A 207 13.35 -9.68 12.70
CA ASN A 207 12.19 -10.19 11.98
C ASN A 207 11.94 -9.37 10.71
N GLU A 208 10.74 -9.49 10.17
CA GLU A 208 10.37 -8.75 8.97
C GLU A 208 10.44 -7.24 9.24
N GLN A 209 10.45 -6.88 10.51
CA GLN A 209 10.52 -5.49 10.92
C GLN A 209 11.81 -4.84 10.42
N ALA A 210 12.88 -5.63 10.40
CA ALA A 210 14.18 -5.13 9.97
C ALA A 210 14.11 -4.59 8.54
N GLU A 211 13.37 -5.29 7.68
CA GLU A 211 13.24 -4.88 6.30
C GLU A 211 12.80 -3.42 6.22
N MET A 212 11.53 -3.17 6.51
CA MET A 212 10.99 -1.82 6.46
C MET A 212 11.93 -0.82 7.14
N LEU A 213 12.75 -1.31 8.06
CA LEU A 213 13.68 -0.45 8.79
C LEU A 213 14.76 0.11 7.86
N ASN A 214 14.35 0.78 6.79
CA ASN A 214 15.28 1.36 5.85
C ASN A 214 16.23 0.32 5.28
N LEU A 215 15.89 -0.96 5.47
CA LEU A 215 16.74 -2.02 4.96
C LEU A 215 16.10 -2.68 3.75
N GLY A 216 14.78 -2.59 3.65
CA GLY A 216 14.07 -3.18 2.52
C GLY A 216 12.59 -2.82 2.54
N TRP A 217 11.89 -3.17 1.47
CA TRP A 217 10.46 -2.91 1.39
C TRP A 217 9.75 -4.11 0.81
N ARG A 218 8.90 -4.75 1.61
CA ARG A 218 8.17 -5.93 1.16
C ARG A 218 7.08 -5.52 0.17
N PHE A 219 6.24 -4.58 0.58
CA PHE A 219 5.17 -4.10 -0.28
C PHE A 219 4.69 -2.73 0.14
N ASP A 220 5.26 -1.68 -0.45
CA ASP A 220 4.83 -0.32 -0.13
C ASP A 220 5.35 0.67 -1.15
N TYR A 221 4.64 0.84 -2.27
CA TYR A 221 5.08 1.79 -3.29
C TYR A 221 3.94 2.72 -3.68
N GLN A 222 4.25 4.00 -3.90
CA GLN A 222 3.24 4.98 -4.29
C GLN A 222 3.35 5.25 -5.79
N LEU A 223 2.33 4.83 -6.54
CA LEU A 223 2.35 5.01 -7.99
C LEU A 223 1.18 5.86 -8.45
N LEU A 224 1.49 6.80 -9.33
CA LEU A 224 0.49 7.69 -9.89
C LEU A 224 0.57 7.68 -11.41
N THR A 225 -0.32 8.43 -12.05
CA THR A 225 -0.33 8.50 -13.49
C THR A 225 0.54 9.65 -13.97
N PRO A 226 1.04 9.61 -15.17
CA PRO A 226 1.88 10.71 -15.73
C PRO A 226 1.13 12.04 -15.74
N GLY A 227 0.00 12.09 -15.04
CA GLY A 227 -0.80 13.31 -14.98
C GLY A 227 -0.39 14.15 -13.79
N LEU A 228 0.25 13.49 -12.83
CA LEU A 228 0.71 14.17 -11.63
C LEU A 228 2.20 13.91 -11.41
N ARG A 229 2.78 12.98 -12.18
CA ARG A 229 4.19 12.62 -12.01
C ARG A 229 5.03 13.78 -11.45
N ARG A 230 4.86 14.96 -12.01
CA ARG A 230 5.63 16.12 -11.57
C ARG A 230 4.84 16.99 -10.59
N PHE A 231 4.03 16.35 -9.76
CA PHE A 231 3.22 17.09 -8.78
C PHE A 231 3.31 16.45 -7.39
N VAL A 232 4.53 16.14 -6.96
CA VAL A 232 4.74 15.56 -5.64
C VAL A 232 5.33 16.64 -4.72
N ARG A 233 4.58 17.03 -3.69
CA ARG A 233 5.07 18.09 -2.81
C ARG A 233 6.14 17.59 -1.83
N SER A 234 5.97 16.38 -1.31
CA SER A 234 6.93 15.82 -0.36
C SER A 234 6.71 14.33 -0.19
N ALA A 235 7.61 13.68 0.55
CA ALA A 235 7.51 12.26 0.81
C ALA A 235 8.24 11.93 2.10
N ARG A 236 7.47 11.65 3.15
CA ARG A 236 8.07 11.31 4.44
C ARG A 236 7.99 9.81 4.64
N LEU A 237 9.15 9.17 4.79
CA LEU A 237 9.20 7.73 4.99
C LEU A 237 9.66 7.40 6.41
N PRO A 238 9.22 6.28 6.96
CA PRO A 238 9.62 5.87 8.34
C PRO A 238 11.08 5.47 8.41
N ARG A 239 11.77 5.96 9.43
CA ARG A 239 13.18 5.64 9.62
C ARG A 239 13.31 4.58 10.70
N GLN A 240 12.26 4.45 11.50
CA GLN A 240 12.21 3.48 12.58
C GLN A 240 10.78 3.01 12.80
N PRO A 241 10.58 1.87 13.41
CA PRO A 241 9.22 1.33 13.66
C PRO A 241 8.37 2.31 14.47
N ARG A 242 7.06 2.18 14.34
CA ARG A 242 6.13 3.07 15.04
C ARG A 242 6.31 2.93 16.54
N PHE A 243 7.41 3.48 17.03
CA PHE A 243 7.70 3.44 18.44
C PHE A 243 8.46 4.70 18.86
N SER A 244 7.70 5.79 18.96
CA SER A 244 8.21 7.11 19.36
C SER A 244 7.58 8.21 18.50
N GLN A 245 8.40 8.99 17.79
CA GLN A 245 7.90 10.06 16.94
C GLN A 245 7.99 9.70 15.47
N HIS A 246 8.17 8.42 15.18
CA HIS A 246 8.25 7.96 13.79
C HIS A 246 6.90 8.09 13.11
N ALA A 247 6.91 8.30 11.80
CA ALA A 247 5.66 8.45 11.05
C ALA A 247 5.59 7.48 9.85
N PRO A 248 4.41 7.24 9.35
CA PRO A 248 4.16 6.33 8.19
C PRO A 248 4.63 6.93 6.86
N LEU A 249 4.54 6.13 5.77
CA LEU A 249 4.97 6.63 4.46
C LEU A 249 3.90 7.55 3.90
N ILE A 250 4.12 8.87 4.04
CA ILE A 250 3.16 9.84 3.56
C ILE A 250 3.71 10.66 2.40
N VAL A 251 2.80 11.11 1.53
CA VAL A 251 3.20 11.93 0.40
C VAL A 251 2.36 13.21 0.36
N ASP A 252 3.04 14.35 0.39
CA ASP A 252 2.36 15.65 0.37
C ASP A 252 2.12 16.11 -1.06
N TYR A 253 0.91 16.63 -1.31
CA TYR A 253 0.50 17.14 -2.62
C TYR A 253 -0.99 16.90 -2.80
N ASP A 254 -1.30 15.66 -3.15
CA ASP A 254 -2.68 15.27 -3.35
C ASP A 254 -3.55 15.77 -2.22
N TRP A 255 -4.85 15.76 -2.45
CA TRP A 255 -5.79 16.23 -1.45
C TRP A 255 -7.16 15.59 -1.61
N THR A 256 -7.75 15.15 -0.50
CA THR A 256 -9.06 14.51 -0.51
C THR A 256 -10.00 15.22 -1.47
N LEU A 257 -10.75 14.44 -2.25
CA LEU A 257 -11.70 15.01 -3.19
C LEU A 257 -13.09 15.06 -2.57
N THR A 258 -13.95 15.90 -3.11
CA THR A 258 -15.30 16.02 -2.58
C THR A 258 -16.29 15.23 -3.43
N ILE A 259 -17.33 14.70 -2.78
CA ILE A 259 -18.34 13.91 -3.49
C ILE A 259 -19.66 14.67 -3.52
N MET A 1 -4.79 14.36 3.06
CA MET A 1 -3.54 15.17 3.11
C MET A 1 -2.38 14.36 2.54
N ARG A 2 -2.55 13.04 2.47
CA ARG A 2 -1.49 12.18 1.94
C ARG A 2 -1.92 10.73 1.80
N ILE A 3 -1.00 9.91 1.32
CA ILE A 3 -1.27 8.48 1.17
C ILE A 3 -0.38 7.71 2.14
N ILE A 4 -1.00 7.07 3.12
CA ILE A 4 -0.25 6.32 4.13
C ILE A 4 -0.32 4.81 3.88
N SER A 5 0.83 4.14 3.98
CA SER A 5 0.87 2.69 3.76
C SER A 5 1.61 2.01 4.91
N VAL A 6 1.02 0.92 5.41
CA VAL A 6 1.64 0.19 6.50
C VAL A 6 1.02 -1.19 6.66
N ASN A 7 1.78 -2.12 7.24
CA ASN A 7 1.30 -3.49 7.44
C ASN A 7 1.33 -3.85 8.92
N VAL A 8 0.25 -4.46 9.40
CA VAL A 8 0.14 -4.84 10.81
C VAL A 8 -0.71 -6.09 10.98
N ASN A 9 -0.17 -7.09 11.67
CA ASN A 9 -0.87 -8.34 11.92
C ASN A 9 -1.85 -8.15 13.08
N GLY A 10 -2.57 -7.05 13.02
CA GLY A 10 -3.54 -6.70 14.05
C GLY A 10 -3.62 -5.19 14.17
N ILE A 11 -4.57 -4.61 13.45
CA ILE A 11 -4.75 -3.16 13.40
C ILE A 11 -4.71 -2.56 14.79
N GLN A 12 -5.26 -3.32 15.68
CA GLN A 12 -5.36 -2.95 17.08
C GLN A 12 -3.98 -2.71 17.55
N THR A 13 -3.10 -3.45 16.93
CA THR A 13 -1.70 -3.36 17.23
C THR A 13 -1.17 -2.11 16.57
N ALA A 14 -1.82 -1.74 15.46
CA ALA A 14 -1.32 -0.53 14.76
C ALA A 14 -1.52 0.71 15.62
N VAL A 15 -2.67 0.74 16.26
CA VAL A 15 -3.02 1.84 17.12
C VAL A 15 -2.18 1.79 18.39
N GLU A 16 -1.87 0.57 18.85
CA GLU A 16 -1.08 0.41 20.06
C GLU A 16 0.32 0.91 19.80
N ARG A 17 0.64 1.00 18.52
CA ARG A 17 1.96 1.49 18.12
C ARG A 17 1.97 3.00 18.02
N GLY A 18 0.79 3.58 17.81
CA GLY A 18 0.67 5.03 17.70
C GLY A 18 0.30 5.44 16.28
N LEU A 19 0.09 4.45 15.43
CA LEU A 19 -0.27 4.72 14.05
C LEU A 19 -1.52 5.59 14.00
N LEU A 20 -2.50 5.25 14.83
CA LEU A 20 -3.75 6.00 14.90
C LEU A 20 -3.47 7.48 15.08
N SER A 21 -2.47 7.78 15.89
CA SER A 21 -2.10 9.17 16.12
C SER A 21 -1.51 9.75 14.85
N TRP A 22 -1.03 8.87 13.97
CA TRP A 22 -0.42 9.32 12.72
C TRP A 22 -1.46 9.55 11.61
N LEU A 23 -2.66 9.00 11.76
CA LEU A 23 -3.68 9.14 10.72
C LEU A 23 -4.50 10.39 10.94
N GLN A 24 -4.70 10.68 12.20
CA GLN A 24 -5.47 11.84 12.59
C GLN A 24 -4.63 13.08 12.41
N ALA A 25 -3.38 12.93 12.78
CA ALA A 25 -2.41 14.01 12.68
C ALA A 25 -2.15 14.41 11.25
N GLN A 26 -2.06 13.41 10.39
CA GLN A 26 -1.75 13.68 9.00
C GLN A 26 -2.98 14.03 8.19
N ASN A 27 -4.15 13.78 8.76
CA ASN A 27 -5.38 14.09 8.05
C ASN A 27 -5.31 13.51 6.65
N ALA A 28 -4.49 12.48 6.50
CA ALA A 28 -4.31 11.82 5.20
C ALA A 28 -5.66 11.62 4.52
N ASP A 29 -5.62 11.40 3.22
CA ASP A 29 -6.84 11.19 2.45
C ASP A 29 -7.11 9.71 2.31
N VAL A 30 -6.10 8.98 1.82
CA VAL A 30 -6.23 7.54 1.64
C VAL A 30 -5.29 6.82 2.61
N ILE A 31 -5.87 6.17 3.61
CA ILE A 31 -5.08 5.47 4.60
C ILE A 31 -5.12 3.96 4.33
N CYS A 32 -4.10 3.47 3.63
CA CYS A 32 -4.03 2.05 3.29
C CYS A 32 -3.36 1.25 4.40
N LEU A 33 -4.12 0.34 4.99
CA LEU A 33 -3.61 -0.52 6.05
C LEU A 33 -3.78 -1.99 5.68
N GLN A 34 -2.66 -2.72 5.63
CA GLN A 34 -2.71 -4.14 5.30
C GLN A 34 -2.92 -4.96 6.56
N ASP A 35 -3.48 -6.14 6.41
CA ASP A 35 -3.73 -6.99 7.56
C ASP A 35 -4.52 -6.21 8.61
N THR A 36 -5.73 -5.83 8.23
CA THR A 36 -6.60 -5.06 9.12
C THR A 36 -7.20 -5.96 10.20
N ARG A 37 -7.20 -7.26 9.95
CA ARG A 37 -7.73 -8.22 10.90
C ARG A 37 -9.19 -7.91 11.29
N ALA A 38 -9.72 -6.76 10.88
CA ALA A 38 -11.10 -6.42 11.23
C ALA A 38 -11.65 -5.33 10.32
N SER A 39 -12.99 -5.30 10.21
CA SER A 39 -13.68 -4.30 9.40
C SER A 39 -14.45 -3.37 10.33
N ALA A 40 -15.25 -2.48 9.75
CA ALA A 40 -16.06 -1.56 10.54
C ALA A 40 -16.71 -2.40 11.60
N PHE A 41 -17.30 -3.49 11.10
CA PHE A 41 -17.97 -4.46 11.93
C PHE A 41 -17.29 -4.54 13.29
N GLU A 42 -16.01 -4.14 13.35
CA GLU A 42 -15.29 -4.14 14.63
C GLU A 42 -14.57 -2.79 14.82
N LEU A 43 -13.91 -2.37 13.77
CA LEU A 43 -13.13 -1.14 13.75
C LEU A 43 -13.98 0.05 14.12
N ASP A 44 -15.09 0.20 13.43
CA ASP A 44 -15.97 1.34 13.68
C ASP A 44 -16.20 1.48 15.17
N ASP A 45 -15.80 0.47 15.95
CA ASP A 45 -15.98 0.57 17.39
C ASP A 45 -15.42 1.92 17.86
N PRO A 46 -15.97 2.51 18.89
CA PRO A 46 -15.51 3.84 19.41
C PRO A 46 -14.05 3.82 19.87
N ALA A 47 -13.40 2.67 19.72
CA ALA A 47 -12.01 2.53 20.13
C ALA A 47 -11.05 2.96 19.03
N TYR A 48 -11.54 3.01 17.79
CA TYR A 48 -10.69 3.39 16.66
C TYR A 48 -11.03 4.79 16.14
N GLN A 49 -12.08 5.40 16.70
CA GLN A 49 -12.46 6.73 16.27
C GLN A 49 -11.34 7.73 16.58
N LEU A 50 -11.14 8.71 15.69
CA LEU A 50 -10.08 9.70 15.89
C LEU A 50 -10.70 11.08 16.11
N ASP A 51 -10.18 12.07 15.40
CA ASP A 51 -10.71 13.42 15.52
C ASP A 51 -11.98 13.49 14.71
N GLY A 52 -11.97 12.80 13.57
CA GLY A 52 -13.14 12.78 12.70
C GLY A 52 -12.79 12.32 11.30
N TYR A 53 -12.91 11.02 11.04
CA TYR A 53 -12.63 10.49 9.70
C TYR A 53 -13.63 9.42 9.31
N PHE A 54 -13.83 9.25 8.00
CA PHE A 54 -14.76 8.24 7.50
C PHE A 54 -14.11 6.87 7.54
N LEU A 55 -14.92 5.82 7.41
CA LEU A 55 -14.39 4.47 7.43
C LEU A 55 -14.97 3.64 6.28
N TYR A 56 -14.13 3.37 5.30
CA TYR A 56 -14.53 2.57 4.15
C TYR A 56 -13.54 1.43 3.97
N ALA A 57 -14.04 0.21 3.96
CA ALA A 57 -13.16 -0.94 3.83
C ALA A 57 -13.89 -2.23 4.13
N CYS A 58 -13.36 -3.32 3.61
CA CYS A 58 -13.98 -4.63 3.81
C CYS A 58 -13.07 -5.64 4.51
N GLU A 59 -13.70 -6.74 4.89
CA GLU A 59 -13.03 -7.84 5.57
C GLU A 59 -13.18 -9.09 4.72
N ALA A 60 -12.15 -9.93 4.70
CA ALA A 60 -12.20 -11.14 3.88
C ALA A 60 -12.16 -12.39 4.74
N GLU A 61 -10.95 -12.90 4.90
CA GLU A 61 -10.70 -14.08 5.72
C GLU A 61 -10.14 -13.56 7.03
N VAL A 62 -10.96 -12.75 7.66
CA VAL A 62 -10.61 -12.08 8.89
C VAL A 62 -10.01 -13.01 9.95
N PRO A 63 -10.57 -14.17 10.21
CA PRO A 63 -9.96 -15.13 11.19
C PRO A 63 -8.48 -15.41 10.88
N ALA A 64 -7.94 -14.68 9.90
CA ALA A 64 -6.54 -14.84 9.53
C ALA A 64 -5.81 -13.50 9.63
N GLN A 65 -6.32 -12.51 8.89
CA GLN A 65 -5.71 -11.17 8.90
C GLN A 65 -6.23 -10.34 7.73
N GLY A 66 -6.72 -11.02 6.69
CA GLY A 66 -7.21 -10.34 5.51
C GLY A 66 -8.11 -9.17 5.86
N GLY A 67 -8.51 -8.45 4.83
CA GLY A 67 -9.36 -7.29 4.99
C GLY A 67 -8.62 -6.03 4.64
N VAL A 68 -9.10 -5.39 3.61
CA VAL A 68 -8.52 -4.16 3.12
C VAL A 68 -9.05 -2.98 3.92
N ALA A 69 -8.16 -2.31 4.65
CA ALA A 69 -8.55 -1.18 5.49
C ALA A 69 -8.27 0.16 4.79
N LEU A 70 -9.30 0.99 4.64
CA LEU A 70 -9.13 2.28 4.00
C LEU A 70 -9.90 3.36 4.75
N TYR A 71 -9.19 4.13 5.57
CA TYR A 71 -9.82 5.21 6.32
C TYR A 71 -9.55 6.52 5.63
N SER A 72 -10.60 7.28 5.31
CA SER A 72 -10.43 8.55 4.61
C SER A 72 -11.24 9.67 5.23
N ARG A 73 -10.84 10.90 4.93
CA ARG A 73 -11.55 12.08 5.43
C ARG A 73 -12.76 12.37 4.55
N LEU A 74 -12.85 11.66 3.42
CA LEU A 74 -13.95 11.83 2.48
C LEU A 74 -14.87 10.63 2.46
N GLN A 75 -15.82 10.65 1.52
CA GLN A 75 -16.80 9.56 1.40
C GLN A 75 -16.71 8.91 0.01
N PRO A 76 -15.97 7.84 -0.15
CA PRO A 76 -15.86 7.15 -1.48
C PRO A 76 -17.21 6.63 -1.94
N LYS A 77 -17.34 6.40 -3.26
CA LYS A 77 -18.59 5.90 -3.79
C LYS A 77 -18.37 4.52 -4.39
N ALA A 78 -17.36 4.42 -5.25
CA ALA A 78 -17.03 3.15 -5.88
C ALA A 78 -16.20 2.32 -4.92
N VAL A 79 -16.85 1.41 -4.20
CA VAL A 79 -16.13 0.56 -3.26
C VAL A 79 -16.22 -0.91 -3.64
N ILE A 80 -15.14 -1.42 -4.22
CA ILE A 80 -15.11 -2.85 -4.58
C ILE A 80 -14.06 -3.52 -3.72
N THR A 81 -14.47 -4.55 -3.04
CA THR A 81 -13.59 -5.31 -2.16
C THR A 81 -13.23 -6.62 -2.80
N GLY A 82 -12.59 -6.50 -3.94
CA GLY A 82 -12.20 -7.67 -4.71
C GLY A 82 -12.63 -7.51 -6.15
N LEU A 83 -13.13 -8.59 -6.74
CA LEU A 83 -13.58 -8.55 -8.12
C LEU A 83 -14.84 -9.38 -8.33
N GLY A 84 -15.42 -9.94 -7.26
CA GLY A 84 -16.62 -10.74 -7.42
C GLY A 84 -17.55 -10.60 -6.21
N PHE A 85 -18.00 -11.75 -5.73
CA PHE A 85 -18.89 -11.81 -4.59
C PHE A 85 -18.19 -12.42 -3.38
N GLU A 86 -18.19 -13.74 -3.29
CA GLU A 86 -17.54 -14.41 -2.17
C GLU A 86 -16.04 -14.08 -2.20
N THR A 87 -15.43 -14.28 -3.36
CA THR A 87 -14.01 -14.03 -3.51
C THR A 87 -13.63 -12.71 -2.85
N ALA A 88 -14.46 -11.69 -3.07
CA ALA A 88 -14.22 -10.38 -2.47
C ALA A 88 -14.27 -10.49 -0.95
N ASP A 89 -15.19 -11.29 -0.50
CA ASP A 89 -15.42 -11.55 0.92
C ASP A 89 -14.34 -12.47 1.49
N ARG A 90 -13.36 -12.84 0.66
CA ARG A 90 -12.32 -13.76 1.09
C ARG A 90 -10.96 -13.30 0.58
N TYR A 91 -10.95 -12.15 -0.08
CA TYR A 91 -9.70 -11.59 -0.58
C TYR A 91 -9.25 -10.46 0.33
N GLY A 92 -10.07 -9.41 0.43
CA GLY A 92 -9.71 -8.29 1.28
C GLY A 92 -8.35 -7.76 0.87
N ARG A 93 -7.84 -8.27 -0.24
CA ARG A 93 -6.56 -7.88 -0.72
C ARG A 93 -6.68 -7.02 -1.96
N TYR A 94 -7.86 -6.45 -2.25
CA TYR A 94 -7.97 -5.61 -3.43
C TYR A 94 -9.16 -4.68 -3.30
N LEU A 95 -8.89 -3.38 -3.09
CA LEU A 95 -9.98 -2.42 -2.93
C LEU A 95 -9.79 -1.21 -3.85
N GLN A 96 -10.66 -1.10 -4.83
CA GLN A 96 -10.61 0.02 -5.76
C GLN A 96 -11.57 1.13 -5.31
N ALA A 97 -11.06 2.35 -5.29
CA ALA A 97 -11.86 3.51 -4.90
C ALA A 97 -12.04 4.42 -6.11
N ASP A 98 -13.29 4.78 -6.42
CA ASP A 98 -13.53 5.62 -7.58
C ASP A 98 -14.81 6.45 -7.43
N PHE A 99 -15.05 7.30 -8.43
CA PHE A 99 -16.22 8.19 -8.48
C PHE A 99 -15.83 9.60 -8.04
N ASP A 100 -15.18 10.32 -8.95
CA ASP A 100 -14.75 11.69 -8.68
C ASP A 100 -14.08 12.28 -9.92
N LYS A 101 -12.82 12.68 -9.77
CA LYS A 101 -12.07 13.25 -10.89
C LYS A 101 -10.93 12.32 -11.29
N VAL A 102 -10.76 11.24 -10.54
CA VAL A 102 -9.69 10.29 -10.81
C VAL A 102 -9.92 9.00 -10.00
N SER A 103 -9.41 7.88 -10.51
CA SER A 103 -9.58 6.61 -9.83
C SER A 103 -8.37 6.30 -8.96
N ILE A 104 -8.64 5.85 -7.73
CA ILE A 104 -7.58 5.52 -6.79
C ILE A 104 -7.83 4.15 -6.18
N ALA A 105 -6.81 3.30 -6.21
CA ALA A 105 -6.95 1.95 -5.67
C ALA A 105 -5.85 1.65 -4.66
N THR A 106 -6.14 0.72 -3.74
CA THR A 106 -5.17 0.32 -2.74
C THR A 106 -5.10 -1.19 -2.74
N LEU A 107 -3.97 -1.74 -3.17
CA LEU A 107 -3.84 -3.18 -3.25
C LEU A 107 -2.78 -3.69 -2.27
N LEU A 108 -3.24 -4.37 -1.23
CA LEU A 108 -2.31 -4.94 -0.26
C LEU A 108 -2.15 -6.43 -0.57
N LEU A 109 -0.91 -6.80 -0.87
CA LEU A 109 -0.60 -8.18 -1.22
C LEU A 109 0.64 -8.66 -0.48
N PRO A 110 0.55 -8.86 0.81
CA PRO A 110 1.70 -9.31 1.63
C PRO A 110 2.36 -10.56 1.04
N SER A 111 3.52 -10.37 0.41
CA SER A 111 4.24 -11.47 -0.21
C SER A 111 5.49 -11.82 0.61
N GLY A 112 6.08 -10.81 1.24
CA GLY A 112 7.28 -11.02 2.04
C GLY A 112 7.01 -11.97 3.20
N GLN A 113 5.87 -11.78 3.85
CA GLN A 113 5.48 -12.64 4.96
C GLN A 113 5.07 -14.02 4.46
N ASN A 114 4.68 -14.08 3.19
CA ASN A 114 4.25 -15.36 2.61
C ASN A 114 5.40 -16.02 1.85
N GLY A 115 5.44 -15.80 0.53
CA GLY A 115 6.48 -16.39 -0.30
C GLY A 115 6.05 -16.45 -1.75
N ASP A 116 6.64 -17.37 -2.52
CA ASP A 116 6.31 -17.52 -3.93
C ASP A 116 4.89 -18.05 -4.09
N GLU A 117 4.32 -18.55 -3.00
CA GLU A 117 2.96 -19.07 -3.04
C GLU A 117 1.99 -17.90 -3.27
N ASP A 118 2.27 -16.80 -2.61
CA ASP A 118 1.45 -15.61 -2.74
C ASP A 118 1.53 -15.10 -4.17
N LEU A 119 2.73 -15.13 -4.74
CA LEU A 119 2.92 -14.67 -6.11
C LEU A 119 1.92 -15.34 -7.04
N ASN A 120 1.93 -16.67 -7.05
CA ASN A 120 1.04 -17.43 -7.91
C ASN A 120 -0.38 -16.92 -7.78
N GLN A 121 -0.85 -16.80 -6.56
CA GLN A 121 -2.17 -16.26 -6.34
C GLN A 121 -2.20 -14.89 -6.97
N LYS A 122 -1.09 -14.17 -6.78
CA LYS A 122 -0.98 -12.82 -7.31
C LYS A 122 -0.93 -12.85 -8.84
N PHE A 123 -0.52 -13.97 -9.42
CA PHE A 123 -0.45 -14.08 -10.86
C PHE A 123 -1.85 -13.92 -11.45
N LYS A 124 -2.78 -14.72 -10.96
CA LYS A 124 -4.16 -14.71 -11.45
C LYS A 124 -4.76 -13.32 -11.28
N LEU A 125 -4.63 -12.78 -10.08
CA LEU A 125 -5.14 -11.44 -9.83
C LEU A 125 -4.39 -10.46 -10.71
N MET A 126 -3.10 -10.70 -10.88
CA MET A 126 -2.28 -9.81 -11.68
C MET A 126 -2.80 -9.73 -13.11
N ASP A 127 -3.06 -10.88 -13.71
CA ASP A 127 -3.56 -10.91 -15.08
C ASP A 127 -4.77 -10.01 -15.21
N ASP A 128 -5.71 -10.14 -14.28
CA ASP A 128 -6.91 -9.32 -14.32
C ASP A 128 -6.58 -7.85 -14.05
N PHE A 129 -5.69 -7.61 -13.10
CA PHE A 129 -5.30 -6.25 -12.73
C PHE A 129 -4.58 -5.56 -13.87
N ALA A 130 -3.65 -6.25 -14.48
CA ALA A 130 -2.92 -5.69 -15.60
C ALA A 130 -3.92 -5.31 -16.66
N ARG A 131 -4.94 -6.14 -16.79
CA ARG A 131 -5.99 -5.89 -17.76
C ARG A 131 -6.84 -4.70 -17.33
N TYR A 132 -6.89 -4.46 -16.03
CA TYR A 132 -7.66 -3.36 -15.46
C TYR A 132 -6.92 -2.06 -15.65
N LEU A 133 -5.67 -2.03 -15.18
CA LEU A 133 -4.84 -0.86 -15.32
C LEU A 133 -4.74 -0.54 -16.80
N ASP A 134 -4.53 -1.59 -17.59
CA ASP A 134 -4.46 -1.42 -19.03
C ASP A 134 -5.83 -1.02 -19.57
N LYS A 135 -6.90 -1.67 -19.06
CA LYS A 135 -8.24 -1.31 -19.52
C LYS A 135 -8.65 0.06 -18.99
N GLN A 136 -7.98 0.49 -17.93
CA GLN A 136 -8.26 1.77 -17.33
C GLN A 136 -7.37 2.84 -17.93
N ARG A 137 -6.20 2.42 -18.42
CA ARG A 137 -5.25 3.33 -19.03
C ARG A 137 -5.87 3.90 -20.30
N ARG A 138 -6.71 3.10 -20.96
CA ARG A 138 -7.37 3.54 -22.17
C ARG A 138 -8.17 4.81 -21.91
N LYS A 139 -8.77 4.88 -20.73
CA LYS A 139 -9.58 6.05 -20.36
C LYS A 139 -8.71 7.31 -20.32
N ARG A 140 -9.37 8.48 -20.32
CA ARG A 140 -8.65 9.75 -20.32
C ARG A 140 -8.33 10.20 -18.89
N ARG A 141 -9.23 9.92 -17.95
CA ARG A 141 -9.02 10.32 -16.56
C ARG A 141 -7.64 9.87 -16.07
N GLU A 142 -7.35 10.14 -14.79
CA GLU A 142 -6.08 9.74 -14.22
C GLU A 142 -6.27 8.54 -13.31
N TYR A 143 -5.19 7.89 -12.93
CA TYR A 143 -5.29 6.71 -12.07
C TYR A 143 -4.11 6.66 -11.11
N ILE A 144 -4.36 6.18 -9.89
CA ILE A 144 -3.28 6.10 -8.91
C ILE A 144 -3.38 4.81 -8.11
N TYR A 145 -2.36 3.97 -8.27
CA TYR A 145 -2.31 2.69 -7.58
C TYR A 145 -1.28 2.73 -6.46
N CYS A 146 -1.74 2.50 -5.24
CA CYS A 146 -0.84 2.47 -4.09
C CYS A 146 -0.98 1.13 -3.37
N GLY A 147 0.00 0.26 -3.53
CA GLY A 147 -0.09 -1.04 -2.89
C GLY A 147 1.30 -1.62 -2.62
N SER A 148 1.31 -2.90 -2.27
CA SER A 148 2.56 -3.59 -1.99
C SER A 148 2.60 -4.94 -2.71
N LEU A 149 3.57 -5.10 -3.61
CA LEU A 149 3.71 -6.33 -4.36
C LEU A 149 5.13 -6.86 -4.21
N TYR A 150 5.41 -8.02 -4.81
CA TYR A 150 6.73 -8.60 -4.74
C TYR A 150 7.66 -7.95 -5.77
N VAL A 151 7.71 -6.62 -5.72
CA VAL A 151 8.56 -5.86 -6.65
C VAL A 151 9.68 -5.19 -5.89
N ALA A 152 10.91 -5.41 -6.35
CA ALA A 152 12.07 -4.82 -5.71
C ALA A 152 13.10 -4.40 -6.76
N GLN A 153 13.37 -3.10 -6.83
CA GLN A 153 14.34 -2.59 -7.79
C GLN A 153 15.76 -2.98 -7.36
N GLN A 154 15.86 -3.54 -6.16
CA GLN A 154 17.16 -3.96 -5.62
C GLN A 154 18.12 -2.78 -5.53
N LYS A 155 17.64 -1.60 -5.93
CA LYS A 155 18.46 -0.40 -5.89
C LYS A 155 18.18 0.41 -4.62
N LEU A 156 16.98 0.24 -4.07
CA LEU A 156 16.57 0.98 -2.88
C LEU A 156 16.29 0.03 -1.71
N ASP A 157 16.42 -1.27 -1.95
CA ASP A 157 16.18 -2.26 -0.91
C ASP A 157 17.29 -3.32 -0.93
N ILE A 158 18.43 -2.94 -1.47
CA ILE A 158 19.57 -3.85 -1.56
C ILE A 158 20.00 -4.34 -0.19
N LYS A 159 19.69 -3.58 0.85
CA LYS A 159 20.11 -3.97 2.20
C LYS A 159 19.45 -5.28 2.61
N ASN A 160 18.14 -5.37 2.41
CA ASN A 160 17.39 -6.58 2.77
C ASN A 160 17.29 -7.52 1.57
N TRP A 161 18.31 -7.47 0.71
CA TRP A 161 18.33 -8.32 -0.48
C TRP A 161 17.87 -9.73 -0.14
N ARG A 162 17.91 -10.08 1.14
CA ARG A 162 17.51 -11.41 1.59
C ARG A 162 16.04 -11.70 1.29
N ASP A 163 15.16 -10.71 1.51
CA ASP A 163 13.73 -10.90 1.27
C ASP A 163 13.25 -10.07 0.08
N SER A 164 14.07 -9.12 -0.35
CA SER A 164 13.68 -8.27 -1.48
C SER A 164 13.46 -9.13 -2.71
N GLN A 165 14.09 -10.29 -2.72
CA GLN A 165 13.98 -11.21 -3.84
C GLN A 165 13.07 -12.39 -3.49
N GLN A 166 12.32 -12.23 -2.39
CA GLN A 166 11.43 -13.28 -1.89
C GLN A 166 12.22 -14.54 -1.52
N SER A 167 13.35 -14.75 -2.19
CA SER A 167 14.17 -15.92 -1.91
C SER A 167 15.64 -15.61 -2.21
N PRO A 168 16.54 -16.52 -1.95
CA PRO A 168 18.01 -16.31 -2.20
C PRO A 168 18.28 -15.88 -3.64
N GLY A 169 17.57 -16.51 -4.58
CA GLY A 169 17.74 -16.18 -6.00
C GLY A 169 16.94 -14.94 -6.36
N PHE A 170 17.34 -14.26 -7.44
CA PHE A 170 16.66 -13.06 -7.88
C PHE A 170 15.33 -13.42 -8.56
N LEU A 171 14.42 -12.45 -8.62
CA LEU A 171 13.12 -12.69 -9.24
C LEU A 171 13.21 -12.47 -10.76
N ALA A 172 12.70 -13.43 -11.51
CA ALA A 172 12.74 -13.35 -12.98
C ALA A 172 11.72 -12.37 -13.57
N PRO A 173 10.45 -12.56 -13.30
CA PRO A 173 9.37 -11.68 -13.86
C PRO A 173 9.40 -10.25 -13.32
N GLU A 174 10.16 -10.03 -12.26
CA GLU A 174 10.25 -8.69 -11.69
C GLU A 174 10.94 -7.75 -12.67
N ARG A 175 12.09 -8.17 -13.17
CA ARG A 175 12.85 -7.34 -14.10
C ARG A 175 11.92 -6.81 -15.19
N ALA A 176 11.11 -7.70 -15.76
CA ALA A 176 10.17 -7.32 -16.81
C ALA A 176 8.98 -6.55 -16.22
N TRP A 177 8.77 -6.70 -14.91
CA TRP A 177 7.65 -6.03 -14.25
C TRP A 177 7.90 -4.53 -14.15
N MET A 178 8.95 -4.16 -13.43
CA MET A 178 9.28 -2.76 -13.25
C MET A 178 9.79 -2.15 -14.56
N ASP A 179 10.59 -2.90 -15.29
CA ASP A 179 11.13 -2.38 -16.55
C ASP A 179 10.00 -2.03 -17.51
N GLU A 180 9.04 -2.93 -17.61
CA GLU A 180 7.92 -2.72 -18.49
C GLU A 180 7.00 -1.60 -17.98
N ILE A 181 7.11 -1.23 -16.70
CA ILE A 181 6.22 -0.18 -16.18
C ILE A 181 6.92 1.17 -15.97
N VAL A 182 8.04 1.16 -15.27
CA VAL A 182 8.78 2.38 -14.98
C VAL A 182 9.91 2.55 -15.95
N GLY A 183 10.40 1.43 -16.43
CA GLY A 183 11.45 1.46 -17.42
C GLY A 183 10.84 2.11 -18.63
N ASN A 184 9.51 2.20 -18.57
CA ASN A 184 8.76 2.86 -19.65
C ASN A 184 8.92 4.36 -19.48
N MET A 185 9.57 4.72 -18.38
CA MET A 185 9.80 6.12 -18.06
C MET A 185 8.47 6.85 -18.15
N GLY A 186 7.40 6.07 -18.06
CA GLY A 186 6.06 6.61 -18.10
C GLY A 186 5.44 6.57 -16.72
N TYR A 187 5.81 5.55 -15.94
CA TYR A 187 5.27 5.43 -14.59
C TYR A 187 6.29 5.94 -13.57
N VAL A 188 5.84 6.83 -12.68
CA VAL A 188 6.71 7.39 -11.67
C VAL A 188 6.56 6.67 -10.35
N ASP A 189 7.68 6.50 -9.66
CA ASP A 189 7.68 5.84 -8.37
C ASP A 189 7.67 6.88 -7.26
N ALA A 190 6.48 7.35 -6.90
CA ALA A 190 6.35 8.37 -5.87
C ALA A 190 7.28 8.05 -4.70
N LEU A 191 7.64 6.79 -4.57
CA LEU A 191 8.54 6.36 -3.50
C LEU A 191 9.93 6.88 -3.73
N ARG A 192 10.47 6.46 -4.85
CA ARG A 192 11.81 6.84 -5.27
C ARG A 192 11.80 8.14 -6.08
N GLU A 193 10.68 8.87 -6.05
CA GLU A 193 10.59 10.10 -6.80
C GLU A 193 11.02 11.30 -5.96
N VAL A 194 10.82 11.20 -4.65
CA VAL A 194 11.17 12.29 -3.76
C VAL A 194 12.07 11.82 -2.61
N SER A 195 11.91 10.57 -2.19
CA SER A 195 12.72 10.03 -1.10
C SER A 195 14.15 9.76 -1.58
N ARG A 196 15.03 9.45 -0.63
CA ARG A 196 16.41 9.18 -0.94
C ARG A 196 16.53 7.91 -1.78
N GLU A 197 17.40 7.98 -2.77
CA GLU A 197 17.62 6.83 -3.66
C GLU A 197 18.36 5.72 -2.92
N GLY A 198 18.00 5.51 -1.67
CA GLY A 198 18.65 4.47 -0.87
C GLY A 198 20.10 4.83 -0.58
N ASP A 199 20.40 5.14 0.68
CA ASP A 199 21.75 5.51 1.07
C ASP A 199 21.94 5.44 2.58
N GLN A 200 20.90 5.81 3.32
CA GLN A 200 20.96 5.79 4.77
C GLN A 200 20.48 4.46 5.32
N TYR A 201 20.98 4.08 6.49
CA TYR A 201 20.60 2.81 7.09
C TYR A 201 20.45 2.96 8.61
N SER A 202 19.72 2.02 9.22
CA SER A 202 19.50 2.04 10.64
C SER A 202 19.24 0.63 11.16
N TRP A 203 20.21 0.09 11.88
CA TRP A 203 20.08 -1.26 12.43
C TRP A 203 19.97 -1.22 13.95
N TRP A 204 18.92 -1.85 14.47
CA TRP A 204 18.69 -1.90 15.91
C TRP A 204 18.47 -3.35 16.36
N PRO A 205 18.85 -3.70 17.57
CA PRO A 205 18.67 -5.09 18.08
C PRO A 205 17.20 -5.42 18.34
N ASP A 206 16.73 -6.53 17.76
CA ASP A 206 15.35 -6.96 17.94
C ASP A 206 15.13 -8.30 17.26
N ASN A 207 14.22 -8.31 16.28
CA ASN A 207 13.92 -9.54 15.55
C ASN A 207 13.76 -9.24 14.06
N GLU A 208 12.82 -9.91 13.41
CA GLU A 208 12.57 -9.68 11.99
C GLU A 208 12.12 -8.25 11.75
N GLN A 209 11.71 -7.60 12.84
CA GLN A 209 11.25 -6.21 12.77
C GLN A 209 12.37 -5.30 12.28
N ALA A 210 13.60 -5.75 12.43
CA ALA A 210 14.75 -4.95 12.01
C ALA A 210 14.64 -4.59 10.53
N GLU A 211 13.93 -5.42 9.77
CA GLU A 211 13.76 -5.16 8.34
C GLU A 211 12.97 -3.86 8.12
N MET A 212 11.68 -3.90 8.45
CA MET A 212 10.82 -2.73 8.28
C MET A 212 11.45 -1.49 8.88
N LEU A 213 12.32 -1.68 9.87
CA LEU A 213 12.99 -0.56 10.54
C LEU A 213 13.95 0.16 9.58
N ASN A 214 13.40 0.65 8.46
CA ASN A 214 14.21 1.36 7.48
C ASN A 214 15.31 0.46 6.94
N LEU A 215 14.98 -0.80 6.72
CA LEU A 215 15.95 -1.76 6.20
C LEU A 215 15.29 -2.67 5.16
N GLY A 216 13.98 -2.80 5.27
CA GLY A 216 13.22 -3.63 4.37
C GLY A 216 11.73 -3.48 4.60
N TRP A 217 11.11 -2.58 3.87
CA TRP A 217 9.68 -2.35 4.02
C TRP A 217 8.90 -3.37 3.18
N ARG A 218 7.60 -3.40 3.37
CA ARG A 218 6.76 -4.33 2.62
C ARG A 218 6.77 -3.96 1.14
N PHE A 219 7.61 -2.98 0.80
CA PHE A 219 7.72 -2.52 -0.57
C PHE A 219 6.40 -1.93 -1.04
N ASP A 220 6.26 -0.61 -0.89
CA ASP A 220 5.04 0.06 -1.30
C ASP A 220 5.23 0.74 -2.65
N TYR A 221 4.56 0.21 -3.66
CA TYR A 221 4.66 0.78 -5.00
C TYR A 221 3.59 1.83 -5.23
N GLN A 222 4.00 3.10 -5.25
CA GLN A 222 3.06 4.18 -5.47
C GLN A 222 3.14 4.62 -6.94
N LEU A 223 2.16 4.15 -7.70
CA LEU A 223 2.11 4.45 -9.13
C LEU A 223 0.99 5.42 -9.47
N LEU A 224 1.40 6.48 -10.15
CA LEU A 224 0.49 7.52 -10.58
C LEU A 224 0.64 7.81 -12.07
N THR A 225 -0.18 8.71 -12.57
CA THR A 225 -0.10 9.10 -13.97
C THR A 225 0.72 10.39 -14.08
N PRO A 226 1.36 10.65 -15.20
CA PRO A 226 2.15 11.90 -15.37
C PRO A 226 1.33 13.16 -15.06
N GLY A 227 0.11 12.98 -14.57
CA GLY A 227 -0.74 14.10 -14.24
C GLY A 227 -0.54 14.52 -12.79
N LEU A 228 -0.72 13.57 -11.89
CA LEU A 228 -0.55 13.83 -10.47
C LEU A 228 0.92 14.10 -10.17
N ARG A 229 1.80 13.59 -11.03
CA ARG A 229 3.27 13.69 -10.90
C ARG A 229 3.72 14.55 -9.72
N ARG A 230 3.08 15.68 -9.57
CA ARG A 230 3.41 16.60 -8.48
C ARG A 230 2.65 16.22 -7.20
N PHE A 231 2.16 14.99 -7.13
CA PHE A 231 1.39 14.53 -5.98
C PHE A 231 2.27 13.91 -4.91
N VAL A 232 3.37 14.57 -4.61
CA VAL A 232 4.28 14.09 -3.58
C VAL A 232 5.25 15.18 -3.14
N ARG A 233 4.77 16.16 -2.38
CA ARG A 233 5.66 17.22 -1.92
C ARG A 233 6.73 16.66 -0.98
N SER A 234 6.43 15.54 -0.33
CA SER A 234 7.39 14.93 0.60
C SER A 234 7.16 13.42 0.69
N ALA A 235 8.03 12.73 1.41
CA ALA A 235 7.91 11.28 1.59
C ALA A 235 8.68 10.86 2.84
N ARG A 236 7.96 10.55 3.92
CA ARG A 236 8.61 10.16 5.17
C ARG A 236 8.43 8.67 5.46
N LEU A 237 9.55 7.95 5.52
CA LEU A 237 9.53 6.52 5.79
C LEU A 237 9.81 6.25 7.27
N PRO A 238 9.45 5.09 7.76
CA PRO A 238 9.67 4.71 9.18
C PRO A 238 11.15 4.57 9.54
N ARG A 239 11.49 4.99 10.75
CA ARG A 239 12.88 4.93 11.21
C ARG A 239 12.98 5.40 12.66
N GLN A 240 11.89 5.23 13.41
CA GLN A 240 11.87 5.67 14.81
C GLN A 240 11.10 4.65 15.66
N PRO A 241 11.29 4.64 16.98
CA PRO A 241 10.54 3.69 17.86
C PRO A 241 9.04 3.85 17.73
N ARG A 242 8.30 2.77 17.99
CA ARG A 242 6.85 2.79 17.89
C ARG A 242 6.25 3.43 19.13
N PHE A 243 6.38 4.74 19.23
CA PHE A 243 5.83 5.48 20.35
C PHE A 243 5.51 6.91 19.93
N SER A 244 4.42 7.05 19.18
CA SER A 244 4.00 8.36 18.69
C SER A 244 5.07 8.99 17.79
N GLN A 245 6.22 8.32 17.69
CA GLN A 245 7.32 8.81 16.86
C GLN A 245 7.44 7.99 15.57
N HIS A 246 6.51 7.06 15.38
CA HIS A 246 6.55 6.20 14.20
C HIS A 246 6.21 7.01 12.95
N ALA A 247 6.88 6.69 11.85
CA ALA A 247 6.66 7.39 10.59
C ALA A 247 6.33 6.41 9.46
N PRO A 248 5.07 6.06 9.30
CA PRO A 248 4.62 5.11 8.24
C PRO A 248 5.00 5.61 6.85
N LEU A 249 4.77 4.77 5.85
CA LEU A 249 5.08 5.19 4.48
C LEU A 249 4.05 6.21 4.06
N ILE A 250 4.41 7.48 4.17
CA ILE A 250 3.49 8.57 3.84
C ILE A 250 4.04 9.44 2.71
N VAL A 251 3.13 10.03 1.94
CA VAL A 251 3.51 10.93 0.86
C VAL A 251 2.74 12.23 1.04
N ASP A 252 3.48 13.30 1.31
CA ASP A 252 2.91 14.63 1.51
C ASP A 252 2.71 15.33 0.18
N TYR A 253 1.75 16.27 0.16
CA TYR A 253 1.43 17.06 -1.03
C TYR A 253 0.14 17.79 -0.78
N ASP A 254 -0.93 17.24 -1.33
CA ASP A 254 -2.27 17.81 -1.16
C ASP A 254 -3.26 16.74 -0.67
N TRP A 255 -4.36 17.19 -0.09
CA TRP A 255 -5.39 16.27 0.41
C TRP A 255 -6.36 15.90 -0.71
N THR A 256 -7.16 14.87 -0.49
CA THR A 256 -8.12 14.46 -1.52
C THR A 256 -9.49 15.10 -1.28
N LEU A 257 -10.03 15.75 -2.32
CA LEU A 257 -11.33 16.40 -2.22
C LEU A 257 -12.41 15.37 -1.92
N THR A 258 -13.62 15.85 -1.70
CA THR A 258 -14.75 14.97 -1.38
C THR A 258 -15.87 15.12 -2.40
N ILE A 259 -16.60 14.03 -2.62
CA ILE A 259 -17.71 14.03 -3.56
C ILE A 259 -18.89 14.81 -3.00
N MET A 1 -0.49 13.77 4.23
CA MET A 1 -1.55 14.68 3.73
C MET A 1 -2.00 14.23 2.34
N ARG A 2 -1.85 12.93 2.07
CA ARG A 2 -2.25 12.38 0.79
C ARG A 2 -2.41 10.86 0.89
N ILE A 3 -1.29 10.13 0.90
CA ILE A 3 -1.35 8.67 0.97
C ILE A 3 -0.40 8.14 2.06
N ILE A 4 -0.91 7.25 2.92
CA ILE A 4 -0.09 6.66 3.98
C ILE A 4 -0.13 5.13 3.87
N SER A 5 1.01 4.46 4.13
CA SER A 5 1.04 3.01 4.03
C SER A 5 1.79 2.42 5.21
N VAL A 6 1.25 1.35 5.78
CA VAL A 6 1.87 0.72 6.92
C VAL A 6 1.53 -0.77 7.00
N ASN A 7 2.47 -1.56 7.49
CA ASN A 7 2.27 -3.00 7.63
C ASN A 7 2.13 -3.37 9.10
N VAL A 8 1.10 -4.17 9.41
CA VAL A 8 0.87 -4.56 10.80
C VAL A 8 0.00 -5.81 10.87
N ASN A 9 0.46 -6.80 11.64
CA ASN A 9 -0.29 -8.03 11.81
C ASN A 9 -1.22 -7.88 13.01
N GLY A 10 -1.95 -6.78 13.01
CA GLY A 10 -2.88 -6.46 14.08
C GLY A 10 -2.96 -4.95 14.25
N ILE A 11 -3.98 -4.36 13.65
CA ILE A 11 -4.19 -2.92 13.67
C ILE A 11 -4.08 -2.39 15.08
N GLN A 12 -4.44 -3.26 15.98
CA GLN A 12 -4.44 -2.99 17.40
C GLN A 12 -3.04 -2.70 17.77
N THR A 13 -2.17 -3.40 17.09
CA THR A 13 -0.75 -3.24 17.33
C THR A 13 -0.32 -1.96 16.66
N ALA A 14 -1.05 -1.56 15.62
CA ALA A 14 -0.68 -0.33 14.91
C ALA A 14 -0.91 0.89 15.80
N VAL A 15 -2.02 0.85 16.50
CA VAL A 15 -2.38 1.93 17.39
C VAL A 15 -1.46 1.93 18.60
N GLU A 16 -1.05 0.74 19.03
CA GLU A 16 -0.16 0.65 20.19
C GLU A 16 1.21 1.16 19.80
N ARG A 17 1.39 1.29 18.49
CA ARG A 17 2.66 1.77 17.96
C ARG A 17 2.65 3.30 17.86
N GLY A 18 1.49 3.85 17.48
CA GLY A 18 1.36 5.31 17.37
C GLY A 18 0.71 5.70 16.04
N LEU A 19 0.42 4.74 15.18
CA LEU A 19 -0.19 5.02 13.89
C LEU A 19 -1.47 5.83 14.06
N LEU A 20 -2.28 5.48 15.05
CA LEU A 20 -3.54 6.16 15.27
C LEU A 20 -3.30 7.62 15.54
N SER A 21 -2.24 7.88 16.30
CA SER A 21 -1.87 9.23 16.62
C SER A 21 -1.40 9.95 15.37
N TRP A 22 -0.76 9.22 14.45
CA TRP A 22 -0.29 9.86 13.22
C TRP A 22 -1.33 9.78 12.12
N LEU A 23 -2.28 8.90 12.31
CA LEU A 23 -3.35 8.72 11.34
C LEU A 23 -4.22 9.96 11.29
N GLN A 24 -4.50 10.50 12.47
CA GLN A 24 -5.30 11.72 12.55
C GLN A 24 -4.43 12.91 12.21
N ALA A 25 -3.18 12.85 12.66
CA ALA A 25 -2.25 13.92 12.37
C ALA A 25 -2.02 14.03 10.87
N GLN A 26 -1.95 12.88 10.21
CA GLN A 26 -1.70 12.85 8.77
C GLN A 26 -2.93 13.31 8.00
N ASN A 27 -4.12 13.10 8.58
CA ASN A 27 -5.36 13.48 7.91
C ASN A 27 -5.26 13.25 6.41
N ALA A 28 -4.45 12.28 6.02
CA ALA A 28 -4.24 11.97 4.61
C ALA A 28 -5.56 11.63 3.91
N ASP A 29 -5.49 11.43 2.60
CA ASP A 29 -6.69 11.11 1.83
C ASP A 29 -7.13 9.68 2.12
N VAL A 30 -6.18 8.75 2.03
CA VAL A 30 -6.47 7.35 2.29
C VAL A 30 -5.42 6.75 3.21
N ILE A 31 -5.84 5.82 4.05
CA ILE A 31 -4.94 5.16 4.99
C ILE A 31 -4.90 3.67 4.71
N CYS A 32 -3.81 3.21 4.11
CA CYS A 32 -3.65 1.80 3.77
C CYS A 32 -3.02 1.03 4.93
N LEU A 33 -3.56 -0.14 5.22
CA LEU A 33 -3.06 -0.96 6.31
C LEU A 33 -3.16 -2.45 5.94
N GLN A 34 -2.07 -3.18 6.14
CA GLN A 34 -2.03 -4.60 5.83
C GLN A 34 -2.34 -5.44 7.06
N ASP A 35 -3.21 -6.43 6.89
CA ASP A 35 -3.58 -7.30 7.99
C ASP A 35 -4.09 -6.47 9.16
N THR A 36 -5.30 -5.94 9.02
CA THR A 36 -5.89 -5.14 10.07
C THR A 36 -6.44 -6.03 11.18
N ARG A 37 -6.76 -7.27 10.83
CA ARG A 37 -7.29 -8.25 11.78
C ARG A 37 -8.65 -7.81 12.32
N ALA A 38 -8.99 -6.54 12.16
CA ALA A 38 -10.27 -6.05 12.64
C ALA A 38 -11.40 -6.49 11.72
N SER A 39 -12.64 -6.22 12.11
CA SER A 39 -13.77 -6.61 11.29
C SER A 39 -13.96 -5.63 10.13
N ALA A 40 -15.09 -5.77 9.45
CA ALA A 40 -15.40 -4.91 8.32
C ALA A 40 -16.23 -3.72 8.77
N PHE A 41 -16.66 -3.71 10.02
CA PHE A 41 -17.48 -2.60 10.52
C PHE A 41 -17.33 -2.43 12.03
N GLU A 42 -16.26 -2.96 12.62
CA GLU A 42 -16.05 -2.81 14.05
C GLU A 42 -15.08 -1.67 14.31
N LEU A 43 -14.24 -1.44 13.32
CA LEU A 43 -13.22 -0.42 13.39
C LEU A 43 -13.85 0.95 13.59
N ASP A 44 -14.79 1.27 12.71
CA ASP A 44 -15.47 2.55 12.79
C ASP A 44 -15.96 2.81 14.20
N ASP A 45 -15.93 1.79 15.05
CA ASP A 45 -16.39 1.97 16.43
C ASP A 45 -15.46 2.95 17.15
N PRO A 46 -15.94 3.70 18.12
CA PRO A 46 -15.10 4.68 18.87
C PRO A 46 -13.75 4.09 19.25
N ALA A 47 -13.64 2.77 19.15
CA ALA A 47 -12.39 2.08 19.50
C ALA A 47 -11.22 2.53 18.62
N TYR A 48 -11.48 2.72 17.31
CA TYR A 48 -10.42 3.12 16.39
C TYR A 48 -10.70 4.51 15.78
N GLN A 49 -11.92 5.01 15.94
CA GLN A 49 -12.25 6.31 15.39
C GLN A 49 -11.41 7.41 16.05
N LEU A 50 -10.86 8.31 15.22
CA LEU A 50 -10.02 9.38 15.75
C LEU A 50 -10.65 10.76 15.50
N ASP A 51 -9.88 11.63 14.85
CA ASP A 51 -10.34 12.99 14.56
C ASP A 51 -11.61 12.94 13.73
N GLY A 52 -11.59 12.17 12.66
CA GLY A 52 -12.76 12.04 11.80
C GLY A 52 -12.49 11.16 10.59
N TYR A 53 -12.64 9.86 10.76
CA TYR A 53 -12.41 8.92 9.66
C TYR A 53 -13.46 7.81 9.65
N PHE A 54 -13.87 7.42 8.45
CA PHE A 54 -14.86 6.35 8.29
C PHE A 54 -14.21 5.11 7.68
N LEU A 55 -14.71 3.94 8.04
CA LEU A 55 -14.14 2.69 7.54
C LEU A 55 -14.72 2.28 6.21
N TYR A 56 -13.81 1.99 5.28
CA TYR A 56 -14.17 1.52 3.96
C TYR A 56 -13.09 0.56 3.50
N ALA A 57 -13.40 -0.72 3.43
CA ALA A 57 -12.40 -1.71 3.04
C ALA A 57 -12.92 -3.13 3.13
N CYS A 58 -12.16 -4.06 2.52
CA CYS A 58 -12.56 -5.45 2.53
C CYS A 58 -11.73 -6.27 3.50
N GLU A 59 -12.40 -7.10 4.28
CA GLU A 59 -11.71 -7.92 5.25
C GLU A 59 -11.37 -9.30 4.69
N ALA A 60 -10.10 -9.70 4.81
CA ALA A 60 -9.66 -11.00 4.34
C ALA A 60 -10.33 -12.07 5.20
N GLU A 61 -10.60 -13.24 4.63
CA GLU A 61 -11.24 -14.34 5.37
C GLU A 61 -10.27 -15.49 5.52
N VAL A 62 -9.09 -15.24 5.01
CA VAL A 62 -8.06 -16.25 4.91
C VAL A 62 -7.01 -16.22 6.01
N PRO A 63 -6.54 -15.07 6.46
CA PRO A 63 -5.47 -14.99 7.43
C PRO A 63 -5.98 -14.48 8.77
N ALA A 64 -5.55 -13.28 9.09
CA ALA A 64 -5.94 -12.64 10.34
C ALA A 64 -7.37 -12.17 10.26
N GLN A 65 -7.98 -12.35 9.08
CA GLN A 65 -9.36 -11.96 8.86
C GLN A 65 -9.45 -10.52 8.34
N GLY A 66 -8.37 -10.03 7.71
CA GLY A 66 -8.36 -8.67 7.17
C GLY A 66 -7.25 -8.48 6.13
N GLY A 67 -7.59 -7.96 4.92
CA GLY A 67 -6.58 -7.77 3.89
C GLY A 67 -6.34 -6.31 3.55
N VAL A 68 -7.37 -5.61 3.01
CA VAL A 68 -7.20 -4.24 2.59
C VAL A 68 -8.00 -3.32 3.48
N ALA A 69 -7.28 -2.47 4.23
CA ALA A 69 -7.94 -1.53 5.13
C ALA A 69 -7.73 -0.10 4.64
N LEU A 70 -8.81 0.54 4.17
CA LEU A 70 -8.71 1.92 3.70
C LEU A 70 -9.64 2.81 4.49
N TYR A 71 -9.05 3.74 5.24
CA TYR A 71 -9.83 4.67 6.05
C TYR A 71 -9.72 6.06 5.44
N SER A 72 -10.86 6.66 5.11
CA SER A 72 -10.88 7.99 4.50
C SER A 72 -11.74 8.95 5.31
N ARG A 73 -11.40 10.24 5.26
CA ARG A 73 -12.18 11.24 5.98
C ARG A 73 -13.60 11.27 5.45
N LEU A 74 -13.72 11.13 4.14
CA LEU A 74 -15.03 11.13 3.50
C LEU A 74 -15.45 9.69 3.15
N GLN A 75 -16.59 9.57 2.49
CA GLN A 75 -17.10 8.27 2.11
C GLN A 75 -16.90 8.05 0.60
N PRO A 76 -15.99 7.20 0.18
CA PRO A 76 -15.75 6.97 -1.26
C PRO A 76 -17.06 6.72 -2.00
N LYS A 77 -17.14 7.23 -3.22
CA LYS A 77 -18.35 7.07 -4.03
C LYS A 77 -18.36 5.67 -4.62
N ALA A 78 -17.24 4.99 -4.46
CA ALA A 78 -17.10 3.64 -4.97
C ALA A 78 -16.22 2.83 -4.04
N VAL A 79 -16.76 1.74 -3.49
CA VAL A 79 -15.97 0.90 -2.58
C VAL A 79 -16.00 -0.54 -3.06
N ILE A 80 -14.95 -0.96 -3.75
CA ILE A 80 -14.90 -2.34 -4.27
C ILE A 80 -14.17 -3.21 -3.32
N THR A 81 -14.94 -4.05 -2.65
CA THR A 81 -14.38 -4.93 -1.69
C THR A 81 -13.91 -6.20 -2.34
N GLY A 82 -13.09 -6.04 -3.36
CA GLY A 82 -12.55 -7.20 -4.05
C GLY A 82 -12.43 -6.97 -5.56
N LEU A 83 -11.78 -7.90 -6.25
CA LEU A 83 -11.61 -7.78 -7.69
C LEU A 83 -12.98 -7.78 -8.37
N GLY A 84 -13.87 -8.64 -7.90
CA GLY A 84 -15.22 -8.73 -8.48
C GLY A 84 -15.76 -10.16 -8.43
N PHE A 85 -15.39 -10.89 -7.39
CA PHE A 85 -15.85 -12.27 -7.23
C PHE A 85 -16.24 -12.56 -5.79
N GLU A 86 -16.92 -13.69 -5.58
CA GLU A 86 -17.34 -14.07 -4.22
C GLU A 86 -16.14 -14.23 -3.30
N THR A 87 -15.06 -14.80 -3.83
CA THR A 87 -13.85 -14.99 -3.04
C THR A 87 -13.17 -13.64 -2.83
N ALA A 88 -13.43 -12.71 -3.74
CA ALA A 88 -12.85 -11.38 -3.66
C ALA A 88 -13.28 -10.68 -2.36
N ASP A 89 -14.55 -10.86 -2.01
CA ASP A 89 -15.11 -10.27 -0.80
C ASP A 89 -14.54 -10.95 0.44
N ARG A 90 -13.70 -11.96 0.21
CA ARG A 90 -13.11 -12.72 1.30
C ARG A 90 -11.60 -12.62 1.25
N TYR A 91 -11.08 -12.18 0.11
CA TYR A 91 -9.65 -12.02 -0.03
C TYR A 91 -9.18 -10.84 0.80
N GLY A 92 -9.84 -9.69 0.64
CA GLY A 92 -9.45 -8.52 1.39
C GLY A 92 -8.24 -7.90 0.74
N ARG A 93 -7.87 -8.45 -0.38
CA ARG A 93 -6.70 -7.99 -1.12
C ARG A 93 -7.04 -7.10 -2.31
N TYR A 94 -8.22 -6.46 -2.39
CA TYR A 94 -8.46 -5.60 -3.54
C TYR A 94 -9.53 -4.56 -3.25
N LEU A 95 -9.14 -3.28 -3.19
CA LEU A 95 -10.14 -2.24 -2.95
C LEU A 95 -9.97 -1.08 -3.90
N GLN A 96 -10.89 -0.98 -4.84
CA GLN A 96 -10.86 0.13 -5.79
C GLN A 96 -11.73 1.26 -5.26
N ALA A 97 -11.17 2.46 -5.18
CA ALA A 97 -11.92 3.60 -4.65
C ALA A 97 -12.14 4.68 -5.71
N ASP A 98 -13.30 5.31 -5.66
CA ASP A 98 -13.61 6.37 -6.63
C ASP A 98 -14.51 7.44 -6.01
N PHE A 99 -14.28 8.69 -6.41
CA PHE A 99 -15.06 9.81 -5.91
C PHE A 99 -15.65 10.60 -7.07
N ASP A 100 -15.97 9.88 -8.15
CA ASP A 100 -16.53 10.50 -9.35
C ASP A 100 -15.40 11.06 -10.22
N LYS A 101 -14.31 11.48 -9.57
CA LYS A 101 -13.16 12.03 -10.29
C LYS A 101 -11.88 11.46 -9.69
N VAL A 102 -10.85 11.32 -10.53
CA VAL A 102 -9.57 10.79 -10.07
C VAL A 102 -9.79 9.62 -9.11
N SER A 103 -9.80 8.41 -9.68
CA SER A 103 -10.01 7.21 -8.87
C SER A 103 -8.75 6.83 -8.12
N ILE A 104 -8.91 6.33 -6.90
CA ILE A 104 -7.77 5.91 -6.11
C ILE A 104 -8.01 4.49 -5.59
N ALA A 105 -7.35 3.54 -6.21
CA ALA A 105 -7.49 2.14 -5.81
C ALA A 105 -6.27 1.70 -5.05
N THR A 106 -6.44 0.74 -4.14
CA THR A 106 -5.30 0.26 -3.37
C THR A 106 -5.13 -1.24 -3.52
N LEU A 107 -4.01 -1.62 -4.12
CA LEU A 107 -3.72 -3.02 -4.36
C LEU A 107 -2.86 -3.60 -3.23
N LEU A 108 -3.45 -4.51 -2.49
CA LEU A 108 -2.76 -5.16 -1.38
C LEU A 108 -2.48 -6.62 -1.71
N LEU A 109 -1.23 -6.90 -2.06
CA LEU A 109 -0.83 -8.27 -2.41
C LEU A 109 0.51 -8.65 -1.74
N PRO A 110 0.48 -8.99 -0.48
CA PRO A 110 1.72 -9.38 0.27
C PRO A 110 2.10 -10.85 0.01
N SER A 111 2.97 -11.05 -0.97
CA SER A 111 3.43 -12.39 -1.32
C SER A 111 4.87 -12.61 -0.88
N GLY A 112 5.64 -11.53 -0.87
CA GLY A 112 7.05 -11.62 -0.48
C GLY A 112 7.16 -12.14 0.95
N GLN A 113 6.27 -11.64 1.81
CA GLN A 113 6.26 -12.06 3.20
C GLN A 113 5.77 -13.50 3.30
N ASN A 114 5.03 -13.94 2.29
CA ASN A 114 4.50 -15.31 2.30
C ASN A 114 5.42 -16.26 1.54
N GLY A 115 5.10 -16.50 0.26
CA GLY A 115 5.89 -17.39 -0.56
C GLY A 115 5.44 -17.34 -2.02
N ASP A 116 6.05 -18.17 -2.87
CA ASP A 116 5.72 -18.19 -4.29
C ASP A 116 4.26 -18.58 -4.52
N GLU A 117 3.77 -19.56 -3.77
CA GLU A 117 2.40 -20.00 -3.93
C GLU A 117 1.47 -18.80 -4.12
N ASP A 118 1.79 -17.72 -3.42
CA ASP A 118 1.00 -16.50 -3.52
C ASP A 118 1.23 -15.83 -4.87
N LEU A 119 2.47 -15.86 -5.36
CA LEU A 119 2.77 -15.25 -6.64
C LEU A 119 1.84 -15.82 -7.70
N ASN A 120 1.88 -17.13 -7.88
CA ASN A 120 1.07 -17.81 -8.88
C ASN A 120 -0.37 -17.36 -8.77
N GLN A 121 -0.89 -17.35 -7.55
CA GLN A 121 -2.24 -16.89 -7.36
C GLN A 121 -2.29 -15.45 -7.81
N LYS A 122 -1.20 -14.74 -7.51
CA LYS A 122 -1.10 -13.33 -7.88
C LYS A 122 -0.99 -13.19 -9.40
N PHE A 123 -0.48 -14.21 -10.07
CA PHE A 123 -0.33 -14.14 -11.52
C PHE A 123 -1.70 -14.01 -12.18
N LYS A 124 -2.61 -14.89 -11.78
CA LYS A 124 -3.95 -14.87 -12.35
C LYS A 124 -4.59 -13.51 -12.08
N LEU A 125 -4.47 -13.05 -10.86
CA LEU A 125 -5.01 -11.75 -10.49
C LEU A 125 -4.29 -10.68 -11.29
N MET A 126 -3.00 -10.89 -11.47
CA MET A 126 -2.16 -9.93 -12.19
C MET A 126 -2.64 -9.76 -13.62
N ASP A 127 -2.89 -10.87 -14.31
CA ASP A 127 -3.34 -10.81 -15.69
C ASP A 127 -4.62 -9.98 -15.81
N ASP A 128 -5.55 -10.20 -14.88
CA ASP A 128 -6.80 -9.46 -14.88
C ASP A 128 -6.55 -7.98 -14.58
N PHE A 129 -5.63 -7.73 -13.65
CA PHE A 129 -5.30 -6.37 -13.24
C PHE A 129 -4.72 -5.59 -14.40
N ALA A 130 -3.84 -6.24 -15.15
CA ALA A 130 -3.22 -5.59 -16.29
C ALA A 130 -4.32 -5.26 -17.28
N ARG A 131 -5.29 -6.16 -17.37
CA ARG A 131 -6.40 -5.97 -18.29
C ARG A 131 -7.37 -4.91 -17.75
N TYR A 132 -7.41 -4.76 -16.42
CA TYR A 132 -8.30 -3.81 -15.77
C TYR A 132 -7.73 -2.41 -15.85
N LEU A 133 -6.48 -2.26 -15.39
CA LEU A 133 -5.84 -0.96 -15.46
C LEU A 133 -5.82 -0.55 -16.92
N ASP A 134 -5.50 -1.51 -17.78
CA ASP A 134 -5.49 -1.26 -19.20
C ASP A 134 -6.89 -0.97 -19.67
N LYS A 135 -7.88 -1.77 -19.21
CA LYS A 135 -9.26 -1.51 -19.65
C LYS A 135 -9.75 -0.18 -19.09
N GLN A 136 -9.15 0.25 -17.98
CA GLN A 136 -9.52 1.53 -17.37
C GLN A 136 -8.63 2.64 -17.89
N ARG A 137 -7.50 2.25 -18.48
CA ARG A 137 -6.57 3.21 -19.04
C ARG A 137 -7.21 3.87 -20.27
N ARG A 138 -8.08 3.11 -20.91
CA ARG A 138 -8.77 3.62 -22.10
C ARG A 138 -9.52 4.91 -21.75
N LYS A 139 -10.12 4.95 -20.58
CA LYS A 139 -10.85 6.14 -20.14
C LYS A 139 -9.88 7.29 -19.86
N ARG A 140 -10.31 8.50 -20.17
CA ARG A 140 -9.48 9.68 -19.95
C ARG A 140 -9.47 10.08 -18.48
N ARG A 141 -10.22 9.33 -17.67
CA ARG A 141 -10.30 9.63 -16.25
C ARG A 141 -8.99 9.27 -15.54
N GLU A 142 -8.54 10.15 -14.65
CA GLU A 142 -7.30 9.93 -13.92
C GLU A 142 -7.47 8.80 -12.92
N TYR A 143 -6.37 8.13 -12.59
CA TYR A 143 -6.42 7.02 -11.63
C TYR A 143 -5.09 6.89 -10.89
N ILE A 144 -5.15 6.31 -9.69
CA ILE A 144 -3.93 6.13 -8.88
C ILE A 144 -3.85 4.72 -8.32
N TYR A 145 -2.77 4.02 -8.64
CA TYR A 145 -2.54 2.68 -8.14
C TYR A 145 -1.63 2.72 -6.91
N CYS A 146 -2.27 2.73 -5.75
CA CYS A 146 -1.54 2.76 -4.48
C CYS A 146 -1.54 1.37 -3.86
N GLY A 147 -0.55 0.55 -4.19
CA GLY A 147 -0.52 -0.80 -3.65
C GLY A 147 0.88 -1.22 -3.26
N SER A 148 0.95 -2.37 -2.60
CA SER A 148 2.22 -2.93 -2.17
C SER A 148 2.42 -4.29 -2.82
N LEU A 149 3.53 -4.43 -3.54
CA LEU A 149 3.84 -5.67 -4.22
C LEU A 149 5.18 -6.18 -3.73
N TYR A 150 5.39 -7.50 -3.85
CA TYR A 150 6.64 -8.09 -3.42
C TYR A 150 7.75 -7.72 -4.40
N VAL A 151 7.87 -6.42 -4.67
CA VAL A 151 8.89 -5.94 -5.60
C VAL A 151 9.96 -5.13 -4.87
N ALA A 152 11.21 -5.42 -5.17
CA ALA A 152 12.32 -4.73 -4.54
C ALA A 152 13.39 -4.38 -5.56
N GLN A 153 13.68 -3.08 -5.69
CA GLN A 153 14.70 -2.63 -6.64
C GLN A 153 16.10 -2.82 -6.05
N GLN A 154 16.21 -2.79 -4.73
CA GLN A 154 17.48 -2.95 -4.05
C GLN A 154 18.35 -1.71 -4.21
N LYS A 155 18.06 -0.92 -5.25
CA LYS A 155 18.81 0.30 -5.49
C LYS A 155 18.24 1.47 -4.71
N LEU A 156 17.05 1.29 -4.14
CA LEU A 156 16.41 2.37 -3.38
C LEU A 156 16.82 2.32 -1.91
N ASP A 157 16.92 1.10 -1.35
CA ASP A 157 17.30 0.89 0.06
C ASP A 157 16.58 -0.33 0.60
N ILE A 158 16.67 -1.43 -0.14
CA ILE A 158 16.03 -2.67 0.25
C ILE A 158 17.10 -3.75 0.39
N LYS A 159 18.18 -3.37 1.06
CA LYS A 159 19.30 -4.28 1.28
C LYS A 159 18.87 -5.58 1.96
N ASN A 160 17.56 -5.73 2.21
CA ASN A 160 17.05 -6.95 2.84
C ASN A 160 16.30 -7.78 1.81
N TRP A 161 16.03 -7.15 0.66
CA TRP A 161 15.30 -7.82 -0.42
C TRP A 161 15.79 -9.26 -0.60
N ARG A 162 16.98 -9.53 -0.10
CA ARG A 162 17.55 -10.86 -0.21
C ARG A 162 16.63 -11.90 0.43
N ASP A 163 16.09 -11.58 1.61
CA ASP A 163 15.19 -12.49 2.31
C ASP A 163 13.75 -11.97 2.35
N SER A 164 13.42 -11.01 1.49
CA SER A 164 12.07 -10.45 1.46
C SER A 164 11.40 -10.68 0.11
N GLN A 165 12.06 -10.27 -0.96
CA GLN A 165 11.53 -10.44 -2.30
C GLN A 165 12.29 -11.57 -2.99
N GLN A 166 13.60 -11.54 -2.83
CA GLN A 166 14.48 -12.56 -3.40
C GLN A 166 14.33 -13.86 -2.63
N SER A 167 13.13 -14.08 -2.07
CA SER A 167 12.85 -15.28 -1.30
C SER A 167 13.43 -16.52 -2.00
N PRO A 168 13.39 -17.66 -1.35
CA PRO A 168 13.93 -18.92 -1.93
C PRO A 168 13.46 -19.15 -3.36
N GLY A 169 14.38 -19.55 -4.21
CA GLY A 169 14.06 -19.78 -5.62
C GLY A 169 14.29 -18.52 -6.44
N PHE A 170 14.55 -17.41 -5.74
CA PHE A 170 14.80 -16.14 -6.41
C PHE A 170 13.87 -15.96 -7.60
N LEU A 171 12.73 -15.31 -7.38
CA LEU A 171 11.79 -15.11 -8.47
C LEU A 171 12.41 -14.26 -9.57
N ALA A 172 12.29 -14.78 -10.75
CA ALA A 172 12.80 -14.14 -11.96
C ALA A 172 11.87 -13.04 -12.46
N PRO A 173 10.58 -13.32 -12.49
CA PRO A 173 9.56 -12.35 -12.99
C PRO A 173 9.63 -10.99 -12.28
N GLU A 174 10.39 -10.92 -11.20
CA GLU A 174 10.52 -9.65 -10.48
C GLU A 174 11.22 -8.61 -11.33
N ARG A 175 12.40 -8.95 -11.85
CA ARG A 175 13.16 -8.01 -12.65
C ARG A 175 12.34 -7.54 -13.85
N ALA A 176 11.76 -8.49 -14.57
CA ALA A 176 10.95 -8.16 -15.74
C ALA A 176 9.68 -7.40 -15.36
N TRP A 177 9.13 -7.70 -14.18
CA TRP A 177 7.90 -7.05 -13.73
C TRP A 177 8.11 -5.57 -13.42
N MET A 178 9.12 -5.29 -12.61
CA MET A 178 9.40 -3.91 -12.25
C MET A 178 9.88 -3.14 -13.47
N ASP A 179 10.63 -3.84 -14.32
CA ASP A 179 11.17 -3.23 -15.54
C ASP A 179 10.07 -2.99 -16.57
N GLU A 180 9.28 -4.02 -16.80
CA GLU A 180 8.18 -3.98 -17.76
C GLU A 180 7.10 -3.00 -17.37
N ILE A 181 7.12 -2.50 -16.13
CA ILE A 181 6.09 -1.53 -15.71
C ILE A 181 6.72 -0.17 -15.62
N VAL A 182 8.00 -0.19 -15.38
CA VAL A 182 8.80 1.00 -15.25
C VAL A 182 9.27 1.50 -16.59
N GLY A 183 10.13 0.70 -17.14
CA GLY A 183 10.79 0.96 -18.41
C GLY A 183 9.76 1.22 -19.48
N ASN A 184 8.57 0.74 -19.21
CA ASN A 184 7.46 0.95 -20.13
C ASN A 184 7.06 2.41 -20.04
N MET A 185 7.69 3.08 -19.07
CA MET A 185 7.43 4.49 -18.83
C MET A 185 6.00 4.65 -18.35
N GLY A 186 5.44 3.54 -17.89
CA GLY A 186 4.07 3.54 -17.41
C GLY A 186 4.01 3.80 -15.91
N TYR A 187 5.11 3.53 -15.19
CA TYR A 187 5.09 3.75 -13.75
C TYR A 187 5.56 5.16 -13.37
N VAL A 188 5.01 5.69 -12.29
CA VAL A 188 5.42 6.99 -11.80
C VAL A 188 6.38 6.76 -10.65
N ASP A 189 7.40 7.60 -10.57
CA ASP A 189 8.42 7.47 -9.55
C ASP A 189 8.17 8.35 -8.33
N ALA A 190 6.89 8.61 -8.04
CA ALA A 190 6.55 9.44 -6.89
C ALA A 190 7.46 9.11 -5.71
N LEU A 191 7.98 7.89 -5.73
CA LEU A 191 8.90 7.43 -4.69
C LEU A 191 10.27 8.04 -4.90
N ARG A 192 10.82 7.75 -6.07
CA ARG A 192 12.15 8.24 -6.43
C ARG A 192 12.12 9.66 -6.98
N GLU A 193 10.98 10.33 -6.87
CA GLU A 193 10.87 11.70 -7.38
C GLU A 193 11.06 12.73 -6.27
N VAL A 194 10.98 12.28 -5.03
CA VAL A 194 11.15 13.20 -3.90
C VAL A 194 12.01 12.56 -2.81
N SER A 195 11.91 11.25 -2.67
CA SER A 195 12.68 10.53 -1.67
C SER A 195 14.18 10.60 -1.99
N ARG A 196 14.89 9.50 -1.75
CA ARG A 196 16.32 9.46 -2.02
C ARG A 196 16.66 8.25 -2.89
N GLU A 197 17.62 8.43 -3.79
CA GLU A 197 18.02 7.35 -4.69
C GLU A 197 18.96 6.39 -3.96
N GLY A 198 18.69 6.17 -2.68
CA GLY A 198 19.51 5.27 -1.88
C GLY A 198 20.62 6.03 -1.16
N ASP A 199 20.99 5.55 0.02
CA ASP A 199 22.04 6.19 0.79
C ASP A 199 22.72 5.17 1.72
N GLN A 200 22.76 5.49 3.01
CA GLN A 200 23.37 4.60 3.98
C GLN A 200 22.52 4.54 5.26
N TYR A 201 22.35 3.33 5.79
CA TYR A 201 21.56 3.15 7.00
C TYR A 201 22.28 2.25 7.98
N SER A 202 21.87 2.30 9.24
CA SER A 202 22.47 1.49 10.28
C SER A 202 21.42 1.11 11.32
N TRP A 203 21.05 -0.15 11.32
CA TRP A 203 20.05 -0.66 12.25
C TRP A 203 20.62 -1.78 13.11
N TRP A 204 20.05 -1.95 14.30
CA TRP A 204 20.50 -2.99 15.21
C TRP A 204 19.64 -4.25 15.02
N PRO A 205 20.19 -5.43 15.24
CA PRO A 205 19.44 -6.71 15.08
C PRO A 205 18.38 -6.89 16.17
N ASP A 206 17.29 -7.57 15.83
CA ASP A 206 16.22 -7.81 16.79
C ASP A 206 15.29 -8.90 16.28
N ASN A 207 14.51 -8.59 15.26
CA ASN A 207 13.56 -9.55 14.70
C ASN A 207 13.20 -9.17 13.26
N GLU A 208 12.07 -9.66 12.79
CA GLU A 208 11.62 -9.37 11.44
C GLU A 208 11.43 -7.87 11.25
N GLN A 209 10.95 -7.21 12.30
CA GLN A 209 10.73 -5.76 12.25
C GLN A 209 11.96 -5.06 11.70
N ALA A 210 13.11 -5.72 11.77
CA ALA A 210 14.35 -5.16 11.28
C ALA A 210 14.21 -4.80 9.80
N GLU A 211 13.45 -5.60 9.08
CA GLU A 211 13.24 -5.35 7.66
C GLU A 211 12.54 -4.00 7.46
N MET A 212 11.26 -3.95 7.79
CA MET A 212 10.48 -2.73 7.63
C MET A 212 11.18 -1.53 8.25
N LEU A 213 12.14 -1.79 9.15
CA LEU A 213 12.86 -0.70 9.79
C LEU A 213 13.83 -0.04 8.80
N ASN A 214 13.28 0.45 7.69
CA ASN A 214 14.08 1.11 6.67
C ASN A 214 15.07 0.13 6.03
N LEU A 215 14.68 -1.13 5.93
CA LEU A 215 15.54 -2.14 5.33
C LEU A 215 14.72 -3.05 4.41
N GLY A 216 13.41 -3.10 4.64
CA GLY A 216 12.53 -3.94 3.84
C GLY A 216 11.07 -3.63 4.15
N TRP A 217 10.56 -2.54 3.62
CA TRP A 217 9.18 -2.15 3.85
C TRP A 217 8.28 -2.75 2.78
N ARG A 218 6.99 -2.84 3.08
CA ARG A 218 6.05 -3.40 2.12
C ARG A 218 6.22 -2.72 0.77
N PHE A 219 6.80 -1.52 0.81
CA PHE A 219 7.06 -0.75 -0.41
C PHE A 219 5.74 -0.32 -1.05
N ASP A 220 5.32 0.90 -0.70
CA ASP A 220 4.09 1.45 -1.25
C ASP A 220 4.34 2.07 -2.60
N TYR A 221 3.72 1.48 -3.63
CA TYR A 221 3.88 1.99 -4.98
C TYR A 221 2.82 3.06 -5.25
N GLN A 222 3.27 4.32 -5.27
CA GLN A 222 2.37 5.44 -5.52
C GLN A 222 2.39 5.80 -6.99
N LEU A 223 1.65 5.02 -7.77
CA LEU A 223 1.59 5.24 -9.21
C LEU A 223 0.36 6.03 -9.60
N LEU A 224 0.61 7.17 -10.21
CA LEU A 224 -0.45 8.06 -10.64
C LEU A 224 -0.29 8.43 -12.10
N THR A 225 -1.23 9.21 -12.63
CA THR A 225 -1.15 9.64 -14.01
C THR A 225 -0.55 11.03 -14.07
N PRO A 226 0.07 11.40 -15.16
CA PRO A 226 0.68 12.75 -15.32
C PRO A 226 -0.36 13.87 -15.17
N GLY A 227 -1.53 13.52 -14.64
CA GLY A 227 -2.60 14.49 -14.46
C GLY A 227 -2.48 15.19 -13.12
N LEU A 228 -1.91 14.47 -12.15
CA LEU A 228 -1.72 15.02 -10.82
C LEU A 228 -0.24 15.08 -10.47
N ARG A 229 0.58 14.45 -11.34
CA ARG A 229 2.05 14.36 -11.18
C ARG A 229 2.59 15.30 -10.10
N ARG A 230 2.04 16.49 -10.06
CA ARG A 230 2.47 17.48 -9.08
C ARG A 230 1.95 17.13 -7.69
N PHE A 231 1.54 15.88 -7.51
CA PHE A 231 0.98 15.43 -6.22
C PHE A 231 2.05 14.72 -5.38
N VAL A 232 3.24 15.31 -5.29
CA VAL A 232 4.31 14.70 -4.50
C VAL A 232 5.27 15.75 -3.91
N ARG A 233 4.74 16.72 -3.16
CA ARG A 233 5.61 17.75 -2.57
C ARG A 233 6.59 17.17 -1.55
N SER A 234 6.11 16.21 -0.75
CA SER A 234 6.95 15.61 0.27
C SER A 234 6.68 14.11 0.37
N ALA A 235 7.63 13.37 0.93
CA ALA A 235 7.47 11.93 1.09
C ALA A 235 8.37 11.46 2.23
N ARG A 236 7.76 11.03 3.33
CA ARG A 236 8.54 10.54 4.46
C ARG A 236 8.58 9.02 4.44
N LEU A 237 9.74 8.48 4.07
CA LEU A 237 9.92 7.05 3.97
C LEU A 237 10.32 6.48 5.33
N PRO A 238 10.02 5.23 5.63
CA PRO A 238 10.39 4.61 6.93
C PRO A 238 11.85 4.89 7.30
N ARG A 239 12.07 5.31 8.53
CA ARG A 239 13.43 5.60 9.00
C ARG A 239 13.57 5.18 10.47
N GLN A 240 12.51 5.39 11.24
CA GLN A 240 12.52 5.05 12.66
C GLN A 240 11.19 4.38 13.03
N PRO A 241 11.11 3.67 14.13
CA PRO A 241 9.84 2.99 14.54
C PRO A 241 8.67 3.97 14.67
N ARG A 242 7.51 3.56 14.19
CA ARG A 242 6.31 4.38 14.25
C ARG A 242 5.96 4.67 15.69
N PHE A 243 6.69 5.61 16.26
CA PHE A 243 6.47 6.01 17.63
C PHE A 243 6.46 7.53 17.74
N SER A 244 5.37 8.12 17.27
CA SER A 244 5.16 9.56 17.33
C SER A 244 6.23 10.33 16.55
N GLN A 245 7.46 10.28 17.05
CA GLN A 245 8.56 11.01 16.40
C GLN A 245 8.77 10.53 14.98
N HIS A 246 8.23 9.36 14.65
CA HIS A 246 8.38 8.80 13.32
C HIS A 246 7.01 8.45 12.73
N ALA A 247 6.89 8.49 11.41
CA ALA A 247 5.62 8.22 10.76
C ALA A 247 5.75 7.19 9.62
N PRO A 248 4.63 6.62 9.21
CA PRO A 248 4.57 5.60 8.10
C PRO A 248 4.88 6.22 6.74
N LEU A 249 4.97 5.37 5.71
CA LEU A 249 5.27 5.86 4.38
C LEU A 249 4.16 6.81 3.99
N ILE A 250 4.41 8.11 4.16
CA ILE A 250 3.41 9.12 3.88
C ILE A 250 3.83 10.08 2.78
N VAL A 251 2.83 10.59 2.06
CA VAL A 251 3.06 11.56 1.01
C VAL A 251 2.16 12.76 1.29
N ASP A 252 2.74 13.97 1.31
CA ASP A 252 1.97 15.16 1.63
C ASP A 252 2.08 16.26 0.56
N TYR A 253 0.93 16.76 0.14
CA TYR A 253 0.85 17.85 -0.83
C TYR A 253 -0.62 18.22 -1.05
N ASP A 254 -1.27 17.51 -1.97
CA ASP A 254 -2.67 17.77 -2.27
C ASP A 254 -3.57 17.09 -1.23
N TRP A 255 -4.83 17.51 -1.23
CA TRP A 255 -5.82 16.97 -0.29
C TRP A 255 -6.92 16.23 -1.04
N THR A 256 -7.47 15.18 -0.41
CA THR A 256 -8.53 14.39 -1.02
C THR A 256 -9.53 15.27 -1.76
N LEU A 257 -10.38 14.62 -2.56
CA LEU A 257 -11.41 15.31 -3.32
C LEU A 257 -12.73 15.32 -2.56
N THR A 258 -13.71 16.04 -3.09
CA THR A 258 -15.02 16.12 -2.46
C THR A 258 -15.98 15.15 -3.13
N ILE A 259 -17.05 14.80 -2.42
CA ILE A 259 -18.04 13.87 -2.96
C ILE A 259 -19.11 14.62 -3.76
N MET A 1 -0.26 14.44 5.52
CA MET A 1 -1.72 14.64 5.26
C MET A 1 -1.97 14.57 3.75
N ARG A 2 -2.41 13.41 3.27
CA ARG A 2 -2.69 13.21 1.84
C ARG A 2 -2.66 11.72 1.51
N ILE A 3 -1.46 11.16 1.29
CA ILE A 3 -1.34 9.72 1.00
C ILE A 3 -0.48 9.05 2.07
N ILE A 4 -1.07 8.11 2.81
CA ILE A 4 -0.33 7.41 3.89
C ILE A 4 -0.35 5.89 3.73
N SER A 5 0.78 5.23 4.07
CA SER A 5 0.85 3.77 3.96
C SER A 5 1.49 3.18 5.20
N VAL A 6 0.86 2.14 5.77
CA VAL A 6 1.38 1.49 6.96
C VAL A 6 0.87 0.05 7.03
N ASN A 7 1.74 -0.88 7.46
CA ASN A 7 1.35 -2.28 7.57
C ASN A 7 1.45 -2.78 9.00
N VAL A 8 0.69 -3.83 9.30
CA VAL A 8 0.69 -4.41 10.64
C VAL A 8 0.11 -5.82 10.62
N ASN A 9 0.75 -6.73 11.35
CA ASN A 9 0.29 -8.10 11.45
C ASN A 9 -0.53 -8.26 12.71
N GLY A 10 -1.53 -7.39 12.82
CA GLY A 10 -2.41 -7.36 13.99
C GLY A 10 -2.65 -5.89 14.34
N ILE A 11 -3.57 -5.30 13.62
CA ILE A 11 -3.94 -3.89 13.74
C ILE A 11 -3.98 -3.51 15.20
N GLN A 12 -4.47 -4.45 15.93
CA GLN A 12 -4.68 -4.37 17.36
C GLN A 12 -3.38 -4.05 17.97
N THR A 13 -2.37 -4.65 17.39
CA THR A 13 -1.03 -4.45 17.85
C THR A 13 -0.55 -3.12 17.33
N ALA A 14 -1.12 -2.72 16.20
CA ALA A 14 -0.69 -1.43 15.62
C ALA A 14 -1.04 -0.31 16.57
N VAL A 15 -2.23 -0.41 17.13
CA VAL A 15 -2.70 0.59 18.06
C VAL A 15 -1.88 0.52 19.35
N GLU A 16 -1.48 -0.68 19.74
CA GLU A 16 -0.70 -0.84 20.97
C GLU A 16 0.65 -0.20 20.79
N ARG A 17 0.97 0.08 19.53
CA ARG A 17 2.24 0.71 19.21
C ARG A 17 2.11 2.23 19.15
N GLY A 18 0.90 2.71 18.85
CA GLY A 18 0.65 4.16 18.77
C GLY A 18 0.13 4.57 17.40
N LEU A 19 -0.18 3.58 16.56
CA LEU A 19 -0.68 3.88 15.22
C LEU A 19 -1.82 4.89 15.29
N LEU A 20 -2.65 4.76 16.32
CA LEU A 20 -3.81 5.63 16.50
C LEU A 20 -3.37 7.07 16.56
N SER A 21 -2.27 7.29 17.24
CA SER A 21 -1.75 8.62 17.35
C SER A 21 -1.40 9.11 15.95
N TRP A 22 -0.97 8.20 15.08
CA TRP A 22 -0.65 8.65 13.74
C TRP A 22 -1.91 8.82 12.91
N LEU A 23 -2.77 7.82 12.97
CA LEU A 23 -4.02 7.87 12.23
C LEU A 23 -4.74 9.13 12.62
N GLN A 24 -4.41 9.60 13.81
CA GLN A 24 -4.99 10.83 14.29
C GLN A 24 -4.49 11.95 13.40
N ALA A 25 -3.20 11.87 13.04
CA ALA A 25 -2.59 12.88 12.16
C ALA A 25 -2.94 12.63 10.70
N GLN A 26 -3.70 11.58 10.42
CA GLN A 26 -4.05 11.26 9.05
C GLN A 26 -5.25 12.06 8.59
N ASN A 27 -5.20 13.36 8.81
CA ASN A 27 -6.26 14.22 8.32
C ASN A 27 -6.22 14.17 6.80
N ALA A 28 -5.40 13.25 6.30
CA ALA A 28 -5.21 13.04 4.88
C ALA A 28 -6.54 12.79 4.17
N ASP A 29 -6.45 12.49 2.87
CA ASP A 29 -7.66 12.22 2.09
C ASP A 29 -7.77 10.75 1.75
N VAL A 30 -6.71 10.00 2.04
CA VAL A 30 -6.72 8.57 1.77
C VAL A 30 -5.51 7.90 2.42
N ILE A 31 -5.79 6.89 3.23
CA ILE A 31 -4.73 6.16 3.92
C ILE A 31 -4.99 4.66 3.83
N CYS A 32 -3.97 3.91 3.44
CA CYS A 32 -4.11 2.47 3.29
C CYS A 32 -3.45 1.72 4.44
N LEU A 33 -4.22 0.85 5.08
CA LEU A 33 -3.71 0.04 6.18
C LEU A 33 -3.68 -1.42 5.74
N GLN A 34 -2.50 -2.03 5.81
CA GLN A 34 -2.35 -3.41 5.39
C GLN A 34 -2.65 -4.38 6.52
N ASP A 35 -3.43 -5.42 6.21
CA ASP A 35 -3.78 -6.42 7.20
C ASP A 35 -4.36 -5.75 8.43
N THR A 36 -5.62 -5.35 8.34
CA THR A 36 -6.30 -4.68 9.45
C THR A 36 -6.88 -5.68 10.44
N ARG A 37 -6.82 -6.97 10.11
CA ARG A 37 -7.35 -8.02 11.00
C ARG A 37 -8.68 -7.60 11.63
N ALA A 38 -9.33 -6.57 11.09
CA ALA A 38 -10.59 -6.09 11.63
C ALA A 38 -11.77 -6.63 10.83
N SER A 39 -12.98 -6.40 11.34
CA SER A 39 -14.18 -6.87 10.65
C SER A 39 -14.54 -5.95 9.50
N ALA A 40 -15.78 -6.07 9.04
CA ALA A 40 -16.27 -5.26 7.94
C ALA A 40 -16.28 -3.80 8.32
N PHE A 41 -16.61 -3.52 9.58
CA PHE A 41 -16.65 -2.15 10.06
C PHE A 41 -16.28 -2.07 11.54
N GLU A 42 -15.42 -2.97 11.99
CA GLU A 42 -15.02 -2.96 13.39
C GLU A 42 -14.34 -1.64 13.74
N LEU A 43 -13.48 -1.18 12.84
CA LEU A 43 -12.76 0.06 13.06
C LEU A 43 -13.73 1.19 13.28
N ASP A 44 -14.64 1.33 12.32
CA ASP A 44 -15.62 2.39 12.40
C ASP A 44 -16.25 2.44 13.78
N ASP A 45 -16.01 1.42 14.59
CA ASP A 45 -16.57 1.43 15.95
C ASP A 45 -15.97 2.62 16.72
N PRO A 46 -16.68 3.20 17.65
CA PRO A 46 -16.16 4.36 18.45
C PRO A 46 -14.74 4.10 18.98
N ALA A 47 -14.40 2.84 19.14
CA ALA A 47 -13.09 2.47 19.67
C ALA A 47 -11.94 2.96 18.77
N TYR A 48 -12.11 2.86 17.46
CA TYR A 48 -11.08 3.29 16.54
C TYR A 48 -11.33 4.71 16.03
N GLN A 49 -12.46 5.30 16.42
CA GLN A 49 -12.76 6.65 15.98
C GLN A 49 -11.63 7.59 16.38
N LEU A 50 -11.12 8.36 15.42
CA LEU A 50 -10.04 9.29 15.69
C LEU A 50 -10.51 10.71 15.59
N ASP A 51 -9.78 11.48 14.79
CA ASP A 51 -10.14 12.87 14.58
C ASP A 51 -11.53 12.88 13.96
N GLY A 52 -11.75 11.93 13.06
CA GLY A 52 -13.05 11.79 12.41
C GLY A 52 -12.90 11.55 10.91
N TYR A 53 -12.86 10.27 10.51
CA TYR A 53 -12.75 9.94 9.08
C TYR A 53 -13.75 8.85 8.71
N PHE A 54 -14.12 8.78 7.44
CA PHE A 54 -15.07 7.77 6.99
C PHE A 54 -14.35 6.49 6.61
N LEU A 55 -14.89 5.36 7.06
CA LEU A 55 -14.27 4.07 6.78
C LEU A 55 -14.86 3.42 5.54
N TYR A 56 -13.98 3.08 4.62
CA TYR A 56 -14.38 2.40 3.41
C TYR A 56 -13.39 1.29 3.10
N ALA A 57 -13.87 0.07 3.08
CA ALA A 57 -12.99 -1.07 2.83
C ALA A 57 -13.64 -2.40 3.18
N CYS A 58 -12.93 -3.46 2.82
CA CYS A 58 -13.41 -4.82 3.07
C CYS A 58 -12.47 -5.55 4.02
N GLU A 59 -12.95 -6.68 4.54
CA GLU A 59 -12.15 -7.50 5.45
C GLU A 59 -12.02 -8.90 4.87
N ALA A 60 -10.83 -9.49 4.96
CA ALA A 60 -10.63 -10.84 4.43
C ALA A 60 -10.28 -11.76 5.58
N GLU A 61 -10.37 -13.08 5.34
CA GLU A 61 -10.12 -14.14 6.33
C GLU A 61 -9.50 -13.58 7.58
N VAL A 62 -10.34 -12.75 8.11
CA VAL A 62 -10.12 -11.99 9.30
C VAL A 62 -9.54 -12.79 10.46
N PRO A 63 -10.05 -13.94 10.83
CA PRO A 63 -9.44 -14.74 11.93
C PRO A 63 -8.06 -15.22 11.51
N ALA A 64 -7.63 -14.75 10.33
CA ALA A 64 -6.32 -15.11 9.79
C ALA A 64 -5.39 -13.91 9.77
N GLN A 65 -5.81 -12.78 9.16
CA GLN A 65 -4.99 -11.54 9.09
C GLN A 65 -5.17 -10.79 7.75
N GLY A 66 -6.20 -11.14 6.98
CA GLY A 66 -6.42 -10.47 5.72
C GLY A 66 -7.27 -9.23 5.92
N GLY A 67 -7.48 -8.47 4.86
CA GLY A 67 -8.29 -7.26 4.93
C GLY A 67 -7.58 -6.07 4.30
N VAL A 68 -8.30 -5.38 3.42
CA VAL A 68 -7.78 -4.21 2.73
C VAL A 68 -8.50 -2.98 3.28
N ALA A 69 -7.78 -2.18 4.09
CA ALA A 69 -8.39 -1.01 4.74
C ALA A 69 -8.09 0.32 4.02
N LEU A 70 -9.13 1.13 3.84
CA LEU A 70 -8.98 2.43 3.19
C LEU A 70 -9.77 3.52 3.93
N TYR A 71 -9.07 4.33 4.72
CA TYR A 71 -9.72 5.42 5.47
C TYR A 71 -9.57 6.73 4.70
N SER A 72 -10.68 7.41 4.41
CA SER A 72 -10.61 8.67 3.68
C SER A 72 -11.45 9.75 4.36
N ARG A 73 -11.00 11.00 4.23
CA ARG A 73 -11.74 12.12 4.81
C ARG A 73 -13.11 12.19 4.19
N LEU A 74 -13.15 11.98 2.88
CA LEU A 74 -14.39 11.98 2.13
C LEU A 74 -14.94 10.55 2.07
N GLN A 75 -16.05 10.36 1.37
CA GLN A 75 -16.66 9.03 1.27
C GLN A 75 -16.84 8.63 -0.20
N PRO A 76 -16.06 7.71 -0.73
CA PRO A 76 -16.18 7.33 -2.16
C PRO A 76 -17.48 6.61 -2.47
N LYS A 77 -17.90 6.69 -3.74
CA LYS A 77 -19.13 6.04 -4.17
C LYS A 77 -18.78 4.70 -4.77
N ALA A 78 -17.73 4.69 -5.57
CA ALA A 78 -17.27 3.47 -6.22
C ALA A 78 -16.53 2.60 -5.21
N VAL A 79 -17.23 1.63 -4.62
CA VAL A 79 -16.59 0.78 -3.62
C VAL A 79 -16.53 -0.68 -4.05
N ILE A 80 -15.36 -1.11 -4.51
CA ILE A 80 -15.18 -2.51 -4.90
C ILE A 80 -14.36 -3.19 -3.83
N THR A 81 -14.93 -4.24 -3.27
CA THR A 81 -14.32 -5.01 -2.20
C THR A 81 -13.66 -6.26 -2.75
N GLY A 82 -12.75 -6.06 -3.68
CA GLY A 82 -12.04 -7.17 -4.31
C GLY A 82 -12.37 -7.24 -5.80
N LEU A 83 -12.34 -8.45 -6.35
CA LEU A 83 -12.66 -8.63 -7.77
C LEU A 83 -14.16 -8.62 -8.00
N GLY A 84 -14.92 -8.41 -6.93
CA GLY A 84 -16.37 -8.37 -7.04
C GLY A 84 -17.00 -9.72 -6.70
N PHE A 85 -16.15 -10.75 -6.53
CA PHE A 85 -16.64 -12.08 -6.20
C PHE A 85 -17.03 -12.14 -4.73
N GLU A 86 -17.88 -13.10 -4.38
CA GLU A 86 -18.32 -13.26 -3.00
C GLU A 86 -17.12 -13.54 -2.09
N THR A 87 -16.17 -14.31 -2.60
CA THR A 87 -14.97 -14.63 -1.84
C THR A 87 -14.05 -13.42 -1.73
N ALA A 88 -14.19 -12.50 -2.68
CA ALA A 88 -13.37 -11.29 -2.70
C ALA A 88 -13.62 -10.42 -1.48
N ASP A 89 -14.88 -10.32 -1.08
CA ASP A 89 -15.27 -9.51 0.07
C ASP A 89 -14.84 -10.15 1.38
N ARG A 90 -14.28 -11.36 1.30
CA ARG A 90 -13.84 -12.08 2.48
C ARG A 90 -12.48 -12.72 2.23
N TYR A 91 -11.91 -12.45 1.06
CA TYR A 91 -10.62 -12.99 0.71
C TYR A 91 -10.08 -12.37 -0.57
N GLY A 92 -10.16 -11.03 -0.69
CA GLY A 92 -9.63 -10.38 -1.85
C GLY A 92 -8.36 -9.69 -1.43
N ARG A 93 -8.52 -8.81 -0.45
CA ARG A 93 -7.45 -8.01 0.05
C ARG A 93 -7.23 -6.94 -0.98
N TYR A 94 -8.30 -6.60 -1.70
CA TYR A 94 -8.17 -5.58 -2.74
C TYR A 94 -9.39 -4.67 -2.77
N LEU A 95 -9.20 -3.35 -2.87
CA LEU A 95 -10.36 -2.48 -2.92
C LEU A 95 -10.02 -1.10 -3.44
N GLN A 96 -10.81 -0.68 -4.42
CA GLN A 96 -10.60 0.62 -5.04
C GLN A 96 -11.73 1.58 -4.71
N ALA A 97 -11.39 2.87 -4.69
CA ALA A 97 -12.35 3.92 -4.38
C ALA A 97 -12.39 4.96 -5.49
N ASP A 98 -13.59 5.35 -5.90
CA ASP A 98 -13.73 6.36 -6.96
C ASP A 98 -15.08 7.06 -6.90
N PHE A 99 -15.24 8.06 -7.74
CA PHE A 99 -16.49 8.82 -7.80
C PHE A 99 -16.88 9.10 -9.25
N ASP A 100 -16.28 10.12 -9.84
CA ASP A 100 -16.58 10.47 -11.23
C ASP A 100 -15.37 11.14 -11.88
N LYS A 101 -14.22 11.04 -11.23
CA LYS A 101 -13.01 11.66 -11.76
C LYS A 101 -11.83 10.67 -11.67
N VAL A 102 -10.68 11.17 -11.21
CA VAL A 102 -9.49 10.34 -11.09
C VAL A 102 -9.73 9.18 -10.13
N SER A 103 -9.39 7.98 -10.58
CA SER A 103 -9.58 6.78 -9.78
C SER A 103 -8.35 6.47 -8.93
N ILE A 104 -8.58 5.96 -7.72
CA ILE A 104 -7.51 5.59 -6.81
C ILE A 104 -7.74 4.19 -6.30
N ALA A 105 -6.85 3.26 -6.66
CA ALA A 105 -6.99 1.87 -6.25
C ALA A 105 -5.98 1.48 -5.19
N THR A 106 -6.34 0.54 -4.30
CA THR A 106 -5.41 0.10 -3.28
C THR A 106 -5.13 -1.37 -3.47
N LEU A 107 -3.90 -1.67 -3.92
CA LEU A 107 -3.52 -3.05 -4.17
C LEU A 107 -2.77 -3.62 -2.99
N LEU A 108 -3.42 -4.51 -2.30
CA LEU A 108 -2.84 -5.18 -1.14
C LEU A 108 -2.88 -6.69 -1.31
N LEU A 109 -1.71 -7.26 -1.57
CA LEU A 109 -1.58 -8.70 -1.75
C LEU A 109 -0.16 -9.15 -1.40
N PRO A 110 0.15 -9.33 -0.14
CA PRO A 110 1.50 -9.77 0.30
C PRO A 110 1.71 -11.27 0.12
N SER A 111 2.72 -11.64 -0.66
CA SER A 111 3.01 -13.05 -0.92
C SER A 111 4.27 -13.50 -0.18
N GLY A 112 5.21 -12.58 0.00
CA GLY A 112 6.46 -12.93 0.68
C GLY A 112 6.17 -13.45 2.07
N GLN A 113 5.28 -12.76 2.78
CA GLN A 113 4.90 -13.17 4.12
C GLN A 113 4.08 -14.46 4.05
N ASN A 114 3.35 -14.63 2.96
CA ASN A 114 2.50 -15.81 2.79
C ASN A 114 3.24 -16.92 2.03
N GLY A 115 4.50 -16.68 1.68
CA GLY A 115 5.28 -17.69 0.97
C GLY A 115 5.16 -17.51 -0.55
N ASP A 116 5.95 -18.30 -1.29
CA ASP A 116 5.94 -18.23 -2.75
C ASP A 116 4.61 -18.72 -3.33
N GLU A 117 4.10 -19.82 -2.81
CA GLU A 117 2.84 -20.37 -3.32
C GLU A 117 1.81 -19.26 -3.51
N ASP A 118 1.90 -18.24 -2.66
CA ASP A 118 0.99 -17.11 -2.75
C ASP A 118 1.33 -16.27 -3.99
N LEU A 119 2.61 -16.21 -4.31
CA LEU A 119 3.07 -15.42 -5.45
C LEU A 119 2.41 -15.91 -6.73
N ASN A 120 2.49 -17.21 -6.99
CA ASN A 120 1.92 -17.79 -8.20
C ASN A 120 0.44 -17.53 -8.25
N GLN A 121 -0.23 -17.71 -7.13
CA GLN A 121 -1.66 -17.44 -7.10
C GLN A 121 -1.81 -15.97 -7.42
N LYS A 122 -0.91 -15.18 -6.86
CA LYS A 122 -0.94 -13.73 -7.08
C LYS A 122 -0.58 -13.39 -8.51
N PHE A 123 0.21 -14.24 -9.16
CA PHE A 123 0.62 -14.00 -10.54
C PHE A 123 -0.61 -13.97 -11.45
N LYS A 124 -1.48 -14.95 -11.28
CA LYS A 124 -2.69 -15.05 -12.09
C LYS A 124 -3.56 -13.84 -11.87
N LEU A 125 -3.76 -13.49 -10.61
CA LEU A 125 -4.55 -12.32 -10.29
C LEU A 125 -3.86 -11.10 -10.86
N MET A 126 -2.54 -11.09 -10.72
CA MET A 126 -1.73 -9.97 -11.19
C MET A 126 -1.93 -9.76 -12.69
N ASP A 127 -1.91 -10.83 -13.45
CA ASP A 127 -2.10 -10.72 -14.89
C ASP A 127 -3.41 -10.01 -15.20
N ASP A 128 -4.46 -10.38 -14.48
CA ASP A 128 -5.76 -9.76 -14.67
C ASP A 128 -5.71 -8.27 -14.32
N PHE A 129 -5.01 -7.96 -13.24
CA PHE A 129 -4.91 -6.57 -12.78
C PHE A 129 -4.16 -5.74 -13.82
N ALA A 130 -3.11 -6.32 -14.36
CA ALA A 130 -2.33 -5.64 -15.37
C ALA A 130 -3.23 -5.38 -16.57
N ARG A 131 -4.10 -6.34 -16.82
CA ARG A 131 -5.05 -6.24 -17.93
C ARG A 131 -6.19 -5.28 -17.60
N TYR A 132 -6.47 -5.15 -16.31
CA TYR A 132 -7.54 -4.27 -15.83
C TYR A 132 -7.08 -2.83 -15.84
N LEU A 133 -5.96 -2.56 -15.17
CA LEU A 133 -5.42 -1.22 -15.15
C LEU A 133 -5.20 -0.80 -16.59
N ASP A 134 -4.66 -1.73 -17.36
CA ASP A 134 -4.42 -1.50 -18.77
C ASP A 134 -5.75 -1.33 -19.49
N LYS A 135 -6.73 -2.19 -19.16
CA LYS A 135 -8.04 -2.05 -19.84
C LYS A 135 -8.77 -0.79 -19.38
N GLN A 136 -8.42 -0.30 -18.19
CA GLN A 136 -9.05 0.91 -17.66
C GLN A 136 -8.25 2.14 -18.06
N ARG A 137 -6.97 1.94 -18.35
CA ARG A 137 -6.11 3.04 -18.76
C ARG A 137 -6.49 3.52 -20.14
N ARG A 138 -7.04 2.61 -20.95
CA ARG A 138 -7.45 2.96 -22.30
C ARG A 138 -8.43 4.14 -22.32
N LYS A 139 -9.33 4.19 -21.36
CA LYS A 139 -10.30 5.28 -21.31
C LYS A 139 -10.57 5.72 -19.87
N ARG A 140 -10.00 6.86 -19.49
CA ARG A 140 -10.19 7.40 -18.15
C ARG A 140 -9.26 8.60 -17.93
N ARG A 141 -9.70 9.54 -17.10
CA ARG A 141 -8.89 10.73 -16.83
C ARG A 141 -7.53 10.31 -16.27
N GLU A 142 -7.29 10.61 -14.99
CA GLU A 142 -6.03 10.25 -14.36
C GLU A 142 -6.25 9.10 -13.39
N TYR A 143 -5.18 8.42 -13.01
CA TYR A 143 -5.30 7.30 -12.08
C TYR A 143 -4.10 7.24 -11.16
N ILE A 144 -4.29 6.66 -9.99
CA ILE A 144 -3.21 6.54 -9.02
C ILE A 144 -3.33 5.23 -8.27
N TYR A 145 -2.36 4.35 -8.46
CA TYR A 145 -2.37 3.05 -7.80
C TYR A 145 -1.39 3.05 -6.64
N CYS A 146 -1.89 2.81 -5.45
CA CYS A 146 -1.04 2.77 -4.25
C CYS A 146 -1.21 1.43 -3.55
N GLY A 147 -0.17 0.62 -3.54
CA GLY A 147 -0.29 -0.68 -2.91
C GLY A 147 1.05 -1.34 -2.63
N SER A 148 0.98 -2.65 -2.36
CA SER A 148 2.16 -3.45 -2.07
C SER A 148 2.03 -4.81 -2.76
N LEU A 149 3.03 -5.14 -3.57
CA LEU A 149 3.04 -6.41 -4.29
C LEU A 149 4.38 -7.10 -4.10
N TYR A 150 4.76 -7.91 -5.08
CA TYR A 150 6.03 -8.63 -5.01
C TYR A 150 7.06 -7.98 -5.94
N VAL A 151 7.22 -6.67 -5.79
CA VAL A 151 8.18 -5.94 -6.61
C VAL A 151 9.31 -5.39 -5.74
N ALA A 152 10.53 -5.84 -6.03
CA ALA A 152 11.69 -5.40 -5.27
C ALA A 152 12.75 -4.80 -6.20
N GLN A 153 12.74 -3.48 -6.31
CA GLN A 153 13.70 -2.78 -7.16
C GLN A 153 15.11 -3.03 -6.64
N GLN A 154 15.20 -3.59 -5.43
CA GLN A 154 16.48 -3.88 -4.80
C GLN A 154 17.17 -2.58 -4.39
N LYS A 155 17.36 -1.70 -5.35
CA LYS A 155 18.00 -0.42 -5.06
C LYS A 155 17.23 0.33 -3.98
N LEU A 156 16.00 -0.13 -3.73
CA LEU A 156 15.14 0.49 -2.73
C LEU A 156 14.82 -0.49 -1.59
N ASP A 157 15.39 -1.69 -1.64
CA ASP A 157 15.14 -2.68 -0.60
C ASP A 157 16.07 -3.90 -0.72
N ILE A 158 17.28 -3.67 -1.21
CA ILE A 158 18.24 -4.77 -1.37
C ILE A 158 18.79 -5.26 -0.03
N LYS A 159 18.59 -4.49 1.03
CA LYS A 159 19.09 -4.88 2.34
C LYS A 159 18.45 -6.19 2.77
N ASN A 160 17.14 -6.30 2.59
CA ASN A 160 16.42 -7.51 2.97
C ASN A 160 16.60 -8.59 1.92
N TRP A 161 17.76 -8.62 1.30
CA TRP A 161 18.07 -9.61 0.27
C TRP A 161 17.48 -10.98 0.64
N ARG A 162 17.37 -11.24 1.94
CA ARG A 162 16.86 -12.53 2.40
C ARG A 162 15.43 -12.80 1.92
N ASP A 163 14.52 -11.83 2.10
CA ASP A 163 13.13 -12.01 1.68
C ASP A 163 12.78 -11.08 0.52
N SER A 164 13.66 -10.12 0.25
CA SER A 164 13.43 -9.17 -0.83
C SER A 164 13.13 -9.91 -2.13
N GLN A 165 13.65 -11.11 -2.25
CA GLN A 165 13.45 -11.93 -3.44
C GLN A 165 12.32 -12.91 -3.21
N GLN A 166 11.55 -12.68 -2.15
CA GLN A 166 10.41 -13.54 -1.78
C GLN A 166 10.86 -14.99 -1.58
N SER A 167 11.99 -15.35 -2.15
CA SER A 167 12.50 -16.72 -2.03
C SER A 167 13.96 -16.79 -2.45
N PRO A 168 14.66 -17.83 -2.06
CA PRO A 168 16.10 -18.01 -2.42
C PRO A 168 16.30 -18.04 -3.94
N GLY A 169 16.35 -16.86 -4.55
CA GLY A 169 16.53 -16.74 -5.98
C GLY A 169 15.90 -15.45 -6.50
N PHE A 170 16.63 -14.74 -7.35
CA PHE A 170 16.12 -13.49 -7.90
C PHE A 170 14.77 -13.69 -8.57
N LEU A 171 13.88 -12.71 -8.41
CA LEU A 171 12.55 -12.79 -9.00
C LEU A 171 12.65 -12.56 -10.51
N ALA A 172 12.04 -13.45 -11.29
CA ALA A 172 12.09 -13.33 -12.75
C ALA A 172 11.09 -12.29 -13.29
N PRO A 173 9.81 -12.47 -13.07
CA PRO A 173 8.76 -11.54 -13.58
C PRO A 173 8.80 -10.15 -12.94
N GLU A 174 9.45 -10.03 -11.80
CA GLU A 174 9.52 -8.76 -11.10
C GLU A 174 10.09 -7.67 -12.01
N ARG A 175 11.34 -7.85 -12.42
CA ARG A 175 11.99 -6.85 -13.25
C ARG A 175 11.17 -6.58 -14.51
N ALA A 176 10.76 -7.65 -15.19
CA ALA A 176 9.99 -7.51 -16.41
C ALA A 176 8.64 -6.83 -16.14
N TRP A 177 8.02 -7.13 -15.00
CA TRP A 177 6.72 -6.54 -14.69
C TRP A 177 6.87 -5.06 -14.35
N MET A 178 7.74 -4.77 -13.40
CA MET A 178 7.98 -3.40 -13.01
C MET A 178 8.49 -2.63 -14.21
N ASP A 179 9.43 -3.23 -14.93
CA ASP A 179 10.03 -2.60 -16.10
C ASP A 179 8.99 -2.40 -17.19
N GLU A 180 8.20 -3.44 -17.42
CA GLU A 180 7.17 -3.38 -18.43
C GLU A 180 6.17 -2.26 -18.14
N ILE A 181 6.19 -1.72 -16.92
CA ILE A 181 5.26 -0.63 -16.60
C ILE A 181 6.00 0.67 -16.51
N VAL A 182 7.09 0.58 -15.80
CA VAL A 182 8.00 1.68 -15.58
C VAL A 182 8.72 2.06 -16.84
N GLY A 183 9.53 1.11 -17.25
CA GLY A 183 10.40 1.22 -18.43
C GLY A 183 9.67 1.85 -19.59
N ASN A 184 8.36 1.83 -19.52
CA ASN A 184 7.56 2.45 -20.56
C ASN A 184 7.80 3.94 -20.45
N MET A 185 8.51 4.28 -19.38
CA MET A 185 8.83 5.67 -19.11
C MET A 185 7.55 6.44 -18.85
N GLY A 186 6.52 5.69 -18.46
CA GLY A 186 5.22 6.29 -18.18
C GLY A 186 4.86 6.16 -16.71
N TYR A 187 5.30 5.07 -16.09
CA TYR A 187 5.00 4.86 -14.67
C TYR A 187 6.20 5.24 -13.82
N VAL A 188 5.94 5.99 -12.75
CA VAL A 188 7.00 6.42 -11.85
C VAL A 188 6.67 5.96 -10.44
N ASP A 189 7.72 5.84 -9.61
CA ASP A 189 7.53 5.40 -8.24
C ASP A 189 7.70 6.56 -7.27
N ALA A 190 6.60 7.25 -6.99
CA ALA A 190 6.64 8.41 -6.09
C ALA A 190 7.59 8.15 -4.92
N LEU A 191 7.83 6.88 -4.64
CA LEU A 191 8.74 6.50 -3.57
C LEU A 191 10.13 7.09 -3.78
N ARG A 192 10.71 6.79 -4.93
CA ARG A 192 12.05 7.28 -5.27
C ARG A 192 12.00 8.53 -6.17
N GLU A 193 10.80 9.01 -6.47
CA GLU A 193 10.67 10.18 -7.32
C GLU A 193 11.03 11.44 -6.53
N VAL A 194 11.02 11.29 -5.21
CA VAL A 194 11.31 12.42 -4.34
C VAL A 194 12.25 12.02 -3.20
N SER A 195 12.15 10.76 -2.78
CA SER A 195 12.99 10.25 -1.70
C SER A 195 14.40 9.95 -2.20
N ARG A 196 15.16 9.22 -1.37
CA ARG A 196 16.53 8.86 -1.73
C ARG A 196 16.58 7.45 -2.28
N GLU A 197 17.45 7.24 -3.26
CA GLU A 197 17.61 5.93 -3.88
C GLU A 197 18.29 4.96 -2.91
N GLY A 198 17.90 5.03 -1.64
CA GLY A 198 18.48 4.17 -0.62
C GLY A 198 18.77 4.96 0.65
N ASP A 199 19.18 4.25 1.70
CA ASP A 199 19.50 4.91 2.97
C ASP A 199 20.62 4.17 3.69
N GLN A 200 20.39 3.84 4.95
CA GLN A 200 21.39 3.15 5.77
C GLN A 200 20.84 1.81 6.24
N TYR A 201 21.74 0.87 6.55
CA TYR A 201 21.34 -0.45 7.02
C TYR A 201 21.72 -0.64 8.49
N SER A 202 21.05 -1.60 9.14
CA SER A 202 21.33 -1.89 10.53
C SER A 202 20.93 -3.33 10.84
N TRP A 203 21.92 -4.17 11.07
CA TRP A 203 21.66 -5.58 11.37
C TRP A 203 21.08 -5.72 12.78
N TRP A 204 19.87 -6.25 12.85
CA TRP A 204 19.20 -6.45 14.14
C TRP A 204 18.49 -7.81 14.17
N PRO A 205 19.12 -8.84 14.68
CA PRO A 205 18.49 -10.19 14.73
C PRO A 205 17.42 -10.29 15.82
N ASP A 206 16.33 -11.00 15.51
CA ASP A 206 15.24 -11.16 16.47
C ASP A 206 14.07 -11.88 15.82
N ASN A 207 13.35 -11.18 14.95
CA ASN A 207 12.20 -11.77 14.27
C ASN A 207 11.93 -11.03 12.97
N GLU A 208 10.72 -11.23 12.42
CA GLU A 208 10.33 -10.58 11.17
C GLU A 208 10.35 -9.06 11.34
N GLN A 209 10.22 -8.62 12.58
CA GLN A 209 10.24 -7.18 12.87
C GLN A 209 11.55 -6.56 12.42
N ALA A 210 12.61 -7.36 12.46
CA ALA A 210 13.93 -6.89 12.05
C ALA A 210 13.90 -6.39 10.61
N GLU A 211 13.06 -7.01 9.79
CA GLU A 211 12.95 -6.62 8.38
C GLU A 211 12.78 -5.10 8.30
N MET A 212 11.59 -4.63 8.63
CA MET A 212 11.30 -3.20 8.55
C MET A 212 12.28 -2.39 9.37
N LEU A 213 12.83 -3.01 10.42
CA LEU A 213 13.79 -2.35 11.31
C LEU A 213 15.06 -1.91 10.57
N ASN A 214 14.89 -1.04 9.57
CA ASN A 214 16.03 -0.54 8.78
C ASN A 214 16.74 -1.68 8.07
N LEU A 215 15.97 -2.64 7.57
CA LEU A 215 16.55 -3.79 6.87
C LEU A 215 15.70 -4.15 5.67
N GLY A 216 14.42 -3.77 5.70
CA GLY A 216 13.53 -4.08 4.60
C GLY A 216 12.31 -3.16 4.57
N TRP A 217 11.43 -3.41 3.62
CA TRP A 217 10.22 -2.61 3.48
C TRP A 217 9.05 -3.51 3.11
N ARG A 218 7.85 -3.14 3.55
CA ARG A 218 6.66 -3.91 3.24
C ARG A 218 6.24 -3.68 1.80
N PHE A 219 7.19 -3.22 1.01
CA PHE A 219 6.94 -2.92 -0.40
C PHE A 219 5.85 -1.87 -0.50
N ASP A 220 6.27 -0.62 -0.59
CA ASP A 220 5.32 0.50 -0.69
C ASP A 220 5.57 1.30 -1.95
N TYR A 221 4.89 0.93 -3.02
CA TYR A 221 5.04 1.61 -4.30
C TYR A 221 3.80 2.45 -4.61
N GLN A 222 4.02 3.73 -4.87
CA GLN A 222 2.93 4.64 -5.20
C GLN A 222 3.03 5.03 -6.68
N LEU A 223 2.14 4.46 -7.48
CA LEU A 223 2.15 4.72 -8.91
C LEU A 223 1.11 5.77 -9.28
N LEU A 224 1.55 6.74 -10.07
CA LEU A 224 0.67 7.82 -10.51
C LEU A 224 0.70 7.93 -12.03
N THR A 225 -0.17 8.78 -12.58
CA THR A 225 -0.22 8.97 -14.01
C THR A 225 0.51 10.28 -14.33
N PRO A 226 1.29 10.36 -15.39
CA PRO A 226 1.98 11.63 -15.76
C PRO A 226 1.01 12.82 -15.83
N GLY A 227 -0.22 12.63 -15.37
CA GLY A 227 -1.21 13.70 -15.39
C GLY A 227 -1.17 14.48 -14.09
N LEU A 228 -0.85 13.79 -13.01
CA LEU A 228 -0.79 14.41 -11.70
C LEU A 228 0.66 14.46 -11.21
N ARG A 229 1.56 13.82 -11.96
CA ARG A 229 3.00 13.71 -11.65
C ARG A 229 3.43 14.63 -10.52
N ARG A 230 2.92 15.85 -10.54
CA ARG A 230 3.24 16.81 -9.50
C ARG A 230 2.62 16.39 -8.17
N PHE A 231 2.27 15.11 -8.06
CA PHE A 231 1.64 14.59 -6.86
C PHE A 231 2.66 13.98 -5.90
N VAL A 232 3.75 14.70 -5.68
CA VAL A 232 4.79 14.20 -4.76
C VAL A 232 5.70 15.34 -4.30
N ARG A 233 5.13 16.35 -3.65
CA ARG A 233 5.97 17.46 -3.17
C ARG A 233 6.97 16.95 -2.12
N SER A 234 6.53 16.00 -1.31
CA SER A 234 7.37 15.44 -0.26
C SER A 234 7.04 13.96 -0.06
N ALA A 235 7.93 13.22 0.60
CA ALA A 235 7.72 11.81 0.86
C ALA A 235 8.53 11.41 2.09
N ARG A 236 7.83 11.06 3.14
CA ARG A 236 8.48 10.65 4.39
C ARG A 236 8.41 9.14 4.54
N LEU A 237 9.57 8.50 4.60
CA LEU A 237 9.63 7.04 4.74
C LEU A 237 10.57 6.63 5.87
N PRO A 238 10.25 7.01 7.08
CA PRO A 238 11.08 6.65 8.28
C PRO A 238 10.96 5.18 8.63
N ARG A 239 11.98 4.65 9.30
CA ARG A 239 11.99 3.24 9.70
C ARG A 239 11.96 3.09 11.21
N GLN A 240 11.82 4.20 11.91
CA GLN A 240 11.77 4.16 13.37
C GLN A 240 10.47 3.48 13.83
N PRO A 241 10.47 2.90 15.01
CA PRO A 241 9.26 2.20 15.54
C PRO A 241 8.07 3.15 15.63
N ARG A 242 6.88 2.60 15.41
CA ARG A 242 5.66 3.39 15.46
C ARG A 242 5.26 3.64 16.90
N PHE A 243 5.97 4.53 17.55
CA PHE A 243 5.68 4.88 18.93
C PHE A 243 5.89 6.37 19.14
N SER A 244 4.95 7.15 18.63
CA SER A 244 5.02 8.60 18.75
C SER A 244 6.42 9.11 18.42
N GLN A 245 7.13 8.34 17.61
CA GLN A 245 8.50 8.72 17.22
C GLN A 245 8.52 9.23 15.78
N HIS A 246 8.07 8.39 14.85
CA HIS A 246 8.03 8.77 13.44
C HIS A 246 6.67 8.46 12.82
N ALA A 247 6.33 9.22 11.78
CA ALA A 247 5.06 9.03 11.10
C ALA A 247 5.13 7.92 10.05
N PRO A 248 4.00 7.42 9.63
CA PRO A 248 3.90 6.33 8.60
C PRO A 248 4.34 6.84 7.23
N LEU A 249 4.43 5.95 6.25
CA LEU A 249 4.86 6.39 4.93
C LEU A 249 3.86 7.42 4.42
N ILE A 250 4.19 8.70 4.58
CA ILE A 250 3.29 9.77 4.16
C ILE A 250 3.86 10.56 3.00
N VAL A 251 2.97 11.07 2.16
CA VAL A 251 3.35 11.89 1.03
C VAL A 251 2.53 13.17 1.07
N ASP A 252 3.23 14.31 1.06
CA ASP A 252 2.55 15.60 1.14
C ASP A 252 2.64 16.39 -0.17
N TYR A 253 1.67 17.28 -0.36
CA TYR A 253 1.60 18.13 -1.56
C TYR A 253 0.21 18.72 -1.68
N ASP A 254 -0.67 17.96 -2.31
CA ASP A 254 -2.06 18.41 -2.50
C ASP A 254 -3.06 17.30 -2.17
N TRP A 255 -4.10 17.66 -1.42
CA TRP A 255 -5.14 16.71 -1.05
C TRP A 255 -5.49 15.80 -2.22
N THR A 256 -5.84 14.55 -1.92
CA THR A 256 -6.19 13.61 -2.98
C THR A 256 -7.45 14.08 -3.71
N LEU A 257 -8.42 13.18 -3.85
CA LEU A 257 -9.67 13.51 -4.53
C LEU A 257 -10.79 13.73 -3.51
N THR A 258 -11.58 14.78 -3.74
CA THR A 258 -12.69 15.11 -2.85
C THR A 258 -14.00 15.17 -3.63
N ILE A 259 -15.07 14.62 -3.07
CA ILE A 259 -16.36 14.63 -3.73
C ILE A 259 -17.09 15.94 -3.44
N MET A 1 -5.85 14.41 2.82
CA MET A 1 -4.80 15.46 2.64
C MET A 1 -3.55 14.82 2.02
N ARG A 2 -3.49 13.50 2.05
CA ARG A 2 -2.34 12.79 1.51
C ARG A 2 -2.59 11.28 1.44
N ILE A 3 -1.59 10.55 0.94
CA ILE A 3 -1.71 9.09 0.83
C ILE A 3 -0.80 8.43 1.85
N ILE A 4 -1.33 7.42 2.54
CA ILE A 4 -0.55 6.71 3.57
C ILE A 4 -0.52 5.21 3.30
N SER A 5 0.65 4.60 3.50
CA SER A 5 0.79 3.16 3.31
C SER A 5 1.73 2.59 4.35
N VAL A 6 1.26 1.56 5.07
CA VAL A 6 2.06 0.93 6.11
C VAL A 6 1.49 -0.42 6.51
N ASN A 7 2.36 -1.30 7.01
CA ASN A 7 1.93 -2.63 7.45
C ASN A 7 1.47 -2.59 8.90
N VAL A 8 0.22 -3.00 9.15
CA VAL A 8 -0.30 -2.98 10.51
C VAL A 8 0.11 -4.24 11.27
N ASN A 9 0.03 -5.39 10.60
CA ASN A 9 0.38 -6.65 11.23
C ASN A 9 -0.16 -6.68 12.66
N GLY A 10 -1.47 -6.52 12.80
CA GLY A 10 -2.10 -6.54 14.12
C GLY A 10 -2.58 -5.14 14.53
N ILE A 11 -3.62 -4.66 13.88
CA ILE A 11 -4.20 -3.33 14.15
C ILE A 11 -4.22 -3.05 15.62
N GLN A 12 -4.77 -3.99 16.31
CA GLN A 12 -4.92 -3.91 17.75
C GLN A 12 -3.56 -3.64 18.30
N THR A 13 -2.59 -4.24 17.65
CA THR A 13 -1.22 -4.08 18.06
C THR A 13 -0.73 -2.77 17.49
N ALA A 14 -1.36 -2.38 16.39
CA ALA A 14 -0.93 -1.13 15.75
C ALA A 14 -1.26 0.05 16.64
N VAL A 15 -2.41 -0.01 17.27
CA VAL A 15 -2.82 1.06 18.16
C VAL A 15 -2.00 0.99 19.45
N GLU A 16 -1.69 -0.23 19.89
CA GLU A 16 -0.91 -0.39 21.12
C GLU A 16 0.52 0.00 20.84
N ARG A 17 0.79 0.20 19.56
CA ARG A 17 2.13 0.59 19.12
C ARG A 17 2.23 2.11 19.03
N GLY A 18 1.08 2.77 18.89
CA GLY A 18 1.06 4.23 18.79
C GLY A 18 0.70 4.68 17.38
N LEU A 19 0.49 3.73 16.49
CA LEU A 19 0.16 4.06 15.11
C LEU A 19 -1.10 4.90 15.04
N LEU A 20 -2.13 4.53 15.80
CA LEU A 20 -3.40 5.25 15.78
C LEU A 20 -3.19 6.71 16.11
N SER A 21 -2.23 6.97 16.97
CA SER A 21 -1.93 8.35 17.30
C SER A 21 -1.43 9.02 16.05
N TRP A 22 -0.73 8.24 15.21
CA TRP A 22 -0.26 8.82 13.97
C TRP A 22 -1.39 8.88 12.97
N LEU A 23 -2.04 7.74 12.79
CA LEU A 23 -3.18 7.64 11.91
C LEU A 23 -4.10 8.82 12.15
N GLN A 24 -4.16 9.27 13.40
CA GLN A 24 -4.96 10.43 13.74
C GLN A 24 -4.42 11.61 12.98
N ALA A 25 -3.10 11.76 13.02
CA ALA A 25 -2.43 12.83 12.28
C ALA A 25 -2.66 12.70 10.79
N GLN A 26 -2.71 11.45 10.33
CA GLN A 26 -2.90 11.14 8.95
C GLN A 26 -4.28 11.50 8.51
N ASN A 27 -4.70 12.73 8.80
CA ASN A 27 -6.00 13.21 8.39
C ASN A 27 -6.10 13.13 6.86
N ALA A 28 -5.12 12.41 6.28
CA ALA A 28 -5.03 12.20 4.83
C ALA A 28 -6.38 11.92 4.20
N ASP A 29 -6.36 11.68 2.89
CA ASP A 29 -7.57 11.37 2.16
C ASP A 29 -7.73 9.87 1.99
N VAL A 30 -6.64 9.22 1.62
CA VAL A 30 -6.66 7.78 1.44
C VAL A 30 -5.60 7.14 2.30
N ILE A 31 -6.04 6.39 3.30
CA ILE A 31 -5.13 5.72 4.20
C ILE A 31 -5.13 4.23 3.94
N CYS A 32 -3.99 3.73 3.45
CA CYS A 32 -3.86 2.32 3.12
C CYS A 32 -3.13 1.57 4.23
N LEU A 33 -3.74 0.50 4.70
CA LEU A 33 -3.14 -0.33 5.75
C LEU A 33 -3.22 -1.79 5.35
N GLN A 34 -2.08 -2.35 4.97
CA GLN A 34 -2.02 -3.76 4.56
C GLN A 34 -2.32 -4.65 5.75
N ASP A 35 -3.35 -5.50 5.59
CA ASP A 35 -3.79 -6.43 6.64
C ASP A 35 -4.49 -5.66 7.76
N THR A 36 -5.72 -5.24 7.50
CA THR A 36 -6.50 -4.50 8.47
C THR A 36 -6.59 -5.25 9.80
N ARG A 37 -6.58 -6.57 9.73
CA ARG A 37 -6.66 -7.40 10.93
C ARG A 37 -7.93 -7.10 11.72
N ALA A 38 -8.75 -6.18 11.22
CA ALA A 38 -10.01 -5.82 11.87
C ALA A 38 -11.17 -6.36 11.05
N SER A 39 -12.39 -6.22 11.56
CA SER A 39 -13.55 -6.71 10.85
C SER A 39 -13.82 -5.86 9.62
N ALA A 40 -14.96 -6.09 9.00
CA ALA A 40 -15.36 -5.34 7.83
C ALA A 40 -16.22 -4.16 8.24
N PHE A 41 -16.60 -4.13 9.51
CA PHE A 41 -17.43 -3.06 10.02
C PHE A 41 -17.39 -2.99 11.54
N GLU A 42 -16.24 -3.34 12.12
CA GLU A 42 -16.10 -3.29 13.57
C GLU A 42 -15.22 -2.10 13.91
N LEU A 43 -14.38 -1.78 12.95
CA LEU A 43 -13.44 -0.70 13.07
C LEU A 43 -14.16 0.63 13.27
N ASP A 44 -15.10 0.92 12.40
CA ASP A 44 -15.86 2.15 12.50
C ASP A 44 -16.40 2.34 13.91
N ASP A 45 -16.28 1.31 14.74
CA ASP A 45 -16.76 1.43 16.12
C ASP A 45 -16.12 2.64 16.78
N PRO A 46 -16.80 3.29 17.71
CA PRO A 46 -16.23 4.50 18.40
C PRO A 46 -14.91 4.21 19.09
N ALA A 47 -14.62 2.93 19.27
CA ALA A 47 -13.38 2.51 19.92
C ALA A 47 -12.16 2.92 19.11
N TYR A 48 -12.24 2.80 17.78
CA TYR A 48 -11.11 3.13 16.92
C TYR A 48 -11.27 4.53 16.31
N GLN A 49 -12.36 5.21 16.63
CA GLN A 49 -12.58 6.55 16.09
C GLN A 49 -11.39 7.44 16.43
N LEU A 50 -10.96 8.24 15.46
CA LEU A 50 -9.81 9.13 15.66
C LEU A 50 -10.28 10.57 15.71
N ASP A 51 -9.62 11.41 14.95
CA ASP A 51 -9.99 12.81 14.89
C ASP A 51 -11.39 12.90 14.31
N GLY A 52 -11.64 12.07 13.29
CA GLY A 52 -12.95 12.02 12.66
C GLY A 52 -12.84 11.82 11.15
N TYR A 53 -12.78 10.55 10.72
CA TYR A 53 -12.69 10.26 9.28
C TYR A 53 -13.56 9.06 8.92
N PHE A 54 -14.02 9.00 7.67
CA PHE A 54 -14.86 7.90 7.22
C PHE A 54 -14.13 6.57 7.39
N LEU A 55 -14.90 5.49 7.45
CA LEU A 55 -14.34 4.15 7.63
C LEU A 55 -14.78 3.22 6.50
N TYR A 56 -13.81 2.69 5.75
CA TYR A 56 -14.12 1.78 4.67
C TYR A 56 -12.98 0.77 4.51
N ALA A 57 -13.32 -0.51 4.48
CA ALA A 57 -12.30 -1.53 4.37
C ALA A 57 -12.88 -2.91 4.06
N CYS A 58 -12.14 -3.67 3.27
CA CYS A 58 -12.55 -5.02 2.92
C CYS A 58 -11.66 -6.04 3.65
N GLU A 59 -12.26 -7.15 4.05
CA GLU A 59 -11.54 -8.19 4.77
C GLU A 59 -11.48 -9.46 3.94
N ALA A 60 -10.36 -10.19 4.00
CA ALA A 60 -10.24 -11.41 3.21
C ALA A 60 -10.07 -12.61 4.11
N GLU A 61 -8.82 -12.98 4.33
CA GLU A 61 -8.47 -14.08 5.21
C GLU A 61 -7.96 -13.49 6.51
N VAL A 62 -8.77 -12.63 7.09
CA VAL A 62 -8.43 -11.94 8.31
C VAL A 62 -7.88 -12.88 9.39
N PRO A 63 -8.52 -13.98 9.71
CA PRO A 63 -7.97 -14.92 10.72
C PRO A 63 -6.64 -15.49 10.25
N ALA A 64 -6.14 -14.92 9.15
CA ALA A 64 -4.87 -15.34 8.58
C ALA A 64 -3.92 -14.16 8.47
N GLN A 65 -4.40 -13.02 7.88
CA GLN A 65 -3.59 -11.80 7.72
C GLN A 65 -3.91 -11.14 6.37
N GLY A 66 -5.20 -11.07 6.05
CA GLY A 66 -5.64 -10.46 4.79
C GLY A 66 -6.61 -9.30 5.05
N GLY A 67 -6.50 -8.24 4.25
CA GLY A 67 -7.38 -7.08 4.40
C GLY A 67 -6.87 -5.87 3.64
N VAL A 68 -7.66 -4.81 3.66
CA VAL A 68 -7.32 -3.56 2.98
C VAL A 68 -8.08 -2.42 3.63
N ALA A 69 -7.36 -1.56 4.32
CA ALA A 69 -8.00 -0.48 5.05
C ALA A 69 -7.92 0.83 4.29
N LEU A 70 -9.09 1.41 4.04
CA LEU A 70 -9.18 2.69 3.34
C LEU A 70 -9.99 3.66 4.19
N TYR A 71 -9.29 4.57 4.90
CA TYR A 71 -9.98 5.55 5.73
C TYR A 71 -9.91 6.91 5.07
N SER A 72 -11.07 7.51 4.81
CA SER A 72 -11.11 8.82 4.15
C SER A 72 -12.04 9.79 4.86
N ARG A 73 -11.70 11.08 4.79
CA ARG A 73 -12.53 12.11 5.41
C ARG A 73 -13.91 12.10 4.77
N LEU A 74 -13.95 11.98 3.45
CA LEU A 74 -15.20 11.94 2.72
C LEU A 74 -15.65 10.50 2.51
N GLN A 75 -16.75 10.33 1.78
CA GLN A 75 -17.29 9.00 1.52
C GLN A 75 -17.40 8.72 0.03
N PRO A 76 -16.46 8.02 -0.55
CA PRO A 76 -16.52 7.68 -2.00
C PRO A 76 -17.87 7.08 -2.34
N LYS A 77 -18.14 6.90 -3.63
CA LYS A 77 -19.42 6.31 -4.05
C LYS A 77 -19.16 4.94 -4.62
N ALA A 78 -18.10 4.85 -5.41
CA ALA A 78 -17.72 3.59 -6.02
C ALA A 78 -16.80 2.83 -5.07
N VAL A 79 -17.37 1.90 -4.31
CA VAL A 79 -16.58 1.12 -3.36
C VAL A 79 -16.62 -0.37 -3.67
N ILE A 80 -15.50 -0.90 -4.12
CA ILE A 80 -15.40 -2.33 -4.42
C ILE A 80 -14.53 -2.97 -3.37
N THR A 81 -15.11 -3.94 -2.69
CA THR A 81 -14.47 -4.65 -1.61
C THR A 81 -13.94 -5.98 -2.12
N GLY A 82 -13.04 -5.88 -3.07
CA GLY A 82 -12.44 -7.07 -3.66
C GLY A 82 -13.18 -7.49 -4.93
N LEU A 83 -13.46 -8.78 -5.04
CA LEU A 83 -14.15 -9.30 -6.22
C LEU A 83 -15.66 -9.41 -5.96
N GLY A 84 -16.06 -10.36 -5.11
CA GLY A 84 -17.49 -10.53 -4.83
C GLY A 84 -17.72 -11.36 -3.57
N PHE A 85 -16.96 -11.09 -2.52
CA PHE A 85 -17.11 -11.80 -1.26
C PHE A 85 -16.63 -13.25 -1.38
N GLU A 86 -17.09 -13.95 -2.42
CA GLU A 86 -16.69 -15.34 -2.62
C GLU A 86 -15.19 -15.43 -2.81
N THR A 87 -14.64 -14.48 -3.53
CA THR A 87 -13.20 -14.43 -3.77
C THR A 87 -12.54 -13.54 -2.73
N ALA A 88 -13.22 -12.44 -2.41
CA ALA A 88 -12.71 -11.47 -1.44
C ALA A 88 -12.08 -12.16 -0.24
N ASP A 89 -12.67 -13.28 0.18
CA ASP A 89 -12.16 -14.01 1.34
C ASP A 89 -10.65 -14.21 1.25
N ARG A 90 -10.12 -14.12 0.03
CA ARG A 90 -8.68 -14.30 -0.21
C ARG A 90 -8.17 -13.25 -1.19
N TYR A 91 -9.07 -12.36 -1.59
CA TYR A 91 -8.73 -11.29 -2.53
C TYR A 91 -9.54 -10.06 -2.15
N GLY A 92 -9.65 -9.84 -0.84
CA GLY A 92 -10.36 -8.72 -0.30
C GLY A 92 -9.39 -7.59 -0.16
N ARG A 93 -8.11 -7.92 0.04
CA ARG A 93 -7.10 -6.93 0.19
C ARG A 93 -7.14 -5.95 -1.00
N TYR A 94 -8.18 -6.04 -1.83
CA TYR A 94 -8.30 -5.15 -2.97
C TYR A 94 -9.54 -4.27 -2.85
N LEU A 95 -9.31 -2.96 -2.72
CA LEU A 95 -10.44 -2.04 -2.63
C LEU A 95 -10.16 -0.75 -3.37
N GLN A 96 -11.01 -0.48 -4.35
CA GLN A 96 -10.87 0.72 -5.16
C GLN A 96 -11.94 1.76 -4.84
N ALA A 97 -11.58 3.03 -5.05
CA ALA A 97 -12.49 4.14 -4.80
C ALA A 97 -12.67 4.97 -6.07
N ASP A 98 -13.92 5.29 -6.41
CA ASP A 98 -14.18 6.06 -7.63
C ASP A 98 -15.45 6.89 -7.50
N PHE A 99 -15.72 7.71 -8.52
CA PHE A 99 -16.91 8.56 -8.53
C PHE A 99 -16.66 9.82 -7.71
N ASP A 100 -15.46 10.36 -7.81
CA ASP A 100 -15.12 11.57 -7.06
C ASP A 100 -13.91 12.23 -7.69
N LYS A 101 -13.77 12.11 -9.00
CA LYS A 101 -12.63 12.71 -9.69
C LYS A 101 -11.35 12.08 -9.15
N VAL A 102 -10.41 11.77 -10.04
CA VAL A 102 -9.16 11.14 -9.60
C VAL A 102 -9.47 9.87 -8.83
N SER A 103 -9.20 8.73 -9.44
CA SER A 103 -9.47 7.44 -8.79
C SER A 103 -8.24 6.93 -8.05
N ILE A 104 -8.47 6.24 -6.93
CA ILE A 104 -7.38 5.70 -6.13
C ILE A 104 -7.61 4.22 -5.83
N ALA A 105 -6.60 3.40 -6.14
CA ALA A 105 -6.69 1.96 -5.91
C ALA A 105 -5.66 1.51 -4.89
N THR A 106 -6.08 0.68 -3.93
CA THR A 106 -5.15 0.19 -2.92
C THR A 106 -5.08 -1.33 -2.95
N LEU A 107 -3.92 -1.85 -3.37
CA LEU A 107 -3.72 -3.30 -3.47
C LEU A 107 -2.51 -3.76 -2.66
N LEU A 108 -2.78 -4.42 -1.56
CA LEU A 108 -1.77 -4.98 -0.70
C LEU A 108 -2.02 -6.48 -0.56
N LEU A 109 -0.93 -7.24 -0.70
CA LEU A 109 -1.00 -8.69 -0.60
C LEU A 109 0.23 -9.22 0.17
N PRO A 110 0.06 -9.95 1.26
CA PRO A 110 1.22 -10.47 2.03
C PRO A 110 1.86 -11.68 1.35
N SER A 111 3.07 -11.48 0.84
CA SER A 111 3.80 -12.57 0.17
C SER A 111 4.93 -13.07 1.04
N GLY A 112 5.53 -12.15 1.81
CA GLY A 112 6.64 -12.51 2.69
C GLY A 112 6.19 -13.49 3.76
N GLN A 113 4.98 -13.28 4.27
CA GLN A 113 4.44 -14.15 5.31
C GLN A 113 3.82 -15.40 4.71
N ASN A 114 3.67 -15.41 3.38
CA ASN A 114 3.09 -16.56 2.69
C ASN A 114 4.17 -17.35 1.96
N GLY A 115 4.30 -17.10 0.65
CA GLY A 115 5.29 -17.81 -0.15
C GLY A 115 5.05 -17.60 -1.65
N ASP A 116 5.63 -18.46 -2.47
CA ASP A 116 5.47 -18.36 -3.91
C ASP A 116 4.01 -18.46 -4.31
N GLU A 117 3.30 -19.42 -3.72
CA GLU A 117 1.89 -19.60 -4.02
C GLU A 117 1.18 -18.26 -4.05
N ASP A 118 1.69 -17.31 -3.28
CA ASP A 118 1.11 -15.98 -3.23
C ASP A 118 1.32 -15.25 -4.55
N LEU A 119 2.51 -15.42 -5.13
CA LEU A 119 2.83 -14.77 -6.38
C LEU A 119 1.90 -15.21 -7.51
N ASN A 120 1.77 -16.52 -7.70
CA ASN A 120 0.94 -17.04 -8.78
C ASN A 120 -0.48 -16.53 -8.65
N GLN A 121 -0.96 -16.48 -7.43
CA GLN A 121 -2.29 -15.94 -7.20
C GLN A 121 -2.23 -14.49 -7.61
N LYS A 122 -1.12 -13.85 -7.24
CA LYS A 122 -0.93 -12.43 -7.56
C LYS A 122 -0.81 -12.23 -9.06
N PHE A 123 -0.27 -13.22 -9.76
CA PHE A 123 -0.11 -13.13 -11.21
C PHE A 123 -1.45 -12.96 -11.91
N LYS A 124 -2.39 -13.83 -11.58
CA LYS A 124 -3.71 -13.80 -12.21
C LYS A 124 -4.37 -12.46 -11.94
N LEU A 125 -4.31 -12.02 -10.70
CA LEU A 125 -4.88 -10.74 -10.34
C LEU A 125 -4.11 -9.66 -11.10
N MET A 126 -2.80 -9.85 -11.18
CA MET A 126 -1.94 -8.89 -11.86
C MET A 126 -2.31 -8.75 -13.33
N ASP A 127 -2.55 -9.89 -13.98
CA ASP A 127 -2.89 -9.88 -15.40
C ASP A 127 -4.10 -8.99 -15.66
N ASP A 128 -5.14 -9.17 -14.87
CA ASP A 128 -6.35 -8.36 -15.03
C ASP A 128 -6.06 -6.90 -14.71
N PHE A 129 -5.21 -6.69 -13.71
CA PHE A 129 -4.84 -5.34 -13.28
C PHE A 129 -4.15 -4.60 -14.40
N ALA A 130 -3.20 -5.26 -15.04
CA ALA A 130 -2.49 -4.65 -16.14
C ALA A 130 -3.50 -4.30 -17.22
N ARG A 131 -4.48 -5.18 -17.40
CA ARG A 131 -5.51 -4.96 -18.40
C ARG A 131 -6.54 -3.94 -17.92
N TYR A 132 -6.58 -3.69 -16.63
CA TYR A 132 -7.51 -2.75 -16.02
C TYR A 132 -7.00 -1.34 -16.24
N LEU A 133 -5.75 -1.10 -15.88
CA LEU A 133 -5.19 0.22 -16.06
C LEU A 133 -5.25 0.54 -17.54
N ASP A 134 -4.92 -0.47 -18.34
CA ASP A 134 -4.98 -0.33 -19.78
C ASP A 134 -6.43 -0.18 -20.21
N LYS A 135 -7.33 -0.97 -19.63
CA LYS A 135 -8.74 -0.85 -20.01
C LYS A 135 -9.33 0.43 -19.42
N GLN A 136 -8.66 0.97 -18.42
CA GLN A 136 -9.11 2.19 -17.77
C GLN A 136 -8.47 3.41 -18.43
N ARG A 137 -7.29 3.21 -19.01
CA ARG A 137 -6.58 4.28 -19.68
C ARG A 137 -7.34 4.70 -20.94
N ARG A 138 -7.97 3.72 -21.59
CA ARG A 138 -8.73 3.99 -22.80
C ARG A 138 -9.83 5.02 -22.54
N LYS A 139 -10.48 4.93 -21.38
CA LYS A 139 -11.54 5.87 -21.04
C LYS A 139 -10.94 7.21 -20.61
N ARG A 140 -11.42 7.76 -19.50
CA ARG A 140 -10.92 9.04 -19.01
C ARG A 140 -10.70 8.98 -17.51
N ARG A 141 -10.41 10.13 -16.92
CA ARG A 141 -10.17 10.22 -15.48
C ARG A 141 -8.73 9.81 -15.16
N GLU A 142 -8.30 10.11 -13.94
CA GLU A 142 -6.94 9.77 -13.50
C GLU A 142 -7.00 8.61 -12.52
N TYR A 143 -5.91 7.86 -12.41
CA TYR A 143 -5.89 6.71 -11.50
C TYR A 143 -4.55 6.61 -10.77
N ILE A 144 -4.63 6.37 -9.47
CA ILE A 144 -3.42 6.20 -8.66
C ILE A 144 -3.41 4.83 -8.04
N TYR A 145 -2.34 4.08 -8.30
CA TYR A 145 -2.22 2.74 -7.76
C TYR A 145 -1.19 2.71 -6.65
N CYS A 146 -1.66 2.47 -5.43
CA CYS A 146 -0.78 2.39 -4.29
C CYS A 146 -0.92 1.02 -3.67
N GLY A 147 0.06 0.14 -3.92
CA GLY A 147 -0.02 -1.21 -3.40
C GLY A 147 1.24 -1.62 -2.66
N SER A 148 1.14 -2.72 -1.93
CA SER A 148 2.27 -3.25 -1.17
C SER A 148 2.65 -4.62 -1.70
N LEU A 149 3.77 -4.68 -2.42
CA LEU A 149 4.26 -5.92 -2.96
C LEU A 149 5.71 -6.07 -2.52
N TYR A 150 6.09 -7.25 -2.09
CA TYR A 150 7.47 -7.43 -1.66
C TYR A 150 8.38 -7.44 -2.87
N VAL A 151 8.23 -6.41 -3.71
CA VAL A 151 9.05 -6.31 -4.92
C VAL A 151 10.10 -5.22 -4.77
N ALA A 152 11.36 -5.59 -4.97
CA ALA A 152 12.46 -4.63 -4.86
C ALA A 152 12.71 -3.94 -6.20
N GLN A 153 12.29 -2.69 -6.30
CA GLN A 153 12.46 -1.93 -7.52
C GLN A 153 13.91 -1.95 -8.01
N GLN A 154 14.85 -1.60 -7.14
CA GLN A 154 16.27 -1.59 -7.51
C GLN A 154 17.15 -1.30 -6.30
N LYS A 155 18.11 -0.39 -6.46
CA LYS A 155 19.01 -0.03 -5.36
C LYS A 155 18.23 0.63 -4.24
N LEU A 156 16.97 0.95 -4.53
CA LEU A 156 16.11 1.59 -3.54
C LEU A 156 15.99 0.72 -2.30
N ASP A 157 16.25 -0.57 -2.45
CA ASP A 157 16.18 -1.49 -1.32
C ASP A 157 16.89 -2.81 -1.62
N ILE A 158 17.80 -2.78 -2.60
CA ILE A 158 18.54 -3.99 -2.96
C ILE A 158 19.33 -4.55 -1.78
N LYS A 159 19.52 -3.74 -0.75
CA LYS A 159 20.27 -4.18 0.42
C LYS A 159 19.58 -5.38 1.06
N ASN A 160 18.25 -5.32 1.14
CA ASN A 160 17.47 -6.41 1.73
C ASN A 160 17.54 -7.68 0.87
N TRP A 161 18.71 -7.89 0.26
CA TRP A 161 18.94 -9.05 -0.59
C TRP A 161 18.22 -10.28 -0.06
N ARG A 162 18.18 -10.40 1.26
CA ARG A 162 17.52 -11.55 1.90
C ARG A 162 16.09 -11.75 1.38
N ASP A 163 15.23 -10.75 1.56
CA ASP A 163 13.84 -10.86 1.12
C ASP A 163 13.61 -10.11 -0.19
N SER A 164 14.70 -9.68 -0.81
CA SER A 164 14.60 -8.95 -2.08
C SER A 164 14.09 -9.87 -3.17
N GLN A 165 13.98 -11.16 -2.82
CA GLN A 165 13.51 -12.15 -3.76
C GLN A 165 12.01 -12.34 -3.60
N GLN A 166 11.37 -11.39 -2.94
CA GLN A 166 9.94 -11.48 -2.70
C GLN A 166 9.65 -12.59 -1.71
N SER A 167 10.43 -13.67 -1.78
CA SER A 167 10.24 -14.81 -0.87
C SER A 167 10.93 -16.06 -1.41
N PRO A 168 10.49 -16.60 -2.52
CA PRO A 168 11.09 -17.83 -3.11
C PRO A 168 12.59 -17.67 -3.38
N GLY A 169 13.31 -18.77 -3.32
CA GLY A 169 14.75 -18.76 -3.53
C GLY A 169 15.12 -18.02 -4.82
N PHE A 170 15.58 -16.78 -4.66
CA PHE A 170 15.99 -15.96 -5.79
C PHE A 170 15.14 -16.22 -7.03
N LEU A 171 14.14 -15.36 -7.26
CA LEU A 171 13.27 -15.51 -8.42
C LEU A 171 13.55 -14.42 -9.47
N ALA A 172 13.64 -14.87 -10.69
CA ALA A 172 13.90 -14.01 -11.83
C ALA A 172 12.67 -13.23 -12.29
N PRO A 173 11.54 -13.89 -12.42
CA PRO A 173 10.28 -13.24 -12.89
C PRO A 173 10.00 -11.91 -12.20
N GLU A 174 10.67 -11.63 -11.10
CA GLU A 174 10.46 -10.37 -10.41
C GLU A 174 10.90 -9.22 -11.33
N ARG A 175 12.12 -9.31 -11.85
CA ARG A 175 12.62 -8.26 -12.74
C ARG A 175 11.67 -8.09 -13.92
N ALA A 176 11.30 -9.18 -14.55
CA ALA A 176 10.39 -9.13 -15.69
C ALA A 176 9.04 -8.54 -15.28
N TRP A 177 8.61 -8.83 -14.05
CA TRP A 177 7.34 -8.32 -13.56
C TRP A 177 7.41 -6.81 -13.42
N MET A 178 8.45 -6.35 -12.75
CA MET A 178 8.66 -4.92 -12.58
C MET A 178 8.87 -4.24 -13.92
N ASP A 179 9.60 -4.91 -14.79
CA ASP A 179 9.91 -4.38 -16.11
C ASP A 179 8.66 -4.25 -16.95
N GLU A 180 7.90 -5.33 -16.98
CA GLU A 180 6.67 -5.36 -17.75
C GLU A 180 5.72 -4.27 -17.32
N ILE A 181 5.85 -3.77 -16.07
CA ILE A 181 4.94 -2.72 -15.59
C ILE A 181 5.62 -1.35 -15.44
N VAL A 182 6.94 -1.33 -15.29
CA VAL A 182 7.67 -0.06 -15.11
C VAL A 182 8.56 0.17 -16.29
N GLY A 183 9.04 -0.94 -16.80
CA GLY A 183 9.83 -0.92 -18.01
C GLY A 183 8.84 -0.54 -19.08
N ASN A 184 7.58 -0.58 -18.64
CA ASN A 184 6.47 -0.21 -19.50
C ASN A 184 6.46 1.31 -19.64
N MET A 185 7.35 1.95 -18.86
CA MET A 185 7.46 3.39 -18.87
C MET A 185 6.10 3.98 -18.55
N GLY A 186 5.20 3.11 -18.12
CA GLY A 186 3.85 3.54 -17.77
C GLY A 186 3.75 3.84 -16.29
N TYR A 187 4.59 3.19 -15.49
CA TYR A 187 4.55 3.43 -14.04
C TYR A 187 5.24 4.74 -13.68
N VAL A 188 5.25 5.03 -12.39
CA VAL A 188 5.90 6.23 -11.86
C VAL A 188 6.76 5.84 -10.67
N ASP A 189 7.79 6.63 -10.42
CA ASP A 189 8.74 6.35 -9.33
C ASP A 189 8.63 7.37 -8.21
N ALA A 190 7.41 7.78 -7.87
CA ALA A 190 7.21 8.77 -6.82
C ALA A 190 8.17 8.52 -5.67
N LEU A 191 8.58 7.26 -5.52
CA LEU A 191 9.53 6.90 -4.46
C LEU A 191 10.87 7.58 -4.70
N ARG A 192 11.40 7.35 -5.89
CA ARG A 192 12.69 7.92 -6.27
C ARG A 192 12.50 9.23 -7.06
N GLU A 193 11.29 9.77 -7.03
CA GLU A 193 11.03 11.01 -7.75
C GLU A 193 11.14 12.21 -6.82
N VAL A 194 11.02 11.96 -5.52
CA VAL A 194 11.08 13.04 -4.54
C VAL A 194 11.90 12.64 -3.31
N SER A 195 11.89 11.36 -2.97
CA SER A 195 12.62 10.88 -1.81
C SER A 195 14.11 10.75 -2.14
N ARG A 196 14.88 10.22 -1.18
CA ARG A 196 16.30 10.05 -1.35
C ARG A 196 16.60 8.96 -2.37
N GLU A 197 17.63 9.18 -3.15
CA GLU A 197 18.05 8.23 -4.18
C GLU A 197 18.68 7.00 -3.54
N GLY A 198 18.08 6.54 -2.44
CA GLY A 198 18.60 5.36 -1.74
C GLY A 198 18.25 5.43 -0.26
N ASP A 199 18.93 4.61 0.54
CA ASP A 199 18.70 4.59 1.98
C ASP A 199 19.96 4.14 2.72
N GLN A 200 20.63 5.09 3.36
CA GLN A 200 21.84 4.80 4.11
C GLN A 200 21.65 5.06 5.59
N TYR A 201 22.20 4.17 6.42
CA TYR A 201 22.09 4.30 7.88
C TYR A 201 22.93 3.23 8.56
N SER A 202 22.82 3.14 9.88
CA SER A 202 23.57 2.15 10.63
C SER A 202 22.86 1.80 11.92
N TRP A 203 22.32 0.59 11.98
CA TRP A 203 21.60 0.11 13.15
C TRP A 203 21.44 -1.40 13.09
N TRP A 204 21.45 -2.05 14.25
CA TRP A 204 21.32 -3.50 14.31
C TRP A 204 19.84 -3.91 14.26
N PRO A 205 19.53 -5.08 13.75
CA PRO A 205 18.12 -5.57 13.66
C PRO A 205 17.55 -5.94 15.02
N ASP A 206 16.25 -5.67 15.21
CA ASP A 206 15.59 -5.98 16.46
C ASP A 206 14.70 -7.22 16.31
N ASN A 207 14.07 -7.33 15.14
CA ASN A 207 13.19 -8.47 14.86
C ASN A 207 12.72 -8.43 13.41
N GLU A 208 11.43 -8.68 13.20
CA GLU A 208 10.87 -8.66 11.86
C GLU A 208 11.06 -7.29 11.21
N GLN A 209 11.20 -6.28 12.05
CA GLN A 209 11.39 -4.92 11.57
C GLN A 209 12.73 -4.81 10.84
N ALA A 210 13.63 -5.76 11.12
CA ALA A 210 14.94 -5.76 10.49
C ALA A 210 14.84 -5.35 9.03
N GLU A 211 13.70 -5.62 8.42
CA GLU A 211 13.49 -5.25 7.02
C GLU A 211 13.37 -3.73 6.91
N MET A 212 12.21 -3.22 7.31
CA MET A 212 11.96 -1.79 7.25
C MET A 212 13.11 -1.01 7.89
N LEU A 213 13.83 -1.68 8.78
CA LEU A 213 14.97 -1.09 9.52
C LEU A 213 16.02 -0.46 8.58
N ASN A 214 15.60 0.50 7.76
CA ASN A 214 16.53 1.14 6.84
C ASN A 214 17.34 0.10 6.08
N LEU A 215 16.78 -1.10 5.97
CA LEU A 215 17.45 -2.18 5.26
C LEU A 215 16.89 -2.30 3.85
N GLY A 216 15.66 -1.83 3.67
CA GLY A 216 15.02 -1.87 2.37
C GLY A 216 13.69 -1.13 2.41
N TRP A 217 12.89 -1.30 1.37
CA TRP A 217 11.59 -0.66 1.32
C TRP A 217 10.59 -1.51 2.08
N ARG A 218 10.00 -0.96 3.13
CA ARG A 218 9.05 -1.71 3.94
C ARG A 218 8.12 -2.52 3.05
N PHE A 219 7.96 -2.03 1.81
CA PHE A 219 7.13 -2.65 0.75
C PHE A 219 5.94 -1.76 0.36
N ASP A 220 6.15 -0.92 -0.65
CA ASP A 220 5.10 -0.02 -1.11
C ASP A 220 5.44 0.51 -2.50
N TYR A 221 4.41 0.73 -3.31
CA TYR A 221 4.60 1.24 -4.65
C TYR A 221 3.64 2.39 -4.92
N GLN A 222 4.20 3.60 -4.98
CA GLN A 222 3.40 4.79 -5.25
C GLN A 222 3.40 5.07 -6.74
N LEU A 223 2.37 4.59 -7.42
CA LEU A 223 2.28 4.76 -8.86
C LEU A 223 1.11 5.66 -9.22
N LEU A 224 1.34 6.59 -10.14
CA LEU A 224 0.31 7.53 -10.58
C LEU A 224 0.14 7.52 -12.10
N THR A 225 -0.89 8.22 -12.58
CA THR A 225 -1.12 8.31 -14.01
C THR A 225 -0.63 9.67 -14.49
N PRO A 226 -0.27 9.79 -15.73
CA PRO A 226 0.20 11.10 -16.29
C PRO A 226 -0.90 12.14 -16.27
N GLY A 227 -1.98 11.85 -15.54
CA GLY A 227 -3.10 12.78 -15.47
C GLY A 227 -2.98 13.71 -14.26
N LEU A 228 -2.30 13.20 -13.24
CA LEU A 228 -2.13 13.94 -12.01
C LEU A 228 -0.65 14.05 -11.64
N ARG A 229 0.21 13.45 -12.47
CA ARG A 229 1.67 13.43 -12.22
C ARG A 229 2.13 14.52 -11.25
N ARG A 230 1.55 15.69 -11.36
CA ARG A 230 1.91 16.81 -10.48
C ARG A 230 1.50 16.49 -9.04
N PHE A 231 1.06 15.26 -8.79
CA PHE A 231 0.61 14.84 -7.48
C PHE A 231 1.79 14.30 -6.66
N VAL A 232 2.89 15.04 -6.69
CA VAL A 232 4.09 14.63 -5.95
C VAL A 232 4.87 15.85 -5.47
N ARG A 233 4.36 16.54 -4.45
CA ARG A 233 5.06 17.72 -3.93
C ARG A 233 6.04 17.34 -2.82
N SER A 234 5.70 16.30 -2.04
CA SER A 234 6.57 15.87 -0.95
C SER A 234 6.28 14.42 -0.61
N ALA A 235 7.17 13.79 0.15
CA ALA A 235 6.97 12.41 0.55
C ALA A 235 7.65 12.16 1.88
N ARG A 236 6.88 12.06 2.95
CA ARG A 236 7.48 11.85 4.27
C ARG A 236 7.67 10.37 4.57
N LEU A 237 8.93 9.95 4.62
CA LEU A 237 9.26 8.57 4.92
C LEU A 237 9.94 8.49 6.30
N PRO A 238 9.75 7.43 7.03
CA PRO A 238 10.39 7.28 8.37
C PRO A 238 11.89 7.05 8.29
N ARG A 239 12.63 7.69 9.18
CA ARG A 239 14.08 7.54 9.20
C ARG A 239 14.48 6.58 10.32
N GLN A 240 13.48 6.12 11.06
CA GLN A 240 13.73 5.19 12.17
C GLN A 240 12.60 4.15 12.23
N PRO A 241 12.79 3.04 12.91
CA PRO A 241 11.74 1.98 12.99
C PRO A 241 10.43 2.53 13.53
N ARG A 242 9.31 2.04 13.00
CA ARG A 242 8.00 2.50 13.43
C ARG A 242 7.75 2.14 14.88
N PHE A 243 8.43 2.85 15.76
CA PHE A 243 8.28 2.62 17.18
C PHE A 243 8.58 3.90 17.96
N SER A 244 7.62 4.83 17.90
CA SER A 244 7.72 6.13 18.60
C SER A 244 6.91 7.19 17.86
N GLN A 245 7.58 8.27 17.43
CA GLN A 245 6.90 9.36 16.72
C GLN A 245 7.24 9.34 15.23
N HIS A 246 7.49 8.16 14.70
CA HIS A 246 7.83 8.03 13.27
C HIS A 246 6.57 8.15 12.42
N ALA A 247 6.74 8.40 11.13
CA ALA A 247 5.60 8.55 10.22
C ALA A 247 5.60 7.50 9.11
N PRO A 248 4.44 7.10 8.65
CA PRO A 248 4.28 6.10 7.54
C PRO A 248 4.58 6.70 6.17
N LEU A 249 4.57 5.84 5.14
CA LEU A 249 4.83 6.33 3.79
C LEU A 249 3.79 7.40 3.46
N ILE A 250 4.18 8.66 3.59
CA ILE A 250 3.27 9.78 3.34
C ILE A 250 3.59 10.49 2.04
N VAL A 251 2.54 10.95 1.35
CA VAL A 251 2.73 11.72 0.13
C VAL A 251 1.91 13.01 0.21
N ASP A 252 2.61 14.15 0.25
CA ASP A 252 1.97 15.46 0.36
C ASP A 252 1.49 15.95 -1.00
N TYR A 253 0.45 16.81 -0.94
CA TYR A 253 -0.19 17.42 -2.11
C TYR A 253 -1.55 16.79 -2.34
N ASP A 254 -1.53 15.50 -2.65
CA ASP A 254 -2.77 14.77 -2.89
C ASP A 254 -3.76 15.01 -1.75
N TRP A 255 -4.96 15.44 -2.11
CA TRP A 255 -6.00 15.70 -1.11
C TRP A 255 -7.35 15.16 -1.56
N THR A 256 -8.16 14.72 -0.60
CA THR A 256 -9.47 14.17 -0.88
C THR A 256 -10.25 15.08 -1.82
N LEU A 257 -11.01 14.46 -2.72
CA LEU A 257 -11.82 15.22 -3.67
C LEU A 257 -13.27 15.24 -3.21
N THR A 258 -14.05 16.14 -3.77
CA THR A 258 -15.46 16.24 -3.39
C THR A 258 -16.36 15.52 -4.38
N ILE A 259 -17.44 14.95 -3.87
CA ILE A 259 -18.39 14.23 -4.71
C ILE A 259 -19.54 15.14 -5.13
N MET A 1 -6.11 14.09 2.38
CA MET A 1 -5.20 15.27 2.46
C MET A 1 -3.77 14.81 2.16
N ARG A 2 -3.46 13.57 2.54
CA ARG A 2 -2.13 13.02 2.31
C ARG A 2 -2.19 11.53 2.04
N ILE A 3 -1.24 11.02 1.28
CA ILE A 3 -1.21 9.60 0.96
C ILE A 3 -0.33 8.86 1.96
N ILE A 4 -0.96 8.05 2.81
CA ILE A 4 -0.22 7.29 3.83
C ILE A 4 -0.28 5.79 3.58
N SER A 5 0.86 5.13 3.69
CA SER A 5 0.92 3.68 3.48
C SER A 5 1.85 3.04 4.51
N VAL A 6 1.43 1.90 5.04
CA VAL A 6 2.25 1.19 6.03
C VAL A 6 1.78 -0.25 6.20
N ASN A 7 2.70 -1.12 6.63
CA ASN A 7 2.38 -2.52 6.83
C ASN A 7 2.28 -2.85 8.32
N VAL A 8 1.37 -3.75 8.68
CA VAL A 8 1.21 -4.13 10.08
C VAL A 8 0.58 -5.50 10.23
N ASN A 9 1.21 -6.34 11.06
CA ASN A 9 0.70 -7.67 11.33
C ASN A 9 -0.18 -7.62 12.56
N GLY A 10 -1.12 -6.69 12.54
CA GLY A 10 -2.04 -6.46 13.65
C GLY A 10 -2.30 -4.97 13.78
N ILE A 11 -3.38 -4.52 13.17
CA ILE A 11 -3.75 -3.10 13.20
C ILE A 11 -3.68 -2.65 14.64
N GLN A 12 -4.08 -3.57 15.44
CA GLN A 12 -4.16 -3.44 16.88
C GLN A 12 -2.82 -2.98 17.33
N THR A 13 -1.85 -3.58 16.70
CA THR A 13 -0.48 -3.27 17.00
C THR A 13 -0.16 -1.94 16.39
N ALA A 14 -0.87 -1.62 15.30
CA ALA A 14 -0.59 -0.32 14.65
C ALA A 14 -0.94 0.81 15.59
N VAL A 15 -2.06 0.65 16.25
CA VAL A 15 -2.52 1.65 17.20
C VAL A 15 -1.61 1.66 18.41
N GLU A 16 -1.12 0.48 18.78
CA GLU A 16 -0.24 0.37 19.94
C GLU A 16 1.05 1.10 19.65
N ARG A 17 1.24 1.41 18.37
CA ARG A 17 2.45 2.12 17.95
C ARG A 17 2.22 3.63 17.94
N GLY A 18 0.96 4.03 17.76
CA GLY A 18 0.64 5.47 17.73
C GLY A 18 0.07 5.89 16.38
N LEU A 19 -0.41 4.91 15.61
CA LEU A 19 -0.98 5.20 14.30
C LEU A 19 -2.20 6.10 14.44
N LEU A 20 -3.02 5.84 15.45
CA LEU A 20 -4.21 6.64 15.65
C LEU A 20 -3.81 8.11 15.67
N SER A 21 -2.75 8.38 16.41
CA SER A 21 -2.23 9.73 16.51
C SER A 21 -1.75 10.20 15.14
N TRP A 22 -1.34 9.26 14.29
CA TRP A 22 -0.83 9.65 12.97
C TRP A 22 -1.96 9.73 11.93
N LEU A 23 -2.56 8.60 11.61
CA LEU A 23 -3.63 8.57 10.60
C LEU A 23 -4.67 9.64 10.89
N GLN A 24 -4.60 10.18 12.08
CA GLN A 24 -5.54 11.24 12.49
C GLN A 24 -4.87 12.58 12.43
N ALA A 25 -3.56 12.55 12.58
CA ALA A 25 -2.80 13.79 12.56
C ALA A 25 -3.01 14.51 11.24
N GLN A 26 -3.13 13.74 10.17
CA GLN A 26 -3.31 14.33 8.85
C GLN A 26 -4.58 13.81 8.16
N ASN A 27 -5.19 12.79 8.74
CA ASN A 27 -6.41 12.21 8.17
C ASN A 27 -6.06 11.44 6.90
N ALA A 28 -5.13 12.01 6.12
CA ALA A 28 -4.67 11.39 4.88
C ALA A 28 -5.82 11.10 3.93
N ASP A 29 -5.49 11.10 2.63
CA ASP A 29 -6.46 10.79 1.60
C ASP A 29 -6.60 9.28 1.49
N VAL A 30 -5.45 8.61 1.52
CA VAL A 30 -5.42 7.15 1.43
C VAL A 30 -4.56 6.56 2.53
N ILE A 31 -5.17 5.70 3.35
CA ILE A 31 -4.44 5.05 4.44
C ILE A 31 -4.49 3.53 4.28
N CYS A 32 -3.67 3.00 3.38
CA CYS A 32 -3.64 1.56 3.15
C CYS A 32 -2.86 0.85 4.26
N LEU A 33 -3.37 -0.30 4.69
CA LEU A 33 -2.73 -1.07 5.75
C LEU A 33 -2.66 -2.55 5.41
N GLN A 34 -1.50 -3.15 5.65
CA GLN A 34 -1.29 -4.58 5.38
C GLN A 34 -1.81 -5.40 6.55
N ASP A 35 -2.55 -6.47 6.26
CA ASP A 35 -3.07 -7.32 7.32
C ASP A 35 -3.58 -6.47 8.48
N THR A 36 -4.87 -6.16 8.47
CA THR A 36 -5.44 -5.36 9.53
C THR A 36 -5.94 -6.24 10.67
N ARG A 37 -6.11 -7.51 10.38
CA ARG A 37 -6.59 -8.44 11.39
C ARG A 37 -8.05 -8.16 11.76
N ALA A 38 -8.49 -6.92 11.53
CA ALA A 38 -9.85 -6.54 11.85
C ALA A 38 -10.40 -5.57 10.80
N SER A 39 -11.65 -5.80 10.41
CA SER A 39 -12.31 -4.95 9.42
C SER A 39 -13.44 -4.18 10.10
N ALA A 40 -14.30 -3.53 9.32
CA ALA A 40 -15.42 -2.79 9.89
C ALA A 40 -16.05 -3.69 10.92
N PHE A 41 -16.35 -4.89 10.45
CA PHE A 41 -16.95 -5.90 11.28
C PHE A 41 -16.39 -5.81 12.70
N GLU A 42 -15.22 -5.18 12.87
CA GLU A 42 -14.65 -5.04 14.22
C GLU A 42 -14.13 -3.62 14.45
N LEU A 43 -13.41 -3.12 13.47
CA LEU A 43 -12.81 -1.80 13.54
C LEU A 43 -13.84 -0.72 13.79
N ASP A 44 -14.83 -0.70 12.94
CA ASP A 44 -15.88 0.29 13.04
C ASP A 44 -16.39 0.37 14.46
N ASP A 45 -16.01 -0.60 15.29
CA ASP A 45 -16.45 -0.55 16.68
C ASP A 45 -15.91 0.74 17.31
N PRO A 46 -16.71 1.50 18.04
CA PRO A 46 -16.24 2.77 18.66
C PRO A 46 -14.88 2.62 19.34
N ALA A 47 -14.66 1.47 19.96
CA ALA A 47 -13.39 1.22 20.66
C ALA A 47 -12.21 1.19 19.69
N TYR A 48 -12.42 0.60 18.52
CA TYR A 48 -11.34 0.51 17.53
C TYR A 48 -11.41 1.63 16.50
N GLN A 49 -12.41 2.50 16.60
CA GLN A 49 -12.52 3.61 15.66
C GLN A 49 -11.26 4.46 15.72
N LEU A 50 -11.09 5.40 14.76
CA LEU A 50 -9.91 6.24 14.78
C LEU A 50 -10.29 7.55 15.46
N ASP A 51 -10.02 8.68 14.85
CA ASP A 51 -10.41 9.95 15.43
C ASP A 51 -11.75 10.30 14.82
N GLY A 52 -11.77 10.35 13.49
CA GLY A 52 -13.02 10.64 12.80
C GLY A 52 -12.91 10.40 11.29
N TYR A 53 -12.71 9.13 10.87
CA TYR A 53 -12.62 8.86 9.43
C TYR A 53 -13.38 7.60 9.05
N PHE A 54 -13.76 7.48 7.79
CA PHE A 54 -14.50 6.31 7.33
C PHE A 54 -13.52 5.23 6.94
N LEU A 55 -13.92 3.98 7.08
CA LEU A 55 -13.04 2.88 6.74
C LEU A 55 -13.62 2.01 5.63
N TYR A 56 -13.12 2.25 4.43
CA TYR A 56 -13.54 1.50 3.27
C TYR A 56 -12.44 0.53 2.91
N ALA A 57 -12.79 -0.73 2.72
CA ALA A 57 -11.77 -1.71 2.40
C ALA A 57 -12.37 -3.10 2.29
N CYS A 58 -11.61 -4.01 1.70
CA CYS A 58 -12.10 -5.35 1.52
C CYS A 58 -11.89 -6.13 2.80
N GLU A 59 -13.02 -6.52 3.39
CA GLU A 59 -13.02 -7.28 4.63
C GLU A 59 -13.07 -8.75 4.28
N ALA A 60 -12.01 -9.46 4.61
CA ALA A 60 -11.93 -10.87 4.27
C ALA A 60 -11.99 -11.78 5.50
N GLU A 61 -10.98 -12.62 5.59
CA GLU A 61 -10.82 -13.57 6.70
C GLU A 61 -9.95 -12.92 7.74
N VAL A 62 -10.29 -11.68 7.97
CA VAL A 62 -9.63 -10.81 8.92
C VAL A 62 -8.76 -11.54 9.96
N PRO A 63 -9.27 -12.44 10.79
CA PRO A 63 -8.40 -13.16 11.77
C PRO A 63 -7.08 -13.62 11.14
N ALA A 64 -6.99 -13.56 9.82
CA ALA A 64 -5.78 -13.97 9.11
C ALA A 64 -5.10 -12.77 8.44
N GLN A 65 -5.88 -11.93 7.77
CA GLN A 65 -5.32 -10.76 7.09
C GLN A 65 -6.39 -9.71 6.82
N GLY A 66 -7.55 -10.13 6.31
CA GLY A 66 -8.64 -9.20 6.02
C GLY A 66 -8.60 -8.71 4.59
N GLY A 67 -7.52 -9.02 3.89
CA GLY A 67 -7.38 -8.64 2.53
C GLY A 67 -6.69 -7.30 2.39
N VAL A 68 -7.43 -6.22 2.65
CA VAL A 68 -6.87 -4.89 2.45
C VAL A 68 -7.65 -3.84 3.24
N ALA A 69 -6.94 -3.08 4.08
CA ALA A 69 -7.58 -2.05 4.91
C ALA A 69 -7.27 -0.63 4.42
N LEU A 70 -8.30 0.18 4.14
CA LEU A 70 -8.07 1.55 3.68
C LEU A 70 -9.03 2.53 4.36
N TYR A 71 -8.48 3.62 4.91
CA TYR A 71 -9.31 4.64 5.57
C TYR A 71 -9.20 5.96 4.82
N SER A 72 -10.36 6.57 4.52
CA SER A 72 -10.37 7.83 3.80
C SER A 72 -11.32 8.82 4.44
N ARG A 73 -10.99 10.11 4.36
CA ARG A 73 -11.85 11.14 4.89
C ARG A 73 -13.14 11.19 4.08
N LEU A 74 -12.98 11.01 2.78
CA LEU A 74 -14.11 11.03 1.84
C LEU A 74 -14.86 9.69 1.88
N GLN A 75 -15.90 9.58 1.07
CA GLN A 75 -16.70 8.37 1.00
C GLN A 75 -16.91 7.95 -0.46
N PRO A 76 -15.93 7.33 -1.06
CA PRO A 76 -16.01 6.90 -2.49
C PRO A 76 -17.29 6.12 -2.78
N LYS A 77 -17.73 6.18 -4.02
CA LYS A 77 -18.95 5.49 -4.42
C LYS A 77 -18.62 4.13 -4.99
N ALA A 78 -17.57 4.09 -5.80
CA ALA A 78 -17.12 2.85 -6.40
C ALA A 78 -16.37 2.03 -5.36
N VAL A 79 -17.05 1.07 -4.74
CA VAL A 79 -16.40 0.26 -3.71
C VAL A 79 -16.30 -1.20 -4.12
N ILE A 80 -15.13 -1.59 -4.60
CA ILE A 80 -14.90 -2.99 -4.95
C ILE A 80 -13.99 -3.57 -3.89
N THR A 81 -14.48 -4.61 -3.27
CA THR A 81 -13.78 -5.30 -2.20
C THR A 81 -13.11 -6.54 -2.73
N GLY A 82 -12.26 -6.35 -3.73
CA GLY A 82 -11.55 -7.46 -4.36
C GLY A 82 -11.80 -7.42 -5.88
N LEU A 83 -11.55 -8.54 -6.55
CA LEU A 83 -11.76 -8.59 -8.00
C LEU A 83 -12.46 -9.89 -8.41
N GLY A 84 -13.37 -10.35 -7.57
CA GLY A 84 -14.09 -11.58 -7.86
C GLY A 84 -15.54 -11.48 -7.38
N PHE A 85 -15.85 -12.24 -6.34
CA PHE A 85 -17.19 -12.23 -5.78
C PHE A 85 -17.13 -12.57 -4.29
N GLU A 86 -17.02 -13.86 -3.97
CA GLU A 86 -16.95 -14.26 -2.57
C GLU A 86 -15.51 -14.14 -2.06
N THR A 87 -14.57 -14.70 -2.82
CA THR A 87 -13.16 -14.65 -2.43
C THR A 87 -12.69 -13.21 -2.30
N ALA A 88 -13.30 -12.33 -3.08
CA ALA A 88 -12.94 -10.92 -3.06
C ALA A 88 -13.21 -10.31 -1.67
N ASP A 89 -14.33 -10.71 -1.10
CA ASP A 89 -14.79 -10.24 0.21
C ASP A 89 -14.41 -11.23 1.33
N ARG A 90 -13.70 -12.29 0.95
CA ARG A 90 -13.34 -13.34 1.88
C ARG A 90 -11.86 -13.62 1.76
N TYR A 91 -11.18 -12.78 0.97
CA TYR A 91 -9.73 -12.89 0.72
C TYR A 91 -9.43 -12.35 -0.67
N GLY A 92 -9.66 -11.05 -0.89
CA GLY A 92 -9.39 -10.50 -2.20
C GLY A 92 -7.98 -9.98 -2.19
N ARG A 93 -7.72 -9.20 -1.15
CA ARG A 93 -6.47 -8.56 -0.97
C ARG A 93 -6.43 -7.36 -1.87
N TYR A 94 -7.57 -6.71 -2.11
CA TYR A 94 -7.51 -5.55 -2.99
C TYR A 94 -8.83 -4.77 -3.05
N LEU A 95 -8.73 -3.43 -3.06
CA LEU A 95 -9.95 -2.64 -3.14
C LEU A 95 -9.72 -1.31 -3.83
N GLN A 96 -10.54 -1.07 -4.85
CA GLN A 96 -10.45 0.17 -5.60
C GLN A 96 -11.55 1.14 -5.18
N ALA A 97 -11.24 2.44 -5.25
CA ALA A 97 -12.18 3.48 -4.86
C ALA A 97 -12.31 4.52 -5.97
N ASP A 98 -13.54 4.87 -6.33
CA ASP A 98 -13.73 5.88 -7.39
C ASP A 98 -15.08 6.56 -7.26
N PHE A 99 -15.32 7.54 -8.10
CA PHE A 99 -16.59 8.28 -8.08
C PHE A 99 -16.93 8.83 -9.46
N ASP A 100 -16.17 9.82 -9.91
CA ASP A 100 -16.42 10.42 -11.22
C ASP A 100 -15.11 10.71 -11.95
N LYS A 101 -14.18 11.38 -11.27
CA LYS A 101 -12.89 11.72 -11.88
C LYS A 101 -11.74 11.27 -10.99
N VAL A 102 -10.59 11.04 -11.61
CA VAL A 102 -9.40 10.60 -10.88
C VAL A 102 -9.69 9.34 -10.09
N SER A 103 -9.08 8.24 -10.50
CA SER A 103 -9.28 6.96 -9.81
C SER A 103 -8.23 6.74 -8.74
N ILE A 104 -8.65 6.14 -7.64
CA ILE A 104 -7.74 5.87 -6.53
C ILE A 104 -7.97 4.44 -6.04
N ALA A 105 -6.90 3.67 -5.90
CA ALA A 105 -7.06 2.29 -5.46
C ALA A 105 -5.91 1.86 -4.57
N THR A 106 -6.16 0.81 -3.77
CA THR A 106 -5.13 0.30 -2.88
C THR A 106 -4.82 -1.14 -3.22
N LEU A 107 -3.62 -1.36 -3.78
CA LEU A 107 -3.22 -2.69 -4.15
C LEU A 107 -2.33 -3.31 -3.08
N LEU A 108 -2.89 -4.28 -2.38
CA LEU A 108 -2.19 -4.97 -1.32
C LEU A 108 -2.21 -6.47 -1.57
N LEU A 109 -1.04 -7.04 -1.88
CA LEU A 109 -0.95 -8.47 -2.14
C LEU A 109 0.44 -9.01 -1.75
N PRO A 110 0.64 -9.26 -0.47
CA PRO A 110 1.95 -9.78 0.04
C PRO A 110 2.10 -11.29 -0.10
N SER A 111 3.23 -11.72 -0.67
CA SER A 111 3.49 -13.14 -0.86
C SER A 111 4.58 -13.61 0.09
N GLY A 112 5.46 -12.70 0.47
CA GLY A 112 6.55 -13.04 1.38
C GLY A 112 6.01 -13.55 2.70
N GLN A 113 4.97 -12.89 3.19
CA GLN A 113 4.35 -13.30 4.44
C GLN A 113 3.61 -14.62 4.24
N ASN A 114 3.22 -14.89 2.99
CA ASN A 114 2.49 -16.12 2.69
C ASN A 114 3.44 -17.18 2.12
N GLY A 115 3.50 -17.27 0.79
CA GLY A 115 4.37 -18.26 0.14
C GLY A 115 4.15 -18.28 -1.37
N ASP A 116 4.71 -19.28 -2.04
CA ASP A 116 4.55 -19.40 -3.49
C ASP A 116 3.08 -19.55 -3.87
N GLU A 117 2.40 -20.47 -3.21
CA GLU A 117 0.99 -20.70 -3.50
C GLU A 117 0.26 -19.36 -3.64
N ASP A 118 0.75 -18.35 -2.92
CA ASP A 118 0.15 -17.04 -2.98
C ASP A 118 0.41 -16.40 -4.34
N LEU A 119 1.60 -16.63 -4.90
CA LEU A 119 1.96 -16.04 -6.19
C LEU A 119 1.06 -16.55 -7.31
N ASN A 120 0.92 -17.85 -7.44
CA ASN A 120 0.09 -18.41 -8.50
C ASN A 120 -1.29 -17.81 -8.39
N GLN A 121 -1.77 -17.77 -7.17
CA GLN A 121 -3.05 -17.17 -6.91
C GLN A 121 -2.94 -15.72 -7.39
N LYS A 122 -1.83 -15.09 -7.01
CA LYS A 122 -1.58 -13.70 -7.39
C LYS A 122 -1.56 -13.56 -8.89
N PHE A 123 -1.16 -14.62 -9.59
CA PHE A 123 -1.07 -14.57 -11.04
C PHE A 123 -2.45 -14.28 -11.64
N LYS A 124 -3.44 -15.03 -11.19
CA LYS A 124 -4.81 -14.90 -11.71
C LYS A 124 -5.35 -13.51 -11.45
N LEU A 125 -5.28 -13.06 -10.20
CA LEU A 125 -5.75 -11.73 -9.89
C LEU A 125 -4.90 -10.75 -10.66
N MET A 126 -3.61 -11.03 -10.68
CA MET A 126 -2.68 -10.15 -11.38
C MET A 126 -3.07 -9.98 -12.84
N ASP A 127 -3.42 -11.07 -13.49
CA ASP A 127 -3.81 -11.02 -14.90
C ASP A 127 -4.92 -10.00 -15.08
N ASP A 128 -5.92 -10.05 -14.21
CA ASP A 128 -7.02 -9.09 -14.30
C ASP A 128 -6.51 -7.68 -14.03
N PHE A 129 -5.64 -7.56 -13.02
CA PHE A 129 -5.10 -6.27 -12.63
C PHE A 129 -4.36 -5.65 -13.79
N ALA A 130 -3.52 -6.46 -14.40
CA ALA A 130 -2.75 -6.00 -15.53
C ALA A 130 -3.73 -5.55 -16.60
N ARG A 131 -4.81 -6.29 -16.74
CA ARG A 131 -5.82 -5.94 -17.73
C ARG A 131 -6.55 -4.67 -17.33
N TYR A 132 -6.57 -4.38 -16.03
CA TYR A 132 -7.22 -3.19 -15.51
C TYR A 132 -6.32 -1.99 -15.72
N LEU A 133 -5.10 -2.09 -15.21
CA LEU A 133 -4.14 -1.04 -15.38
C LEU A 133 -4.06 -0.74 -16.86
N ASP A 134 -4.04 -1.81 -17.64
CA ASP A 134 -4.00 -1.70 -19.08
C ASP A 134 -5.31 -1.08 -19.57
N LYS A 135 -6.44 -1.56 -19.03
CA LYS A 135 -7.72 -0.99 -19.45
C LYS A 135 -7.91 0.42 -18.89
N GLN A 136 -7.12 0.78 -17.89
CA GLN A 136 -7.20 2.12 -17.30
C GLN A 136 -6.38 3.10 -18.12
N ARG A 137 -5.23 2.64 -18.60
CA ARG A 137 -4.38 3.49 -19.42
C ARG A 137 -5.16 3.95 -20.64
N ARG A 138 -5.96 3.03 -21.18
CA ARG A 138 -6.78 3.35 -22.35
C ARG A 138 -7.72 4.51 -22.03
N LYS A 139 -8.26 4.53 -20.82
CA LYS A 139 -9.17 5.59 -20.41
C LYS A 139 -8.44 6.94 -20.37
N ARG A 140 -9.17 8.01 -20.65
CA ARG A 140 -8.59 9.35 -20.66
C ARG A 140 -8.53 9.96 -19.26
N ARG A 141 -8.84 9.17 -18.24
CA ARG A 141 -8.81 9.67 -16.87
C ARG A 141 -7.45 9.44 -16.23
N GLU A 142 -7.38 9.63 -14.91
CA GLU A 142 -6.14 9.43 -14.16
C GLU A 142 -6.31 8.30 -13.16
N TYR A 143 -5.21 7.75 -12.68
CA TYR A 143 -5.29 6.65 -11.73
C TYR A 143 -4.04 6.57 -10.86
N ILE A 144 -4.22 6.19 -9.59
CA ILE A 144 -3.10 6.08 -8.67
C ILE A 144 -3.10 4.71 -8.00
N TYR A 145 -1.96 4.05 -8.03
CA TYR A 145 -1.80 2.76 -7.38
C TYR A 145 -1.02 2.99 -6.10
N CYS A 146 -1.68 2.77 -4.96
CA CYS A 146 -1.02 2.99 -3.67
C CYS A 146 -1.02 1.73 -2.82
N GLY A 147 0.18 1.24 -2.51
CA GLY A 147 0.27 0.04 -1.68
C GLY A 147 1.49 -0.81 -1.99
N SER A 148 1.27 -2.12 -2.00
CA SER A 148 2.34 -3.08 -2.27
C SER A 148 1.96 -4.03 -3.41
N LEU A 149 2.78 -4.00 -4.46
CA LEU A 149 2.56 -4.85 -5.63
C LEU A 149 3.84 -5.63 -5.92
N TYR A 150 4.04 -5.98 -7.19
CA TYR A 150 5.24 -6.73 -7.58
C TYR A 150 6.17 -5.86 -8.44
N VAL A 151 6.49 -4.69 -7.93
CA VAL A 151 7.40 -3.77 -8.61
C VAL A 151 8.65 -3.57 -7.76
N ALA A 152 9.82 -3.69 -8.39
CA ALA A 152 11.07 -3.53 -7.65
C ALA A 152 11.91 -2.38 -8.19
N GLN A 153 12.12 -1.38 -7.34
CA GLN A 153 12.93 -0.23 -7.72
C GLN A 153 14.40 -0.54 -7.45
N GLN A 154 14.64 -1.64 -6.75
CA GLN A 154 15.99 -2.08 -6.42
C GLN A 154 16.78 -0.97 -5.72
N LYS A 155 17.29 -0.02 -6.49
CA LYS A 155 18.07 1.07 -5.93
C LYS A 155 17.40 1.65 -4.69
N LEU A 156 16.09 1.46 -4.57
CA LEU A 156 15.36 1.99 -3.43
C LEU A 156 15.36 1.00 -2.25
N ASP A 157 15.35 -0.30 -2.55
CA ASP A 157 15.33 -1.31 -1.50
C ASP A 157 16.43 -2.34 -1.73
N ILE A 158 17.52 -1.91 -2.36
CA ILE A 158 18.63 -2.80 -2.63
C ILE A 158 19.09 -3.47 -1.34
N LYS A 159 18.73 -2.88 -0.20
CA LYS A 159 19.12 -3.44 1.09
C LYS A 159 18.22 -4.61 1.44
N ASN A 160 16.94 -4.47 1.12
CA ASN A 160 15.96 -5.52 1.41
C ASN A 160 16.26 -6.82 0.67
N TRP A 161 17.48 -6.94 0.14
CA TRP A 161 17.88 -8.13 -0.60
C TRP A 161 17.30 -9.40 0.06
N ARG A 162 17.31 -9.45 1.38
CA ARG A 162 16.80 -10.63 2.11
C ARG A 162 15.40 -11.04 1.64
N ASP A 163 14.39 -10.24 2.00
CA ASP A 163 13.01 -10.56 1.62
C ASP A 163 12.57 -9.79 0.39
N SER A 164 13.42 -8.90 -0.09
CA SER A 164 13.08 -8.10 -1.25
C SER A 164 12.49 -8.99 -2.34
N GLN A 165 12.85 -10.28 -2.28
CA GLN A 165 12.38 -11.26 -3.25
C GLN A 165 11.30 -12.16 -2.65
N GLN A 166 10.69 -11.74 -1.55
CA GLN A 166 9.65 -12.53 -0.87
C GLN A 166 10.20 -13.87 -0.37
N SER A 167 11.23 -14.38 -1.04
CA SER A 167 11.82 -15.66 -0.64
C SER A 167 13.28 -15.73 -1.08
N PRO A 168 13.98 -16.78 -0.74
CA PRO A 168 15.42 -16.93 -1.12
C PRO A 168 15.64 -16.76 -2.62
N GLY A 169 14.72 -17.29 -3.41
CA GLY A 169 14.81 -17.18 -4.86
C GLY A 169 14.28 -15.84 -5.34
N PHE A 170 14.88 -15.30 -6.39
CA PHE A 170 14.46 -14.02 -6.95
C PHE A 170 13.13 -14.15 -7.69
N LEU A 171 12.33 -13.10 -7.68
CA LEU A 171 11.04 -13.12 -8.35
C LEU A 171 11.25 -12.92 -9.84
N ALA A 172 10.65 -13.80 -10.64
CA ALA A 172 10.78 -13.71 -12.09
C ALA A 172 9.88 -12.63 -12.69
N PRO A 173 8.63 -12.58 -12.31
CA PRO A 173 7.65 -11.58 -12.85
C PRO A 173 7.97 -10.13 -12.46
N GLU A 174 8.78 -9.97 -11.44
CA GLU A 174 9.15 -8.63 -10.97
C GLU A 174 9.88 -7.84 -12.04
N ARG A 175 11.00 -8.38 -12.51
CA ARG A 175 11.78 -7.68 -13.53
C ARG A 175 10.86 -7.20 -14.64
N ALA A 176 10.05 -8.12 -15.16
CA ALA A 176 9.12 -7.77 -16.23
C ALA A 176 8.10 -6.72 -15.78
N TRP A 177 7.70 -6.78 -14.52
CA TRP A 177 6.71 -5.84 -13.99
C TRP A 177 7.26 -4.42 -13.96
N MET A 178 8.33 -4.21 -13.19
CA MET A 178 8.93 -2.89 -13.08
C MET A 178 9.46 -2.44 -14.43
N ASP A 179 9.97 -3.38 -15.19
CA ASP A 179 10.52 -3.07 -16.50
C ASP A 179 9.43 -2.64 -17.47
N GLU A 180 8.44 -3.51 -17.61
CA GLU A 180 7.32 -3.27 -18.51
C GLU A 180 6.61 -1.97 -18.19
N ILE A 181 6.84 -1.42 -17.00
CA ILE A 181 6.22 -0.16 -16.66
C ILE A 181 7.03 0.94 -17.31
N VAL A 182 8.36 0.83 -17.23
CA VAL A 182 9.21 1.85 -17.84
C VAL A 182 10.57 1.34 -18.23
N GLY A 183 11.14 0.51 -17.38
CA GLY A 183 12.48 0.03 -17.64
C GLY A 183 13.48 1.13 -17.34
N ASN A 184 13.10 2.38 -17.66
CA ASN A 184 13.97 3.51 -17.37
C ASN A 184 13.91 3.82 -15.88
N MET A 185 12.66 3.92 -15.43
CA MET A 185 12.28 4.26 -14.05
C MET A 185 11.50 5.58 -14.06
N GLY A 186 11.02 5.95 -15.26
CA GLY A 186 10.28 7.18 -15.42
C GLY A 186 9.02 7.19 -14.56
N TYR A 187 8.51 6.00 -14.23
CA TYR A 187 7.31 5.95 -13.40
C TYR A 187 7.55 6.75 -12.12
N VAL A 188 6.49 7.34 -11.58
CA VAL A 188 6.65 8.15 -10.39
C VAL A 188 7.09 7.31 -9.21
N ASP A 189 7.95 7.91 -8.40
CA ASP A 189 8.47 7.25 -7.22
C ASP A 189 8.48 8.20 -6.03
N ALA A 190 7.30 8.47 -5.48
CA ALA A 190 7.19 9.38 -4.34
C ALA A 190 8.34 9.17 -3.37
N LEU A 191 8.95 7.99 -3.44
CA LEU A 191 10.09 7.67 -2.59
C LEU A 191 11.36 8.22 -3.19
N ARG A 192 11.68 7.71 -4.37
CA ARG A 192 12.88 8.12 -5.09
C ARG A 192 12.65 9.39 -5.92
N GLU A 193 11.53 10.08 -5.69
CA GLU A 193 11.24 11.30 -6.44
C GLU A 193 11.54 12.53 -5.61
N VAL A 194 11.27 12.44 -4.32
CA VAL A 194 11.49 13.55 -3.42
C VAL A 194 12.10 13.09 -2.09
N SER A 195 11.85 11.83 -1.72
CA SER A 195 12.38 11.29 -0.47
C SER A 195 13.86 10.92 -0.63
N ARG A 196 14.30 9.93 0.13
CA ARG A 196 15.69 9.49 0.08
C ARG A 196 15.82 8.26 -0.82
N GLU A 197 16.92 8.21 -1.58
CA GLU A 197 17.17 7.09 -2.47
C GLU A 197 17.63 5.88 -1.68
N GLY A 198 17.01 5.65 -0.53
CA GLY A 198 17.38 4.54 0.34
C GLY A 198 18.37 5.01 1.40
N ASP A 199 18.34 4.35 2.56
CA ASP A 199 19.24 4.71 3.65
C ASP A 199 20.49 3.84 3.63
N GLN A 200 20.58 2.92 4.58
CA GLN A 200 21.74 2.03 4.67
C GLN A 200 21.30 0.64 5.13
N TYR A 201 22.20 -0.33 4.98
CA TYR A 201 21.90 -1.71 5.37
C TYR A 201 22.66 -2.08 6.64
N SER A 202 21.98 -2.80 7.53
CA SER A 202 22.58 -3.22 8.79
C SER A 202 21.82 -4.40 9.36
N TRP A 203 22.45 -5.58 9.33
CA TRP A 203 21.82 -6.78 9.86
C TRP A 203 21.77 -6.76 11.38
N TRP A 204 20.65 -7.21 11.94
CA TRP A 204 20.50 -7.23 13.39
C TRP A 204 19.16 -7.87 13.78
N PRO A 205 18.08 -7.46 13.15
CA PRO A 205 16.72 -8.01 13.46
C PRO A 205 16.66 -9.52 13.26
N ASP A 206 15.99 -10.22 14.18
CA ASP A 206 15.88 -11.66 14.09
C ASP A 206 14.47 -12.08 13.65
N ASN A 207 13.65 -11.10 13.29
CA ASN A 207 12.29 -11.39 12.84
C ASN A 207 11.92 -10.52 11.65
N GLU A 208 10.70 -10.68 11.16
CA GLU A 208 10.23 -9.91 10.01
C GLU A 208 10.45 -8.43 10.24
N GLN A 209 10.77 -8.08 11.48
CA GLN A 209 11.01 -6.68 11.83
C GLN A 209 11.74 -5.95 10.72
N ALA A 210 12.52 -6.68 9.93
CA ALA A 210 13.25 -6.07 8.83
C ALA A 210 12.27 -5.44 7.85
N GLU A 211 11.18 -6.16 7.58
CA GLU A 211 10.16 -5.68 6.66
C GLU A 211 9.64 -4.32 7.10
N MET A 212 10.08 -3.90 8.28
CA MET A 212 9.68 -2.61 8.82
C MET A 212 10.75 -1.56 8.52
N LEU A 213 12.00 -1.92 8.80
CA LEU A 213 13.11 -1.02 8.57
C LEU A 213 13.56 -1.08 7.13
N ASN A 214 12.65 -1.50 6.25
CA ASN A 214 12.96 -1.61 4.84
C ASN A 214 14.16 -2.52 4.62
N LEU A 215 14.12 -3.70 5.25
CA LEU A 215 15.22 -4.66 5.11
C LEU A 215 14.69 -6.04 4.72
N GLY A 216 13.38 -6.16 4.57
CA GLY A 216 12.79 -7.43 4.17
C GLY A 216 11.30 -7.27 3.87
N TRP A 217 11.00 -6.67 2.72
CA TRP A 217 9.61 -6.48 2.31
C TRP A 217 9.47 -6.49 0.79
N ARG A 218 8.25 -6.55 0.31
CA ARG A 218 8.02 -6.53 -1.13
C ARG A 218 8.34 -5.13 -1.63
N PHE A 219 7.43 -4.20 -1.40
CA PHE A 219 7.63 -2.81 -1.82
C PHE A 219 6.41 -1.98 -1.45
N ASP A 220 6.64 -0.74 -1.05
CA ASP A 220 5.54 0.13 -0.66
C ASP A 220 5.78 1.58 -1.09
N TYR A 221 4.97 2.05 -2.05
CA TYR A 221 5.09 3.43 -2.50
C TYR A 221 3.80 3.89 -3.17
N GLN A 222 3.82 5.11 -3.68
CA GLN A 222 2.66 5.68 -4.34
C GLN A 222 2.95 5.93 -5.82
N LEU A 223 2.30 5.15 -6.67
CA LEU A 223 2.49 5.32 -8.12
C LEU A 223 1.32 6.07 -8.72
N LEU A 224 1.63 7.12 -9.48
CA LEU A 224 0.60 7.93 -10.13
C LEU A 224 0.88 8.09 -11.61
N THR A 225 -0.02 8.76 -12.33
CA THR A 225 0.19 8.95 -13.75
C THR A 225 0.87 10.30 -13.97
N PRO A 226 1.62 10.46 -15.03
CA PRO A 226 2.28 11.76 -15.32
C PRO A 226 1.26 12.86 -15.54
N GLY A 227 0.01 12.60 -15.16
CA GLY A 227 -1.06 13.58 -15.36
C GLY A 227 -1.20 14.49 -14.14
N LEU A 228 -1.22 13.88 -12.96
CA LEU A 228 -1.36 14.66 -11.74
C LEU A 228 0.00 14.92 -11.11
N ARG A 229 1.06 14.37 -11.73
CA ARG A 229 2.44 14.50 -11.24
C ARG A 229 2.69 15.69 -10.32
N ARG A 230 1.92 16.74 -10.48
CA ARG A 230 2.08 17.93 -9.63
C ARG A 230 1.47 17.68 -8.25
N PHE A 231 0.97 16.47 -8.03
CA PHE A 231 0.34 16.13 -6.77
C PHE A 231 1.30 15.42 -5.82
N VAL A 232 2.51 15.94 -5.70
CA VAL A 232 3.50 15.37 -4.78
C VAL A 232 4.67 16.33 -4.62
N ARG A 233 4.87 16.81 -3.40
CA ARG A 233 5.95 17.74 -3.11
C ARG A 233 6.79 17.25 -1.93
N SER A 234 6.20 16.41 -1.09
CA SER A 234 6.92 15.90 0.09
C SER A 234 6.82 14.39 0.16
N ALA A 235 7.77 13.80 0.89
CA ALA A 235 7.80 12.37 1.08
C ALA A 235 8.54 12.02 2.36
N ARG A 236 7.79 11.53 3.33
CA ARG A 236 8.36 11.16 4.63
C ARG A 236 8.46 9.64 4.75
N LEU A 237 9.70 9.14 4.78
CA LEU A 237 9.94 7.70 4.89
C LEU A 237 10.30 7.33 6.33
N PRO A 238 10.12 6.08 6.72
CA PRO A 238 10.44 5.62 8.10
C PRO A 238 11.94 5.60 8.37
N ARG A 239 12.29 5.77 9.65
CA ARG A 239 13.69 5.78 10.06
C ARG A 239 13.82 5.85 11.58
N GLN A 240 12.84 6.49 12.21
CA GLN A 240 12.85 6.64 13.66
C GLN A 240 12.05 5.50 14.32
N PRO A 241 12.26 5.23 15.60
CA PRO A 241 11.50 4.13 16.29
C PRO A 241 9.99 4.34 16.20
N ARG A 242 9.26 3.24 16.16
CA ARG A 242 7.80 3.30 16.06
C ARG A 242 7.18 3.34 17.44
N PHE A 243 7.24 4.51 18.08
CA PHE A 243 6.67 4.69 19.40
C PHE A 243 6.20 6.13 19.56
N SER A 244 5.06 6.43 18.96
CA SER A 244 4.49 7.77 19.02
C SER A 244 5.23 8.69 18.04
N GLN A 245 6.51 8.38 17.83
CA GLN A 245 7.34 9.17 16.92
C GLN A 245 7.58 8.38 15.64
N HIS A 246 6.60 7.56 15.25
CA HIS A 246 6.72 6.75 14.05
C HIS A 246 6.66 7.62 12.80
N ALA A 247 7.32 7.15 11.74
CA ALA A 247 7.35 7.90 10.49
C ALA A 247 6.83 7.05 9.33
N PRO A 248 5.53 6.97 9.14
CA PRO A 248 4.95 6.18 8.02
C PRO A 248 5.26 6.80 6.66
N LEU A 249 4.92 6.11 5.58
CA LEU A 249 5.17 6.63 4.25
C LEU A 249 4.11 7.66 3.90
N ILE A 250 4.44 8.94 4.08
CA ILE A 250 3.48 10.02 3.81
C ILE A 250 3.93 10.88 2.64
N VAL A 251 2.98 11.30 1.82
CA VAL A 251 3.27 12.18 0.70
C VAL A 251 2.35 13.40 0.77
N ASP A 252 2.93 14.55 1.06
CA ASP A 252 2.16 15.79 1.18
C ASP A 252 1.91 16.41 -0.19
N TYR A 253 1.01 17.37 -0.25
CA TYR A 253 0.65 18.05 -1.49
C TYR A 253 -0.44 17.26 -2.21
N ASP A 254 -0.53 15.98 -1.87
CA ASP A 254 -1.54 15.10 -2.47
C ASP A 254 -2.76 15.01 -1.55
N TRP A 255 -3.90 15.53 -1.98
CA TRP A 255 -5.11 15.48 -1.16
C TRP A 255 -6.27 14.80 -1.90
N THR A 256 -7.11 14.10 -1.15
CA THR A 256 -8.24 13.39 -1.74
C THR A 256 -9.10 14.32 -2.58
N LEU A 257 -9.79 13.74 -3.56
CA LEU A 257 -10.68 14.50 -4.44
C LEU A 257 -12.05 14.67 -3.78
N THR A 258 -12.93 15.41 -4.43
CA THR A 258 -14.27 15.63 -3.89
C THR A 258 -15.27 14.67 -4.51
N ILE A 259 -16.39 14.48 -3.82
CA ILE A 259 -17.44 13.58 -4.29
C ILE A 259 -18.81 14.25 -4.21
#